data_9VMX
#
_entry.id   9VMX
#
_cell.length_a   1.00
_cell.length_b   1.00
_cell.length_c   1.00
_cell.angle_alpha   90.00
_cell.angle_beta   90.00
_cell.angle_gamma   90.00
#
_symmetry.space_group_name_H-M   'P 1'
#
loop_
_entity.id
_entity.type
_entity.pdbx_description
1 polymer 'Piezo-type mechanosensitive ion channel component 1'
2 polymer 'MyoD family inhibitor domain-containing protein'
3 non-polymer DODECANE
4 non-polymer '(1S)-2-{[(S)-(2-aminoethoxy)(hydroxy)phosphoryl]oxy}-1-[(octadecanoyloxy)methyl]ethyl (9Z)-octadec-9-enoate'
#
loop_
_entity_poly.entity_id
_entity_poly.type
_entity_poly.pdbx_seq_one_letter_code
_entity_poly.pdbx_strand_id
1 'polypeptide(L)'
;MEPHVLGAVLYWLLLPCALLAACLLRFSGLSLVYLLFLLLLPWFPGPTRCGLQGHTGRLLRALLGLSLLFLVAHLALQIC
LHIVPRLDQLLGPSCSRWETLSRHIGVTRLDLKDIPNAIRLVAPDLGILVVSSVCLGICGRLARNTRQSPHPRELDDDER
DVDASPTAGLQEAATLAPTRRSRLAARFRVTAHWLLVAAGRVLAVTLLALAGIAHPSALSSVYLLLFLALCTWWACHFPI
STRGFSRLCVAVGCFGAGHLICLYCYQMPLAQALLPPAGIWARVLGLKDFVGPTNCSSPHALVLNTGLDWPVYASPGVLL
LLCYATASLRKLRAYRPSGQRKEAAKGYEARELELAELDQWPQERESDQHVVPTAPDTEADNCIVHELTGQSSVLRRPVR
PKRAEPREASPLHSLGHLIMDQSYVCALIAMMVWSITYHSWLTFVLLLWACLIWTVRSRHQLAMLCSPCILLYGMTLCCL
RYVWAMDLRPELPTTLGPVSLRQLGLEHTRYPCLDLGAMLLYTLTFWLLLRQFVKEKLLKWAESPAALTEVTVADTEPTR
TQTLLQSLGELVKGVYAKYWIYVCAGMFIVVSFAGRLVVYKIVYMFLFLLCLTLFQVYYSLWRKLLKAFWWLVVAYTMLV
LIAVYTFQFQDFPAYWRNLTGFTDEQLGDLGLEQFSVSELFSSILVPGFFLLACILQLHYFHRPFMQLTDMEHVSLPGTR
LPRWAHRQDAVSGTPLLREEQQEHQQQQQEEEEEEEDSRDEGLGVATPHQATQVPEGAAKWGLVAERLLELAAGFSDVLS
RVQVFLRRLLELHVFKLVALYTVWVALKEVSVMNLLLVVLWAFALPYPRFRPMASCLSTVWTCVIIVCKMLYQLKVVNPQ
EYSSNCTEPFPNSTNLLPTEISQSLLYRGPVDPANWFGVRKGFPNLGYIQNHLQVLLLLVFEAIVYRRQEHYRRQHQLAP
LPAQAVFASGTRQQLDQDLLGCLKYFINFFFYKFGLEICFLMAVNVIGQRMNFLVTLHGCWLVAILTRRHRQAIARLWPN
YCLFLALFLLYQYLLCLGMPPALCIDYPWRWSRAVPMNSALIKWLYLPDFFRAPNSTNLISDFLLLLCASQQWQVFSAER
TEEWQRMAGVNTDRLEPLRGEPNPVPNFIHCRSYLDMLKVAVFRYLFWLVLVVVFVTGATRISIFGLGYLLACFYLLLFG
TALLQRDTRARLVLWDCLILYNVTVIISKNMLSLLACVFVEQMQTGFCWVIQLFSLVCTVKGYYDPKEMMDRDQDCLLPV
EEAGIIWDSVCFFFLLLQRRVFLSHYYLHVRADLQATALLASRGFALYNAANLKSIDFHRRIEEKSLAQLKRQMERIRAK
QEKHRQGRVDRSRPQDTLGPKDPGLEPGPDSPGGSSPPRRQWWRPWLDHATVIHSGDYFLFESDSEEEEEAVPEDPRPSA
QSAFQLAYQAWVTNAQAVLRRRQQEQEQARQEQAGQLPTGGGPSQEVEPAEGPEEAAAGRSHVVQRVLSTAQFLWMLGQA
LVDELTRWLQEFTRHHGTMSDVLRAERYLLTQELLQGGEVHRGVLDQLYTSQAEATLPGPTEAPNAPSTVSSGLGAEEPL
SSMTDDMGSPLSTGYHTRSGSEEAVTDPGEREAGASLYQGLMRTASELLLDRRLRIPELEEAELFAEGQGRALRLLRAVY
QCVAAHSELLCYFIIILNHMVTASAGSLVLPVLVFLWAMLSIPRPSKRFWMTAIVFTEIAVVVKYLFQFGFFPWNSHVVL
RRYENKPYFPPRILGLEKTDGYIKYDLVQLMALFFHRSQLLCYGLWDHEEDSPSKEHDKSGEEEQGAEEGPGVPAATTED
HIQVEARVGPTDGTPEPQVELRPRDTRRISLRFRRRKKEGPARKGAAAIEAEDREEEEGEEEKEAPTGREKRPSRSGGRV
RAAGRRLQGFCLSLAQGTYRPLRRFFHDILHTKYRAATDVYALMFLADVVDFIIIIFGFWAFGKHSAATDITSSLSDDQV
PEAFLVMLLIQFSTMVVDRALYLRKTVLGKLAFQVALVLAIHLWMFFILPAVTERMFNQNVVAQLWYFVKCIYFALSAYQ
IRCGYPTRILGNFLTKKYNHLNLFLFQGFRLVPFLVELRAVMDWVWTDTTLSLSSWMCVEDIYANIFIIKCSRETEKKYP
QPKGQKKKKIVKYGMGGLIILFLIAIIWFPLLFMSLVRSVVGVVNQPIDVTVTLKLGGYEPLFTMSAQQPSIIPFTAQAY
EELSRQFDPQPLAMQFISQYSPEDIVTAQIEGSSGALWRISPPSRAQMKRELYNGTADITLRFTWNFQRDLAKGGTVEYA
NEKHMLALAPNSTARRQLASLLEGTSDQSVVIPNLFPKYIRAPNGPEANPVKQLQPNEEADYLGVRIQLRREQGAGATGF
LEWWVIELQECRTDCNLLPMVIFSDKVSPPSLGFLAGYGIMGLYVSIVLVIGKFVRGFFSEISHSIMFEELPCVDRILKL
CQDIFLVRETRELELEEELYAKLIFLYRSPETMIKWTREKE
;
A,B,D
2 'polypeptide(L)'
;MSGAGEALAPGPVGPQRVAEAGGGQLGSTAQGKCDKDNTEKDITQATNSHFTHGEMQDQSIWGNPSDGELIRTQPQRLPQ
LQTSAQVPSGEEIGKIKNGHTGLSNGNGIHHGAKHGSADNRKLSAPVSQKMHRKIQSSLSVNSDISKKSKVNAVFSQKTG
SSPEDCCVHCILACLFCEFLTLCNIVLGQASCGICTSEACCCCCGDEMGDDCNCPCDMDCGIMDACCESSDCLEICMECC
GICFPS
;
C,E,F
#
loop_
_chem_comp.id
_chem_comp.type
_chem_comp.name
_chem_comp.formula
D12 non-polymer DODECANE 'C12 H26'
L9Q non-polymer '(1S)-2-{[(S)-(2-aminoethoxy)(hydroxy)phosphoryl]oxy}-1-[(octadecanoyloxy)methyl]ethyl (9Z)-octadec-9-enoate' 'C41 H80 N O8 P'
#
# COMPACT_ATOMS: atom_id res chain seq x y z
N GLU A 570 40.30 96.87 11.50
CA GLU A 570 40.91 95.80 10.74
C GLU A 570 42.01 95.13 11.55
N LEU A 571 41.69 94.00 12.16
CA LEU A 571 42.68 93.26 12.93
C LEU A 571 43.73 92.69 12.01
N VAL A 572 43.32 92.32 10.79
CA VAL A 572 44.24 91.73 9.83
C VAL A 572 45.37 92.66 9.43
N LYS A 573 45.17 93.97 9.54
CA LYS A 573 46.23 94.91 9.25
C LYS A 573 47.42 94.66 10.16
N GLY A 574 47.16 94.61 11.47
CA GLY A 574 48.23 94.35 12.43
C GLY A 574 48.68 92.90 12.40
N VAL A 575 47.77 92.00 12.01
CA VAL A 575 48.11 90.59 11.91
C VAL A 575 49.14 90.41 10.78
N TYR A 576 48.96 91.12 9.68
CA TYR A 576 49.88 90.99 8.54
C TYR A 576 51.12 91.82 8.74
N ALA A 577 51.07 92.76 9.68
CA ALA A 577 52.26 93.55 10.00
C ALA A 577 53.12 92.67 10.88
N LYS A 578 52.50 91.70 11.54
CA LYS A 578 53.24 90.77 12.37
C LYS A 578 53.62 89.59 11.51
N TYR A 579 52.80 89.28 10.52
CA TYR A 579 53.07 88.14 9.64
C TYR A 579 54.14 88.45 8.63
N TRP A 580 55.39 88.17 8.98
CA TRP A 580 56.47 88.38 8.05
C TRP A 580 57.53 87.30 8.26
N ILE A 581 57.63 86.79 9.48
CA ILE A 581 58.60 85.74 9.76
C ILE A 581 58.22 84.46 9.04
N TYR A 582 56.95 84.06 9.15
CA TYR A 582 56.48 82.85 8.49
C TYR A 582 56.31 83.10 7.02
N VAL A 583 56.01 84.34 6.65
CA VAL A 583 55.89 84.69 5.24
C VAL A 583 57.25 84.52 4.58
N CYS A 584 58.31 84.93 5.28
CA CYS A 584 59.65 84.79 4.75
C CYS A 584 60.05 83.33 4.72
N ALA A 585 59.66 82.56 5.74
CA ALA A 585 59.99 81.14 5.80
C ALA A 585 59.56 80.40 4.54
N GLY A 586 58.35 80.65 4.07
CA GLY A 586 57.88 80.01 2.86
C GLY A 586 58.65 80.44 1.62
N MET A 587 59.09 81.69 1.59
CA MET A 587 59.88 82.17 0.46
C MET A 587 61.29 81.63 0.52
N PHE A 588 61.74 81.28 1.72
CA PHE A 588 63.07 80.74 1.87
C PHE A 588 63.00 79.26 1.59
N ILE A 589 61.79 78.72 1.58
CA ILE A 589 61.60 77.32 1.25
C ILE A 589 61.69 77.21 -0.27
N VAL A 590 61.26 78.24 -0.97
CA VAL A 590 61.42 78.22 -2.43
C VAL A 590 62.81 78.72 -2.81
N VAL A 591 63.51 79.36 -1.87
CA VAL A 591 64.89 79.76 -2.13
C VAL A 591 65.68 78.47 -1.95
N SER A 592 65.18 77.59 -1.09
CA SER A 592 65.83 76.31 -0.89
C SER A 592 65.59 75.46 -2.12
N PHE A 593 66.50 74.52 -2.39
CA PHE A 593 66.41 73.67 -3.59
C PHE A 593 66.41 74.51 -4.85
N ALA A 594 67.08 75.65 -4.81
CA ALA A 594 67.14 76.54 -5.96
C ALA A 594 68.36 77.42 -5.74
N GLY A 595 68.76 78.17 -6.76
CA GLY A 595 69.94 79.00 -6.65
C GLY A 595 71.13 78.17 -6.22
N ARG A 596 71.66 78.47 -5.04
CA ARG A 596 72.76 77.68 -4.52
C ARG A 596 72.26 76.62 -3.57
N LEU A 597 72.50 75.36 -3.89
CA LEU A 597 72.09 74.26 -3.01
C LEU A 597 72.63 74.46 -1.61
N VAL A 598 73.87 74.93 -1.49
CA VAL A 598 74.44 75.21 -0.19
C VAL A 598 74.08 76.60 0.29
N VAL A 599 74.88 77.60 -0.07
CA VAL A 599 74.67 78.99 0.37
C VAL A 599 73.24 79.46 0.58
N TYR A 600 72.41 79.45 -0.47
CA TYR A 600 71.05 79.96 -0.37
C TYR A 600 70.31 79.40 0.82
N LYS A 601 70.24 78.08 0.91
CA LYS A 601 69.54 77.43 2.01
C LYS A 601 69.92 77.98 3.38
N ILE A 602 71.22 78.00 3.68
CA ILE A 602 71.68 78.52 4.97
C ILE A 602 71.38 79.98 5.11
N VAL A 603 72.06 80.81 4.32
CA VAL A 603 71.89 82.26 4.40
C VAL A 603 70.45 82.71 4.62
N TYR A 604 69.52 82.20 3.82
CA TYR A 604 68.16 82.64 3.94
C TYR A 604 67.41 81.86 5.00
N MET A 605 67.05 80.62 4.70
CA MET A 605 66.24 79.83 5.64
C MET A 605 66.89 79.53 6.97
N PHE A 606 68.07 78.93 6.98
CA PHE A 606 68.65 78.49 8.25
C PHE A 606 69.36 79.56 9.07
N LEU A 607 69.56 80.75 8.53
CA LEU A 607 70.14 81.82 9.32
C LEU A 607 68.98 82.59 9.92
N PHE A 608 67.81 82.45 9.32
CA PHE A 608 66.63 83.06 9.89
C PHE A 608 66.21 82.11 10.99
N LEU A 609 66.46 80.82 10.79
CA LEU A 609 66.16 79.84 11.81
C LEU A 609 67.18 79.91 12.92
N LEU A 610 68.37 80.43 12.62
CA LEU A 610 69.38 80.60 13.66
C LEU A 610 69.18 81.92 14.37
N CYS A 611 68.46 82.85 13.72
CA CYS A 611 68.14 84.11 14.38
C CYS A 611 66.98 83.84 15.29
N LEU A 612 66.18 82.83 14.96
CA LEU A 612 65.10 82.43 15.84
C LEU A 612 65.80 81.94 17.08
N THR A 613 66.76 81.05 16.91
CA THR A 613 67.52 80.52 18.04
C THR A 613 68.17 81.62 18.86
N LEU A 614 68.70 82.65 18.19
CA LEU A 614 69.32 83.75 18.90
C LEU A 614 68.37 84.33 19.95
N PHE A 615 67.16 84.72 19.54
CA PHE A 615 66.28 85.34 20.52
C PHE A 615 65.80 84.36 21.59
N GLN A 616 65.77 83.07 21.24
CA GLN A 616 65.37 82.05 22.20
C GLN A 616 66.47 81.85 23.21
N VAL A 617 67.73 81.93 22.77
CA VAL A 617 68.87 81.67 23.65
C VAL A 617 69.13 82.84 24.60
N TYR A 618 68.49 83.97 24.36
CA TYR A 618 68.64 85.08 25.29
C TYR A 618 67.74 84.82 26.48
N TYR A 619 66.70 83.99 26.30
CA TYR A 619 65.75 83.67 27.36
C TYR A 619 65.11 84.88 28.00
N SER A 620 65.00 85.97 27.24
CA SER A 620 64.45 87.21 27.78
C SER A 620 64.09 88.07 26.60
N LEU A 621 64.69 87.79 25.45
CA LEU A 621 64.46 88.63 24.28
C LEU A 621 63.71 87.91 23.19
N TRP A 622 62.82 86.99 23.56
CA TRP A 622 62.04 86.27 22.57
C TRP A 622 61.29 87.24 21.69
N ARG A 623 61.48 87.15 20.38
CA ARG A 623 60.86 88.07 19.42
C ARG A 623 61.11 89.53 19.74
N LYS A 624 62.32 89.85 20.20
CA LYS A 624 62.66 91.22 20.52
C LYS A 624 63.98 91.55 19.87
N LEU A 625 64.78 90.52 19.58
CA LEU A 625 66.03 90.75 18.89
C LEU A 625 65.74 91.39 17.54
N LEU A 626 66.22 92.60 17.34
CA LEU A 626 65.94 93.31 16.10
C LEU A 626 67.21 93.70 15.40
N LYS A 627 68.31 93.77 16.16
CA LYS A 627 69.59 94.15 15.57
C LYS A 627 70.01 93.16 14.51
N ALA A 628 70.14 91.90 14.87
CA ALA A 628 70.52 90.88 13.90
C ALA A 628 69.39 90.67 12.91
N PHE A 629 68.15 90.69 13.37
CA PHE A 629 67.01 90.53 12.47
C PHE A 629 66.92 91.70 11.52
N TRP A 630 67.45 92.85 11.92
CA TRP A 630 67.46 94.02 11.04
C TRP A 630 68.46 93.77 9.93
N TRP A 631 69.65 93.34 10.29
CA TRP A 631 70.69 93.12 9.30
C TRP A 631 70.49 91.84 8.50
N LEU A 632 69.52 91.02 8.89
CA LEU A 632 69.23 89.83 8.09
C LEU A 632 68.73 90.36 6.77
N VAL A 633 67.81 91.31 6.85
CA VAL A 633 67.29 91.92 5.64
C VAL A 633 68.41 92.55 4.84
N VAL A 634 69.27 93.34 5.48
CA VAL A 634 70.35 94.01 4.76
C VAL A 634 71.27 93.00 4.06
N ALA A 635 71.55 91.87 4.70
CA ALA A 635 72.35 90.84 4.06
C ALA A 635 71.65 90.33 2.81
N TYR A 636 70.34 90.08 2.91
CA TYR A 636 69.58 89.60 1.76
C TYR A 636 69.49 90.63 0.64
N THR A 637 69.36 91.91 0.98
CA THR A 637 69.34 92.94 -0.05
C THR A 637 70.65 92.94 -0.79
N MET A 638 71.76 92.83 -0.05
CA MET A 638 73.07 92.83 -0.67
C MET A 638 73.17 91.71 -1.67
N LEU A 639 72.77 90.51 -1.28
CA LEU A 639 72.80 89.36 -2.18
C LEU A 639 72.05 89.66 -3.47
N VAL A 640 70.84 90.20 -3.35
CA VAL A 640 70.04 90.51 -4.53
C VAL A 640 70.71 91.57 -5.40
N LEU A 641 71.22 92.63 -4.78
CA LEU A 641 71.90 93.68 -5.53
C LEU A 641 73.08 93.13 -6.33
N ILE A 642 73.86 92.25 -5.71
CA ILE A 642 74.99 91.65 -6.40
C ILE A 642 74.52 90.76 -7.54
N ALA A 643 73.63 89.82 -7.25
CA ALA A 643 73.20 88.89 -8.29
C ALA A 643 71.69 88.76 -8.40
N VAL A 644 71.09 87.94 -7.55
CA VAL A 644 69.65 87.70 -7.64
C VAL A 644 68.79 88.95 -7.51
N SER A 678 66.52 83.18 -19.24
CA SER A 678 65.69 82.50 -18.24
C SER A 678 66.28 82.69 -16.85
N GLU A 679 67.58 82.40 -16.77
CA GLU A 679 68.26 82.40 -15.48
C GLU A 679 68.66 83.73 -14.92
N LEU A 680 69.05 84.70 -15.75
CA LEU A 680 69.31 86.01 -15.18
C LEU A 680 67.96 86.37 -14.62
N PHE A 681 66.98 86.39 -15.52
CA PHE A 681 65.63 86.69 -15.10
C PHE A 681 65.19 85.81 -13.95
N SER A 682 65.53 84.51 -13.97
CA SER A 682 65.03 83.61 -12.93
C SER A 682 65.53 84.16 -11.66
N SER A 683 66.84 84.18 -11.49
CA SER A 683 67.45 84.72 -10.29
C SER A 683 66.69 85.95 -9.85
N ILE A 684 66.66 86.97 -10.71
CA ILE A 684 66.01 88.21 -10.31
C ILE A 684 64.66 87.92 -9.72
N LEU A 685 63.70 87.59 -10.56
CA LEU A 685 62.34 87.35 -10.08
C LEU A 685 62.30 86.59 -8.78
N VAL A 686 62.92 85.42 -8.75
CA VAL A 686 62.86 84.58 -7.56
C VAL A 686 63.31 85.31 -6.29
N PRO A 687 64.61 85.68 -6.20
CA PRO A 687 64.84 86.41 -4.93
C PRO A 687 64.27 87.81 -4.70
N GLY A 688 63.75 88.47 -5.73
CA GLY A 688 63.11 89.75 -5.52
C GLY A 688 61.89 89.33 -4.73
N PHE A 689 61.15 88.37 -5.25
CA PHE A 689 60.02 87.84 -4.51
C PHE A 689 60.26 87.67 -3.01
N PHE A 690 61.48 87.34 -2.57
CA PHE A 690 61.60 87.25 -1.13
C PHE A 690 62.17 88.55 -0.60
N LEU A 691 62.99 89.21 -1.41
CA LEU A 691 63.54 90.49 -1.01
C LEU A 691 62.45 91.53 -0.93
N LEU A 692 61.44 91.44 -1.79
CA LEU A 692 60.33 92.37 -1.69
C LEU A 692 59.77 92.34 -0.29
N ALA A 693 59.39 91.16 0.18
CA ALA A 693 58.86 91.03 1.54
C ALA A 693 59.86 91.49 2.60
N CYS A 694 61.12 91.10 2.47
CA CYS A 694 62.14 91.48 3.45
C CYS A 694 62.33 92.98 3.55
N ILE A 695 62.49 93.63 2.39
CA ILE A 695 62.70 95.07 2.38
C ILE A 695 61.46 95.80 2.92
N LEU A 696 60.29 95.18 2.80
CA LEU A 696 59.08 95.80 3.31
C LEU A 696 59.09 95.85 4.83
N GLN A 697 59.63 94.83 5.48
CA GLN A 697 59.76 94.89 6.95
C GLN A 697 60.70 96.02 7.32
N LEU A 698 61.82 96.11 6.62
CA LEU A 698 62.79 97.16 6.91
C LEU A 698 62.19 98.54 6.70
N HIS A 699 61.31 98.68 5.72
CA HIS A 699 60.65 99.95 5.48
C HIS A 699 59.68 100.26 6.61
N TYR A 700 58.73 99.37 6.84
CA TYR A 700 57.71 99.62 7.86
C TYR A 700 57.28 98.37 8.62
N PHE A 701 56.63 98.57 9.77
CA PHE A 701 56.14 97.45 10.58
C PHE A 701 57.12 96.33 10.85
N HIS A 702 58.32 96.66 11.30
CA HIS A 702 59.26 95.62 11.68
C HIS A 702 58.89 95.30 13.11
N ARG A 703 58.32 96.29 13.80
CA ARG A 703 57.94 96.11 15.20
C ARG A 703 56.96 94.99 15.61
N PRO A 704 55.76 94.89 15.00
CA PRO A 704 54.81 93.89 15.51
C PRO A 704 55.38 92.50 15.80
N PHE A 705 56.22 91.97 14.92
CA PHE A 705 56.84 90.69 15.18
C PHE A 705 58.13 90.78 15.98
N MET A 706 58.88 91.87 15.83
CA MET A 706 60.20 91.97 16.48
C MET A 706 60.36 92.99 17.61
N GLN A 707 59.51 94.01 17.68
CA GLN A 707 59.59 95.01 18.74
C GLN A 707 58.23 95.33 19.36
N LEU A 708 57.26 94.43 19.22
CA LEU A 708 55.95 94.64 19.84
C LEU A 708 55.56 93.42 20.64
N THR A 709 55.65 92.25 20.04
CA THR A 709 55.38 91.02 20.78
C THR A 709 56.62 90.78 21.63
N ASP A 710 56.67 91.41 22.80
CA ASP A 710 57.87 91.31 23.61
C ASP A 710 57.68 90.67 24.97
N MET A 711 58.76 90.60 25.75
CA MET A 711 58.69 90.00 27.06
C MET A 711 58.84 91.08 28.13
N GLU A 712 59.74 92.04 27.88
CA GLU A 712 59.99 93.11 28.86
C GLU A 712 60.14 92.58 30.28
N LEU A 789 31.66 84.61 19.71
CA LEU A 789 30.30 84.60 19.21
C LEU A 789 29.31 84.21 20.29
N GLU A 790 29.14 82.91 20.53
CA GLU A 790 28.19 82.45 21.55
C GLU A 790 28.77 81.38 22.45
N LEU A 791 27.93 80.47 22.93
CA LEU A 791 28.40 79.44 23.87
C LEU A 791 29.40 78.47 23.25
N ALA A 792 29.09 77.92 22.08
CA ALA A 792 29.99 76.97 21.44
C ALA A 792 31.34 77.58 21.17
N ALA A 793 31.36 78.80 20.64
CA ALA A 793 32.63 79.48 20.40
C ALA A 793 33.36 79.72 21.72
N GLY A 794 32.61 80.04 22.77
CA GLY A 794 33.22 80.23 24.07
C GLY A 794 33.95 78.98 24.51
N PHE A 795 33.31 77.82 24.36
CA PHE A 795 33.96 76.57 24.73
C PHE A 795 35.20 76.38 23.87
N SER A 796 35.09 76.64 22.58
CA SER A 796 36.22 76.47 21.67
C SER A 796 37.46 77.23 22.12
N ASP A 797 37.32 78.51 22.44
CA ASP A 797 38.51 79.28 22.80
C ASP A 797 39.09 78.85 24.13
N VAL A 798 38.25 78.40 25.06
CA VAL A 798 38.76 77.89 26.32
C VAL A 798 39.62 76.69 26.02
N LEU A 799 39.09 75.76 25.22
CA LEU A 799 39.86 74.59 24.85
C LEU A 799 41.16 74.97 24.17
N SER A 800 41.17 75.95 23.29
CA SER A 800 42.45 76.37 22.73
C SER A 800 43.43 76.61 23.87
N ARG A 801 43.06 77.51 24.78
CA ARG A 801 43.98 77.85 25.85
C ARG A 801 44.37 76.73 26.81
N VAL A 802 43.49 75.78 27.16
CA VAL A 802 43.92 74.66 28.01
C VAL A 802 44.99 73.81 27.34
N GLN A 803 44.78 73.57 26.05
CA GLN A 803 45.75 72.81 25.30
C GLN A 803 47.06 73.57 25.34
N VAL A 804 46.99 74.88 25.06
CA VAL A 804 48.26 75.60 25.00
C VAL A 804 48.93 75.61 26.38
N PHE A 805 48.14 75.59 27.45
CA PHE A 805 48.72 75.51 28.78
C PHE A 805 49.52 74.23 28.91
N LEU A 806 48.99 73.15 28.35
CA LEU A 806 49.72 71.88 28.38
C LEU A 806 50.88 71.94 27.41
N ARG A 807 50.77 72.80 26.41
CA ARG A 807 51.87 72.97 25.47
C ARG A 807 52.99 73.74 26.14
N ARG A 808 52.64 74.65 27.04
CA ARG A 808 53.66 75.40 27.76
C ARG A 808 54.07 74.61 28.98
N LEU A 809 53.43 73.46 29.20
CA LEU A 809 53.82 72.62 30.31
C LEU A 809 54.88 71.66 29.80
N LEU A 810 55.48 70.89 30.71
CA LEU A 810 56.50 69.94 30.31
C LEU A 810 55.94 68.90 29.34
N GLU A 811 54.62 68.70 29.38
CA GLU A 811 53.99 67.76 28.47
C GLU A 811 54.43 68.00 27.05
N LEU A 812 54.44 69.25 26.62
CA LEU A 812 54.91 69.55 25.28
C LEU A 812 56.33 70.11 25.30
N HIS A 813 56.67 70.94 26.29
CA HIS A 813 58.01 71.55 26.24
C HIS A 813 59.13 70.59 25.92
N VAL A 814 58.94 69.32 26.22
CA VAL A 814 60.02 68.35 26.18
C VAL A 814 59.63 67.02 25.59
N PHE A 815 58.67 66.33 26.18
CA PHE A 815 58.32 64.98 25.74
C PHE A 815 58.15 64.85 24.22
N LYS A 816 57.21 65.60 23.65
CA LYS A 816 56.95 65.51 22.23
C LYS A 816 58.16 65.84 21.38
N LEU A 817 58.94 66.81 21.81
CA LEU A 817 60.12 67.20 21.07
C LEU A 817 61.11 66.05 20.99
N VAL A 818 61.46 65.49 22.13
CA VAL A 818 62.45 64.42 22.14
C VAL A 818 61.91 63.15 21.48
N ALA A 819 60.60 62.94 21.51
CA ALA A 819 60.03 61.79 20.81
C ALA A 819 60.39 61.87 19.34
N LEU A 820 60.10 63.00 18.73
CA LEU A 820 60.40 63.16 17.31
C LEU A 820 61.89 63.17 17.07
N TYR A 821 62.65 63.69 18.02
CA TYR A 821 64.10 63.68 17.87
C TYR A 821 64.64 62.27 17.78
N THR A 822 64.26 61.41 18.71
CA THR A 822 64.73 60.04 18.69
C THR A 822 64.34 59.32 17.41
N VAL A 823 63.09 59.52 16.97
CA VAL A 823 62.65 58.90 15.72
C VAL A 823 63.52 59.36 14.55
N TRP A 824 63.82 60.65 14.49
CA TRP A 824 64.58 61.18 13.37
C TRP A 824 66.08 61.21 13.58
N VAL A 825 66.58 60.46 14.56
CA VAL A 825 68.02 60.38 14.76
C VAL A 825 68.40 58.91 14.85
N ALA A 826 67.83 58.20 15.82
CA ALA A 826 68.16 56.81 16.01
C ALA A 826 67.54 55.96 14.93
N LEU A 827 66.23 56.08 14.75
CA LEU A 827 65.55 55.28 13.74
C LEU A 827 65.78 55.82 12.35
N LYS A 828 66.33 57.02 12.24
CA LYS A 828 66.65 57.57 10.92
C LYS A 828 68.15 57.60 10.71
N GLU A 829 68.64 58.69 10.13
CA GLU A 829 70.07 58.82 9.85
C GLU A 829 70.89 58.69 11.09
N VAL A 830 71.61 57.58 11.22
CA VAL A 830 72.38 57.36 12.43
C VAL A 830 73.80 57.91 12.32
N SER A 831 74.70 57.36 13.11
CA SER A 831 76.12 57.76 13.07
C SER A 831 76.54 59.17 13.53
N VAL A 832 76.23 60.21 12.77
CA VAL A 832 76.70 61.56 13.14
C VAL A 832 75.64 62.43 13.78
N MET A 833 74.42 61.92 13.91
CA MET A 833 73.37 62.68 14.56
C MET A 833 73.36 62.37 16.05
N ASN A 834 74.42 61.75 16.56
CA ASN A 834 74.52 61.48 17.98
C ASN A 834 74.62 62.76 18.78
N LEU A 835 75.11 63.81 18.15
CA LEU A 835 75.23 65.10 18.83
C LEU A 835 73.87 65.73 18.98
N LEU A 836 72.88 65.23 18.24
CA LEU A 836 71.54 65.77 18.32
C LEU A 836 70.66 64.90 19.21
N LEU A 837 71.25 63.92 19.87
CA LEU A 837 70.48 63.03 20.72
C LEU A 837 71.20 62.47 21.92
N VAL A 838 72.09 61.52 21.71
CA VAL A 838 72.72 60.86 22.86
C VAL A 838 73.73 61.67 23.65
N VAL A 839 74.09 62.86 23.17
CA VAL A 839 74.98 63.70 23.97
C VAL A 839 74.13 64.87 24.46
N LEU A 840 72.96 65.03 23.86
CA LEU A 840 72.08 66.11 24.26
C LEU A 840 71.02 65.56 25.17
N TRP A 841 69.95 65.06 24.58
CA TRP A 841 68.82 64.57 25.37
C TRP A 841 69.08 63.42 26.33
N ALA A 842 70.11 62.62 26.10
CA ALA A 842 70.43 61.56 27.03
C ALA A 842 70.98 62.08 28.35
N PHE A 843 71.35 63.35 28.39
CA PHE A 843 71.83 63.94 29.64
C PHE A 843 70.90 65.07 30.06
N ALA A 844 70.15 65.60 29.11
CA ALA A 844 69.22 66.68 29.42
C ALA A 844 67.96 66.15 30.05
N LEU A 845 67.55 64.95 29.66
CA LEU A 845 66.39 64.36 30.30
C LEU A 845 66.60 64.13 31.80
N PRO A 846 67.65 63.38 32.20
CA PRO A 846 67.80 63.26 33.67
C PRO A 846 67.97 64.59 34.38
N TYR A 847 68.88 65.43 33.92
CA TYR A 847 69.13 66.70 34.57
C TYR A 847 68.48 67.81 33.79
N PRO A 848 67.30 68.28 34.23
CA PRO A 848 66.57 69.27 33.45
C PRO A 848 67.10 70.70 33.57
N ARG A 849 68.22 70.90 34.25
CA ARG A 849 68.82 72.22 34.35
C ARG A 849 69.13 72.73 32.96
N PHE A 850 69.69 71.88 32.12
CA PHE A 850 70.03 72.30 30.78
C PHE A 850 69.06 71.78 29.73
N ARG A 851 67.82 71.53 30.11
CA ARG A 851 66.84 71.13 29.11
C ARG A 851 66.59 72.21 28.05
N PRO A 852 66.40 73.51 28.40
CA PRO A 852 66.22 74.46 27.27
C PRO A 852 67.51 74.78 26.50
N MET A 853 68.62 74.78 27.22
CA MET A 853 69.91 75.04 26.57
C MET A 853 70.12 73.94 25.55
N ALA A 854 69.84 72.70 25.97
CA ALA A 854 69.98 71.59 25.05
C ALA A 854 69.16 71.81 23.81
N SER A 855 67.89 72.19 23.94
CA SER A 855 67.05 72.50 22.78
C SER A 855 67.62 73.57 21.84
N CYS A 856 68.12 74.67 22.39
CA CYS A 856 68.74 75.67 21.53
C CYS A 856 69.97 75.11 20.79
N LEU A 857 70.79 74.38 21.52
CA LEU A 857 71.99 73.83 20.90
C LEU A 857 71.57 72.88 19.81
N SER A 858 70.46 72.17 20.00
CA SER A 858 69.94 71.22 19.04
C SER A 858 69.54 71.93 17.77
N THR A 859 68.76 73.00 17.91
CA THR A 859 68.45 73.78 16.74
C THR A 859 69.76 74.06 16.01
N VAL A 860 70.71 74.69 16.73
CA VAL A 860 71.96 75.07 16.04
C VAL A 860 72.61 73.91 15.30
N TRP A 861 72.73 72.76 15.96
CA TRP A 861 73.41 71.62 15.37
C TRP A 861 72.71 71.01 14.20
N THR A 862 71.38 70.93 14.20
CA THR A 862 70.78 70.37 13.00
C THR A 862 70.82 71.37 11.89
N CYS A 863 70.85 72.66 12.24
CA CYS A 863 71.03 73.65 11.18
C CYS A 863 72.38 73.30 10.54
N VAL A 864 73.41 73.12 11.37
CA VAL A 864 74.73 72.77 10.86
C VAL A 864 74.69 71.49 10.00
N ILE A 865 73.94 70.49 10.45
CA ILE A 865 73.83 69.23 9.72
C ILE A 865 73.23 69.44 8.34
N ILE A 866 72.13 70.18 8.24
CA ILE A 866 71.61 70.44 6.90
C ILE A 866 72.61 71.24 6.07
N VAL A 867 73.27 72.24 6.65
CA VAL A 867 74.31 72.96 5.92
C VAL A 867 75.30 71.98 5.30
N CYS A 868 75.79 71.05 6.11
CA CYS A 868 76.76 70.07 5.61
C CYS A 868 76.20 69.17 4.52
N LYS A 869 75.01 68.62 4.72
CA LYS A 869 74.49 67.68 3.73
C LYS A 869 74.02 68.38 2.46
N MET A 870 74.07 69.71 2.48
CA MET A 870 73.60 70.49 1.35
C MET A 870 74.46 70.12 0.15
N LEU A 871 75.76 70.10 0.35
CA LEU A 871 76.66 69.70 -0.73
C LEU A 871 76.80 68.19 -0.78
N TYR A 872 75.69 67.46 -0.63
CA TYR A 872 75.70 65.99 -0.65
C TYR A 872 77.01 65.34 -0.21
N GLN A 873 77.59 64.50 -1.07
CA GLN A 873 78.87 63.86 -0.77
C GLN A 873 79.49 63.31 -2.04
N LEU A 874 78.77 63.42 -3.15
CA LEU A 874 79.27 62.89 -4.42
C LEU A 874 80.35 63.71 -5.14
N LYS A 875 80.87 64.78 -4.55
CA LYS A 875 81.94 65.49 -5.23
C LYS A 875 83.22 64.70 -5.16
N VAL A 876 83.75 64.28 -6.31
CA VAL A 876 84.99 63.47 -6.37
C VAL A 876 85.18 62.51 -5.20
N VAL A 877 84.30 61.51 -5.10
CA VAL A 877 84.41 60.56 -4.01
C VAL A 877 85.60 59.66 -4.23
N ASN A 878 86.50 59.61 -3.25
CA ASN A 878 87.64 58.70 -3.35
C ASN A 878 87.66 57.82 -2.12
N PRO A 879 86.83 56.75 -2.14
CA PRO A 879 86.74 55.91 -0.94
C PRO A 879 87.82 54.84 -0.94
N ASN A 915 87.84 60.82 9.46
CA ASN A 915 87.41 60.27 8.19
C ASN A 915 86.25 59.32 8.36
N TRP A 916 86.43 58.30 9.18
CA TRP A 916 85.38 57.32 9.39
C TRP A 916 84.55 57.65 10.62
N PHE A 917 83.26 57.86 10.42
CA PHE A 917 82.38 58.11 11.54
C PHE A 917 81.10 57.45 11.16
N GLY A 918 81.18 56.29 10.52
CA GLY A 918 79.97 55.65 10.05
C GLY A 918 79.46 56.45 8.88
N VAL A 919 80.33 56.78 7.94
CA VAL A 919 79.93 57.61 6.80
C VAL A 919 78.83 56.98 5.97
N ARG A 920 77.63 57.53 6.05
CA ARG A 920 76.52 57.02 5.28
C ARG A 920 76.46 57.77 3.97
N LYS A 921 77.00 59.00 3.94
CA LYS A 921 77.00 59.85 2.73
C LYS A 921 75.63 60.38 2.27
N GLY A 922 75.53 61.69 2.09
CA GLY A 922 74.26 62.27 1.67
C GLY A 922 73.98 62.17 0.19
N PHE A 923 73.72 60.96 -0.29
CA PHE A 923 73.49 60.78 -1.71
C PHE A 923 72.15 61.32 -2.25
N PRO A 924 71.02 60.99 -1.59
CA PRO A 924 69.80 61.59 -2.15
C PRO A 924 69.78 63.10 -2.00
N ASN A 925 68.94 63.79 -2.74
CA ASN A 925 68.80 65.22 -2.50
C ASN A 925 67.59 65.41 -1.58
N LEU A 926 66.40 65.44 -2.19
CA LEU A 926 65.17 65.64 -1.42
C LEU A 926 65.03 64.73 -0.21
N GLY A 927 64.95 63.42 -0.43
CA GLY A 927 64.77 62.50 0.67
C GLY A 927 65.77 62.69 1.80
N TYR A 928 67.02 62.95 1.45
CA TYR A 928 68.07 63.14 2.45
C TYR A 928 67.86 64.40 3.26
N ILE A 929 67.63 65.53 2.62
CA ILE A 929 67.34 66.73 3.42
C ILE A 929 65.98 66.66 4.15
N GLN A 930 65.15 65.68 3.80
CA GLN A 930 63.79 65.59 4.37
C GLN A 930 63.43 65.26 5.83
N ASN A 931 64.38 65.01 6.73
CA ASN A 931 63.92 64.83 8.12
C ASN A 931 64.53 65.76 9.17
N HIS A 932 65.79 66.14 9.01
CA HIS A 932 66.43 67.00 9.99
C HIS A 932 65.68 68.31 10.06
N LEU A 933 65.20 68.78 8.92
CA LEU A 933 64.44 70.03 8.90
C LEU A 933 63.12 69.85 9.62
N GLN A 934 62.55 68.66 9.60
CA GLN A 934 61.32 68.44 10.32
C GLN A 934 61.47 68.70 11.84
N VAL A 935 62.56 68.23 12.44
CA VAL A 935 62.79 68.48 13.86
C VAL A 935 63.22 69.91 14.12
N LEU A 936 63.85 70.56 13.15
CA LEU A 936 64.22 71.94 13.30
C LEU A 936 62.95 72.74 13.43
N LEU A 937 61.99 72.45 12.55
CA LEU A 937 60.71 73.14 12.60
C LEU A 937 59.96 72.82 13.88
N LEU A 938 60.07 71.58 14.35
CA LEU A 938 59.41 71.20 15.59
C LEU A 938 59.93 72.00 16.77
N LEU A 939 61.24 72.23 16.83
CA LEU A 939 61.80 73.05 17.90
C LEU A 939 61.15 74.41 17.80
N VAL A 940 61.16 74.98 16.60
CA VAL A 940 60.56 76.29 16.40
C VAL A 940 59.11 76.31 16.88
N PHE A 941 58.32 75.30 16.54
CA PHE A 941 56.91 75.27 16.92
C PHE A 941 56.75 75.25 18.43
N GLU A 942 57.55 74.45 19.11
CA GLU A 942 57.50 74.40 20.56
C GLU A 942 57.88 75.75 21.14
N ALA A 943 58.94 76.35 20.62
CA ALA A 943 59.34 77.66 21.09
C ALA A 943 58.22 78.67 20.88
N ILE A 944 57.55 78.64 19.73
CA ILE A 944 56.43 79.52 19.47
C ILE A 944 55.38 79.40 20.56
N VAL A 945 54.90 78.19 20.82
CA VAL A 945 53.84 78.04 21.81
C VAL A 945 54.33 78.39 23.21
N TYR A 946 55.63 78.25 23.45
CA TYR A 946 56.18 78.62 24.73
C TYR A 946 56.16 80.13 24.89
N ARG A 947 56.81 80.84 23.98
CA ARG A 947 56.87 82.29 24.07
C ARG A 947 55.50 82.94 23.96
N ARG A 948 54.56 82.27 23.31
CA ARG A 948 53.21 82.80 23.24
C ARG A 948 52.66 82.94 24.63
N GLN A 949 52.65 81.84 25.37
CA GLN A 949 52.12 81.88 26.73
C GLN A 949 53.08 82.48 27.72
N GLU A 950 54.33 82.69 27.33
CA GLU A 950 55.27 83.36 28.22
C GLU A 950 54.83 84.80 28.29
N HIS A 951 54.47 85.39 27.16
CA HIS A 951 53.99 86.76 27.17
C HIS A 951 52.50 86.84 27.53
N TYR A 952 51.79 85.73 27.47
CA TYR A 952 50.40 85.74 27.91
C TYR A 952 50.37 85.73 29.42
N ARG A 953 51.46 85.28 30.03
CA ARG A 953 51.54 85.30 31.49
C ARG A 953 52.25 86.56 31.93
N ARG A 954 53.13 87.10 31.08
CA ARG A 954 53.82 88.34 31.41
C ARG A 954 52.78 89.44 31.41
N GLN A 955 52.04 89.55 30.32
CA GLN A 955 50.98 90.55 30.25
C GLN A 955 49.67 89.80 30.28
N HIS A 956 48.72 90.20 29.44
CA HIS A 956 47.43 89.51 29.33
C HIS A 956 46.96 88.75 30.57
N GLY A 970 42.00 69.43 41.75
CA GLY A 970 42.22 69.82 43.13
C GLY A 970 42.95 68.75 43.90
N THR A 971 44.08 69.12 44.50
CA THR A 971 44.89 68.13 45.23
C THR A 971 44.17 67.45 46.38
N ARG A 972 43.64 66.25 46.15
CA ARG A 972 42.91 65.49 47.17
C ARG A 972 41.61 66.08 47.73
N GLN A 973 41.26 67.30 47.34
CA GLN A 973 40.04 67.91 47.81
C GLN A 973 38.95 67.66 46.79
N GLN A 974 39.31 67.74 45.52
CA GLN A 974 38.35 67.46 44.47
C GLN A 974 38.16 65.97 44.41
N LEU A 975 39.17 65.22 44.82
CA LEU A 975 39.08 63.76 44.82
C LEU A 975 37.75 63.22 45.34
N ASP A 976 37.41 63.53 46.58
CA ASP A 976 36.20 62.97 47.16
C ASP A 976 34.91 63.70 46.79
N GLN A 977 34.98 64.64 45.87
CA GLN A 977 33.78 65.35 45.44
C GLN A 977 32.95 64.45 44.56
N ASP A 978 33.36 64.27 43.31
CA ASP A 978 32.63 63.41 42.39
C ASP A 978 33.52 62.89 41.29
N LEU A 979 32.90 62.47 40.19
CA LEU A 979 33.67 61.90 39.09
C LEU A 979 34.52 62.96 38.44
N LEU A 980 33.96 64.16 38.28
CA LEU A 980 34.73 65.26 37.71
C LEU A 980 35.92 65.54 38.60
N GLY A 981 35.71 65.53 39.91
CA GLY A 981 36.80 65.75 40.83
C GLY A 981 37.91 64.73 40.70
N CYS A 982 37.56 63.45 40.66
CA CYS A 982 38.55 62.40 40.47
C CYS A 982 39.32 62.64 39.19
N LEU A 983 38.59 62.87 38.10
CA LEU A 983 39.23 63.12 36.82
C LEU A 983 40.22 64.25 36.92
N LYS A 984 39.77 65.40 37.38
CA LYS A 984 40.64 66.56 37.48
C LYS A 984 41.90 66.25 38.25
N TYR A 985 41.75 65.65 39.43
CA TYR A 985 42.90 65.34 40.25
C TYR A 985 43.95 64.59 39.46
N PHE A 986 43.56 63.52 38.78
CA PHE A 986 44.53 62.70 38.07
C PHE A 986 45.06 63.27 36.77
N ILE A 987 44.32 64.18 36.15
CA ILE A 987 44.75 64.70 34.88
C ILE A 987 45.93 65.55 35.28
N ASN A 988 45.81 66.22 36.43
CA ASN A 988 46.89 67.06 36.91
C ASN A 988 47.97 66.30 37.64
N PHE A 989 47.63 65.20 38.30
CA PHE A 989 48.62 64.50 39.12
C PHE A 989 48.73 63.01 38.87
N PHE A 990 48.91 62.60 37.62
CA PHE A 990 49.13 61.18 37.35
C PHE A 990 50.55 60.81 37.71
N PHE A 991 51.49 61.18 36.83
CA PHE A 991 52.88 60.87 37.07
C PHE A 991 53.38 61.29 38.44
N TYR A 992 52.67 62.22 39.07
CA TYR A 992 53.04 62.62 40.41
C TYR A 992 53.11 61.39 41.29
N LYS A 993 52.10 60.53 41.23
CA LYS A 993 52.07 59.35 42.07
C LYS A 993 52.32 58.06 41.30
N PHE A 994 51.69 57.91 40.15
CA PHE A 994 51.81 56.66 39.40
C PHE A 994 53.13 56.48 38.68
N GLY A 995 53.87 57.56 38.47
CA GLY A 995 55.13 57.49 37.74
C GLY A 995 56.10 56.35 38.06
N LEU A 996 56.21 55.96 39.32
CA LEU A 996 57.13 54.90 39.69
C LEU A 996 56.62 53.59 39.14
N GLU A 997 55.34 53.32 39.32
CA GLU A 997 54.75 52.10 38.80
C GLU A 997 54.83 52.14 37.30
N ILE A 998 54.77 53.35 36.74
CA ILE A 998 54.86 53.52 35.30
C ILE A 998 56.23 53.07 34.82
N CYS A 999 57.28 53.68 35.36
CA CYS A 999 58.63 53.29 34.98
C CYS A 999 58.85 51.79 35.07
N PHE A 1000 58.38 51.16 36.14
CA PHE A 1000 58.52 49.72 36.29
C PHE A 1000 57.91 49.00 35.09
N LEU A 1001 56.77 49.47 34.63
CA LEU A 1001 56.11 48.83 33.50
C LEU A 1001 56.74 49.24 32.18
N MET A 1002 57.41 50.40 32.15
CA MET A 1002 58.10 50.80 30.94
C MET A 1002 59.35 49.96 30.76
N ALA A 1003 59.95 49.53 31.87
CA ALA A 1003 61.11 48.65 31.78
C ALA A 1003 60.69 47.31 31.22
N VAL A 1004 59.50 46.84 31.58
CA VAL A 1004 59.00 45.60 31.05
C VAL A 1004 58.76 45.76 29.55
N ASN A 1005 58.26 46.91 29.14
CA ASN A 1005 58.07 47.16 27.70
C ASN A 1005 59.38 47.01 26.95
N VAL A 1006 60.43 47.66 27.43
CA VAL A 1006 61.74 47.56 26.79
C VAL A 1006 62.16 46.10 26.72
N ILE A 1007 62.08 45.38 27.84
CA ILE A 1007 62.43 43.96 27.86
C ILE A 1007 61.71 43.20 26.76
N GLY A 1008 60.41 43.40 26.61
CA GLY A 1008 59.65 42.68 25.62
C GLY A 1008 59.89 43.05 24.17
N GLN A 1009 60.21 44.31 23.92
CA GLN A 1009 60.48 44.76 22.57
C GLN A 1009 61.97 44.72 22.28
N ARG A 1010 62.64 43.70 22.78
CA ARG A 1010 64.08 43.59 22.59
C ARG A 1010 64.49 42.15 22.81
N MET A 1011 64.33 41.64 24.04
CA MET A 1011 64.70 40.26 24.38
C MET A 1011 66.12 39.88 24.02
N ASN A 1012 67.04 40.82 24.16
CA ASN A 1012 68.44 40.58 23.85
C ASN A 1012 69.23 40.36 25.13
N PHE A 1013 70.53 40.59 25.07
CA PHE A 1013 71.33 40.48 26.28
C PHE A 1013 71.44 41.87 26.85
N LEU A 1014 71.25 42.88 25.99
CA LEU A 1014 71.35 44.25 26.45
C LEU A 1014 70.24 44.57 27.46
N VAL A 1015 69.07 43.98 27.28
CA VAL A 1015 67.97 44.22 28.19
C VAL A 1015 68.04 43.41 29.47
N THR A 1016 69.03 42.54 29.60
CA THR A 1016 69.16 41.85 30.87
C THR A 1016 69.63 42.89 31.86
N LEU A 1017 70.37 43.88 31.38
CA LEU A 1017 70.82 44.97 32.24
C LEU A 1017 69.63 45.77 32.73
N HIS A 1018 68.72 46.10 31.84
CA HIS A 1018 67.51 46.82 32.24
C HIS A 1018 66.76 45.99 33.25
N GLY A 1019 66.60 44.70 32.98
CA GLY A 1019 65.86 43.84 33.88
C GLY A 1019 66.53 43.63 35.23
N CYS A 1020 67.86 43.66 35.26
CA CYS A 1020 68.58 43.52 36.51
C CYS A 1020 68.34 44.75 37.36
N TRP A 1021 68.34 45.91 36.71
CA TRP A 1021 68.06 47.12 37.44
C TRP A 1021 66.63 47.13 37.92
N LEU A 1022 65.72 46.59 37.13
CA LEU A 1022 64.33 46.48 37.54
C LEU A 1022 64.24 45.69 38.84
N VAL A 1023 64.86 44.53 38.87
CA VAL A 1023 64.87 43.74 40.11
C VAL A 1023 65.43 44.57 41.25
N ALA A 1024 66.57 45.23 41.06
CA ALA A 1024 67.17 46.04 42.10
C ALA A 1024 66.20 47.06 42.69
N ILE A 1025 65.58 47.87 41.84
CA ILE A 1025 64.67 48.89 42.34
C ILE A 1025 63.33 48.33 42.81
N LEU A 1026 63.03 47.08 42.48
CA LEU A 1026 61.80 46.48 42.97
C LEU A 1026 62.04 45.76 44.27
N THR A 1027 63.30 45.45 44.57
CA THR A 1027 63.61 44.81 45.85
C THR A 1027 63.95 45.90 46.85
N ARG A 1028 63.74 47.15 46.47
CA ARG A 1028 63.97 48.25 47.37
C ARG A 1028 62.66 48.58 48.06
N ARG A 1029 61.56 47.94 47.64
CA ARG A 1029 60.24 48.13 48.27
C ARG A 1029 59.85 49.55 48.65
N HIS A 1030 60.12 49.94 49.89
CA HIS A 1030 59.79 51.29 50.36
C HIS A 1030 60.25 52.36 49.38
N ARG A 1031 59.34 53.24 48.99
CA ARG A 1031 59.67 54.27 47.99
C ARG A 1031 60.81 55.21 48.35
N GLN A 1032 61.16 55.29 49.62
CA GLN A 1032 62.26 56.14 50.05
C GLN A 1032 63.60 55.54 49.64
N ALA A 1033 63.72 54.23 49.69
CA ALA A 1033 64.95 53.56 49.29
C ALA A 1033 65.08 53.55 47.77
N ILE A 1034 63.96 53.49 47.08
CA ILE A 1034 64.01 53.54 45.62
C ILE A 1034 64.43 54.93 45.19
N ALA A 1035 64.12 55.93 46.01
CA ALA A 1035 64.45 57.31 45.66
C ALA A 1035 65.95 57.60 45.70
N ARG A 1036 66.71 56.89 46.53
CA ARG A 1036 68.15 57.11 46.55
C ARG A 1036 68.87 56.22 45.55
N LEU A 1037 68.13 55.32 44.92
CA LEU A 1037 68.72 54.48 43.87
C LEU A 1037 68.35 55.12 42.55
N TRP A 1038 67.46 56.09 42.60
CA TRP A 1038 67.01 56.75 41.37
C TRP A 1038 68.02 57.58 40.59
N PRO A 1039 68.90 58.35 41.27
CA PRO A 1039 69.88 59.07 40.43
C PRO A 1039 70.77 58.11 39.67
N ASN A 1040 71.11 56.98 40.27
CA ASN A 1040 71.96 56.00 39.61
C ASN A 1040 71.20 55.24 38.53
N TYR A 1041 69.90 55.04 38.72
CA TYR A 1041 69.11 54.38 37.70
C TYR A 1041 69.02 55.27 36.49
N CYS A 1042 68.73 56.55 36.70
CA CYS A 1042 68.65 57.49 35.60
C CYS A 1042 69.99 57.61 34.90
N LEU A 1043 71.08 57.58 35.66
CA LEU A 1043 72.40 57.61 35.05
C LEU A 1043 72.58 56.40 34.15
N PHE A 1044 72.31 55.21 34.67
CA PHE A 1044 72.43 54.00 33.87
C PHE A 1044 71.66 54.15 32.57
N LEU A 1045 70.40 54.58 32.64
CA LEU A 1045 69.59 54.70 31.44
C LEU A 1045 70.22 55.63 30.43
N ALA A 1046 70.67 56.78 30.88
CA ALA A 1046 71.29 57.76 29.98
C ALA A 1046 72.53 57.20 29.31
N LEU A 1047 73.42 56.61 30.10
CA LEU A 1047 74.65 56.05 29.55
C LEU A 1047 74.35 54.92 28.59
N PHE A 1048 73.30 54.15 28.88
CA PHE A 1048 72.93 53.04 28.03
C PHE A 1048 72.46 53.51 26.68
N LEU A 1049 71.69 54.59 26.63
CA LEU A 1049 71.27 55.14 25.34
C LEU A 1049 72.49 55.52 24.53
N LEU A 1050 73.45 56.18 25.18
CA LEU A 1050 74.68 56.58 24.50
C LEU A 1050 75.42 55.36 23.95
N TYR A 1051 75.60 54.35 24.79
CA TYR A 1051 76.27 53.13 24.35
C TYR A 1051 75.53 52.51 23.18
N GLN A 1052 74.21 52.42 23.27
CA GLN A 1052 73.42 51.81 22.20
C GLN A 1052 73.68 52.48 20.87
N TYR A 1053 73.78 53.80 20.85
CA TYR A 1053 74.11 54.49 19.62
C TYR A 1053 75.51 54.09 19.18
N LEU A 1054 76.48 54.27 20.06
CA LEU A 1054 77.87 53.94 19.73
C LEU A 1054 78.03 52.48 19.35
N LEU A 1055 76.97 51.69 19.52
CA LEU A 1055 77.03 50.30 19.14
C LEU A 1055 76.37 50.19 17.77
N CYS A 1056 75.41 51.06 17.51
CA CYS A 1056 74.76 51.07 16.21
C CYS A 1056 75.57 51.87 15.20
N LEU A 1057 76.42 52.78 15.68
CA LEU A 1057 77.27 53.55 14.79
C LEU A 1057 78.66 52.94 14.76
N GLY A 1058 79.46 53.25 15.76
CA GLY A 1058 80.79 52.68 15.83
C GLY A 1058 80.73 51.17 15.84
N SER A 1096 67.85 52.59 15.84
CA SER A 1096 67.05 51.39 16.00
C SER A 1096 65.78 51.67 16.77
N THR A 1097 64.89 50.68 16.85
CA THR A 1097 63.65 50.84 17.61
C THR A 1097 63.90 50.61 19.07
N ASN A 1098 64.92 49.82 19.38
CA ASN A 1098 65.27 49.57 20.76
C ASN A 1098 65.75 50.85 21.41
N LEU A 1099 66.38 51.71 20.62
CA LEU A 1099 66.82 52.98 21.15
C LEU A 1099 65.63 53.83 21.59
N ILE A 1100 64.54 53.80 20.82
CA ILE A 1100 63.35 54.55 21.20
C ILE A 1100 62.73 54.01 22.48
N SER A 1101 62.79 52.70 22.69
CA SER A 1101 62.25 52.11 23.91
C SER A 1101 63.06 52.53 25.13
N ASP A 1102 64.39 52.53 25.00
CA ASP A 1102 65.22 52.98 26.12
C ASP A 1102 65.06 54.48 26.32
N PHE A 1103 64.74 55.22 25.28
CA PHE A 1103 64.49 56.64 25.44
C PHE A 1103 63.20 56.83 26.24
N LEU A 1104 62.17 56.05 25.93
CA LEU A 1104 60.90 56.20 26.63
C LEU A 1104 61.11 55.92 28.10
N LEU A 1105 61.83 54.86 28.42
CA LEU A 1105 62.12 54.54 29.81
C LEU A 1105 62.91 55.67 30.46
N LEU A 1106 63.91 56.19 29.76
CA LEU A 1106 64.70 57.30 30.30
C LEU A 1106 63.79 58.47 30.57
N LEU A 1107 63.06 58.93 29.56
CA LEU A 1107 62.15 60.04 29.72
C LEU A 1107 61.25 59.87 30.93
N CYS A 1108 60.58 58.73 31.04
CA CYS A 1108 59.67 58.51 32.15
C CYS A 1108 60.38 58.54 33.49
N ALA A 1109 61.44 57.75 33.63
CA ALA A 1109 62.14 57.70 34.90
C ALA A 1109 62.81 59.02 35.25
N SER A 1110 63.17 59.81 34.24
CA SER A 1110 63.75 61.11 34.50
C SER A 1110 62.71 62.02 35.08
N GLN A 1111 61.50 61.96 34.53
CA GLN A 1111 60.42 62.77 35.08
C GLN A 1111 60.07 62.33 36.49
N GLN A 1112 60.22 61.04 36.78
CA GLN A 1112 59.97 60.56 38.13
C GLN A 1112 61.10 60.91 39.07
N TRP A 1113 62.26 61.21 38.54
CA TRP A 1113 63.35 61.65 39.39
C TRP A 1113 63.11 63.11 39.70
N GLN A 1114 62.42 63.79 38.80
CA GLN A 1114 62.07 65.18 39.03
C GLN A 1114 60.78 65.31 39.81
N VAL A 1115 60.26 64.20 40.31
CA VAL A 1115 59.07 64.25 41.16
C VAL A 1115 59.47 63.61 42.47
N PHE A 1116 60.06 62.42 42.44
CA PHE A 1116 60.49 61.69 43.64
C PHE A 1116 61.06 62.58 44.72
N SER A 1117 62.17 63.23 44.42
CA SER A 1117 62.83 64.05 45.43
C SER A 1117 62.59 65.53 45.21
N ALA A 1118 61.46 65.87 44.60
CA ALA A 1118 61.19 67.27 44.30
C ALA A 1118 59.78 67.65 44.66
N GLU A 1119 58.83 67.30 43.79
CA GLU A 1119 57.44 67.70 44.03
C GLU A 1119 56.84 67.00 45.24
N ARG A 1120 57.31 65.80 45.54
CA ARG A 1120 56.82 65.09 46.72
C ARG A 1120 57.45 65.61 47.99
N THR A 1121 58.66 66.14 47.88
CA THR A 1121 59.35 66.67 49.04
C THR A 1121 59.16 68.18 49.15
N TYR A 1154 28.03 58.41 44.02
CA TYR A 1154 28.18 57.72 42.75
C TYR A 1154 29.65 57.45 42.43
N LEU A 1155 30.53 58.28 42.95
CA LEU A 1155 31.96 58.04 42.76
C LEU A 1155 32.42 57.09 43.84
N ASP A 1156 31.57 56.86 44.83
CA ASP A 1156 31.89 55.93 45.89
C ASP A 1156 31.73 54.54 45.33
N MET A 1157 30.87 54.37 44.33
CA MET A 1157 30.72 53.08 43.69
C MET A 1157 31.98 52.77 42.91
N LEU A 1158 32.54 53.78 42.25
CA LEU A 1158 33.81 53.57 41.55
C LEU A 1158 34.85 53.19 42.59
N LYS A 1159 34.89 53.90 43.72
CA LYS A 1159 35.87 53.62 44.75
C LYS A 1159 35.70 52.25 45.36
N VAL A 1160 34.43 51.76 45.24
CA VAL A 1160 34.08 50.42 45.72
C VAL A 1160 34.80 49.37 44.95
N ALA A 1161 34.80 49.55 43.66
CA ALA A 1161 35.48 48.67 42.73
C ALA A 1161 36.99 48.60 42.96
N VAL A 1162 37.69 49.72 42.77
CA VAL A 1162 39.12 49.74 43.00
C VAL A 1162 39.46 49.43 44.44
N PHE A 1163 38.62 49.87 45.36
CA PHE A 1163 38.97 49.69 46.76
C PHE A 1163 38.26 48.60 47.52
N ARG A 1164 38.13 47.40 46.94
CA ARG A 1164 37.56 46.26 47.65
C ARG A 1164 37.80 45.02 46.83
N TYR A 1165 37.39 45.06 45.57
CA TYR A 1165 37.50 43.87 44.75
C TYR A 1165 38.67 43.82 43.75
N LEU A 1166 39.55 44.82 43.73
CA LEU A 1166 40.70 44.78 42.84
C LEU A 1166 41.62 43.63 43.19
N PHE A 1167 41.79 43.33 44.48
CA PHE A 1167 42.60 42.19 44.91
C PHE A 1167 42.20 41.00 44.12
N TRP A 1168 40.92 40.91 43.86
CA TRP A 1168 40.41 39.77 43.18
C TRP A 1168 40.47 39.80 41.66
N LEU A 1169 40.37 40.98 41.04
CA LEU A 1169 40.53 41.02 39.59
C LEU A 1169 41.96 40.65 39.26
N VAL A 1170 42.90 40.98 40.12
CA VAL A 1170 44.26 40.55 39.88
C VAL A 1170 44.32 39.04 39.90
N LEU A 1171 43.66 38.40 40.86
CA LEU A 1171 43.62 36.93 40.89
C LEU A 1171 43.10 36.35 39.58
N VAL A 1172 42.12 36.99 38.97
CA VAL A 1172 41.62 36.55 37.68
C VAL A 1172 42.71 36.64 36.62
N VAL A 1173 43.40 37.78 36.57
CA VAL A 1173 44.48 37.95 35.61
C VAL A 1173 45.55 36.90 35.88
N VAL A 1174 45.95 36.70 37.13
CA VAL A 1174 46.93 35.68 37.46
C VAL A 1174 46.54 34.34 36.83
N PHE A 1175 45.29 33.93 36.99
CA PHE A 1175 44.84 32.68 36.38
C PHE A 1175 44.96 32.72 34.87
N VAL A 1176 44.41 33.74 34.24
CA VAL A 1176 44.41 33.77 32.78
C VAL A 1176 45.79 34.01 32.14
N THR A 1177 46.73 34.62 32.85
CA THR A 1177 48.06 34.78 32.27
C THR A 1177 48.68 33.41 32.10
N GLY A 1178 48.44 32.53 33.07
CA GLY A 1178 48.92 31.18 32.92
C GLY A 1178 48.22 30.49 31.78
N ALA A 1179 46.90 30.47 31.81
CA ALA A 1179 46.13 29.79 30.78
C ALA A 1179 46.55 30.13 29.37
N THR A 1180 46.62 31.41 29.04
CA THR A 1180 46.97 31.82 27.69
C THR A 1180 48.35 31.33 27.25
N ARG A 1181 49.38 31.67 27.99
CA ARG A 1181 50.72 31.28 27.61
C ARG A 1181 51.05 29.90 28.16
N ILE A 1182 50.76 28.87 27.39
CA ILE A 1182 51.02 27.50 27.83
C ILE A 1182 52.51 27.23 28.01
N SER A 1183 52.96 27.23 29.25
CA SER A 1183 54.38 27.00 29.53
C SER A 1183 54.53 26.43 30.92
N ILE A 1184 55.70 26.57 31.52
CA ILE A 1184 55.88 26.13 32.90
C ILE A 1184 55.62 27.33 33.78
N PHE A 1185 55.90 28.53 33.28
CA PHE A 1185 55.63 29.74 34.04
C PHE A 1185 54.13 29.86 34.17
N GLY A 1186 53.42 29.38 33.16
CA GLY A 1186 51.99 29.44 33.20
C GLY A 1186 51.39 28.54 34.25
N LEU A 1187 51.99 27.37 34.45
CA LEU A 1187 51.51 26.48 35.50
C LEU A 1187 51.71 27.19 36.82
N GLY A 1188 52.84 27.87 36.97
CA GLY A 1188 53.09 28.60 38.19
C GLY A 1188 52.07 29.70 38.42
N TYR A 1189 51.69 30.43 37.37
CA TYR A 1189 50.64 31.44 37.51
C TYR A 1189 49.34 30.80 37.95
N LEU A 1190 49.00 29.68 37.32
CA LEU A 1190 47.78 28.97 37.71
C LEU A 1190 47.81 28.66 39.20
N LEU A 1191 48.95 28.17 39.67
CA LEU A 1191 49.07 27.79 41.07
C LEU A 1191 48.93 29.01 41.97
N ALA A 1192 49.59 30.10 41.61
CA ALA A 1192 49.50 31.33 42.37
C ALA A 1192 48.06 31.77 42.49
N CYS A 1193 47.29 31.62 41.41
CA CYS A 1193 45.88 31.94 41.52
C CYS A 1193 45.18 30.99 42.49
N PHE A 1194 45.22 29.68 42.22
CA PHE A 1194 44.57 28.70 43.11
C PHE A 1194 44.78 29.01 44.58
N TYR A 1195 46.00 29.34 44.97
CA TYR A 1195 46.39 29.58 46.34
C TYR A 1195 45.72 30.84 46.85
N LEU A 1196 46.01 31.97 46.21
CA LEU A 1196 45.46 33.23 46.67
C LEU A 1196 43.97 33.35 46.46
N LEU A 1197 43.33 32.27 46.05
CA LEU A 1197 41.89 32.29 45.92
C LEU A 1197 41.43 31.60 47.17
N LEU A 1198 42.15 30.55 47.57
CA LEU A 1198 41.83 29.85 48.80
C LEU A 1198 42.27 30.73 49.93
N PHE A 1199 43.56 30.74 50.21
CA PHE A 1199 44.09 31.60 51.25
C PHE A 1199 44.20 32.97 50.62
N GLY A 1200 43.12 33.73 50.63
CA GLY A 1200 43.13 35.02 49.99
C GLY A 1200 42.24 35.99 50.73
N THR A 1201 41.05 35.55 51.10
CA THR A 1201 40.14 36.41 51.86
C THR A 1201 40.79 36.75 53.17
N ALA A 1202 41.63 35.85 53.67
CA ALA A 1202 42.36 36.13 54.88
C ALA A 1202 43.29 37.31 54.67
N LEU A 1203 44.16 37.21 53.66
CA LEU A 1203 45.14 38.27 53.46
C LEU A 1203 44.62 39.43 52.62
N LEU A 1204 43.30 39.54 52.51
CA LEU A 1204 42.75 40.69 51.81
C LEU A 1204 42.51 41.70 52.91
N GLN A 1205 42.31 41.21 54.13
CA GLN A 1205 42.08 42.09 55.26
C GLN A 1205 43.24 42.08 56.26
N ARG A 1206 44.19 41.16 56.05
CA ARG A 1206 45.36 41.13 56.92
C ARG A 1206 46.61 41.64 56.22
N ASP A 1207 46.58 41.79 54.90
CA ASP A 1207 47.73 42.33 54.16
C ASP A 1207 47.46 43.74 53.68
N THR A 1208 46.37 44.34 54.15
CA THR A 1208 46.02 45.69 53.74
C THR A 1208 47.17 46.66 54.01
N ARG A 1209 47.91 46.44 55.09
CA ARG A 1209 49.08 47.27 55.36
C ARG A 1209 50.00 46.39 56.17
N ALA A 1210 49.43 45.42 56.85
CA ALA A 1210 50.21 44.50 57.67
C ALA A 1210 50.95 43.52 56.79
N ARG A 1211 52.16 43.87 56.39
CA ARG A 1211 52.99 42.98 55.60
C ARG A 1211 52.35 42.43 54.33
N LEU A 1212 52.38 43.20 53.26
CA LEU A 1212 51.88 42.72 51.99
C LEU A 1212 53.00 42.01 51.26
N VAL A 1213 53.72 41.15 51.97
CA VAL A 1213 54.83 40.41 51.40
C VAL A 1213 54.35 39.29 50.50
N LEU A 1214 53.09 38.91 50.63
CA LEU A 1214 52.54 37.88 49.77
C LEU A 1214 52.30 38.49 48.43
N TRP A 1215 51.81 39.73 48.42
CA TRP A 1215 51.62 40.38 47.17
C TRP A 1215 52.97 40.72 46.55
N ASP A 1216 53.94 41.04 47.39
CA ASP A 1216 55.23 41.38 46.85
C ASP A 1216 55.93 40.16 46.30
N CYS A 1217 55.67 38.99 46.86
CA CYS A 1217 56.26 37.77 46.35
C CYS A 1217 55.63 37.41 45.03
N LEU A 1218 54.34 37.69 44.88
CA LEU A 1218 53.68 37.43 43.61
C LEU A 1218 54.22 38.39 42.58
N ILE A 1219 54.54 39.61 42.99
CA ILE A 1219 55.13 40.57 42.07
C ILE A 1219 56.48 40.03 41.61
N LEU A 1220 57.27 39.48 42.53
CA LEU A 1220 58.57 38.94 42.18
C LEU A 1220 58.45 37.75 41.25
N TYR A 1221 57.43 36.93 41.43
CA TYR A 1221 57.22 35.82 40.52
C TYR A 1221 57.02 36.37 39.12
N ASN A 1222 56.12 37.33 38.98
CA ASN A 1222 55.86 37.92 37.68
C ASN A 1222 57.13 38.49 37.08
N VAL A 1223 57.88 39.26 37.87
CA VAL A 1223 59.14 39.82 37.40
C VAL A 1223 60.06 38.73 36.86
N THR A 1224 60.27 37.68 37.64
CA THR A 1224 61.18 36.63 37.20
C THR A 1224 60.73 35.94 35.93
N VAL A 1225 59.43 35.78 35.74
CA VAL A 1225 58.93 35.20 34.50
C VAL A 1225 59.35 36.07 33.34
N ILE A 1226 59.10 37.36 33.42
CA ILE A 1226 59.47 38.28 32.35
C ILE A 1226 60.98 38.31 32.13
N ILE A 1227 61.75 38.34 33.23
CA ILE A 1227 63.20 38.41 33.12
C ILE A 1227 63.84 37.11 32.61
N SER A 1228 63.19 35.97 32.82
CA SER A 1228 63.73 34.71 32.33
C SER A 1228 63.32 34.53 30.88
N LYS A 1229 62.22 35.16 30.48
CA LYS A 1229 61.81 35.10 29.09
C LYS A 1229 62.68 36.04 28.29
N ASN A 1230 63.35 36.99 28.94
CA ASN A 1230 64.27 37.86 28.23
C ASN A 1230 65.46 37.03 27.82
N MET A 1231 65.93 36.16 28.71
CA MET A 1231 67.03 35.27 28.36
C MET A 1231 66.43 34.00 27.76
N LEU A 1232 65.91 34.10 26.55
CA LEU A 1232 65.27 32.96 25.91
C LEU A 1232 66.23 31.86 25.54
N SER A 1233 66.93 32.03 24.42
CA SER A 1233 67.87 31.01 23.95
C SER A 1233 69.21 31.65 23.65
N ALA A 1283 53.61 32.08 23.24
CA ALA A 1283 54.59 32.52 24.23
C ALA A 1283 54.91 34.01 24.08
N GLY A 1284 54.90 34.74 25.18
CA GLY A 1284 55.20 36.16 25.15
C GLY A 1284 55.02 36.81 26.51
N ILE A 1285 55.57 38.00 26.69
CA ILE A 1285 55.46 38.70 27.96
C ILE A 1285 54.24 39.61 28.01
N ILE A 1286 53.45 39.64 26.94
CA ILE A 1286 52.31 40.52 26.88
C ILE A 1286 51.38 40.28 28.07
N TRP A 1287 51.00 39.03 28.30
CA TRP A 1287 50.08 38.75 29.38
C TRP A 1287 50.73 38.94 30.72
N ASP A 1288 52.02 38.61 30.82
CA ASP A 1288 52.73 38.83 32.07
C ASP A 1288 52.88 40.31 32.40
N SER A 1289 52.84 41.18 31.40
CA SER A 1289 52.89 42.61 31.65
C SER A 1289 51.53 43.10 32.11
N VAL A 1290 50.46 42.52 31.60
CA VAL A 1290 49.14 42.90 32.09
C VAL A 1290 49.08 42.52 33.55
N CYS A 1291 49.58 41.32 33.87
CA CYS A 1291 49.61 40.90 35.25
C CYS A 1291 50.44 41.83 36.10
N PHE A 1292 51.62 42.22 35.61
CA PHE A 1292 52.45 43.17 36.36
C PHE A 1292 51.70 44.43 36.68
N PHE A 1293 50.99 44.99 35.70
CA PHE A 1293 50.20 46.18 35.94
C PHE A 1293 49.21 45.95 37.05
N PHE A 1294 48.42 44.89 36.96
CA PHE A 1294 47.41 44.63 37.97
C PHE A 1294 48.02 44.35 39.33
N LEU A 1295 49.10 43.59 39.37
CA LEU A 1295 49.76 43.30 40.64
C LEU A 1295 50.26 44.56 41.27
N LEU A 1296 50.90 45.41 40.48
CA LEU A 1296 51.40 46.68 41.00
C LEU A 1296 50.26 47.54 41.48
N LEU A 1297 49.17 47.56 40.73
CA LEU A 1297 48.00 48.34 41.12
C LEU A 1297 47.50 47.94 42.49
N GLN A 1298 47.27 46.65 42.70
CA GLN A 1298 46.76 46.18 43.99
C GLN A 1298 47.76 46.39 45.11
N ARG A 1299 49.04 46.10 44.88
CA ARG A 1299 50.06 46.34 45.89
C ARG A 1299 49.98 47.76 46.34
N ARG A 1300 49.81 48.66 45.38
CA ARG A 1300 49.70 50.06 45.70
C ARG A 1300 48.42 50.33 46.48
N VAL A 1301 47.28 49.84 46.00
CA VAL A 1301 46.02 50.17 46.68
C VAL A 1301 45.86 49.60 48.07
N PHE A 1302 46.84 48.84 48.57
CA PHE A 1302 46.81 48.38 49.94
C PHE A 1302 47.18 49.60 50.78
N LEU A 1303 46.27 50.55 50.91
CA LEU A 1303 46.54 51.77 51.62
C LEU A 1303 46.31 51.61 53.09
N SER A 1304 46.71 52.60 53.87
CA SER A 1304 46.43 52.54 55.29
C SER A 1304 45.29 53.52 55.51
N HIS A 1305 44.56 53.85 54.46
CA HIS A 1305 43.46 54.79 54.57
C HIS A 1305 42.22 54.26 53.87
N TYR A 1306 42.22 54.28 52.55
CA TYR A 1306 41.04 53.84 51.81
C TYR A 1306 40.86 52.34 51.94
N TYR A 1307 41.96 51.59 51.93
CA TYR A 1307 41.87 50.16 52.11
C TYR A 1307 41.71 49.83 53.57
N LEU A 1308 42.09 50.73 54.46
CA LEU A 1308 41.86 50.48 55.87
C LEU A 1308 40.37 50.49 56.13
N HIS A 1309 39.62 51.26 55.35
CA HIS A 1309 38.18 51.29 55.51
C HIS A 1309 37.55 49.93 55.25
N VAL A 1310 37.95 49.30 54.15
CA VAL A 1310 37.43 47.99 53.86
C VAL A 1310 38.05 46.93 54.75
N ARG A 1311 39.25 47.17 55.25
CA ARG A 1311 39.85 46.22 56.18
C ARG A 1311 38.90 46.11 57.34
N ALA A 1312 38.44 47.24 57.86
CA ALA A 1312 37.50 47.23 58.97
C ALA A 1312 36.23 46.46 58.63
N ASP A 1313 35.62 46.76 57.50
CA ASP A 1313 34.41 46.06 57.09
C ASP A 1313 34.58 44.57 57.12
N LEU A 1314 35.61 44.08 56.44
CA LEU A 1314 35.79 42.64 56.33
C LEU A 1314 36.39 41.96 57.56
N GLN A 1315 37.02 42.72 58.43
CA GLN A 1315 37.53 42.14 59.66
C GLN A 1315 36.36 41.79 60.53
N ALA A 1316 35.38 42.69 60.57
CA ALA A 1316 34.24 42.45 61.44
C ALA A 1316 33.12 41.70 60.77
N THR A 1317 33.30 41.33 59.51
CA THR A 1317 32.30 40.49 58.86
C THR A 1317 32.46 39.13 59.50
N ALA A 1318 33.71 38.75 59.72
CA ALA A 1318 33.98 37.47 60.37
C ALA A 1318 33.62 37.52 61.84
N LEU A 1319 33.63 38.71 62.44
CA LEU A 1319 33.27 38.84 63.83
C LEU A 1319 31.77 38.65 64.01
N LEU A 1320 31.00 39.06 63.00
CA LEU A 1320 29.56 38.91 63.07
C LEU A 1320 29.07 37.77 62.20
N ALA A 1321 29.94 36.80 61.93
CA ALA A 1321 29.55 35.66 61.13
C ALA A 1321 28.81 34.65 61.96
N SER A 1322 29.09 34.62 63.27
CA SER A 1322 28.38 33.72 64.16
C SER A 1322 26.96 34.24 64.33
N ARG A 1323 26.80 35.56 64.25
CA ARG A 1323 25.47 36.14 64.33
C ARG A 1323 24.74 35.85 63.05
N GLY A 1324 25.48 35.75 61.95
CA GLY A 1324 24.86 35.40 60.69
C GLY A 1324 24.34 33.98 60.74
N PHE A 1325 25.11 33.08 61.36
CA PHE A 1325 24.69 31.69 61.48
C PHE A 1325 23.48 31.61 62.39
N ALA A 1326 23.46 32.41 63.44
CA ALA A 1326 22.32 32.40 64.34
C ALA A 1326 21.09 32.86 63.60
N LEU A 1327 21.19 33.97 62.88
CA LEU A 1327 20.07 34.48 62.12
C LEU A 1327 19.58 33.45 61.12
N TYR A 1328 20.51 32.82 60.41
CA TYR A 1328 20.14 31.80 59.44
C TYR A 1328 19.37 30.67 60.09
N ASN A 1329 19.96 30.07 61.12
CA ASN A 1329 19.33 28.95 61.78
C ASN A 1329 17.95 29.30 62.28
N ALA A 1330 17.80 30.48 62.86
CA ALA A 1330 16.50 30.92 63.35
C ALA A 1330 15.49 30.94 62.22
N ALA A 1331 15.83 31.59 61.12
CA ALA A 1331 14.92 31.67 59.98
C ALA A 1331 14.56 30.29 59.43
N ASN A 1332 15.54 29.41 59.31
CA ASN A 1332 15.29 28.07 58.81
C ASN A 1332 14.35 27.33 59.75
N LEU A 1333 14.62 27.42 61.04
CA LEU A 1333 13.78 26.75 62.02
C LEU A 1333 12.36 27.28 61.97
N LYS A 1334 12.20 28.59 61.81
CA LYS A 1334 10.88 29.17 61.73
C LYS A 1334 10.12 28.58 60.56
N SER A 1335 10.76 28.50 59.40
CA SER A 1335 10.11 27.96 58.22
C SER A 1335 9.79 26.49 58.39
N ILE A 1336 10.69 25.75 59.03
CA ILE A 1336 10.46 24.32 59.24
C ILE A 1336 9.27 24.13 60.16
N ASP A 1337 9.15 24.96 61.19
CA ASP A 1337 8.03 24.85 62.11
C ASP A 1337 6.75 25.29 61.43
N PHE A 1338 6.84 26.22 60.49
CA PHE A 1338 5.66 26.62 59.75
C PHE A 1338 5.14 25.43 58.97
N HIS A 1339 6.03 24.72 58.29
CA HIS A 1339 5.63 23.55 57.52
C HIS A 1339 5.09 22.48 58.43
N ARG A 1340 5.70 22.32 59.60
CA ARG A 1340 5.22 21.33 60.54
C ARG A 1340 3.81 21.67 60.98
N ARG A 1341 3.52 22.95 61.23
CA ARG A 1341 2.17 23.36 61.59
C ARG A 1341 1.20 23.04 60.48
N ILE A 1342 1.57 23.33 59.24
CA ILE A 1342 0.71 23.04 58.10
C ILE A 1342 0.39 21.55 58.06
N GLU A 1343 1.40 20.71 58.22
CA GLU A 1343 1.18 19.27 58.18
C GLU A 1343 0.33 18.79 59.34
N GLU A 1344 0.49 19.41 60.50
CA GLU A 1344 -0.34 19.04 61.64
C GLU A 1344 -1.78 19.35 61.35
N LYS A 1345 -2.03 20.52 60.78
CA LYS A 1345 -3.39 20.90 60.42
C LYS A 1345 -3.97 19.92 59.42
N SER A 1346 -3.18 19.54 58.43
CA SER A 1346 -3.65 18.62 57.41
C SER A 1346 -4.03 17.26 58.00
N LEU A 1347 -3.21 16.75 58.91
CA LEU A 1347 -3.51 15.47 59.53
C LEU A 1347 -4.77 15.58 60.38
N ALA A 1348 -4.96 16.71 61.04
CA ALA A 1348 -6.16 16.91 61.84
C ALA A 1348 -7.38 17.04 60.95
N GLN A 1349 -7.25 17.70 59.82
CA GLN A 1349 -8.37 17.80 58.88
C GLN A 1349 -8.74 16.41 58.43
N LEU A 1350 -7.75 15.60 58.08
CA LEU A 1350 -8.01 14.24 57.66
C LEU A 1350 -8.78 13.48 58.72
N LYS A 1351 -8.40 13.66 59.99
CA LYS A 1351 -9.11 12.98 61.06
C LYS A 1351 -10.54 13.48 61.22
N ARG A 1352 -10.75 14.77 61.13
CA ARG A 1352 -12.11 15.31 61.21
C ARG A 1352 -12.96 14.68 60.12
N GLN A 1353 -12.48 14.70 58.89
CA GLN A 1353 -13.23 14.13 57.78
C GLN A 1353 -13.45 12.64 57.98
N MET A 1354 -12.41 11.93 58.39
CA MET A 1354 -12.53 10.50 58.60
C MET A 1354 -13.63 10.20 59.60
N GLU A 1355 -13.77 11.04 60.62
CA GLU A 1355 -14.78 10.82 61.64
C GLU A 1355 -16.18 11.07 61.09
N ARG A 1356 -16.34 12.05 60.22
CA ARG A 1356 -17.64 12.29 59.62
C ARG A 1356 -18.03 11.07 58.79
N ILE A 1357 -17.11 10.59 57.96
CA ILE A 1357 -17.40 9.43 57.14
C ILE A 1357 -17.82 8.26 58.02
N ARG A 1358 -17.12 8.03 59.11
CA ARG A 1358 -17.44 6.91 59.98
C ARG A 1358 -18.76 7.11 60.69
N ALA A 1359 -19.01 8.31 61.18
CA ALA A 1359 -20.24 8.59 61.90
C ALA A 1359 -21.44 8.36 61.03
N LYS A 1360 -21.33 8.68 59.74
CA LYS A 1360 -22.43 8.43 58.83
C LYS A 1360 -22.58 6.94 58.68
N GLN A 1361 -21.49 6.26 58.32
CA GLN A 1361 -21.56 4.83 58.11
C GLN A 1361 -21.98 4.12 59.38
N GLU A 1362 -22.34 4.88 60.40
CA GLU A 1362 -22.82 4.28 61.64
C GLU A 1362 -24.25 4.70 61.87
N LYS A 1363 -24.63 5.84 61.30
CA LYS A 1363 -26.00 6.29 61.40
C LYS A 1363 -26.77 5.49 60.38
N HIS A 1364 -26.08 5.03 59.33
CA HIS A 1364 -26.71 4.23 58.32
C HIS A 1364 -26.66 2.77 58.74
N ARG A 1365 -25.68 2.41 59.56
CA ARG A 1365 -25.60 1.05 60.06
C ARG A 1365 -26.71 0.82 61.05
N GLN A 1366 -26.93 1.78 61.94
CA GLN A 1366 -28.02 1.68 62.88
C GLN A 1366 -29.33 1.78 62.12
N GLY A 1367 -29.35 2.56 61.04
CA GLY A 1367 -30.55 2.66 60.23
C GLY A 1367 -30.92 1.32 59.63
N ARG A 1368 -29.93 0.53 59.25
CA ARG A 1368 -30.20 -0.81 58.72
C ARG A 1368 -30.86 -1.64 59.82
N VAL A 1369 -30.29 -1.60 61.01
CA VAL A 1369 -30.86 -2.36 62.13
C VAL A 1369 -32.32 -1.98 62.35
N ASP A 1370 -32.60 -0.69 62.43
CA ASP A 1370 -33.97 -0.23 62.63
C ASP A 1370 -34.91 -0.78 61.57
N ASP A 1408 -18.89 -9.96 53.25
CA ASP A 1408 -18.10 -10.22 52.06
C ASP A 1408 -18.09 -9.02 51.14
N HIS A 1409 -16.98 -8.82 50.42
CA HIS A 1409 -16.86 -7.69 49.51
C HIS A 1409 -18.05 -7.58 48.59
N ALA A 1410 -18.42 -8.67 47.93
CA ALA A 1410 -19.56 -8.67 47.02
C ALA A 1410 -20.80 -8.12 47.66
N THR A 1411 -21.23 -8.69 48.78
CA THR A 1411 -22.46 -8.25 49.41
C THR A 1411 -22.39 -6.83 49.93
N VAL A 1412 -21.21 -6.37 50.32
CA VAL A 1412 -21.09 -5.03 50.89
C VAL A 1412 -20.98 -3.96 49.82
N ILE A 1413 -20.62 -4.33 48.60
CA ILE A 1413 -20.61 -3.35 47.52
C ILE A 1413 -21.93 -3.40 46.78
N HIS A 1414 -22.75 -4.39 47.12
CA HIS A 1414 -24.07 -4.47 46.52
C HIS A 1414 -25.10 -4.36 47.62
N SER A 1415 -24.92 -3.36 48.48
CA SER A 1415 -25.83 -3.18 49.60
C SER A 1415 -26.51 -1.83 49.58
N GLY A 1416 -26.15 -1.01 48.60
CA GLY A 1416 -26.70 0.33 48.53
C GLY A 1416 -28.21 0.38 48.45
N ASP A 1417 -28.82 1.29 49.21
CA ASP A 1417 -30.26 1.44 49.12
C ASP A 1417 -30.64 2.91 49.17
N TYR A 1418 -31.92 3.21 49.13
CA TYR A 1418 -32.36 4.60 49.09
C TYR A 1418 -32.15 5.32 50.39
N PHE A 1419 -32.06 4.59 51.48
CA PHE A 1419 -31.91 5.21 52.79
C PHE A 1419 -30.61 5.98 52.96
N LEU A 1420 -29.59 5.60 52.21
CA LEU A 1420 -28.30 6.28 52.32
C LEU A 1420 -28.40 7.67 51.77
N PHE A 1421 -29.27 7.87 50.79
CA PHE A 1421 -29.35 9.17 50.14
C PHE A 1421 -30.39 10.09 50.71
N GLU A 1422 -30.95 9.73 51.86
CA GLU A 1422 -31.89 10.62 52.51
C GLU A 1422 -31.11 11.80 53.03
N SER A 1423 -31.74 12.96 53.10
CA SER A 1423 -31.01 14.16 53.51
C SER A 1423 -30.91 14.30 55.01
N ASP A 1424 -30.15 13.42 55.65
CA ASP A 1424 -30.00 13.46 57.10
C ASP A 1424 -28.82 14.35 57.47
N SER A 1425 -29.06 15.64 57.63
CA SER A 1425 -27.99 16.60 57.97
C SER A 1425 -26.68 16.33 57.26
N GLU A 1426 -26.70 16.36 55.92
CA GLU A 1426 -25.49 16.13 55.15
C GLU A 1426 -24.72 17.43 54.99
N GLU A 1427 -23.73 17.64 55.85
CA GLU A 1427 -22.93 18.86 55.78
C GLU A 1427 -21.61 18.62 55.06
N PHE A 1513 5.19 52.88 23.26
CA PHE A 1513 6.38 52.65 22.46
C PHE A 1513 7.13 51.43 22.94
N LEU A 1514 7.86 50.77 22.04
CA LEU A 1514 8.64 49.59 22.41
C LEU A 1514 9.60 49.90 23.54
N TRP A 1515 10.26 51.05 23.48
CA TRP A 1515 11.17 51.44 24.54
C TRP A 1515 10.45 51.48 25.88
N MET A 1516 9.36 52.23 25.93
CA MET A 1516 8.59 52.36 27.17
C MET A 1516 8.17 51.01 27.75
N LEU A 1517 7.80 50.08 26.88
CA LEU A 1517 7.40 48.74 27.35
C LEU A 1517 8.57 48.05 28.03
N GLY A 1518 9.74 48.08 27.40
CA GLY A 1518 10.92 47.49 27.99
C GLY A 1518 11.25 48.07 29.35
N GLN A 1519 11.11 49.39 29.50
CA GLN A 1519 11.35 50.02 30.80
C GLN A 1519 10.46 49.44 31.88
N ALA A 1520 9.17 49.33 31.59
CA ALA A 1520 8.23 48.77 32.56
C ALA A 1520 8.60 47.34 32.91
N LEU A 1521 8.94 46.54 31.90
CA LEU A 1521 9.33 45.16 32.13
C LEU A 1521 10.59 45.03 32.95
N VAL A 1522 11.52 45.97 32.80
CA VAL A 1522 12.73 45.94 33.61
C VAL A 1522 12.34 46.12 35.07
N ASP A 1523 11.44 47.06 35.34
CA ASP A 1523 11.00 47.27 36.71
C ASP A 1523 10.23 46.06 37.22
N GLU A 1524 9.47 45.40 36.36
CA GLU A 1524 8.79 44.17 36.76
C GLU A 1524 9.82 43.15 37.16
N LEU A 1525 10.87 43.03 36.37
CA LEU A 1525 11.94 42.09 36.66
C LEU A 1525 12.62 42.38 37.99
N THR A 1526 12.93 43.65 38.26
CA THR A 1526 13.53 43.99 39.55
C THR A 1526 12.65 43.50 40.68
N ARG A 1527 11.35 43.75 40.60
CA ARG A 1527 10.43 43.29 41.64
C ARG A 1527 10.53 41.78 41.83
N TRP A 1528 10.47 41.03 40.74
CA TRP A 1528 10.53 39.58 40.83
C TRP A 1528 11.83 39.10 41.46
N LEU A 1529 12.94 39.74 41.08
CA LEU A 1529 14.23 39.37 41.62
C LEU A 1529 14.31 39.72 43.10
N GLN A 1530 13.69 40.83 43.49
CA GLN A 1530 13.68 41.22 44.88
C GLN A 1530 12.83 40.26 45.71
N GLU A 1531 11.79 39.72 45.11
CA GLU A 1531 10.96 38.76 45.81
C GLU A 1531 11.75 37.49 46.08
N PHE A 1532 12.64 37.15 45.16
CA PHE A 1532 13.46 35.95 45.31
C PHE A 1532 14.50 36.15 46.38
N THR A 1533 15.10 37.33 46.41
CA THR A 1533 16.18 37.60 47.36
C THR A 1533 15.65 38.12 48.68
N ARG A 1534 14.34 38.36 48.78
CA ARG A 1534 13.76 38.94 50.00
C ARG A 1534 14.34 38.49 51.35
N HIS A 1535 14.33 37.19 51.62
CA HIS A 1535 14.84 36.69 52.89
C HIS A 1535 16.29 37.09 53.11
N HIS A 1536 17.12 36.90 52.09
CA HIS A 1536 18.54 37.24 52.20
C HIS A 1536 18.71 38.74 52.34
N GLY A 1537 17.87 39.52 51.65
CA GLY A 1537 17.94 40.96 51.74
C GLY A 1537 17.69 41.45 53.16
N THR A 1538 16.71 40.86 53.84
CA THR A 1538 16.42 41.25 55.22
C THR A 1538 17.46 40.71 56.17
N MET A 1539 18.14 39.64 55.80
CA MET A 1539 19.22 39.12 56.63
C MET A 1539 20.44 40.00 56.44
N SER A 1540 20.46 40.75 55.35
CA SER A 1540 21.57 41.66 55.10
C SER A 1540 21.19 43.08 55.53
N ASP A 1541 20.13 43.20 56.30
CA ASP A 1541 19.73 44.50 56.80
C ASP A 1541 19.90 44.48 58.29
N VAL A 1542 19.86 43.27 58.85
CA VAL A 1542 20.07 43.14 60.29
C VAL A 1542 21.53 42.85 60.51
N LEU A 1543 22.26 42.62 59.44
CA LEU A 1543 23.68 42.32 59.56
C LEU A 1543 24.51 43.17 58.64
N ARG A 1544 24.28 43.07 57.34
CA ARG A 1544 25.13 43.78 56.38
C ARG A 1544 24.87 45.27 56.27
N ALA A 1545 23.73 45.74 56.78
CA ALA A 1545 23.52 47.18 56.79
C ALA A 1545 24.50 47.74 57.79
N GLU A 1546 24.73 47.02 58.89
CA GLU A 1546 25.72 47.44 59.86
C GLU A 1546 27.05 46.72 59.64
N ARG A 1547 27.27 46.21 58.42
CA ARG A 1547 28.54 45.55 58.11
C ARG A 1547 29.25 46.20 56.94
N TYR A 1548 28.96 45.72 55.74
CA TYR A 1548 29.63 46.26 54.56
C TYR A 1548 29.25 47.73 54.37
N LEU A 1549 30.22 48.55 54.02
CA LEU A 1549 29.96 49.98 53.87
C LEU A 1549 30.76 50.60 52.74
N LEU A 1550 32.06 50.74 52.94
CA LEU A 1550 32.93 51.37 51.94
C LEU A 1550 32.34 52.63 51.34
N THR A 1551 32.23 53.69 52.13
CA THR A 1551 31.74 54.96 51.63
C THR A 1551 32.51 56.01 52.38
N GLN A 1552 32.96 55.67 53.57
CA GLN A 1552 33.73 56.60 54.38
C GLN A 1552 34.98 57.01 53.63
N GLU A 1553 35.14 58.31 53.39
CA GLU A 1553 36.27 58.78 52.60
C GLU A 1553 37.40 59.38 53.42
N LEU A 1554 38.07 60.37 52.86
CA LEU A 1554 39.16 61.07 53.56
C LEU A 1554 40.25 60.18 54.14
N LEU A 1555 40.63 60.41 55.38
CA LEU A 1555 41.73 59.66 55.98
C LEU A 1555 41.32 58.31 56.53
N GLN A 1556 41.50 58.11 57.83
CA GLN A 1556 41.18 56.83 58.44
C GLN A 1556 39.84 56.89 59.15
N GLY A 1557 39.56 55.91 60.00
CA GLY A 1557 38.32 55.90 60.75
C GLY A 1557 38.56 56.24 62.21
N GLY A 1558 37.86 57.26 62.71
CA GLY A 1558 38.03 57.67 64.10
C GLY A 1558 37.44 56.67 65.07
N GLU A 1559 36.11 56.62 65.15
CA GLU A 1559 35.47 55.61 66.00
C GLU A 1559 35.37 54.34 65.17
N VAL A 1560 36.43 53.55 65.17
CA VAL A 1560 36.47 52.35 64.32
C VAL A 1560 35.24 51.47 64.37
N HIS A 1561 34.96 50.86 65.52
CA HIS A 1561 33.85 49.92 65.59
C HIS A 1561 32.48 50.58 65.70
N ARG A 1562 32.45 51.78 66.26
CA ARG A 1562 31.18 52.49 66.39
C ARG A 1562 30.70 52.99 65.04
N GLY A 1563 31.62 53.14 64.09
CA GLY A 1563 31.24 53.59 62.77
C GLY A 1563 30.77 52.49 61.85
N VAL A 1564 30.65 51.26 62.35
CA VAL A 1564 30.14 50.17 61.53
C VAL A 1564 29.10 49.30 62.22
N LEU A 1565 29.53 48.43 63.12
CA LEU A 1565 28.60 47.49 63.74
C LEU A 1565 27.51 48.17 64.55
N ASP A 1566 27.84 49.28 65.18
CA ASP A 1566 26.83 50.01 65.93
C ASP A 1566 26.42 51.26 65.18
N GLN A 1567 25.82 51.09 64.01
CA GLN A 1567 25.47 52.26 63.20
C GLN A 1567 23.99 52.38 62.89
N LEU A 1568 23.63 53.37 62.07
CA LEU A 1568 22.22 53.60 61.71
C LEU A 1568 21.28 53.47 62.88
N ALA A 1645 13.10 37.48 65.16
CA ALA A 1645 14.56 37.51 65.06
C ALA A 1645 14.98 37.75 63.62
N SER A 1646 14.23 37.19 62.68
CA SER A 1646 14.55 37.38 61.27
C SER A 1646 14.40 38.85 60.93
N GLU A 1647 13.23 39.41 61.19
CA GLU A 1647 13.01 40.82 60.93
C GLU A 1647 13.08 41.56 62.24
N LEU A 1648 14.22 42.20 62.50
CA LEU A 1648 14.38 42.92 63.75
C LEU A 1648 13.90 44.35 63.62
N LEU A 1649 13.76 45.04 64.74
CA LEU A 1649 13.27 46.40 64.73
C LEU A 1649 14.40 47.38 64.96
N LEU A 1650 14.12 48.46 65.68
CA LEU A 1650 15.16 49.45 65.97
C LEU A 1650 15.85 49.14 67.29
N ASP A 1651 16.17 47.87 67.52
CA ASP A 1651 16.84 47.46 68.74
C ASP A 1651 18.18 48.15 68.85
N ARG A 1652 18.89 48.26 67.73
CA ARG A 1652 20.18 48.92 67.73
C ARG A 1652 20.01 50.43 67.64
N ARG A 1653 19.86 50.93 66.42
CA ARG A 1653 19.74 52.38 66.24
C ARG A 1653 18.61 52.69 65.27
N LEU A 1654 18.48 53.97 64.92
CA LEU A 1654 17.44 54.37 63.97
C LEU A 1654 17.99 54.53 62.59
N ARG A 1655 18.35 55.76 62.22
CA ARG A 1655 18.91 56.02 60.90
C ARG A 1655 19.85 57.19 61.05
N ILE A 1656 20.47 57.33 62.22
CA ILE A 1656 21.31 58.50 62.49
C ILE A 1656 22.35 58.87 61.41
N PRO A 1657 23.26 57.94 61.03
CA PRO A 1657 24.16 58.32 59.94
C PRO A 1657 23.55 57.98 58.59
N GLU A 1658 22.34 58.46 58.29
CA GLU A 1658 21.68 58.23 57.01
C GLU A 1658 21.51 56.79 56.58
N LEU A 1659 20.37 56.20 56.90
CA LEU A 1659 20.10 54.83 56.44
C LEU A 1659 20.05 54.86 54.93
N GLU A 1660 19.44 55.90 54.39
CA GLU A 1660 19.31 56.00 52.94
C GLU A 1660 20.54 56.55 52.25
N GLU A 1661 21.70 56.53 52.90
CA GLU A 1661 22.92 56.95 52.23
C GLU A 1661 23.14 55.95 51.11
N ALA A 1662 23.00 54.68 51.43
CA ALA A 1662 23.15 53.65 50.42
C ALA A 1662 21.99 53.74 49.44
N GLU A 1663 20.78 53.94 49.95
CA GLU A 1663 19.61 53.98 49.09
C GLU A 1663 19.47 55.24 48.25
N LEU A 1664 20.42 56.14 48.37
CA LEU A 1664 20.39 57.37 47.58
C LEU A 1664 20.59 57.05 46.12
N PHE A 1665 21.82 56.72 45.77
CA PHE A 1665 22.14 56.42 44.37
C PHE A 1665 21.49 55.11 43.93
N ALA A 1666 21.26 54.20 44.88
CA ALA A 1666 20.63 52.94 44.54
C ALA A 1666 19.26 53.15 43.95
N GLU A 1667 18.44 53.94 44.63
CA GLU A 1667 17.09 54.21 44.12
C GLU A 1667 17.14 55.32 43.10
N GLY A 1668 18.23 56.09 43.09
CA GLY A 1668 18.38 57.15 42.11
C GLY A 1668 18.31 56.53 40.73
N GLN A 1669 19.08 55.46 40.52
CA GLN A 1669 18.98 54.77 39.24
C GLN A 1669 18.16 53.52 39.43
N GLY A 1670 16.84 53.68 39.49
CA GLY A 1670 15.95 52.54 39.64
C GLY A 1670 15.82 51.77 38.35
N ARG A 1671 16.28 52.35 37.25
CA ARG A 1671 16.27 51.66 35.98
C ARG A 1671 17.69 51.26 35.70
N ALA A 1672 17.90 50.26 34.82
CA ALA A 1672 19.24 49.80 34.45
C ALA A 1672 20.14 49.33 35.60
N LEU A 1673 20.81 50.24 36.29
CA LEU A 1673 21.64 49.89 37.43
C LEU A 1673 20.94 48.97 38.41
N ARG A 1674 19.71 49.31 38.79
CA ARG A 1674 18.99 48.51 39.75
C ARG A 1674 18.64 47.12 39.25
N LEU A 1675 18.49 46.94 37.95
CA LEU A 1675 18.26 45.61 37.40
C LEU A 1675 19.46 44.75 37.73
N LEU A 1676 20.66 45.25 37.45
CA LEU A 1676 21.87 44.49 37.74
C LEU A 1676 22.09 44.33 39.24
N ARG A 1677 21.64 45.30 40.04
CA ARG A 1677 21.76 45.18 41.48
C ARG A 1677 20.88 44.05 41.95
N ALA A 1678 19.69 43.95 41.40
CA ALA A 1678 18.78 42.86 41.78
C ALA A 1678 19.33 41.53 41.32
N VAL A 1679 19.93 41.50 40.13
CA VAL A 1679 20.54 40.26 39.65
C VAL A 1679 21.61 39.78 40.63
N TYR A 1680 22.48 40.68 41.06
CA TYR A 1680 23.54 40.27 41.98
C TYR A 1680 22.97 39.74 43.27
N GLN A 1681 21.97 40.41 43.81
CA GLN A 1681 21.39 39.96 45.06
C GLN A 1681 20.82 38.57 44.93
N CYS A 1682 20.20 38.27 43.79
CA CYS A 1682 19.67 36.94 43.56
C CYS A 1682 20.78 35.91 43.58
N VAL A 1683 21.86 36.16 42.84
CA VAL A 1683 22.94 35.18 42.76
C VAL A 1683 23.77 35.11 44.04
N ALA A 1684 23.65 36.11 44.90
CA ALA A 1684 24.36 36.05 46.17
C ALA A 1684 23.54 35.19 47.09
N ALA A 1685 22.22 35.31 46.99
CA ALA A 1685 21.34 34.49 47.81
C ALA A 1685 21.43 33.06 47.35
N HIS A 1686 21.20 32.83 46.06
CA HIS A 1686 21.21 31.49 45.52
C HIS A 1686 22.53 31.18 44.85
N SER A 1687 23.61 31.19 45.63
CA SER A 1687 24.92 30.91 45.08
C SER A 1687 25.11 29.42 45.00
N GLU A 1688 24.46 28.68 45.89
CA GLU A 1688 24.53 27.23 45.85
C GLU A 1688 23.97 26.74 44.55
N LEU A 1689 22.84 27.31 44.16
CA LEU A 1689 22.19 26.89 42.93
C LEU A 1689 23.00 27.32 41.73
N LEU A 1690 23.68 28.46 41.83
CA LEU A 1690 24.53 28.90 40.73
C LEU A 1690 25.64 27.90 40.51
N CYS A 1691 26.27 27.44 41.59
CA CYS A 1691 27.33 26.44 41.46
C CYS A 1691 26.82 25.22 40.75
N TYR A 1692 25.67 24.72 41.16
CA TYR A 1692 25.12 23.52 40.55
C TYR A 1692 24.89 23.71 39.07
N PHE A 1693 24.34 24.85 38.69
CA PHE A 1693 24.11 25.12 37.29
C PHE A 1693 25.42 25.08 36.50
N ILE A 1694 26.44 25.74 37.01
CA ILE A 1694 27.72 25.77 36.30
C ILE A 1694 28.29 24.38 36.14
N ILE A 1695 28.24 23.54 37.17
CA ILE A 1695 28.85 22.23 37.05
C ILE A 1695 28.14 21.32 36.05
N ILE A 1696 26.82 21.42 35.92
CA ILE A 1696 26.14 20.61 34.92
C ILE A 1696 26.25 21.24 33.54
N LEU A 1697 26.59 22.52 33.48
CA LEU A 1697 26.79 23.17 32.20
C LEU A 1697 28.19 22.84 31.72
N ASN A 1698 29.08 22.52 32.65
CA ASN A 1698 30.41 22.11 32.25
C ASN A 1698 30.29 20.73 31.63
N HIS A 1699 29.40 19.90 32.15
CA HIS A 1699 29.20 18.60 31.54
C HIS A 1699 28.44 18.67 30.22
N MET A 1700 27.88 19.83 29.92
CA MET A 1700 27.21 20.00 28.64
C MET A 1700 28.15 20.58 27.61
N VAL A 1701 29.26 21.16 28.06
CA VAL A 1701 30.24 21.67 27.11
C VAL A 1701 31.46 20.75 26.94
N THR A 1702 31.77 19.97 27.97
CA THR A 1702 32.88 19.02 27.88
C THR A 1702 32.40 17.68 28.41
N ALA A 1703 33.10 16.60 28.12
CA ALA A 1703 32.60 15.28 28.54
C ALA A 1703 33.64 14.32 29.11
N SER A 1704 33.27 13.05 29.21
CA SER A 1704 34.17 11.99 29.77
C SER A 1704 34.65 12.21 31.20
N ALA A 1705 35.95 12.17 31.41
CA ALA A 1705 36.49 12.38 32.75
C ALA A 1705 36.27 13.81 33.17
N GLY A 1706 36.24 14.73 32.19
CA GLY A 1706 35.91 16.11 32.49
C GLY A 1706 34.46 16.02 32.90
N SER A 1707 34.10 16.59 34.04
CA SER A 1707 32.74 16.47 34.57
C SER A 1707 32.44 15.02 34.83
N LEU A 1708 31.16 14.62 34.79
CA LEU A 1708 30.76 13.24 35.12
C LEU A 1708 31.35 12.70 36.42
N VAL A 1709 31.80 13.57 37.31
CA VAL A 1709 32.35 13.17 38.60
C VAL A 1709 31.66 14.16 39.48
N LEU A 1710 31.83 15.43 39.15
CA LEU A 1710 31.14 16.47 39.91
C LEU A 1710 29.64 16.51 39.67
N PRO A 1711 29.18 16.41 38.40
CA PRO A 1711 27.71 16.34 38.26
C PRO A 1711 27.10 15.16 38.99
N VAL A 1712 27.74 14.00 38.93
CA VAL A 1712 27.24 12.86 39.67
C VAL A 1712 27.20 13.19 41.16
N LEU A 1713 28.27 13.76 41.69
CA LEU A 1713 28.31 14.12 43.09
C LEU A 1713 27.32 15.21 43.48
N VAL A 1714 26.98 16.09 42.55
CA VAL A 1714 25.99 17.11 42.85
C VAL A 1714 24.67 16.44 43.08
N PHE A 1715 24.31 15.50 42.20
CA PHE A 1715 23.04 14.82 42.31
C PHE A 1715 22.99 13.83 43.46
N LEU A 1716 24.10 13.19 43.78
CA LEU A 1716 24.08 12.13 44.79
C LEU A 1716 24.61 12.48 46.18
N TRP A 1717 25.31 13.59 46.31
CA TRP A 1717 25.88 13.95 47.60
C TRP A 1717 25.36 15.30 48.04
N ALA A 1718 25.57 16.32 47.23
CA ALA A 1718 25.17 17.65 47.64
C ALA A 1718 23.69 17.78 47.83
N MET A 1719 22.92 17.41 46.81
CA MET A 1719 21.48 17.58 46.88
C MET A 1719 20.81 16.51 47.72
N LEU A 1720 21.54 15.47 48.07
CA LEU A 1720 20.98 14.45 48.94
C LEU A 1720 21.72 14.54 50.25
N SER A 1721 21.50 15.63 50.98
CA SER A 1721 22.23 15.83 52.23
C SER A 1721 21.43 16.53 53.30
N ILE A 1722 21.98 16.58 54.50
CA ILE A 1722 21.33 17.31 55.58
C ILE A 1722 21.40 18.74 55.16
N PRO A 1723 20.29 19.48 55.18
CA PRO A 1723 20.26 20.85 54.68
C PRO A 1723 21.36 21.30 53.73
N ARG A 1724 22.26 22.16 54.20
CA ARG A 1724 23.34 22.66 53.35
C ARG A 1724 24.32 21.54 53.11
N PRO A 1725 24.63 21.22 51.84
CA PRO A 1725 25.54 20.12 51.47
C PRO A 1725 26.51 19.68 52.54
N SER A 1726 27.64 20.37 52.67
CA SER A 1726 28.62 20.07 53.73
C SER A 1726 29.69 21.12 53.61
N LYS A 1727 30.93 20.72 53.83
CA LYS A 1727 32.04 21.64 53.66
C LYS A 1727 32.96 20.82 52.80
N ARG A 1728 32.96 19.52 53.04
CA ARG A 1728 33.79 18.64 52.27
C ARG A 1728 33.33 18.57 50.83
N PHE A 1729 32.02 18.66 50.57
CA PHE A 1729 31.59 18.68 49.18
C PHE A 1729 32.20 19.86 48.48
N TRP A 1730 32.05 21.04 49.05
CA TRP A 1730 32.53 22.23 48.38
C TRP A 1730 34.03 22.17 48.24
N MET A 1731 34.72 21.64 49.24
CA MET A 1731 36.15 21.50 49.14
C MET A 1731 36.55 20.56 48.01
N THR A 1732 35.91 19.38 47.95
CA THR A 1732 36.21 18.44 46.88
C THR A 1732 35.87 18.99 45.52
N ALA A 1733 34.83 19.80 45.43
CA ALA A 1733 34.49 20.42 44.17
C ALA A 1733 35.60 21.34 43.72
N ILE A 1734 36.03 22.22 44.61
CA ILE A 1734 37.13 23.12 44.29
C ILE A 1734 38.36 22.31 43.92
N VAL A 1735 38.71 21.31 44.73
CA VAL A 1735 39.88 20.50 44.46
C VAL A 1735 39.81 19.80 43.10
N PHE A 1736 38.70 19.14 42.80
CA PHE A 1736 38.58 18.46 41.51
C PHE A 1736 38.71 19.44 40.37
N THR A 1737 38.04 20.59 40.46
CA THR A 1737 38.10 21.56 39.39
C THR A 1737 39.52 22.07 39.19
N GLU A 1738 40.25 22.27 40.28
CA GLU A 1738 41.63 22.71 40.17
C GLU A 1738 42.48 21.63 39.54
N ILE A 1739 42.34 20.39 40.01
CA ILE A 1739 43.09 19.29 39.44
C ILE A 1739 42.80 19.17 37.95
N ALA A 1740 41.54 19.22 37.58
CA ALA A 1740 41.16 19.14 36.17
C ALA A 1740 41.84 20.23 35.38
N VAL A 1741 41.84 21.46 35.89
CA VAL A 1741 42.52 22.55 35.22
C VAL A 1741 44.00 22.25 35.05
N VAL A 1742 44.66 21.85 36.12
CA VAL A 1742 46.08 21.54 36.06
C VAL A 1742 46.38 20.45 35.03
N VAL A 1743 45.63 19.35 35.03
CA VAL A 1743 45.95 18.26 34.11
C VAL A 1743 45.55 18.58 32.67
N LYS A 1744 44.59 19.47 32.47
CA LYS A 1744 44.23 19.87 31.11
C LYS A 1744 45.28 20.84 30.63
N TYR A 1745 45.95 21.53 31.55
CA TYR A 1745 47.02 22.44 31.18
C TYR A 1745 48.24 21.61 30.84
N LEU A 1746 48.41 20.47 31.50
CA LEU A 1746 49.53 19.59 31.18
C LEU A 1746 49.17 18.73 29.99
N PHE A 1747 48.01 18.95 29.39
CA PHE A 1747 47.58 18.20 28.21
C PHE A 1747 47.80 16.70 28.32
N THR A 1779 43.71 15.29 25.36
CA THR A 1779 43.09 16.59 25.23
C THR A 1779 44.12 17.66 24.90
N ASP A 1780 43.85 18.47 23.88
CA ASP A 1780 44.74 19.57 23.55
C ASP A 1780 43.93 20.81 23.26
N GLY A 1781 44.51 21.98 23.46
CA GLY A 1781 43.76 23.22 23.29
C GLY A 1781 42.64 23.20 24.31
N TYR A 1782 42.99 22.99 25.58
CA TYR A 1782 41.97 22.87 26.63
C TYR A 1782 41.07 24.09 26.79
N ILE A 1783 39.80 23.84 27.09
CA ILE A 1783 38.89 24.94 27.31
C ILE A 1783 38.83 25.24 28.79
N LYS A 1784 38.47 26.48 29.11
CA LYS A 1784 38.40 26.85 30.50
C LYS A 1784 37.03 27.29 30.95
N TYR A 1785 36.12 26.33 31.12
CA TYR A 1785 34.80 26.65 31.66
C TYR A 1785 35.00 26.34 33.12
N ASP A 1786 36.18 25.82 33.45
CA ASP A 1786 36.50 25.53 34.83
C ASP A 1786 36.99 26.80 35.50
N LEU A 1787 37.12 27.88 34.75
CA LEU A 1787 37.49 29.15 35.37
C LEU A 1787 36.23 29.62 36.04
N VAL A 1788 35.15 29.74 35.27
CA VAL A 1788 33.90 30.20 35.83
C VAL A 1788 33.36 29.20 36.87
N GLN A 1789 33.79 27.95 36.81
CA GLN A 1789 33.39 26.98 37.81
C GLN A 1789 34.12 27.26 39.11
N LEU A 1790 35.44 27.32 39.06
CA LEU A 1790 36.22 27.52 40.26
C LEU A 1790 35.85 28.83 40.93
N MET A 1791 35.65 29.87 40.14
CA MET A 1791 35.34 31.16 40.71
C MET A 1791 33.94 31.25 41.29
N ALA A 1792 32.99 30.48 40.76
CA ALA A 1792 31.66 30.46 41.35
C ALA A 1792 31.68 29.63 42.61
N LEU A 1793 32.52 28.60 42.65
CA LEU A 1793 32.61 27.76 43.82
C LEU A 1793 33.36 28.45 44.95
N PHE A 1794 34.14 29.48 44.59
CA PHE A 1794 34.83 30.25 45.62
C PHE A 1794 33.98 31.43 46.02
N PHE A 1795 33.00 31.77 45.19
CA PHE A 1795 32.08 32.85 45.53
C PHE A 1795 31.13 32.31 46.56
N HIS A 1796 30.63 31.10 46.34
CA HIS A 1796 29.72 30.49 47.30
C HIS A 1796 30.43 30.30 48.61
N ARG A 1797 31.69 29.90 48.58
CA ARG A 1797 32.46 29.76 49.80
C ARG A 1797 32.47 31.07 50.57
N SER A 1798 32.65 32.19 49.89
CA SER A 1798 32.63 33.49 50.54
C SER A 1798 31.26 33.81 51.11
N GLN A 1799 30.20 33.46 50.39
CA GLN A 1799 28.86 33.70 50.88
C GLN A 1799 28.57 32.90 52.14
N LEU A 1800 29.03 31.65 52.19
CA LEU A 1800 28.79 30.82 53.36
C LEU A 1800 29.78 31.10 54.48
N LEU A 1801 30.86 31.80 54.19
CA LEU A 1801 31.80 32.17 55.24
C LEU A 1801 31.19 33.31 56.00
N CYS A 1802 30.53 34.22 55.28
CA CYS A 1802 29.89 35.36 55.92
C CYS A 1802 28.63 34.93 56.65
N TYR A 1803 28.03 33.83 56.21
CA TYR A 1803 26.81 33.30 56.84
C TYR A 1803 25.75 34.36 57.08
N ARG A 1940 32.91 2.15 55.52
CA ARG A 1940 31.50 1.90 55.85
C ARG A 1940 30.78 2.74 56.96
N PRO A 1941 31.40 3.82 57.50
CA PRO A 1941 30.61 4.52 58.53
C PRO A 1941 29.95 5.81 58.06
N LEU A 1942 30.73 6.71 57.49
CA LEU A 1942 30.20 8.01 57.04
C LEU A 1942 29.07 7.83 56.04
N ARG A 1943 29.24 6.91 55.10
CA ARG A 1943 28.20 6.65 54.12
C ARG A 1943 26.92 6.21 54.80
N ARG A 1944 27.05 5.34 55.80
CA ARG A 1944 25.89 4.86 56.54
C ARG A 1944 25.20 6.02 57.22
N PHE A 1945 25.96 6.93 57.80
CA PHE A 1945 25.38 8.09 58.46
C PHE A 1945 24.63 8.97 57.46
N PHE A 1946 25.19 9.16 56.28
CA PHE A 1946 24.53 9.96 55.26
C PHE A 1946 23.18 9.34 54.93
N HIS A 1947 23.18 8.03 54.68
CA HIS A 1947 21.94 7.37 54.31
C HIS A 1947 20.93 7.37 55.43
N ASP A 1948 21.40 7.20 56.67
CA ASP A 1948 20.49 7.24 57.80
C ASP A 1948 19.82 8.60 57.87
N ILE A 1949 20.60 9.65 57.69
CA ILE A 1949 20.04 10.99 57.80
C ILE A 1949 19.28 11.41 56.54
N LEU A 1950 19.24 10.54 55.54
CA LEU A 1950 18.44 10.84 54.35
C LEU A 1950 17.16 10.07 54.44
N HIS A 1951 17.10 9.11 55.36
CA HIS A 1951 15.91 8.31 55.51
C HIS A 1951 15.14 8.67 56.77
N THR A 1952 15.78 8.53 57.92
CA THR A 1952 15.11 8.84 59.18
C THR A 1952 14.93 10.34 59.36
N LYS A 1953 16.01 11.11 59.34
CA LYS A 1953 15.98 12.58 59.49
C LYS A 1953 14.94 13.26 60.38
N TYR A 1954 14.55 14.48 59.99
CA TYR A 1954 13.55 15.26 60.76
C TYR A 1954 13.15 16.42 59.87
N ARG A 1955 12.87 16.15 58.60
CA ARG A 1955 12.57 17.25 57.68
C ARG A 1955 11.08 17.51 57.45
N ALA A 1956 10.75 18.30 56.45
CA ALA A 1956 9.35 18.65 56.19
C ALA A 1956 8.61 17.66 55.30
N ALA A 1957 7.91 18.17 54.29
CA ALA A 1957 7.16 17.29 53.40
C ALA A 1957 6.56 18.04 52.24
N THR A 1958 6.99 17.71 51.02
CA THR A 1958 6.50 18.40 49.84
C THR A 1958 6.10 17.41 48.79
N ASP A 1959 5.24 17.83 47.87
CA ASP A 1959 4.84 16.94 46.78
C ASP A 1959 5.30 17.57 45.48
N VAL A 1960 6.47 17.16 45.02
CA VAL A 1960 6.99 17.71 43.78
C VAL A 1960 6.90 16.68 42.66
N TYR A 1961 6.00 15.71 42.79
CA TYR A 1961 5.82 14.72 41.73
C TYR A 1961 5.31 15.35 40.47
N ALA A 1962 4.36 16.27 40.60
CA ALA A 1962 3.83 16.96 39.43
C ALA A 1962 4.96 17.50 38.60
N LEU A 1963 5.88 18.22 39.22
CA LEU A 1963 6.98 18.83 38.49
C LEU A 1963 7.97 17.81 37.96
N MET A 1964 8.22 16.74 38.70
CA MET A 1964 9.11 15.69 38.23
C MET A 1964 8.54 15.05 37.00
N PHE A 1965 7.24 14.81 37.00
CA PHE A 1965 6.60 14.18 35.87
C PHE A 1965 6.60 15.10 34.68
N LEU A 1966 6.39 16.39 34.92
CA LEU A 1966 6.42 17.34 33.84
C LEU A 1966 7.79 17.40 33.20
N ALA A 1967 8.85 17.30 34.01
CA ALA A 1967 10.19 17.28 33.46
C ALA A 1967 10.36 16.08 32.57
N ASP A 1968 9.89 14.93 33.04
CA ASP A 1968 9.98 13.72 32.24
C ASP A 1968 9.12 13.75 30.99
N VAL A 1969 8.02 14.49 31.03
CA VAL A 1969 7.19 14.62 29.85
C VAL A 1969 7.93 15.44 28.82
N VAL A 1970 8.56 16.53 29.25
CA VAL A 1970 9.37 17.33 28.32
C VAL A 1970 10.48 16.47 27.75
N ASP A 1971 11.13 15.67 28.60
CA ASP A 1971 12.18 14.78 28.12
C ASP A 1971 11.64 13.85 27.05
N PHE A 1972 10.52 13.20 27.33
CA PHE A 1972 9.91 12.32 26.35
C PHE A 1972 9.66 13.06 25.06
N ILE A 1973 9.04 14.23 25.15
CA ILE A 1973 8.74 15.02 23.97
C ILE A 1973 9.98 15.27 23.12
N ILE A 1974 11.08 15.72 23.74
CA ILE A 1974 12.25 16.04 22.93
C ILE A 1974 12.95 14.80 22.39
N ILE A 1975 12.79 13.65 23.05
CA ILE A 1975 13.37 12.43 22.49
C ILE A 1975 12.51 11.96 21.34
N ILE A 1976 11.20 12.04 21.48
CA ILE A 1976 10.32 11.68 20.37
C ILE A 1976 10.65 12.58 19.19
N PHE A 1977 10.69 13.90 19.41
CA PHE A 1977 11.02 14.84 18.34
C PHE A 1977 12.42 14.55 17.81
N GLY A 1978 13.32 14.12 18.68
CA GLY A 1978 14.67 13.82 18.26
C GLY A 1978 14.84 12.42 17.73
N PHE A 1979 14.07 12.03 16.72
CA PHE A 1979 14.28 10.73 16.10
C PHE A 1979 15.62 10.78 15.42
N TRP A 1980 15.97 11.93 14.85
CA TRP A 1980 17.28 12.11 14.23
C TRP A 1980 18.39 11.87 15.25
N GLN A 1999 21.13 2.99 13.12
CA GLN A 1999 21.55 2.97 14.52
C GLN A 1999 20.81 4.03 15.31
N VAL A 2000 20.68 5.23 14.74
CA VAL A 2000 19.92 6.29 15.41
C VAL A 2000 18.45 5.96 15.70
N PRO A 2001 17.71 5.37 14.72
CA PRO A 2001 16.34 5.01 15.12
C PRO A 2001 16.34 4.05 16.30
N GLU A 2002 17.19 3.03 16.26
CA GLU A 2002 17.28 2.07 17.36
C GLU A 2002 17.59 2.76 18.68
N ALA A 2003 18.51 3.70 18.67
CA ALA A 2003 18.87 4.42 19.89
C ALA A 2003 17.70 5.22 20.42
N PHE A 2004 17.00 5.92 19.54
CA PHE A 2004 15.87 6.73 19.96
C PHE A 2004 14.73 5.84 20.47
N LEU A 2005 14.60 4.65 19.91
CA LEU A 2005 13.57 3.73 20.36
C LEU A 2005 13.90 3.15 21.72
N VAL A 2006 15.18 2.92 21.99
CA VAL A 2006 15.57 2.43 23.31
C VAL A 2006 15.36 3.54 24.33
N MET A 2007 15.66 4.77 23.96
CA MET A 2007 15.48 5.89 24.87
C MET A 2007 14.00 6.10 25.15
N LEU A 2008 13.15 5.76 24.19
CA LEU A 2008 11.72 5.88 24.40
C LEU A 2008 11.32 4.89 25.46
N LEU A 2009 11.60 3.62 25.23
CA LEU A 2009 11.27 2.59 26.20
C LEU A 2009 11.80 3.01 27.55
N ILE A 2010 12.94 3.67 27.59
CA ILE A 2010 13.54 4.04 28.86
C ILE A 2010 12.74 5.13 29.56
N GLN A 2011 12.59 6.28 28.94
CA GLN A 2011 11.77 7.33 29.53
C GLN A 2011 10.50 6.70 30.09
N PHE A 2012 9.86 5.86 29.30
CA PHE A 2012 8.59 5.28 29.74
C PHE A 2012 8.77 4.44 30.99
N SER A 2013 9.69 3.48 30.95
CA SER A 2013 9.88 2.61 32.10
C SER A 2013 10.21 3.41 33.35
N THR A 2014 11.02 4.45 33.23
CA THR A 2014 11.42 5.21 34.39
C THR A 2014 10.24 5.98 34.97
N MET A 2015 9.39 6.52 34.10
CA MET A 2015 8.19 7.21 34.56
C MET A 2015 7.27 6.26 35.32
N VAL A 2016 7.16 5.03 34.85
CA VAL A 2016 6.33 4.04 35.52
C VAL A 2016 6.89 3.72 36.90
N VAL A 2017 8.20 3.53 36.99
CA VAL A 2017 8.82 3.24 38.27
C VAL A 2017 8.64 4.41 39.21
N ASP A 2018 8.77 5.63 38.69
CA ASP A 2018 8.56 6.80 39.52
C ASP A 2018 7.16 6.82 40.11
N ARG A 2019 6.16 6.53 39.29
CA ARG A 2019 4.78 6.50 39.77
C ARG A 2019 4.63 5.48 40.88
N ALA A 2020 5.24 4.32 40.70
CA ALA A 2020 5.18 3.31 41.73
C ALA A 2020 5.69 3.82 43.06
N LEU A 2021 6.89 4.38 43.07
CA LEU A 2021 7.47 4.85 44.32
C LEU A 2021 6.71 6.01 44.94
N TYR A 2022 6.05 6.80 44.10
CA TYR A 2022 5.27 7.92 44.60
C TYR A 2022 4.02 7.41 45.26
N LEU A 2023 3.34 6.48 44.62
CA LEU A 2023 2.10 5.96 45.17
C LEU A 2023 2.33 5.06 46.35
N ARG A 2024 3.53 4.48 46.45
CA ARG A 2024 3.86 3.65 47.59
C ARG A 2024 4.63 4.44 48.61
N LYS A 2025 4.80 5.74 48.38
CA LYS A 2025 5.52 6.62 49.30
C LYS A 2025 6.81 6.03 49.83
N THR A 2026 7.70 5.64 48.93
CA THR A 2026 8.95 5.02 49.36
C THR A 2026 10.13 5.96 49.21
N VAL A 2027 10.65 6.46 50.31
CA VAL A 2027 11.81 7.33 50.25
C VAL A 2027 13.04 6.52 49.98
N LEU A 2028 13.10 5.31 50.52
CA LEU A 2028 14.24 4.44 50.29
C LEU A 2028 14.24 3.98 48.85
N GLY A 2029 13.06 3.73 48.32
CA GLY A 2029 12.95 3.31 46.94
C GLY A 2029 13.37 4.43 46.01
N LYS A 2030 12.97 5.65 46.35
CA LYS A 2030 13.34 6.79 45.53
C LYS A 2030 14.85 7.02 45.62
N LEU A 2031 15.44 6.80 46.79
CA LEU A 2031 16.88 6.93 46.92
C LEU A 2031 17.54 5.97 45.96
N ALA A 2032 17.16 4.71 46.03
CA ALA A 2032 17.76 3.71 45.16
C ALA A 2032 17.58 4.07 43.70
N PHE A 2033 16.37 4.42 43.31
CA PHE A 2033 16.09 4.78 41.93
C PHE A 2033 16.97 5.94 41.50
N GLN A 2034 17.01 7.00 42.30
CA GLN A 2034 17.83 8.15 41.96
C GLN A 2034 19.27 7.73 41.75
N VAL A 2035 19.85 7.00 42.70
CA VAL A 2035 21.25 6.59 42.58
C VAL A 2035 21.46 5.86 41.27
N ALA A 2036 20.67 4.82 41.04
CA ALA A 2036 20.80 4.05 39.82
C ALA A 2036 20.65 4.91 38.59
N LEU A 2037 19.58 5.70 38.53
CA LEU A 2037 19.33 6.51 37.35
C LEU A 2037 20.43 7.52 37.08
N VAL A 2038 20.93 8.19 38.11
CA VAL A 2038 22.00 9.15 37.93
C VAL A 2038 23.16 8.45 37.24
N LEU A 2039 23.64 7.36 37.82
CA LEU A 2039 24.77 6.65 37.24
C LEU A 2039 24.48 6.16 35.83
N ALA A 2040 23.30 5.61 35.61
CA ALA A 2040 22.98 5.04 34.30
C ALA A 2040 22.85 6.08 33.20
N ILE A 2041 22.27 7.23 33.52
CA ILE A 2041 22.08 8.27 32.52
C ILE A 2041 23.44 8.87 32.21
N HIS A 2042 24.29 8.98 33.23
CA HIS A 2042 25.63 9.49 33.01
C HIS A 2042 26.50 8.50 32.25
N LEU A 2043 26.19 7.21 32.33
CA LEU A 2043 26.93 6.21 31.59
C LEU A 2043 26.41 6.15 30.17
N TRP A 2044 25.19 6.59 29.96
CA TRP A 2044 24.64 6.63 28.61
C TRP A 2044 25.26 7.77 27.83
N MET A 2045 25.95 8.68 28.50
CA MET A 2045 26.66 9.74 27.80
C MET A 2045 27.87 9.11 27.13
N PHE A 2046 28.34 7.99 27.65
CA PHE A 2046 29.47 7.29 27.03
C PHE A 2046 29.01 6.47 25.83
N PHE A 2047 27.74 6.10 25.81
CA PHE A 2047 27.22 5.35 24.67
C PHE A 2047 26.60 6.32 23.67
N ILE A 2048 27.35 7.34 23.28
CA ILE A 2048 26.85 8.31 22.31
C ILE A 2048 26.74 7.69 20.94
N LEU A 2049 27.62 6.73 20.63
CA LEU A 2049 27.60 6.04 19.35
C LEU A 2049 26.24 5.39 19.13
N PRO A 2050 25.53 5.79 18.06
CA PRO A 2050 24.19 5.26 17.84
C PRO A 2050 24.19 4.02 16.96
N ASN A 2060 25.38 17.04 20.30
CA ASN A 2060 24.01 17.06 19.84
C ASN A 2060 23.16 17.95 20.73
N VAL A 2061 22.52 18.95 20.13
CA VAL A 2061 21.69 19.86 20.90
C VAL A 2061 20.52 19.16 21.55
N VAL A 2062 19.91 18.23 20.85
CA VAL A 2062 18.80 17.48 21.42
C VAL A 2062 19.26 16.73 22.67
N ALA A 2063 20.42 16.09 22.60
CA ALA A 2063 20.92 15.34 23.74
C ALA A 2063 21.35 16.26 24.87
N GLN A 2064 21.85 17.44 24.54
CA GLN A 2064 22.23 18.39 25.57
C GLN A 2064 20.99 18.83 26.31
N LEU A 2065 19.92 19.07 25.58
CA LEU A 2065 18.67 19.47 26.22
C LEU A 2065 18.07 18.34 27.00
N TRP A 2066 18.17 17.12 26.48
CA TRP A 2066 17.67 15.98 27.23
C TRP A 2066 18.43 15.85 28.55
N TYR A 2067 19.73 16.06 28.52
CA TYR A 2067 20.51 16.00 29.74
C TYR A 2067 20.04 17.09 30.67
N PHE A 2068 19.90 18.31 30.16
CA PHE A 2068 19.46 19.42 30.99
C PHE A 2068 18.14 19.18 31.68
N VAL A 2069 17.13 18.71 30.96
CA VAL A 2069 15.82 18.52 31.57
C VAL A 2069 15.87 17.33 32.52
N LYS A 2070 16.70 16.34 32.23
CA LYS A 2070 16.84 15.23 33.16
C LYS A 2070 17.56 15.70 34.41
N CYS A 2071 18.41 16.71 34.30
CA CYS A 2071 19.06 17.25 35.48
C CYS A 2071 18.05 17.92 36.37
N ILE A 2072 17.07 18.60 35.78
CA ILE A 2072 16.01 19.21 36.56
C ILE A 2072 15.21 18.12 37.25
N TYR A 2073 14.93 17.03 36.55
CA TYR A 2073 14.23 15.92 37.16
C TYR A 2073 15.02 15.36 38.34
N PHE A 2074 16.34 15.26 38.20
CA PHE A 2074 17.17 14.72 39.27
C PHE A 2074 17.21 15.67 40.45
N ALA A 2075 17.10 16.97 40.18
CA ALA A 2075 17.12 17.95 41.26
C ALA A 2075 15.82 17.94 42.04
N LEU A 2076 14.70 17.81 41.34
CA LEU A 2076 13.41 17.77 42.01
C LEU A 2076 13.21 16.42 42.67
N SER A 2077 13.83 15.38 42.13
CA SER A 2077 13.74 14.07 42.73
C SER A 2077 14.54 14.04 44.00
N ALA A 2078 15.73 14.63 43.96
CA ALA A 2078 16.57 14.69 45.13
C ALA A 2078 15.84 15.44 46.22
N TYR A 2079 15.09 16.47 45.83
CA TYR A 2079 14.32 17.21 46.82
C TYR A 2079 13.30 16.32 47.49
N GLN A 2080 12.54 15.54 46.72
CA GLN A 2080 11.57 14.62 47.30
C GLN A 2080 12.19 13.72 48.35
N ILE A 2081 13.37 13.17 48.05
CA ILE A 2081 14.00 12.25 48.99
C ILE A 2081 14.43 12.98 50.26
N ARG A 2082 15.04 14.14 50.11
CA ARG A 2082 15.53 14.86 51.28
C ARG A 2082 14.44 15.61 52.04
N CYS A 2083 13.23 15.68 51.50
CA CYS A 2083 12.15 16.31 52.23
C CYS A 2083 11.28 15.23 52.84
N GLY A 2084 10.72 14.36 52.00
CA GLY A 2084 9.87 13.30 52.48
C GLY A 2084 8.62 13.24 51.66
N TYR A 2085 7.76 12.28 51.93
CA TYR A 2085 6.50 12.17 51.20
C TYR A 2085 5.38 12.64 52.09
N PRO A 2086 4.50 13.51 51.57
CA PRO A 2086 3.41 14.05 52.39
C PRO A 2086 2.29 13.04 52.56
N THR A 2087 1.51 13.13 53.62
CA THR A 2087 0.46 12.15 53.88
C THR A 2087 -0.61 12.09 52.78
N ARG A 2088 -1.07 13.25 52.34
CA ARG A 2088 -2.08 13.29 51.30
C ARG A 2088 -1.44 13.30 49.91
N ILE A 2089 -1.30 12.12 49.31
CA ILE A 2089 -0.67 12.03 48.01
C ILE A 2089 -1.68 11.86 46.88
N LEU A 2090 -2.87 11.36 47.22
CA LEU A 2090 -3.88 11.11 46.19
C LEU A 2090 -4.58 12.38 45.75
N GLY A 2091 -5.07 12.40 44.53
CA GLY A 2091 -5.78 13.56 44.02
C GLY A 2091 -5.15 14.12 42.77
N ASN A 2092 -5.92 14.23 41.70
CA ASN A 2092 -5.38 14.70 40.43
C ASN A 2092 -4.95 16.15 40.52
N PHE A 2093 -3.77 16.45 40.03
CA PHE A 2093 -3.25 17.81 40.06
C PHE A 2093 -4.18 18.82 39.42
N LEU A 2094 -4.73 18.49 38.26
CA LEU A 2094 -5.58 19.44 37.55
C LEU A 2094 -7.03 19.46 38.00
N THR A 2095 -7.35 18.79 39.10
CA THR A 2095 -8.70 18.84 39.62
C THR A 2095 -8.75 19.51 40.96
N LYS A 2096 -7.73 20.29 41.27
CA LYS A 2096 -7.68 20.94 42.57
C LYS A 2096 -8.58 22.14 42.59
N LYS A 2097 -8.44 23.01 41.60
CA LYS A 2097 -9.31 24.17 41.52
C LYS A 2097 -10.35 23.90 40.46
N TYR A 2098 -11.41 24.69 40.46
CA TYR A 2098 -12.49 24.46 39.51
C TYR A 2098 -12.68 25.68 38.62
N ASN A 2099 -11.64 26.04 37.87
CA ASN A 2099 -11.71 27.22 37.03
C ASN A 2099 -11.91 26.86 35.58
N HIS A 2100 -11.26 27.62 34.70
CA HIS A 2100 -11.37 27.36 33.27
C HIS A 2100 -10.08 26.74 32.81
N LEU A 2101 -8.97 27.18 33.39
CA LEU A 2101 -7.68 26.62 33.03
C LEU A 2101 -7.62 25.17 33.45
N ASN A 2102 -8.05 24.88 34.68
CA ASN A 2102 -8.09 23.49 35.13
C ASN A 2102 -8.94 22.68 34.16
N LEU A 2103 -10.09 23.20 33.77
CA LEU A 2103 -10.96 22.50 32.83
C LEU A 2103 -10.22 22.16 31.56
N PHE A 2104 -9.60 23.16 30.93
CA PHE A 2104 -8.94 22.92 29.66
C PHE A 2104 -7.78 21.94 29.79
N LEU A 2105 -6.98 22.10 30.82
CA LEU A 2105 -5.86 21.20 31.02
C LEU A 2105 -6.32 19.77 31.23
N PHE A 2106 -7.37 19.58 32.02
CA PHE A 2106 -7.85 18.24 32.30
C PHE A 2106 -8.33 17.58 31.04
N GLN A 2107 -9.09 18.32 30.24
CA GLN A 2107 -9.60 17.77 28.99
C GLN A 2107 -8.47 17.43 28.06
N GLY A 2108 -7.41 18.24 28.05
CA GLY A 2108 -6.26 17.94 27.22
C GLY A 2108 -5.56 16.67 27.67
N PHE A 2109 -5.49 16.44 28.97
CA PHE A 2109 -4.87 15.24 29.49
C PHE A 2109 -5.69 14.05 29.03
N ARG A 2110 -7.01 14.21 29.02
CA ARG A 2110 -7.88 13.13 28.59
C ARG A 2110 -7.78 12.89 27.09
N LEU A 2111 -7.34 13.90 26.34
CA LEU A 2111 -7.19 13.75 24.90
C LEU A 2111 -5.88 13.09 24.49
N VAL A 2112 -4.89 13.08 25.38
CA VAL A 2112 -3.64 12.39 25.08
C VAL A 2112 -3.97 10.92 24.93
N PRO A 2113 -3.62 10.31 23.78
CA PRO A 2113 -3.96 8.90 23.50
C PRO A 2113 -4.14 7.94 24.67
N PHE A 2114 -3.10 7.63 25.41
CA PHE A 2114 -3.25 6.63 26.46
C PHE A 2114 -2.93 7.07 27.87
N LEU A 2115 -2.80 8.37 28.11
CA LEU A 2115 -2.41 8.80 29.45
C LEU A 2115 -3.49 8.45 30.47
N VAL A 2116 -4.73 8.77 30.17
CA VAL A 2116 -5.82 8.50 31.09
C VAL A 2116 -5.86 7.06 31.55
N GLU A 2117 -5.85 6.12 30.62
CA GLU A 2117 -5.94 4.72 30.96
C GLU A 2117 -4.70 4.23 31.70
N LEU A 2118 -3.53 4.67 31.29
CA LEU A 2118 -2.30 4.28 31.97
C LEU A 2118 -2.33 4.74 33.41
N ARG A 2119 -2.72 5.98 33.63
CA ARG A 2119 -2.81 6.50 34.98
C ARG A 2119 -3.69 5.62 35.83
N ALA A 2120 -4.89 5.30 35.33
CA ALA A 2120 -5.81 4.49 36.09
C ALA A 2120 -5.23 3.14 36.46
N VAL A 2121 -4.84 2.35 35.46
CA VAL A 2121 -4.32 1.02 35.74
C VAL A 2121 -3.14 1.10 36.69
N MET A 2122 -2.15 1.93 36.37
CA MET A 2122 -0.97 2.07 37.21
C MET A 2122 -1.35 2.36 38.64
N ASP A 2123 -2.10 3.43 38.87
CA ASP A 2123 -2.50 3.80 40.22
C ASP A 2123 -3.16 2.62 40.92
N TRP A 2124 -4.07 1.93 40.25
CA TRP A 2124 -4.74 0.77 40.85
C TRP A 2124 -3.76 -0.23 41.40
N VAL A 2125 -2.75 -0.57 40.59
CA VAL A 2125 -1.75 -1.56 40.97
C VAL A 2125 -0.95 -1.23 42.22
N TRP A 2126 -0.63 0.05 42.40
CA TRP A 2126 0.08 0.47 43.60
C TRP A 2126 -0.83 0.80 44.78
N THR A 2127 -1.79 1.70 44.58
CA THR A 2127 -2.71 2.10 45.66
C THR A 2127 -3.40 0.88 46.25
N ASP A 2128 -3.57 0.85 47.56
CA ASP A 2128 -4.25 -0.25 48.19
C ASP A 2128 -5.74 -0.08 48.04
N THR A 2129 -6.37 -0.97 47.29
CA THR A 2129 -7.81 -0.89 47.07
C THR A 2129 -8.46 -2.23 47.37
N THR A 2130 -9.78 -2.24 47.51
CA THR A 2130 -10.48 -3.50 47.69
C THR A 2130 -11.14 -3.80 46.39
N LEU A 2131 -11.29 -2.80 45.54
CA LEU A 2131 -12.01 -2.97 44.29
C LEU A 2131 -11.16 -3.49 43.15
N SER A 2132 -11.80 -4.05 42.14
CA SER A 2132 -11.07 -4.55 40.99
C SER A 2132 -10.85 -3.45 39.99
N LEU A 2133 -10.19 -3.76 38.89
CA LEU A 2133 -9.92 -2.75 37.88
C LEU A 2133 -11.20 -2.17 37.32
N SER A 2134 -12.17 -3.04 37.03
CA SER A 2134 -13.43 -2.56 36.52
C SER A 2134 -14.01 -1.50 37.43
N SER A 2135 -14.12 -1.80 38.71
CA SER A 2135 -14.70 -0.85 39.65
C SER A 2135 -13.81 0.36 39.92
N TRP A 2136 -12.50 0.21 39.82
CA TRP A 2136 -11.61 1.34 39.99
C TRP A 2136 -11.85 2.29 38.85
N MET A 2137 -11.96 1.74 37.64
CA MET A 2137 -12.20 2.57 36.48
C MET A 2137 -13.55 3.24 36.55
N CYS A 2138 -14.53 2.59 37.17
CA CYS A 2138 -15.83 3.24 37.34
C CYS A 2138 -15.69 4.50 38.17
N VAL A 2139 -15.02 4.43 39.32
CA VAL A 2139 -14.94 5.62 40.16
C VAL A 2139 -14.11 6.71 39.51
N GLU A 2140 -13.16 6.32 38.66
CA GLU A 2140 -12.37 7.31 37.96
C GLU A 2140 -13.20 8.00 36.89
N ASP A 2141 -14.00 7.25 36.16
CA ASP A 2141 -14.86 7.86 35.16
C ASP A 2141 -15.84 8.81 35.84
N ILE A 2142 -16.51 8.33 36.88
CA ILE A 2142 -17.49 9.17 37.55
C ILE A 2142 -16.81 10.46 37.96
N TYR A 2143 -15.67 10.36 38.64
CA TYR A 2143 -14.98 11.56 39.11
C TYR A 2143 -14.61 12.50 37.97
N ALA A 2144 -14.10 11.96 36.88
CA ALA A 2144 -13.70 12.80 35.76
C ALA A 2144 -14.88 13.57 35.25
N ASN A 2145 -15.97 12.88 34.96
CA ASN A 2145 -17.17 13.55 34.47
C ASN A 2145 -17.68 14.57 35.48
N ILE A 2146 -17.72 14.19 36.75
CA ILE A 2146 -18.22 15.10 37.78
C ILE A 2146 -17.35 16.36 37.84
N PHE A 2147 -16.03 16.22 37.76
CA PHE A 2147 -15.17 17.38 37.75
C PHE A 2147 -15.50 18.30 36.59
N ILE A 2148 -15.58 17.76 35.39
CA ILE A 2148 -15.85 18.58 34.22
C ILE A 2148 -17.15 19.34 34.40
N ILE A 2149 -18.19 18.67 34.89
CA ILE A 2149 -19.46 19.35 35.17
C ILE A 2149 -19.26 20.45 36.21
N LYS A 2150 -18.56 20.16 37.30
CA LYS A 2150 -18.32 21.16 38.34
C LYS A 2150 -17.63 22.40 37.80
N CYS A 2151 -16.58 22.22 37.01
CA CYS A 2151 -15.90 23.35 36.44
C CYS A 2151 -16.85 24.22 35.63
N SER A 2152 -17.68 23.59 34.81
CA SER A 2152 -18.66 24.34 34.03
C SER A 2152 -19.68 25.05 34.91
N ARG A 2153 -20.12 24.40 35.98
CA ARG A 2153 -21.08 25.01 36.88
C ARG A 2153 -20.46 26.20 37.54
N GLU A 2154 -19.20 26.06 37.96
CA GLU A 2154 -18.52 27.14 38.65
C GLU A 2154 -18.33 28.34 37.75
N THR A 2155 -17.95 28.09 36.50
CA THR A 2155 -17.75 29.19 35.57
C THR A 2155 -19.07 29.87 35.24
N GLU A 2156 -20.17 29.14 35.25
CA GLU A 2156 -21.46 29.78 35.01
C GLU A 2156 -21.89 30.60 36.21
N LYS A 2157 -21.42 30.27 37.40
CA LYS A 2157 -21.74 31.09 38.55
C LYS A 2157 -20.85 32.32 38.56
N LYS A 2158 -19.62 32.15 38.11
CA LYS A 2158 -18.68 33.26 38.07
C LYS A 2158 -19.12 34.27 37.02
N TYR A 2159 -19.39 33.78 35.82
CA TYR A 2159 -19.82 34.66 34.74
C TYR A 2159 -21.18 34.23 34.23
N PRO A 2160 -22.25 34.77 34.84
CA PRO A 2160 -23.60 34.35 34.45
C PRO A 2160 -24.03 34.90 33.11
N GLN A 2161 -24.87 34.15 32.40
CA GLN A 2161 -25.35 34.61 31.10
C GLN A 2161 -26.82 35.01 31.21
N PRO A 2162 -27.13 36.26 30.86
CA PRO A 2162 -28.50 36.75 31.00
C PRO A 2162 -29.52 35.75 30.51
N LYS A 2163 -30.74 35.80 31.05
CA LYS A 2163 -31.80 34.88 30.64
C LYS A 2163 -32.36 35.26 29.28
N GLY A 2164 -32.16 34.39 28.30
CA GLY A 2164 -32.68 34.67 26.97
C GLY A 2164 -31.86 35.67 26.22
N GLN A 2165 -30.56 35.40 26.10
CA GLN A 2165 -29.69 36.34 25.41
C GLN A 2165 -29.06 35.70 24.19
N LYS A 2166 -29.88 35.39 23.19
CA LYS A 2166 -29.37 34.78 21.95
C LYS A 2166 -28.30 33.75 22.20
N LYS A 2167 -27.15 33.92 21.54
CA LYS A 2167 -26.04 33.01 21.74
C LYS A 2167 -24.82 33.70 21.19
N LYS A 2168 -24.91 35.01 20.96
CA LYS A 2168 -23.79 35.81 20.40
C LYS A 2168 -23.36 35.42 19.00
N LYS A 2169 -23.82 36.16 18.00
CA LYS A 2169 -23.50 35.85 16.61
C LYS A 2169 -22.10 35.39 16.33
N ILE A 2170 -21.12 36.07 16.91
CA ILE A 2170 -19.72 35.72 16.69
C ILE A 2170 -19.35 34.34 17.18
N VAL A 2171 -19.76 33.99 18.40
CA VAL A 2171 -19.49 32.66 18.93
C VAL A 2171 -19.98 31.63 17.94
N LYS A 2172 -21.23 31.79 17.49
CA LYS A 2172 -21.82 30.84 16.55
C LYS A 2172 -21.00 30.75 15.30
N TYR A 2173 -20.68 31.91 14.73
CA TYR A 2173 -19.93 31.92 13.47
C TYR A 2173 -18.61 31.21 13.59
N GLY A 2174 -17.93 31.39 14.73
CA GLY A 2174 -16.65 30.76 14.93
C GLY A 2174 -16.74 29.25 14.98
N MET A 2175 -17.45 28.72 15.97
CA MET A 2175 -17.56 27.27 16.12
C MET A 2175 -18.10 26.63 14.86
N GLY A 2176 -19.23 27.13 14.38
CA GLY A 2176 -19.82 26.59 13.17
C GLY A 2176 -18.85 26.59 12.01
N GLY A 2177 -18.18 27.71 11.79
CA GLY A 2177 -17.22 27.82 10.72
C GLY A 2177 -16.13 26.77 10.82
N LEU A 2178 -15.54 26.62 12.00
CA LEU A 2178 -14.51 25.61 12.20
C LEU A 2178 -15.01 24.23 11.84
N ILE A 2179 -16.21 23.87 12.30
CA ILE A 2179 -16.76 22.57 12.02
C ILE A 2179 -16.93 22.38 10.52
N ILE A 2180 -17.51 23.36 9.85
CA ILE A 2180 -17.67 23.28 8.40
C ILE A 2180 -16.32 23.09 7.71
N LEU A 2181 -15.32 23.87 8.09
CA LEU A 2181 -14.00 23.77 7.47
C LEU A 2181 -13.37 22.41 7.71
N PHE A 2182 -13.60 21.85 8.89
CA PHE A 2182 -13.07 20.54 9.20
C PHE A 2182 -13.74 19.52 8.29
N LEU A 2183 -15.05 19.65 8.09
CA LEU A 2183 -15.75 18.75 7.19
C LEU A 2183 -15.29 18.93 5.75
N ILE A 2184 -14.96 20.15 5.37
CA ILE A 2184 -14.46 20.42 4.03
C ILE A 2184 -13.16 19.65 3.87
N ALA A 2185 -12.30 19.73 4.89
CA ALA A 2185 -11.02 19.05 4.82
C ALA A 2185 -11.10 17.53 4.94
N ILE A 2186 -12.29 16.98 5.16
CA ILE A 2186 -12.44 15.53 5.18
C ILE A 2186 -12.64 15.09 3.75
N ILE A 2187 -13.42 15.84 2.99
CA ILE A 2187 -13.73 15.40 1.64
C ILE A 2187 -12.92 16.06 0.55
N TRP A 2188 -12.94 17.38 0.50
CA TRP A 2188 -12.27 18.12 -0.56
C TRP A 2188 -10.75 18.12 -0.47
N PHE A 2189 -10.22 18.49 0.68
CA PHE A 2189 -8.76 18.55 0.82
C PHE A 2189 -8.00 17.30 0.39
N PRO A 2190 -8.43 16.09 0.81
CA PRO A 2190 -7.70 14.93 0.30
C PRO A 2190 -7.70 14.89 -1.21
N LEU A 2191 -8.85 15.10 -1.84
CA LEU A 2191 -8.92 15.13 -3.29
C LEU A 2191 -7.94 16.12 -3.88
N LEU A 2192 -7.91 17.33 -3.31
CA LEU A 2192 -6.98 18.35 -3.79
C LEU A 2192 -5.55 17.85 -3.72
N PHE A 2193 -5.11 17.43 -2.54
CA PHE A 2193 -3.75 16.92 -2.38
C PHE A 2193 -3.47 15.82 -3.38
N MET A 2194 -4.34 14.82 -3.45
CA MET A 2194 -4.15 13.70 -4.37
C MET A 2194 -3.92 14.19 -5.78
N SER A 2195 -4.86 14.95 -6.31
CA SER A 2195 -4.74 15.45 -7.67
C SER A 2195 -3.45 16.23 -7.87
N LEU A 2196 -3.13 17.13 -6.94
CA LEU A 2196 -1.93 17.95 -7.06
C LEU A 2196 -0.68 17.11 -7.27
N VAL A 2197 -0.47 16.12 -6.42
CA VAL A 2197 0.70 15.27 -6.54
C VAL A 2197 0.67 14.46 -7.84
N ARG A 2198 -0.43 13.76 -8.09
CA ARG A 2198 -0.50 12.91 -9.27
C ARG A 2198 -0.37 13.64 -10.60
N SER A 2199 -0.88 14.87 -10.67
CA SER A 2199 -0.86 15.62 -11.93
C SER A 2199 0.54 15.83 -12.50
N VAL A 2200 1.52 16.07 -11.64
CA VAL A 2200 2.89 16.30 -12.09
C VAL A 2200 3.43 15.12 -12.85
N VAL A 2201 3.47 15.21 -14.18
CA VAL A 2201 3.94 14.09 -15.02
C VAL A 2201 4.60 14.68 -16.27
N GLY A 2202 5.69 14.08 -16.74
CA GLY A 2202 6.30 14.55 -17.97
C GLY A 2202 7.77 14.94 -17.91
N VAL A 2203 8.66 13.97 -18.11
CA VAL A 2203 10.09 14.28 -18.14
C VAL A 2203 10.67 13.94 -19.51
N VAL A 2204 11.13 14.96 -20.23
CA VAL A 2204 11.67 14.76 -21.58
C VAL A 2204 12.58 13.56 -21.76
N ASN A 2205 12.25 12.71 -22.74
CA ASN A 2205 13.08 11.55 -23.01
C ASN A 2205 13.45 11.51 -24.48
N GLN A 2206 14.69 11.84 -24.81
CA GLN A 2206 15.12 11.87 -26.20
C GLN A 2206 16.15 10.80 -26.49
N PRO A 2207 16.00 10.08 -27.61
CA PRO A 2207 16.99 9.07 -27.99
C PRO A 2207 18.38 9.66 -28.05
N ILE A 2208 19.28 9.14 -27.22
CA ILE A 2208 20.65 9.64 -27.20
C ILE A 2208 21.30 9.31 -28.54
N ASP A 2209 21.14 8.07 -28.98
CA ASP A 2209 21.75 7.67 -30.24
C ASP A 2209 20.75 7.10 -31.22
N VAL A 2210 21.10 7.16 -32.49
CA VAL A 2210 20.24 6.56 -33.51
C VAL A 2210 20.98 5.35 -34.06
N THR A 2211 20.74 4.20 -33.47
CA THR A 2211 21.44 3.00 -33.90
C THR A 2211 20.64 2.27 -34.96
N VAL A 2212 20.90 2.58 -36.22
CA VAL A 2212 20.23 1.85 -37.28
C VAL A 2212 21.08 0.72 -37.80
N THR A 2213 20.76 -0.49 -37.37
CA THR A 2213 21.48 -1.64 -37.87
C THR A 2213 20.60 -2.24 -38.94
N LEU A 2214 20.98 -2.04 -40.20
CA LEU A 2214 20.17 -2.55 -41.30
C LEU A 2214 20.52 -3.99 -41.54
N LYS A 2215 20.25 -4.85 -40.56
CA LYS A 2215 20.52 -6.28 -40.71
C LYS A 2215 20.07 -6.78 -42.06
N LEU A 2216 21.03 -7.04 -42.94
CA LEU A 2216 20.68 -7.45 -44.31
C LEU A 2216 20.89 -8.94 -44.52
N GLY A 2217 22.15 -9.34 -44.62
CA GLY A 2217 22.46 -10.75 -44.84
C GLY A 2217 21.77 -11.63 -43.83
N GLY A 2218 20.99 -12.58 -44.30
CA GLY A 2218 20.32 -13.50 -43.40
C GLY A 2218 21.33 -14.23 -42.53
N TYR A 2219 22.40 -14.72 -43.14
CA TYR A 2219 23.43 -15.41 -42.39
C TYR A 2219 24.18 -14.46 -41.47
N GLU A 2220 24.75 -13.40 -42.05
CA GLU A 2220 25.48 -12.43 -41.25
C GLU A 2220 24.91 -11.03 -41.41
N PRO A 2221 24.05 -10.62 -40.47
CA PRO A 2221 23.42 -9.29 -40.53
C PRO A 2221 24.42 -8.18 -40.31
N LEU A 2222 24.47 -7.20 -41.20
CA LEU A 2222 25.46 -6.13 -41.07
C LEU A 2222 24.87 -4.74 -41.25
N PHE A 2223 25.52 -3.90 -42.04
CA PHE A 2223 25.05 -2.53 -42.26
C PHE A 2223 24.78 -1.81 -40.95
N THR A 2224 25.80 -1.70 -40.10
CA THR A 2224 25.61 -1.09 -38.78
C THR A 2224 26.08 0.36 -38.73
N MET A 2225 26.14 1.03 -39.88
CA MET A 2225 26.51 2.43 -39.90
C MET A 2225 25.45 3.21 -39.15
N SER A 2226 25.84 3.84 -38.04
CA SER A 2226 24.86 4.54 -37.21
C SER A 2226 25.50 5.74 -36.54
N ALA A 2227 24.70 6.53 -35.83
CA ALA A 2227 25.23 7.74 -35.19
C ALA A 2227 24.93 7.86 -33.71
N GLN A 2228 25.36 8.97 -33.10
CA GLN A 2228 25.16 9.18 -31.67
C GLN A 2228 24.70 10.59 -31.37
N GLN A 2229 24.77 11.00 -30.10
CA GLN A 2229 24.38 12.36 -29.70
C GLN A 2229 24.93 13.54 -30.51
N PRO A 2230 26.23 13.57 -30.84
CA PRO A 2230 26.66 14.72 -31.65
C PRO A 2230 25.83 14.91 -32.93
N SER A 2231 25.57 13.83 -33.65
CA SER A 2231 24.78 13.93 -34.86
C SER A 2231 23.30 14.12 -34.55
N ILE A 2232 22.83 13.51 -33.48
CA ILE A 2232 21.44 13.64 -33.09
C ILE A 2232 21.13 15.08 -32.68
N ILE A 2233 20.12 15.69 -33.30
CA ILE A 2233 19.80 17.08 -32.99
C ILE A 2233 18.46 17.23 -32.27
N PRO A 2234 18.51 17.59 -30.97
CA PRO A 2234 17.24 17.86 -30.29
C PRO A 2234 16.54 19.01 -30.98
N PHE A 2235 15.42 18.75 -31.64
CA PHE A 2235 14.75 19.81 -32.40
C PHE A 2235 14.33 20.98 -31.53
N THR A 2236 14.64 22.19 -32.00
CA THR A 2236 14.29 23.39 -31.24
C THR A 2236 12.83 23.76 -31.42
N ALA A 2237 12.41 24.85 -30.80
CA ALA A 2237 11.04 25.31 -30.95
C ALA A 2237 10.76 25.65 -32.40
N GLN A 2238 11.65 26.42 -33.02
CA GLN A 2238 11.48 26.77 -34.43
C GLN A 2238 11.46 25.54 -35.31
N ALA A 2239 12.38 24.61 -35.05
CA ALA A 2239 12.41 23.38 -35.83
C ALA A 2239 11.11 22.62 -35.69
N TYR A 2240 10.58 22.57 -34.46
CA TYR A 2240 9.31 21.89 -34.23
C TYR A 2240 8.20 22.51 -35.05
N GLU A 2241 8.14 23.84 -35.08
CA GLU A 2241 7.13 24.52 -35.88
C GLU A 2241 7.23 24.08 -37.32
N GLU A 2242 8.44 24.03 -37.86
CA GLU A 2242 8.63 23.59 -39.23
C GLU A 2242 8.00 22.23 -39.49
N LEU A 2243 8.36 21.22 -38.69
CA LEU A 2243 7.81 19.88 -38.87
C LEU A 2243 6.30 19.88 -38.78
N SER A 2244 5.76 20.57 -37.77
CA SER A 2244 4.32 20.63 -37.59
C SER A 2244 3.64 21.22 -38.81
N ARG A 2245 4.21 22.30 -39.35
CA ARG A 2245 3.63 22.95 -40.53
C ARG A 2245 3.76 22.10 -41.77
N GLN A 2246 4.84 21.34 -41.89
CA GLN A 2246 5.02 20.46 -43.03
C GLN A 2246 3.87 19.48 -43.09
N PHE A 2247 3.50 18.93 -41.93
CA PHE A 2247 2.43 17.95 -41.90
C PHE A 2247 1.14 18.51 -41.35
N ASP A 2248 0.97 19.83 -41.41
CA ASP A 2248 -0.27 20.45 -40.95
C ASP A 2248 -1.55 20.01 -41.68
N PRO A 2249 -1.54 19.89 -43.03
CA PRO A 2249 -2.74 19.37 -43.69
C PRO A 2249 -3.34 18.14 -43.02
N GLN A 2250 -2.53 17.10 -42.79
CA GLN A 2250 -3.02 15.92 -42.09
C GLN A 2250 -3.14 16.26 -40.62
N PRO A 2251 -4.38 16.20 -40.10
CA PRO A 2251 -4.59 16.61 -38.70
C PRO A 2251 -3.76 15.78 -37.73
N LEU A 2252 -3.89 14.46 -37.79
CA LEU A 2252 -3.18 13.58 -36.87
C LEU A 2252 -1.67 13.62 -37.01
N ALA A 2253 -1.17 13.87 -38.22
CA ALA A 2253 0.27 14.00 -38.41
C ALA A 2253 0.76 15.19 -37.62
N MET A 2254 0.15 16.35 -37.86
CA MET A 2254 0.51 17.54 -37.13
C MET A 2254 0.31 17.31 -35.64
N GLN A 2255 -0.80 16.70 -35.27
CA GLN A 2255 -1.09 16.42 -33.86
C GLN A 2255 0.10 15.75 -33.19
N PHE A 2256 0.58 14.65 -33.75
CA PHE A 2256 1.75 13.96 -33.19
C PHE A 2256 2.87 14.94 -32.90
N ILE A 2257 3.32 15.65 -33.91
CA ILE A 2257 4.41 16.60 -33.74
C ILE A 2257 4.10 17.67 -32.69
N SER A 2258 2.95 18.34 -32.84
CA SER A 2258 2.59 19.41 -31.91
C SER A 2258 2.42 18.94 -30.47
N GLN A 2259 1.83 17.77 -30.27
CA GLN A 2259 1.61 17.26 -28.92
C GLN A 2259 2.94 16.98 -28.25
N TYR A 2260 3.87 16.38 -28.98
CA TYR A 2260 5.20 16.16 -28.42
C TYR A 2260 5.82 17.52 -28.14
N SER A 2261 6.31 17.70 -26.92
CA SER A 2261 6.86 19.00 -26.55
C SER A 2261 8.09 19.40 -27.34
N PRO A 2262 8.31 20.71 -27.50
CA PRO A 2262 9.53 21.17 -28.18
C PRO A 2262 10.74 20.58 -27.48
N GLU A 2263 11.88 20.49 -28.16
CA GLU A 2263 13.05 19.82 -27.59
C GLU A 2263 12.64 18.43 -27.18
N ASP A 2264 11.68 17.86 -27.91
CA ASP A 2264 11.26 16.49 -27.63
C ASP A 2264 11.63 15.75 -28.90
N ILE A 2265 10.95 16.07 -30.00
CA ILE A 2265 11.27 15.46 -31.28
C ILE A 2265 12.77 15.61 -31.56
N VAL A 2266 13.46 14.48 -31.63
CA VAL A 2266 14.90 14.50 -31.86
C VAL A 2266 15.19 14.18 -33.33
N THR A 2267 16.33 14.61 -33.85
CA THR A 2267 16.65 14.37 -35.25
C THR A 2267 17.53 13.15 -35.42
N ALA A 2268 17.06 12.17 -36.21
CA ALA A 2268 17.84 10.97 -36.47
C ALA A 2268 18.84 11.20 -37.59
N GLN A 2269 19.95 11.86 -37.31
CA GLN A 2269 20.96 12.03 -38.34
C GLN A 2269 21.89 10.83 -38.37
N ILE A 2270 21.37 9.68 -38.77
CA ILE A 2270 22.17 8.45 -38.78
C ILE A 2270 23.30 8.50 -39.80
N GLU A 2271 24.50 8.13 -39.39
CA GLU A 2271 25.64 8.12 -40.30
C GLU A 2271 25.48 7.04 -41.35
N GLY A 2272 25.90 7.33 -42.58
CA GLY A 2272 25.77 6.37 -43.65
C GLY A 2272 27.10 5.88 -44.18
N SER A 2273 28.16 6.62 -43.91
CA SER A 2273 29.49 6.25 -44.40
C SER A 2273 29.93 4.95 -43.78
N SER A 2274 30.73 4.18 -44.51
CA SER A 2274 31.12 2.86 -44.03
C SER A 2274 32.49 2.70 -43.43
N GLY A 2275 33.44 2.25 -44.22
CA GLY A 2275 34.77 1.98 -43.70
C GLY A 2275 34.74 0.62 -43.10
N ALA A 2276 33.81 0.41 -42.17
CA ALA A 2276 33.65 -0.92 -41.61
C ALA A 2276 33.32 -1.82 -42.78
N LEU A 2277 34.27 -2.65 -43.18
CA LEU A 2277 34.01 -3.60 -44.25
C LEU A 2277 33.11 -4.66 -43.67
N TRP A 2278 32.69 -5.69 -44.44
CA TRP A 2278 31.77 -6.57 -43.72
C TRP A 2278 32.37 -7.95 -43.65
N ARG A 2279 31.77 -8.84 -42.86
CA ARG A 2279 32.42 -10.14 -42.67
C ARG A 2279 31.47 -11.32 -42.76
N ILE A 2280 30.74 -11.43 -43.86
CA ILE A 2280 29.90 -12.61 -44.04
C ILE A 2280 30.82 -13.78 -44.32
N SER A 2281 30.66 -14.88 -43.59
CA SER A 2281 31.51 -16.05 -43.79
C SER A 2281 31.50 -16.47 -45.24
N PRO A 2282 32.69 -16.69 -45.84
CA PRO A 2282 32.76 -17.01 -47.28
C PRO A 2282 31.78 -18.05 -47.86
N PRO A 2283 31.57 -19.23 -47.22
CA PRO A 2283 30.57 -20.11 -47.84
C PRO A 2283 29.19 -19.49 -47.86
N SER A 2284 28.77 -18.89 -46.75
CA SER A 2284 27.47 -18.26 -46.67
C SER A 2284 27.43 -16.94 -47.44
N ARG A 2285 28.59 -16.38 -47.76
CA ARG A 2285 28.63 -15.16 -48.55
C ARG A 2285 28.34 -15.57 -49.97
N ALA A 2286 28.88 -16.71 -50.39
CA ALA A 2286 28.59 -17.22 -51.72
C ALA A 2286 27.13 -17.64 -51.79
N GLN A 2287 26.57 -18.13 -50.68
CA GLN A 2287 25.17 -18.51 -50.65
C GLN A 2287 24.30 -17.27 -50.69
N MET A 2288 24.75 -16.19 -50.06
CA MET A 2288 24.01 -14.94 -50.07
C MET A 2288 24.03 -14.41 -51.49
N LYS A 2289 25.19 -14.64 -52.11
CA LYS A 2289 25.38 -14.27 -53.49
C LYS A 2289 24.32 -14.98 -54.26
N ARG A 2290 24.32 -16.25 -54.14
CA ARG A 2290 23.44 -17.12 -54.90
C ARG A 2290 21.99 -16.71 -54.74
N GLU A 2291 21.57 -16.43 -53.51
CA GLU A 2291 20.21 -15.97 -53.29
C GLU A 2291 19.91 -14.79 -54.21
N LEU A 2292 20.72 -13.76 -54.15
CA LEU A 2292 20.53 -12.59 -55.01
C LEU A 2292 20.74 -12.95 -56.47
N TYR A 2293 21.62 -13.90 -56.73
CA TYR A 2293 21.89 -14.34 -58.09
C TYR A 2293 20.70 -15.12 -58.59
N ASN A 2294 20.34 -16.19 -57.87
CA ASN A 2294 19.25 -17.05 -58.30
C ASN A 2294 18.40 -17.51 -57.13
N GLY A 2295 18.99 -18.28 -56.21
CA GLY A 2295 18.27 -18.76 -55.05
C GLY A 2295 16.98 -18.05 -54.75
N THR A 2296 15.85 -18.73 -54.93
CA THR A 2296 14.56 -18.12 -54.70
C THR A 2296 14.21 -18.05 -53.22
N ALA A 2297 14.68 -17.01 -52.53
CA ALA A 2297 14.39 -16.84 -51.11
C ALA A 2297 14.16 -15.36 -50.81
N ASP A 2298 13.69 -15.05 -49.60
CA ASP A 2298 13.42 -13.67 -49.25
C ASP A 2298 14.28 -13.22 -48.09
N ILE A 2299 15.41 -12.60 -48.41
CA ILE A 2299 16.33 -12.15 -47.36
C ILE A 2299 15.67 -11.19 -46.39
N THR A 2300 15.79 -11.50 -45.11
CA THR A 2300 15.19 -10.64 -44.08
C THR A 2300 15.99 -9.36 -43.94
N LEU A 2301 15.46 -8.26 -44.46
CA LEU A 2301 16.17 -7.00 -44.38
C LEU A 2301 15.69 -6.21 -43.20
N ARG A 2302 15.91 -6.73 -41.99
CA ARG A 2302 15.46 -6.06 -40.79
C ARG A 2302 16.23 -4.78 -40.57
N PHE A 2303 15.57 -3.66 -40.81
CA PHE A 2303 16.23 -2.38 -40.58
C PHE A 2303 15.89 -2.01 -39.15
N THR A 2304 16.67 -2.50 -38.20
CA THR A 2304 16.37 -2.23 -36.80
C THR A 2304 16.72 -0.79 -36.47
N TRP A 2305 15.76 -0.05 -35.96
CA TRP A 2305 15.99 1.36 -35.67
C TRP A 2305 16.08 1.56 -34.17
N ASN A 2306 17.09 0.98 -33.54
CA ASN A 2306 17.23 1.07 -32.09
C ASN A 2306 17.51 2.48 -31.60
N PHE A 2307 16.72 2.96 -30.64
CA PHE A 2307 16.89 4.32 -30.16
C PHE A 2307 17.20 4.37 -28.68
N GLN A 2308 18.42 4.01 -28.32
CA GLN A 2308 18.80 4.00 -26.92
C GLN A 2308 18.84 5.41 -26.37
N ARG A 2309 17.97 5.70 -25.41
CA ARG A 2309 17.99 7.01 -24.78
C ARG A 2309 18.80 6.94 -23.50
N ASP A 2310 18.19 7.30 -22.38
CA ASP A 2310 18.89 7.23 -21.11
C ASP A 2310 17.96 6.72 -20.03
N LEU A 2311 18.42 6.77 -18.78
CA LEU A 2311 17.57 6.35 -17.67
C LEU A 2311 17.65 7.42 -16.60
N ALA A 2312 18.55 8.39 -16.80
CA ALA A 2312 18.70 9.47 -15.84
C ALA A 2312 17.47 10.37 -15.88
N LYS A 2313 16.96 10.61 -17.08
CA LYS A 2313 15.76 11.43 -17.22
C LYS A 2313 14.54 10.54 -17.30
N GLY A 2314 14.69 9.27 -16.92
CA GLY A 2314 13.59 8.33 -17.04
C GLY A 2314 13.78 7.58 -18.33
N GLY A 2315 12.87 6.68 -18.64
CA GLY A 2315 12.99 5.89 -19.85
C GLY A 2315 13.27 4.45 -19.51
N THR A 2316 12.23 3.72 -19.10
CA THR A 2316 12.38 2.32 -18.72
C THR A 2316 13.14 1.58 -19.80
N VAL A 2317 12.44 1.11 -20.82
CA VAL A 2317 13.12 0.46 -21.93
C VAL A 2317 13.49 1.54 -22.93
N GLU A 2318 14.44 2.39 -22.56
CA GLU A 2318 14.85 3.50 -23.41
C GLU A 2318 15.01 3.07 -24.86
N TYR A 2319 15.80 2.03 -25.10
CA TYR A 2319 16.01 1.52 -26.44
C TYR A 2319 14.70 1.24 -27.16
N ALA A 2320 14.31 2.14 -28.06
CA ALA A 2320 13.09 1.95 -28.81
C ALA A 2320 13.43 1.34 -30.14
N ASN A 2321 13.13 0.06 -30.34
CA ASN A 2321 13.56 -0.61 -31.56
C ASN A 2321 12.47 -1.22 -32.41
N GLU A 2322 12.62 -1.15 -33.72
CA GLU A 2322 11.67 -1.79 -34.63
C GLU A 2322 12.39 -2.27 -35.85
N LYS A 2323 12.36 -3.57 -36.10
CA LYS A 2323 13.00 -4.13 -37.27
C LYS A 2323 12.11 -3.91 -38.48
N HIS A 2324 12.40 -2.88 -39.26
CA HIS A 2324 11.62 -2.63 -40.47
C HIS A 2324 12.10 -3.58 -41.53
N MET A 2325 11.47 -4.75 -41.62
CA MET A 2325 11.94 -5.77 -42.54
C MET A 2325 11.50 -5.60 -43.98
N LEU A 2326 12.40 -5.91 -44.92
CA LEU A 2326 12.05 -5.86 -46.33
C LEU A 2326 12.38 -7.20 -46.94
N ALA A 2327 11.42 -8.10 -46.97
CA ALA A 2327 11.63 -9.41 -47.58
C ALA A 2327 12.14 -9.22 -49.00
N LEU A 2328 13.38 -9.62 -49.26
CA LEU A 2328 13.96 -9.39 -50.57
C LEU A 2328 13.45 -10.36 -51.62
N ALA A 2329 12.50 -9.91 -52.43
CA ALA A 2329 11.95 -10.75 -53.50
C ALA A 2329 13.06 -11.35 -54.34
N PRO A 2330 13.03 -12.68 -54.53
CA PRO A 2330 14.09 -13.36 -55.29
C PRO A 2330 14.41 -12.67 -56.60
N ASN A 2331 15.66 -12.27 -56.79
CA ASN A 2331 16.08 -11.60 -58.02
C ASN A 2331 15.14 -10.50 -58.47
N SER A 2332 14.88 -9.53 -57.61
CA SER A 2332 14.05 -8.38 -57.99
C SER A 2332 15.00 -7.36 -58.55
N THR A 2333 14.52 -6.15 -58.84
CA THR A 2333 15.42 -5.11 -59.29
C THR A 2333 16.48 -4.91 -58.23
N ALA A 2334 16.05 -4.75 -56.98
CA ALA A 2334 16.97 -4.57 -55.88
C ALA A 2334 17.93 -5.74 -55.73
N ARG A 2335 17.40 -6.97 -55.81
CA ARG A 2335 18.24 -8.14 -55.62
C ARG A 2335 19.12 -8.46 -56.83
N ARG A 2336 18.78 -7.94 -58.00
CA ARG A 2336 19.64 -8.14 -59.17
C ARG A 2336 20.75 -7.13 -59.08
N GLN A 2337 20.49 -5.99 -58.47
CA GLN A 2337 21.55 -5.02 -58.27
C GLN A 2337 22.47 -5.65 -57.25
N LEU A 2338 21.90 -6.29 -56.24
CA LEU A 2338 22.72 -6.96 -55.23
C LEU A 2338 23.45 -8.16 -55.79
N ALA A 2339 22.89 -8.78 -56.82
CA ALA A 2339 23.58 -9.90 -57.46
C ALA A 2339 24.88 -9.38 -58.02
N SER A 2340 24.80 -8.33 -58.83
CA SER A 2340 26.00 -7.76 -59.42
C SER A 2340 26.91 -7.11 -58.38
N LEU A 2341 26.32 -6.60 -57.31
CA LEU A 2341 27.11 -6.04 -56.23
C LEU A 2341 28.01 -7.13 -55.68
N LEU A 2342 27.42 -8.28 -55.36
CA LEU A 2342 28.20 -9.36 -54.79
C LEU A 2342 28.93 -10.20 -55.82
N GLU A 2343 28.72 -9.92 -57.09
CA GLU A 2343 29.44 -10.64 -58.13
C GLU A 2343 30.87 -10.13 -58.19
N GLY A 2344 31.03 -8.81 -58.27
CA GLY A 2344 32.35 -8.23 -58.33
C GLY A 2344 32.35 -6.72 -58.48
N THR A 2345 31.30 -6.19 -59.09
CA THR A 2345 31.24 -4.75 -59.32
C THR A 2345 30.71 -4.02 -58.10
N SER A 2346 31.09 -2.76 -57.94
CA SER A 2346 30.66 -2.01 -56.78
C SER A 2346 29.80 -0.81 -57.14
N ASP A 2347 29.20 -0.84 -58.33
CA ASP A 2347 28.44 0.32 -58.78
C ASP A 2347 26.96 0.04 -58.98
N GLN A 2348 26.31 -0.50 -57.97
CA GLN A 2348 24.89 -0.81 -58.08
C GLN A 2348 24.08 -0.15 -56.98
N SER A 2349 23.19 0.75 -57.38
CA SER A 2349 22.36 1.45 -56.40
C SER A 2349 21.13 0.62 -56.10
N VAL A 2350 21.18 -0.15 -55.02
CA VAL A 2350 20.07 -1.04 -54.69
C VAL A 2350 18.82 -0.31 -54.22
N VAL A 2351 17.78 -0.33 -55.05
CA VAL A 2351 16.54 0.38 -54.72
C VAL A 2351 15.73 -0.28 -53.63
N ILE A 2352 15.77 0.28 -52.42
CA ILE A 2352 14.92 -0.25 -51.35
C ILE A 2352 13.69 0.64 -51.29
N PRO A 2353 12.52 0.09 -51.67
CA PRO A 2353 11.31 0.91 -51.74
C PRO A 2353 10.94 1.67 -50.48
N ASN A 2354 11.24 2.97 -50.42
CA ASN A 2354 10.87 3.82 -49.29
C ASN A 2354 10.88 3.15 -47.92
N LEU A 2355 12.06 2.80 -47.42
CA LEU A 2355 12.09 2.08 -46.16
C LEU A 2355 12.97 2.70 -45.07
N PHE A 2356 13.07 4.03 -45.05
CA PHE A 2356 13.82 4.67 -43.97
C PHE A 2356 12.95 5.65 -43.20
N PRO A 2357 12.28 5.18 -42.14
CA PRO A 2357 11.35 6.02 -41.38
C PRO A 2357 11.80 7.43 -41.07
N LYS A 2358 11.18 8.41 -41.70
CA LYS A 2358 11.58 9.80 -41.51
C LYS A 2358 10.88 10.49 -40.35
N TYR A 2359 9.94 9.80 -39.71
CA TYR A 2359 9.24 10.36 -38.56
C TYR A 2359 8.85 9.20 -37.67
N ILE A 2360 9.45 9.08 -36.49
CA ILE A 2360 9.19 7.93 -35.64
C ILE A 2360 8.65 8.28 -34.26
N ARG A 2361 7.39 7.94 -33.95
CA ARG A 2361 6.90 8.17 -32.60
C ARG A 2361 7.47 7.13 -31.63
N ALA A 2362 8.68 7.36 -31.16
CA ALA A 2362 9.30 6.42 -30.24
C ALA A 2362 9.02 6.88 -28.82
N PRO A 2363 8.66 5.95 -27.94
CA PRO A 2363 8.46 6.33 -26.55
C PRO A 2363 9.52 5.76 -25.64
N ASN A 2364 9.18 5.58 -24.37
CA ASN A 2364 10.12 5.02 -23.41
C ASN A 2364 9.96 3.51 -23.38
N GLY A 2365 9.25 2.95 -24.36
CA GLY A 2365 9.09 1.52 -24.45
C GLY A 2365 10.02 1.05 -25.54
N PRO A 2366 10.02 -0.25 -25.84
CA PRO A 2366 10.97 -0.78 -26.81
C PRO A 2366 10.45 -0.80 -28.25
N GLU A 2367 9.82 0.26 -28.71
CA GLU A 2367 9.24 0.25 -30.05
C GLU A 2367 9.55 1.48 -30.87
N ALA A 2368 10.17 1.30 -32.02
CA ALA A 2368 10.42 2.43 -32.89
C ALA A 2368 9.32 2.50 -33.95
N ASN A 2369 8.08 2.64 -33.50
CA ASN A 2369 6.96 2.71 -34.42
C ASN A 2369 6.88 4.10 -35.03
N PRO A 2370 6.84 4.18 -36.36
CA PRO A 2370 6.83 5.48 -37.03
C PRO A 2370 5.48 6.20 -36.94
N VAL A 2371 5.44 7.51 -37.06
CA VAL A 2371 4.12 8.10 -36.99
C VAL A 2371 3.27 7.80 -38.22
N LYS A 2372 2.10 7.23 -38.01
CA LYS A 2372 1.18 7.00 -39.14
C LYS A 2372 0.62 8.35 -39.52
N GLN A 2373 0.24 8.55 -40.78
CA GLN A 2373 -0.23 9.86 -41.29
C GLN A 2373 0.95 10.78 -41.56
N LEU A 2374 1.95 10.80 -40.69
CA LEU A 2374 3.16 11.56 -40.97
C LEU A 2374 3.66 10.85 -42.20
N GLN A 2375 3.74 9.53 -42.09
CA GLN A 2375 4.10 8.72 -43.26
C GLN A 2375 2.85 7.87 -43.46
N PRO A 2376 1.94 8.31 -44.33
CA PRO A 2376 0.68 7.57 -44.51
C PRO A 2376 0.90 6.09 -44.80
N ASN A 2377 1.62 5.77 -45.85
CA ASN A 2377 1.87 4.37 -46.21
C ASN A 2377 2.76 3.75 -45.16
N GLU A 2378 3.65 4.55 -44.57
CA GLU A 2378 4.56 4.05 -43.54
C GLU A 2378 5.24 2.74 -43.90
N GLU A 2379 5.73 2.63 -45.14
CA GLU A 2379 6.41 1.43 -45.64
C GLU A 2379 6.62 1.86 -47.06
N ALA A 2380 5.84 2.84 -47.48
CA ALA A 2380 5.94 3.35 -48.84
C ALA A 2380 5.94 4.86 -48.73
N ASP A 2381 5.95 5.37 -47.50
CA ASP A 2381 5.98 6.81 -47.29
C ASP A 2381 7.07 7.14 -46.29
N TYR A 2382 7.95 6.19 -46.03
CA TYR A 2382 9.07 6.44 -45.13
C TYR A 2382 10.02 7.39 -45.81
N LEU A 2383 11.08 6.86 -46.39
CA LEU A 2383 12.02 7.68 -47.15
C LEU A 2383 12.78 6.73 -48.06
N GLY A 2384 12.77 7.02 -49.36
CA GLY A 2384 13.45 6.16 -50.31
C GLY A 2384 14.91 5.95 -49.97
N VAL A 2385 15.28 4.73 -49.60
CA VAL A 2385 16.65 4.47 -49.19
C VAL A 2385 17.37 3.63 -50.25
N ARG A 2386 18.66 3.87 -50.43
CA ARG A 2386 19.44 3.09 -51.39
C ARG A 2386 20.62 2.45 -50.69
N ILE A 2387 21.20 1.41 -51.27
CA ILE A 2387 22.41 0.80 -50.68
C ILE A 2387 23.50 0.68 -51.73
N GLN A 2388 24.76 0.83 -51.30
CA GLN A 2388 25.88 0.70 -52.23
C GLN A 2388 27.05 0.01 -51.58
N LEU A 2389 27.31 -1.24 -51.96
CA LEU A 2389 28.49 -1.91 -51.44
C LEU A 2389 29.65 -1.38 -52.26
N ARG A 2390 30.69 -0.95 -51.58
CA ARG A 2390 31.84 -0.41 -52.28
C ARG A 2390 33.03 -1.34 -52.11
N ARG A 2391 33.03 -2.43 -52.87
CA ARG A 2391 34.16 -3.34 -52.83
C ARG A 2391 35.25 -2.86 -53.77
N GLU A 2392 36.10 -1.96 -53.26
CA GLU A 2392 37.19 -1.44 -54.08
C GLU A 2392 38.48 -2.19 -53.81
N GLN A 2393 38.62 -3.39 -54.37
CA GLN A 2393 39.82 -4.19 -54.17
C GLN A 2393 41.11 -3.39 -54.16
N GLY A 2394 41.80 -3.37 -53.03
CA GLY A 2394 43.03 -2.62 -52.92
C GLY A 2394 43.75 -2.91 -51.63
N PHE A 2400 38.98 -7.20 -51.00
CA PHE A 2400 37.98 -6.51 -51.82
C PHE A 2400 37.65 -5.16 -51.22
N LEU A 2401 38.15 -4.88 -50.02
CA LEU A 2401 37.86 -3.64 -49.33
C LEU A 2401 36.38 -3.38 -49.39
N GLU A 2402 35.58 -4.38 -49.02
CA GLU A 2402 34.13 -4.25 -49.08
C GLU A 2402 33.57 -3.24 -48.10
N TRP A 2403 33.26 -2.04 -48.56
CA TRP A 2403 32.62 -1.08 -47.67
C TRP A 2403 31.13 -1.18 -47.91
N TRP A 2404 30.35 -0.35 -47.23
CA TRP A 2404 28.90 -0.38 -47.39
C TRP A 2404 28.27 0.97 -47.08
N VAL A 2405 28.04 1.78 -48.10
CA VAL A 2405 27.46 3.09 -47.89
C VAL A 2405 25.94 3.06 -48.01
N ILE A 2406 25.24 3.61 -47.02
CA ILE A 2406 23.79 3.68 -47.10
C ILE A 2406 23.43 4.98 -47.78
N GLU A 2407 23.06 4.90 -49.06
CA GLU A 2407 22.67 6.09 -49.78
C GLU A 2407 21.19 6.35 -49.67
N LEU A 2408 20.70 7.29 -50.45
CA LEU A 2408 19.28 7.56 -50.46
C LEU A 2408 18.90 7.50 -51.92
N GLN A 2409 17.63 7.29 -52.23
CA GLN A 2409 17.21 7.32 -53.62
C GLN A 2409 17.52 8.69 -54.16
N GLU A 2410 17.47 9.71 -53.31
CA GLU A 2410 17.86 11.06 -53.73
C GLU A 2410 18.97 11.51 -52.80
N CYS A 2411 20.13 10.87 -52.89
CA CYS A 2411 21.23 11.20 -51.98
C CYS A 2411 21.90 12.52 -52.30
N ARG A 2412 21.79 13.48 -51.38
CA ARG A 2412 22.47 14.75 -51.55
C ARG A 2412 23.69 14.65 -50.67
N THR A 2413 23.47 14.46 -49.37
CA THR A 2413 24.57 14.28 -48.44
C THR A 2413 24.16 13.11 -47.58
N ASP A 2414 23.14 12.40 -48.04
CA ASP A 2414 22.61 11.28 -47.25
C ASP A 2414 23.21 9.97 -47.69
N CYS A 2415 24.48 9.98 -48.03
CA CYS A 2415 25.18 8.76 -48.39
C CYS A 2415 26.13 8.62 -47.24
N ASN A 2416 26.26 9.69 -46.47
CA ASN A 2416 27.17 9.69 -45.35
C ASN A 2416 26.46 10.20 -44.12
N LEU A 2417 25.33 10.87 -44.32
CA LEU A 2417 24.59 11.45 -43.20
C LEU A 2417 23.11 11.52 -43.51
N LEU A 2418 22.40 10.42 -43.30
CA LEU A 2418 20.97 10.37 -43.58
C LEU A 2418 20.18 11.09 -42.50
N PRO A 2419 19.42 12.13 -42.88
CA PRO A 2419 18.72 12.93 -41.89
C PRO A 2419 17.24 12.59 -41.70
N MET A 2420 16.94 11.66 -40.82
CA MET A 2420 15.54 11.34 -40.54
C MET A 2420 15.13 12.04 -39.26
N VAL A 2421 13.99 11.68 -38.69
CA VAL A 2421 13.55 12.29 -37.45
C VAL A 2421 12.88 11.30 -36.52
N ILE A 2422 13.02 11.52 -35.21
CA ILE A 2422 12.38 10.65 -34.24
C ILE A 2422 11.50 11.49 -33.36
N PHE A 2423 10.20 11.39 -33.55
CA PHE A 2423 9.26 12.11 -32.70
C PHE A 2423 9.34 11.49 -31.32
N SER A 2424 10.13 12.07 -30.43
CA SER A 2424 10.33 11.45 -29.13
C SER A 2424 9.23 11.72 -28.12
N ASP A 2425 9.10 10.84 -27.14
CA ASP A 2425 8.04 10.98 -26.15
C ASP A 2425 8.61 11.07 -24.75
N LYS A 2426 8.01 11.89 -23.89
CA LYS A 2426 8.49 12.02 -22.50
C LYS A 2426 8.10 10.86 -21.61
N VAL A 2427 8.80 10.70 -20.50
CA VAL A 2427 8.45 9.64 -19.55
C VAL A 2427 7.41 10.16 -18.56
N SER A 2428 6.62 9.25 -17.98
CA SER A 2428 5.62 9.65 -16.99
C SER A 2428 5.95 9.00 -15.65
N PRO A 2429 6.36 9.80 -14.67
CA PRO A 2429 6.65 9.27 -13.33
C PRO A 2429 5.39 9.00 -12.54
N PRO A 2430 5.19 7.74 -12.11
CA PRO A 2430 4.00 7.38 -11.33
C PRO A 2430 4.02 8.01 -9.95
N SER A 2431 3.23 9.05 -9.74
CA SER A 2431 3.20 9.71 -8.44
C SER A 2431 1.95 9.29 -7.69
N LEU A 2432 1.45 8.10 -7.99
CA LEU A 2432 0.24 7.61 -7.35
C LEU A 2432 0.57 6.62 -6.25
N GLY A 2433 1.33 5.59 -6.58
CA GLY A 2433 1.65 4.56 -5.61
C GLY A 2433 0.74 3.38 -5.86
N PHE A 2434 -0.53 3.52 -5.49
CA PHE A 2434 -1.49 2.45 -5.77
C PHE A 2434 -2.08 2.71 -7.14
N LEU A 2435 -3.37 3.05 -7.19
CA LEU A 2435 -4.00 3.38 -8.46
C LEU A 2435 -4.85 4.62 -8.34
N ALA A 2436 -4.42 5.72 -8.97
CA ALA A 2436 -5.19 6.95 -8.94
C ALA A 2436 -6.64 6.73 -9.35
N GLY A 2437 -6.85 5.94 -10.40
CA GLY A 2437 -8.20 5.66 -10.87
C GLY A 2437 -9.14 5.00 -9.89
N TYR A 2438 -8.70 3.96 -9.19
CA TYR A 2438 -9.60 3.23 -8.31
C TYR A 2438 -9.04 2.82 -6.96
N GLY A 2439 -7.75 2.55 -6.89
CA GLY A 2439 -7.15 2.11 -5.64
C GLY A 2439 -7.23 3.22 -4.60
N ILE A 2440 -6.60 4.34 -4.89
CA ILE A 2440 -6.66 5.48 -3.98
C ILE A 2440 -8.07 6.01 -3.86
N MET A 2441 -8.83 5.97 -4.96
CA MET A 2441 -10.21 6.44 -4.93
C MET A 2441 -11.06 5.63 -3.96
N GLY A 2442 -10.97 4.31 -4.03
CA GLY A 2442 -11.74 3.46 -3.14
C GLY A 2442 -11.33 3.67 -1.70
N LEU A 2443 -10.03 3.82 -1.46
CA LEU A 2443 -9.56 4.08 -0.10
C LEU A 2443 -10.14 5.38 0.41
N TYR A 2444 -10.13 6.42 -0.41
CA TYR A 2444 -10.69 7.71 -0.01
C TYR A 2444 -12.14 7.56 0.40
N VAL A 2445 -12.94 6.87 -0.41
CA VAL A 2445 -14.34 6.67 -0.10
C VAL A 2445 -14.48 5.98 1.25
N SER A 2446 -13.74 4.90 1.45
CA SER A 2446 -13.79 4.18 2.72
C SER A 2446 -13.47 5.08 3.89
N ILE A 2447 -12.42 5.89 3.76
CA ILE A 2447 -12.05 6.82 4.83
C ILE A 2447 -13.23 7.74 5.14
N VAL A 2448 -13.77 8.39 4.12
CA VAL A 2448 -14.91 9.29 4.31
C VAL A 2448 -16.03 8.61 5.09
N LEU A 2449 -16.42 7.41 4.69
CA LEU A 2449 -17.48 6.69 5.39
C LEU A 2449 -17.15 6.47 6.86
N VAL A 2450 -15.94 5.99 7.14
CA VAL A 2450 -15.58 5.71 8.52
C VAL A 2450 -15.46 7.00 9.32
N ILE A 2451 -15.00 8.08 8.69
CA ILE A 2451 -14.97 9.35 9.38
C ILE A 2451 -16.41 9.77 9.57
N GLY A 2452 -17.27 9.41 8.63
CA GLY A 2452 -18.68 9.70 8.76
C GLY A 2452 -19.19 9.12 10.06
N LYS A 2453 -18.93 7.83 10.27
CA LYS A 2453 -19.41 7.18 11.47
C LYS A 2453 -18.79 7.78 12.71
N PHE A 2454 -17.50 8.11 12.64
CA PHE A 2454 -16.84 8.76 13.77
C PHE A 2454 -17.57 10.03 14.19
N VAL A 2455 -17.90 10.88 13.21
CA VAL A 2455 -18.58 12.14 13.52
C VAL A 2455 -20.01 11.90 13.98
N ARG A 2456 -20.66 10.88 13.44
CA ARG A 2456 -22.01 10.55 13.89
C ARG A 2456 -21.96 10.16 15.35
N GLY A 2457 -20.89 9.50 15.74
CA GLY A 2457 -20.72 9.06 17.11
C GLY A 2457 -20.96 10.13 18.16
N PHE A 2458 -21.04 11.39 17.75
CA PHE A 2458 -21.38 12.45 18.69
C PHE A 2458 -22.85 12.80 18.57
N PHE A 2459 -23.26 13.27 17.40
CA PHE A 2459 -24.64 13.72 17.21
C PHE A 2459 -25.68 12.65 16.94
N SER A 2460 -25.54 11.47 17.53
CA SER A 2460 -26.55 10.43 17.37
C SER A 2460 -27.17 10.09 18.70
N GLU A 2461 -26.34 9.79 19.69
CA GLU A 2461 -26.90 9.37 20.97
C GLU A 2461 -26.55 10.34 22.07
N ILE A 2462 -26.57 11.63 21.76
CA ILE A 2462 -26.29 12.62 22.77
C ILE A 2462 -27.40 12.64 23.81
N SER A 2463 -28.56 12.11 23.46
CA SER A 2463 -29.71 12.13 24.36
C SER A 2463 -29.76 10.98 25.33
N HIS A 2464 -28.83 10.04 25.22
CA HIS A 2464 -28.84 8.88 26.09
C HIS A 2464 -27.94 9.12 27.29
N SER A 2465 -27.43 10.33 27.41
CA SER A 2465 -26.55 10.65 28.51
C SER A 2465 -27.05 11.85 29.30
N ILE A 2466 -28.07 12.52 28.79
CA ILE A 2466 -28.57 13.71 29.47
C ILE A 2466 -28.98 13.38 30.89
N MET A 2467 -28.72 12.15 31.32
CA MET A 2467 -29.06 11.75 32.68
C MET A 2467 -27.82 11.64 33.52
N PHE A 2468 -26.66 11.68 32.87
CA PHE A 2468 -25.41 11.55 33.59
C PHE A 2468 -24.57 12.77 33.29
N GLU A 2469 -25.08 13.68 32.48
CA GLU A 2469 -24.29 14.84 32.08
C GLU A 2469 -24.98 16.18 32.28
N GLU A 2470 -26.26 16.18 32.57
CA GLU A 2470 -26.99 17.42 32.74
C GLU A 2470 -27.38 17.61 34.18
N LEU A 2471 -26.51 17.24 35.10
CA LEU A 2471 -26.80 17.34 36.51
C LEU A 2471 -26.65 18.76 37.01
N PRO A 2472 -27.70 19.31 37.65
CA PRO A 2472 -27.67 20.70 38.11
C PRO A 2472 -26.54 21.05 39.08
N CYS A 2473 -26.41 20.32 40.19
CA CYS A 2473 -25.32 20.57 41.13
C CYS A 2473 -24.59 19.29 41.50
N VAL A 2474 -23.36 19.13 41.04
CA VAL A 2474 -22.62 17.89 41.29
C VAL A 2474 -21.77 17.91 42.53
N ASP A 2475 -22.01 18.86 43.42
CA ASP A 2475 -21.19 18.98 44.62
C ASP A 2475 -21.28 17.79 45.55
N ARG A 2476 -22.46 17.22 45.69
CA ARG A 2476 -22.62 16.12 46.61
C ARG A 2476 -21.97 14.86 46.07
N ILE A 2477 -21.91 14.72 44.75
CA ILE A 2477 -21.25 13.56 44.17
C ILE A 2477 -19.74 13.67 44.22
N LEU A 2478 -19.19 14.87 44.08
CA LEU A 2478 -17.73 14.97 44.21
C LEU A 2478 -17.32 14.75 45.65
N LYS A 2479 -18.18 15.08 46.61
CA LYS A 2479 -17.84 14.79 47.98
C LYS A 2479 -17.71 13.30 48.14
N LEU A 2480 -18.67 12.54 47.63
CA LEU A 2480 -18.61 11.09 47.69
C LEU A 2480 -17.32 10.60 47.06
N CYS A 2481 -17.03 11.07 45.87
CA CYS A 2481 -15.84 10.60 45.16
C CYS A 2481 -14.58 10.92 45.94
N GLN A 2482 -14.49 12.11 46.50
CA GLN A 2482 -13.31 12.50 47.25
C GLN A 2482 -13.22 11.79 48.59
N ASP A 2483 -14.34 11.32 49.12
CA ASP A 2483 -14.31 10.57 50.36
C ASP A 2483 -13.76 9.20 50.10
N ILE A 2484 -14.02 8.64 48.92
CA ILE A 2484 -13.44 7.36 48.58
C ILE A 2484 -11.93 7.53 48.52
N PHE A 2485 -11.48 8.61 47.92
CA PHE A 2485 -10.04 8.86 47.82
C PHE A 2485 -9.42 9.04 49.19
N LEU A 2486 -10.08 9.80 50.05
CA LEU A 2486 -9.56 10.04 51.40
C LEU A 2486 -9.49 8.76 52.19
N VAL A 2487 -10.44 7.87 51.97
CA VAL A 2487 -10.48 6.64 52.75
C VAL A 2487 -9.50 5.61 52.23
N ARG A 2488 -8.92 5.88 51.07
CA ARG A 2488 -7.92 4.96 50.54
C ARG A 2488 -6.54 5.42 50.98
N GLU A 2489 -6.40 6.71 51.27
CA GLU A 2489 -5.12 7.22 51.75
C GLU A 2489 -4.92 6.82 53.21
N THR A 2490 -5.99 6.86 53.99
CA THR A 2490 -5.90 6.48 55.39
C THR A 2490 -5.99 4.97 55.52
N ARG A 2491 -6.09 4.26 54.41
CA ARG A 2491 -6.16 2.80 54.40
C ARG A 2491 -7.24 2.20 55.26
N GLU A 2492 -8.41 2.82 55.31
CA GLU A 2492 -9.52 2.23 56.02
C GLU A 2492 -10.35 1.70 54.89
N LEU A 2493 -9.91 0.60 54.29
CA LEU A 2493 -10.58 0.11 53.10
C LEU A 2493 -11.94 -0.53 53.30
N GLU A 2494 -12.38 -0.69 54.54
CA GLU A 2494 -13.71 -1.20 54.78
C GLU A 2494 -14.70 -0.14 54.33
N LEU A 2495 -14.40 1.11 54.62
CA LEU A 2495 -15.29 2.19 54.24
C LEU A 2495 -15.20 2.49 52.76
N GLU A 2496 -14.15 2.01 52.10
CA GLU A 2496 -14.05 2.19 50.66
C GLU A 2496 -15.16 1.39 50.02
N GLU A 2497 -15.32 0.14 50.46
CA GLU A 2497 -16.40 -0.69 49.93
C GLU A 2497 -17.75 -0.07 50.20
N GLU A 2498 -17.93 0.51 51.38
CA GLU A 2498 -19.22 1.10 51.73
C GLU A 2498 -19.55 2.35 50.92
N LEU A 2499 -18.56 3.21 50.69
CA LEU A 2499 -18.80 4.43 49.92
C LEU A 2499 -18.91 4.11 48.44
N TYR A 2500 -18.32 3.01 47.99
CA TYR A 2500 -18.47 2.61 46.60
C TYR A 2500 -19.90 2.16 46.40
N ALA A 2501 -20.48 1.54 47.41
CA ALA A 2501 -21.87 1.12 47.31
C ALA A 2501 -22.79 2.31 47.12
N LYS A 2502 -22.51 3.42 47.79
CA LYS A 2502 -23.32 4.60 47.56
C LYS A 2502 -23.15 5.08 46.13
N LEU A 2503 -21.93 5.16 45.64
CA LEU A 2503 -21.70 5.63 44.28
C LEU A 2503 -22.48 4.79 43.29
N ILE A 2504 -22.43 3.48 43.40
CA ILE A 2504 -23.10 2.68 42.41
C ILE A 2504 -24.62 2.74 42.51
N PHE A 2505 -25.17 2.97 43.70
CA PHE A 2505 -26.62 3.10 43.76
C PHE A 2505 -27.08 4.44 43.24
N LEU A 2506 -26.26 5.47 43.36
CA LEU A 2506 -26.62 6.76 42.81
C LEU A 2506 -26.73 6.59 41.32
N TYR A 2507 -25.84 5.81 40.75
CA TYR A 2507 -25.82 5.64 39.32
C TYR A 2507 -26.65 4.45 38.84
N ARG A 2508 -27.39 3.82 39.76
CA ARG A 2508 -28.25 2.72 39.39
C ARG A 2508 -29.69 3.15 39.41
N SER A 2509 -29.97 4.25 40.10
CA SER A 2509 -31.31 4.77 40.12
C SER A 2509 -31.29 6.22 39.71
N PRO A 2510 -31.75 6.52 38.50
CA PRO A 2510 -31.75 7.88 37.99
C PRO A 2510 -32.57 8.86 38.83
N GLU A 2511 -33.61 8.40 39.50
CA GLU A 2511 -34.43 9.28 40.31
C GLU A 2511 -33.71 9.78 41.55
N THR A 2512 -32.83 8.97 42.12
CA THR A 2512 -32.06 9.41 43.27
C THR A 2512 -30.99 10.37 42.83
N MET A 2513 -30.55 10.27 41.59
CA MET A 2513 -29.59 11.24 41.11
C MET A 2513 -30.28 12.57 41.04
N ILE A 2514 -31.49 12.61 40.51
CA ILE A 2514 -32.24 13.86 40.48
C ILE A 2514 -32.34 14.46 41.88
N LYS A 2515 -32.69 13.66 42.87
CA LYS A 2515 -32.78 14.15 44.24
C LYS A 2515 -31.45 14.68 44.74
N TRP A 2516 -30.39 13.91 44.57
CA TRP A 2516 -29.09 14.30 45.10
C TRP A 2516 -28.45 15.47 44.37
N THR A 2517 -28.79 15.67 43.12
CA THR A 2517 -28.18 16.74 42.35
C THR A 2517 -29.06 17.97 42.24
N ARG A 2518 -30.01 18.13 43.15
CA ARG A 2518 -30.87 19.30 43.13
C ARG A 2518 -30.06 20.55 43.38
N GLU A 2519 -30.37 21.62 42.67
CA GLU A 2519 -29.58 22.85 42.78
C GLU A 2519 -29.35 23.32 44.20
N LYS A 2520 -30.42 23.55 44.94
CA LYS A 2520 -30.27 24.07 46.28
C LYS A 2520 -30.19 22.93 47.29
N GLU A 2521 -31.30 22.24 47.49
CA GLU A 2521 -31.32 21.15 48.46
C GLU A 2521 -31.91 19.87 47.87
N GLU B 570 47.57 -81.73 46.88
CA GLU B 570 47.80 -81.31 45.51
C GLU B 570 47.02 -82.18 44.54
N LEU B 571 45.87 -81.69 44.09
CA LEU B 571 45.06 -82.44 43.14
C LEU B 571 45.77 -82.50 41.81
N VAL B 572 46.51 -81.45 41.47
CA VAL B 572 47.21 -81.38 40.20
C VAL B 572 48.26 -82.47 40.04
N LYS B 573 48.77 -83.01 41.13
CA LYS B 573 49.72 -84.10 41.04
C LYS B 573 49.08 -85.29 40.36
N GLY B 574 47.91 -85.70 40.84
CA GLY B 574 47.20 -86.81 40.22
C GLY B 574 46.59 -86.43 38.89
N VAL B 575 46.28 -85.15 38.72
CA VAL B 575 45.72 -84.68 37.46
C VAL B 575 46.78 -84.81 36.36
N TYR B 576 48.03 -84.49 36.69
CA TYR B 576 49.11 -84.57 35.70
C TYR B 576 49.63 -85.99 35.56
N ALA B 577 49.31 -86.85 36.52
CA ALA B 577 49.69 -88.25 36.41
C ALA B 577 48.69 -88.88 35.46
N LYS B 578 47.52 -88.27 35.34
CA LYS B 578 46.51 -88.76 34.42
C LYS B 578 46.71 -88.07 33.10
N TYR B 579 47.22 -86.84 33.14
CA TYR B 579 47.44 -86.08 31.91
C TYR B 579 48.67 -86.53 31.17
N TRP B 580 48.50 -87.48 30.26
CA TRP B 580 49.61 -87.95 29.47
C TRP B 580 49.12 -88.31 28.08
N ILE B 581 47.87 -88.71 27.97
CA ILE B 581 47.30 -89.06 26.67
C ILE B 581 47.19 -87.82 25.80
N TYR B 582 46.62 -86.75 26.36
CA TYR B 582 46.46 -85.51 25.60
C TYR B 582 47.80 -84.81 25.51
N VAL B 583 48.66 -85.01 26.49
CA VAL B 583 49.99 -84.42 26.43
C VAL B 583 50.75 -85.03 25.26
N CYS B 584 50.59 -86.34 25.07
CA CYS B 584 51.24 -87.01 23.96
C CYS B 584 50.62 -86.58 22.65
N ALA B 585 49.30 -86.42 22.63
CA ALA B 585 48.61 -86.00 21.41
C ALA B 585 49.20 -84.73 20.81
N GLY B 586 49.46 -83.73 21.64
CA GLY B 586 50.06 -82.50 21.16
C GLY B 586 51.47 -82.69 20.63
N MET B 587 52.21 -83.60 21.24
CA MET B 587 53.57 -83.87 20.78
C MET B 587 53.55 -84.70 19.50
N PHE B 588 52.46 -85.43 19.29
CA PHE B 588 52.35 -86.23 18.08
C PHE B 588 51.83 -85.32 17.00
N ILE B 589 51.31 -84.16 17.38
CA ILE B 589 50.84 -83.20 16.41
C ILE B 589 52.07 -82.50 15.86
N VAL B 590 53.10 -82.33 16.69
CA VAL B 590 54.33 -81.75 16.17
C VAL B 590 55.20 -82.83 15.54
N VAL B 591 54.88 -84.11 15.80
CA VAL B 591 55.59 -85.19 15.14
C VAL B 591 54.97 -85.24 13.76
N SER B 592 53.69 -84.86 13.68
CA SER B 592 53.02 -84.82 12.39
C SER B 592 53.57 -83.64 11.60
N PHE B 593 53.52 -83.74 10.27
CA PHE B 593 54.08 -82.70 9.40
C PHE B 593 55.56 -82.49 9.66
N ALA B 594 56.24 -83.55 10.06
CA ALA B 594 57.67 -83.49 10.35
C ALA B 594 58.17 -84.91 10.26
N GLY B 595 59.49 -85.08 10.26
CA GLY B 595 60.07 -86.40 10.14
C GLY B 595 59.55 -87.09 8.89
N ARG B 596 58.82 -88.19 9.09
CA ARG B 596 58.22 -88.85 7.95
C ARG B 596 56.78 -88.43 7.77
N LEU B 597 56.46 -87.85 6.62
CA LEU B 597 55.09 -87.44 6.33
C LEU B 597 54.13 -88.61 6.50
N VAL B 598 54.53 -89.79 6.09
CA VAL B 598 53.70 -90.97 6.27
C VAL B 598 53.92 -91.59 7.63
N VAL B 599 54.90 -92.49 7.73
CA VAL B 599 55.17 -93.22 8.98
C VAL B 599 54.94 -92.48 10.30
N TYR B 600 55.65 -91.38 10.54
CA TYR B 600 55.52 -90.66 11.80
C TYR B 600 54.09 -90.42 12.20
N LYS B 601 53.34 -89.77 11.32
CA LYS B 601 51.94 -89.46 11.61
C LYS B 601 51.14 -90.67 12.11
N ILE B 602 51.18 -91.76 11.37
CA ILE B 602 50.46 -92.96 11.81
C ILE B 602 51.01 -93.51 13.08
N VAL B 603 52.23 -94.04 13.03
CA VAL B 603 52.86 -94.65 14.20
C VAL B 603 52.60 -93.91 15.51
N TYR B 604 52.81 -92.60 15.52
CA TYR B 604 52.64 -91.87 16.75
C TYR B 604 51.20 -91.44 16.95
N MET B 605 50.76 -90.44 16.21
CA MET B 605 49.40 -89.91 16.41
C MET B 605 48.26 -90.87 16.14
N PHE B 606 48.21 -91.45 14.95
CA PHE B 606 47.05 -92.28 14.61
C PHE B 606 47.05 -93.70 15.14
N LEU B 607 48.15 -94.15 15.73
CA LEU B 607 48.15 -95.48 16.34
C LEU B 607 47.79 -95.27 17.79
N PHE B 608 47.96 -94.06 18.28
CA PHE B 608 47.55 -93.76 19.64
C PHE B 608 46.06 -93.51 19.51
N LEU B 609 45.63 -92.98 18.37
CA LEU B 609 44.21 -92.78 18.13
C LEU B 609 43.54 -94.09 17.83
N LEU B 610 44.30 -95.08 17.35
CA LEU B 610 43.73 -96.39 17.11
C LEU B 610 43.76 -97.21 18.39
N CYS B 611 44.61 -96.82 19.34
CA CYS B 611 44.63 -97.51 20.62
C CYS B 611 43.48 -96.96 21.41
N LEU B 612 43.08 -95.72 21.11
CA LEU B 612 41.92 -95.15 21.76
C LEU B 612 40.79 -96.02 21.30
N THR B 613 40.68 -96.22 19.98
CA THR B 613 39.62 -97.06 19.43
C THR B 613 39.63 -98.45 20.02
N LEU B 614 40.82 -99.02 20.24
CA LEU B 614 40.90 -100.34 20.83
C LEU B 614 40.12 -100.42 22.13
N PHE B 615 40.41 -99.53 23.08
CA PHE B 615 39.71 -99.63 24.35
C PHE B 615 38.22 -99.32 24.24
N GLN B 616 37.85 -98.51 23.25
CA GLN B 616 36.45 -98.19 23.03
C GLN B 616 35.74 -99.38 22.44
N VAL B 617 36.41 -100.13 21.57
CA VAL B 617 35.79 -101.26 20.90
C VAL B 617 35.63 -102.48 21.83
N TYR B 618 36.27 -102.43 22.99
CA TYR B 618 36.08 -103.52 23.94
C TYR B 618 34.76 -103.29 24.65
N TYR B 619 34.27 -102.05 24.67
CA TYR B 619 33.02 -101.68 25.33
C TYR B 619 32.96 -102.09 26.79
N SER B 620 34.11 -102.18 27.44
CA SER B 620 34.17 -102.62 28.82
C SER B 620 35.53 -102.22 29.36
N LEU B 621 36.48 -101.98 28.46
CA LEU B 621 37.82 -101.66 28.89
C LEU B 621 38.21 -100.24 28.56
N TRP B 622 37.26 -99.32 28.57
CA TRP B 622 37.56 -97.92 28.29
C TRP B 622 38.63 -97.43 29.24
N ARG B 623 39.72 -96.90 28.69
CA ARG B 623 40.85 -96.42 29.50
C ARG B 623 41.37 -97.47 30.47
N LYS B 624 41.40 -98.73 30.05
CA LYS B 624 41.89 -99.80 30.90
C LYS B 624 42.89 -100.61 30.11
N LEU B 625 42.78 -100.57 28.79
CA LEU B 625 43.74 -101.28 27.96
C LEU B 625 45.13 -100.73 28.25
N LEU B 626 46.01 -101.58 28.76
CA LEU B 626 47.34 -101.11 29.11
C LEU B 626 48.40 -101.91 28.39
N LYS B 627 48.03 -103.11 27.94
CA LYS B 627 48.98 -103.97 27.23
C LYS B 627 49.47 -103.30 25.96
N ALA B 628 48.55 -102.96 25.06
CA ALA B 628 48.94 -102.29 23.84
C ALA B 628 49.42 -100.88 24.13
N PHE B 629 48.78 -100.20 25.07
CA PHE B 629 49.22 -98.86 25.45
C PHE B 629 50.59 -98.89 26.10
N TRP B 630 50.93 -100.04 26.68
CA TRP B 630 52.25 -100.18 27.28
C TRP B 630 53.28 -100.27 26.16
N TRP B 631 53.01 -101.12 25.18
CA TRP B 631 53.95 -101.31 24.09
C TRP B 631 53.94 -100.17 23.09
N LEU B 632 53.00 -99.24 23.22
CA LEU B 632 53.00 -98.08 22.34
C LEU B 632 54.26 -97.33 22.68
N VAL B 633 54.49 -97.16 23.99
CA VAL B 633 55.70 -96.49 24.43
C VAL B 633 56.92 -97.24 23.94
N VAL B 634 56.96 -98.55 24.13
CA VAL B 634 58.13 -99.33 23.73
C VAL B 634 58.41 -99.20 22.23
N ALA B 635 57.36 -99.15 21.41
CA ALA B 635 57.55 -98.94 19.98
C ALA B 635 58.19 -97.59 19.73
N TYR B 636 57.71 -96.56 20.41
CA TYR B 636 58.27 -95.23 20.25
C TYR B 636 59.71 -95.11 20.74
N THR B 637 60.04 -95.80 21.83
CA THR B 637 61.41 -95.79 22.32
C THR B 637 62.32 -96.41 21.28
N MET B 638 61.87 -97.52 20.69
CA MET B 638 62.67 -98.20 19.68
C MET B 638 62.97 -97.25 18.54
N LEU B 639 61.95 -96.56 18.04
CA LEU B 639 62.14 -95.61 16.95
C LEU B 639 63.20 -94.59 17.30
N VAL B 640 63.12 -94.01 18.50
CA VAL B 640 64.10 -93.01 18.91
C VAL B 640 65.50 -93.60 19.02
N LEU B 641 65.62 -94.79 19.62
CA LEU B 641 66.93 -95.43 19.73
C LEU B 641 67.56 -95.66 18.37
N ILE B 642 66.77 -96.10 17.40
CA ILE B 642 67.29 -96.33 16.06
C ILE B 642 67.70 -95.01 15.42
N ALA B 643 66.79 -94.04 15.38
CA ALA B 643 67.10 -92.79 14.71
C ALA B 643 66.81 -91.56 15.56
N VAL B 644 65.56 -91.12 15.58
CA VAL B 644 65.21 -89.90 16.30
C VAL B 644 65.54 -89.92 17.79
N SER B 678 72.00 -79.92 11.95
CA SER B 678 70.64 -79.46 12.26
C SER B 678 69.70 -80.64 12.39
N GLU B 679 69.76 -81.50 11.37
CA GLU B 679 68.83 -82.61 11.28
C GLU B 679 69.11 -83.81 12.13
N LEU B 680 70.36 -84.17 12.35
CA LEU B 680 70.61 -85.26 13.28
C LEU B 680 70.04 -84.70 14.55
N PHE B 681 70.60 -83.57 14.97
CA PHE B 681 70.10 -82.92 16.16
C PHE B 681 68.60 -82.72 16.11
N SER B 682 68.04 -82.33 14.97
CA SER B 682 66.61 -82.02 14.91
C SER B 682 65.93 -83.26 15.33
N SER B 683 66.07 -84.32 14.55
CA SER B 683 65.47 -85.59 14.86
C SER B 683 65.56 -85.82 16.35
N ILE B 684 66.78 -85.89 16.87
CA ILE B 684 66.94 -86.20 18.29
C ILE B 684 66.00 -85.34 19.11
N LEU B 685 66.34 -84.07 19.26
CA LEU B 685 65.54 -83.18 20.09
C LEU B 685 64.05 -83.41 19.92
N VAL B 686 63.57 -83.31 18.69
CA VAL B 686 62.15 -83.43 18.45
C VAL B 686 61.54 -84.71 19.02
N PRO B 687 61.92 -85.89 18.48
CA PRO B 687 61.27 -87.02 19.19
C PRO B 687 61.66 -87.38 20.62
N GLY B 688 62.74 -86.83 21.15
CA GLY B 688 63.08 -87.06 22.55
C GLY B 688 61.96 -86.34 23.24
N PHE B 689 61.75 -85.09 22.88
CA PHE B 689 60.62 -84.34 23.42
C PHE B 689 59.33 -85.15 23.56
N PHE B 690 59.05 -86.11 22.66
CA PHE B 690 57.82 -86.83 22.90
C PHE B 690 58.16 -88.12 23.61
N LEU B 691 59.34 -88.67 23.34
CA LEU B 691 59.77 -89.88 24.01
C LEU B 691 59.99 -89.61 25.49
N LEU B 692 60.45 -88.42 25.84
CA LEU B 692 60.61 -88.09 27.25
C LEU B 692 59.29 -88.33 27.96
N ALA B 693 58.23 -87.70 27.48
CA ALA B 693 56.91 -87.89 28.09
C ALA B 693 56.46 -89.36 28.07
N CYS B 694 56.64 -90.04 26.94
CA CYS B 694 56.22 -91.43 26.82
C CYS B 694 56.94 -92.34 27.80
N ILE B 695 58.27 -92.23 27.86
CA ILE B 695 59.05 -93.07 28.76
C ILE B 695 58.71 -92.76 30.23
N LEU B 696 58.24 -91.54 30.49
CA LEU B 696 57.86 -91.18 31.85
C LEU B 696 56.62 -91.94 32.29
N GLN B 697 55.67 -92.16 31.38
CA GLN B 697 54.51 -92.97 31.75
C GLN B 697 54.96 -94.39 32.05
N LEU B 698 55.83 -94.93 31.21
CA LEU B 698 56.32 -96.28 31.42
C LEU B 698 57.06 -96.41 32.74
N HIS B 699 57.77 -95.36 33.14
CA HIS B 699 58.46 -95.38 34.41
C HIS B 699 57.47 -95.35 35.57
N TYR B 700 56.62 -94.32 35.59
CA TYR B 700 55.68 -94.18 36.70
C TYR B 700 54.33 -93.62 36.29
N PHE B 701 53.33 -93.77 37.15
CA PHE B 701 51.98 -93.25 36.88
C PHE B 701 51.40 -93.57 35.52
N HIS B 702 51.44 -94.83 35.11
CA HIS B 702 50.80 -95.21 33.86
C HIS B 702 49.36 -95.46 34.26
N ARG B 703 49.16 -95.84 35.51
CA ARG B 703 47.81 -96.14 36.01
C ARG B 703 46.70 -95.08 35.95
N PRO B 704 46.91 -93.85 36.48
CA PRO B 704 45.78 -92.91 36.50
C PRO B 704 44.95 -92.80 35.22
N PHE B 705 45.61 -92.75 34.06
CA PHE B 705 44.87 -92.71 32.82
C PHE B 705 44.52 -94.09 32.26
N MET B 706 45.35 -95.09 32.53
CA MET B 706 45.14 -96.43 31.93
C MET B 706 44.74 -97.57 32.86
N GLN B 707 45.01 -97.46 34.16
CA GLN B 707 44.64 -98.51 35.11
C GLN B 707 43.99 -97.95 36.38
N LEU B 708 43.46 -96.73 36.31
CA LEU B 708 42.77 -96.16 37.48
C LEU B 708 41.40 -95.68 37.07
N THR B 709 41.33 -94.89 36.00
CA THR B 709 40.04 -94.46 35.50
C THR B 709 39.47 -95.65 34.76
N ASP B 710 38.81 -96.55 35.48
CA ASP B 710 38.34 -97.77 34.86
C ASP B 710 36.84 -97.96 34.89
N MET B 711 36.38 -99.09 34.37
CA MET B 711 34.96 -99.38 34.33
C MET B 711 34.64 -100.52 35.29
N GLU B 712 35.52 -101.53 35.35
CA GLU B 712 35.29 -102.69 36.22
C GLU B 712 33.86 -103.22 36.12
N LEU B 789 32.69 -73.37 45.80
CA LEU B 789 32.82 -72.11 46.53
C LEU B 789 31.51 -71.72 47.18
N GLU B 790 30.62 -71.08 46.43
CA GLU B 790 29.34 -70.63 46.98
C GLU B 790 28.16 -70.98 46.07
N LEU B 791 27.13 -70.15 46.09
CA LEU B 791 25.93 -70.44 45.30
C LEU B 791 26.17 -70.43 43.80
N ALA B 792 26.80 -69.38 43.29
CA ALA B 792 27.05 -69.27 41.85
C ALA B 792 27.87 -70.45 41.35
N ALA B 793 28.93 -70.80 42.07
CA ALA B 793 29.74 -71.95 41.68
C ALA B 793 28.92 -73.22 41.75
N GLY B 794 28.04 -73.33 42.73
CA GLY B 794 27.17 -74.48 42.84
C GLY B 794 26.32 -74.63 41.58
N PHE B 795 25.73 -73.52 41.12
CA PHE B 795 24.94 -73.56 39.90
C PHE B 795 25.82 -73.99 38.74
N SER B 796 27.02 -73.42 38.65
CA SER B 796 27.93 -73.74 37.57
C SER B 796 28.20 -75.24 37.44
N ASP B 797 28.54 -75.91 38.53
CA ASP B 797 28.88 -77.33 38.42
C ASP B 797 27.67 -78.18 38.09
N VAL B 798 26.49 -77.78 38.55
CA VAL B 798 25.28 -78.51 38.21
C VAL B 798 25.11 -78.43 36.71
N LEU B 799 25.20 -77.21 36.17
CA LEU B 799 25.09 -77.03 34.73
C LEU B 799 26.12 -77.85 33.99
N SER B 800 27.36 -77.91 34.46
CA SER B 800 28.30 -78.79 33.77
C SER B 800 27.68 -80.17 33.63
N ARG B 801 27.28 -80.76 34.75
CA ARG B 801 26.76 -82.12 34.70
C ARG B 801 25.47 -82.32 33.90
N VAL B 802 24.52 -81.38 33.88
CA VAL B 802 23.33 -81.56 33.03
C VAL B 802 23.70 -81.62 31.55
N GLN B 803 24.60 -80.74 31.17
CA GLN B 803 25.07 -80.74 29.80
C GLN B 803 25.69 -82.09 29.52
N VAL B 804 26.57 -82.54 30.42
CA VAL B 804 27.24 -83.79 30.11
C VAL B 804 26.24 -84.94 30.05
N PHE B 805 25.16 -84.85 30.84
CA PHE B 805 24.12 -85.88 30.77
C PHE B 805 23.54 -85.91 29.38
N LEU B 806 23.36 -84.74 28.78
CA LEU B 806 22.85 -84.67 27.41
C LEU B 806 23.94 -85.10 26.44
N ARG B 807 25.19 -84.96 26.87
CA ARG B 807 26.29 -85.41 26.03
C ARG B 807 26.36 -86.93 26.05
N ARG B 808 25.99 -87.53 27.17
CA ARG B 808 25.98 -88.98 27.25
C ARG B 808 24.64 -89.49 26.74
N LEU B 809 23.75 -88.57 26.39
CA LEU B 809 22.47 -88.97 25.83
C LEU B 809 22.64 -89.07 24.33
N LEU B 810 21.62 -89.56 23.64
CA LEU B 810 21.68 -89.67 22.18
C LEU B 810 21.85 -88.29 21.54
N GLU B 811 21.45 -87.25 22.26
CA GLU B 811 21.60 -85.89 21.74
C GLU B 811 23.01 -85.65 21.24
N LEU B 812 24.00 -86.07 22.02
CA LEU B 812 25.38 -85.92 21.58
C LEU B 812 25.94 -87.24 21.07
N HIS B 813 25.61 -88.36 21.73
CA HIS B 813 26.23 -89.62 21.29
C HIS B 813 26.25 -89.84 19.79
N VAL B 814 25.33 -89.23 19.08
CA VAL B 814 25.10 -89.53 17.68
C VAL B 814 24.84 -88.33 16.81
N PHE B 815 23.80 -87.57 17.10
CA PHE B 815 23.42 -86.45 16.23
C PHE B 815 24.58 -85.55 15.84
N LYS B 816 25.24 -84.95 16.82
CA LYS B 816 26.34 -84.02 16.54
C LYS B 816 27.46 -84.68 15.77
N LEU B 817 27.76 -85.93 16.09
CA LEU B 817 28.83 -86.63 15.41
C LEU B 817 28.52 -86.77 13.93
N VAL B 818 27.36 -87.30 13.61
CA VAL B 818 27.02 -87.52 12.21
C VAL B 818 26.83 -86.20 11.47
N ALA B 819 26.41 -85.15 12.15
CA ALA B 819 26.31 -83.84 11.51
C ALA B 819 27.65 -83.45 10.94
N LEU B 820 28.68 -83.48 11.78
CA LEU B 820 30.00 -83.12 11.32
C LEU B 820 30.52 -84.10 10.30
N TYR B 821 30.16 -85.37 10.45
CA TYR B 821 30.58 -86.37 9.47
C TYR B 821 30.06 -86.04 8.08
N THR B 822 28.77 -85.78 7.96
CA THR B 822 28.19 -85.47 6.67
C THR B 822 28.83 -84.22 6.07
N VAL B 823 29.03 -83.19 6.88
CA VAL B 823 29.68 -81.98 6.39
C VAL B 823 31.07 -82.29 5.84
N TRP B 824 31.83 -83.10 6.57
CA TRP B 824 33.19 -83.37 6.15
C TRP B 824 33.35 -84.59 5.27
N VAL B 825 32.27 -85.08 4.68
CA VAL B 825 32.36 -86.20 3.75
C VAL B 825 31.63 -85.81 2.48
N ALA B 826 30.34 -85.51 2.60
CA ALA B 826 29.54 -85.17 1.43
C ALA B 826 29.89 -83.80 0.92
N LEU B 827 29.83 -82.81 1.80
CA LEU B 827 30.12 -81.43 1.39
C LEU B 827 31.62 -81.20 1.26
N LYS B 828 32.43 -82.13 1.74
CA LYS B 828 33.88 -82.01 1.58
C LYS B 828 34.39 -83.02 0.58
N GLU B 829 35.53 -83.65 0.90
CA GLU B 829 36.13 -84.62 0.00
C GLU B 829 35.19 -85.76 -0.29
N VAL B 830 34.68 -85.82 -1.52
CA VAL B 830 33.71 -86.85 -1.85
C VAL B 830 34.38 -88.11 -2.39
N SER B 831 33.63 -88.89 -3.15
CA SER B 831 34.17 -90.11 -3.78
C SER B 831 34.58 -91.31 -2.91
N VAL B 832 35.68 -91.23 -2.17
CA VAL B 832 36.15 -92.39 -1.41
C VAL B 832 35.82 -92.34 0.08
N MET B 833 35.20 -91.25 0.52
CA MET B 833 34.81 -91.15 1.91
C MET B 833 33.40 -91.70 2.10
N ASN B 834 32.89 -92.42 1.11
CA ASN B 834 31.58 -93.04 1.23
C ASN B 834 31.58 -94.11 2.31
N LEU B 835 32.74 -94.69 2.58
CA LEU B 835 32.85 -95.71 3.61
C LEU B 835 32.75 -95.07 4.98
N LEU B 836 32.90 -93.76 5.05
CA LEU B 836 32.82 -93.06 6.33
C LEU B 836 31.46 -92.42 6.51
N LEU B 837 30.53 -92.71 5.59
CA LEU B 837 29.22 -92.11 5.68
C LEU B 837 28.08 -92.93 5.14
N VAL B 838 27.96 -93.04 3.83
CA VAL B 838 26.81 -93.73 3.26
C VAL B 838 26.77 -95.25 3.41
N VAL B 839 27.84 -95.86 3.90
CA VAL B 839 27.78 -97.29 4.16
C VAL B 839 27.78 -97.46 5.67
N LEU B 840 28.11 -96.38 6.37
CA LEU B 840 28.14 -96.45 7.82
C LEU B 840 26.87 -95.83 8.35
N TRP B 841 26.89 -94.52 8.52
CA TRP B 841 25.74 -93.83 9.10
C TRP B 841 24.41 -93.92 8.37
N ALA B 842 24.43 -94.18 7.08
CA ALA B 842 23.17 -94.36 6.36
C ALA B 842 22.44 -95.64 6.73
N PHE B 843 23.12 -96.55 7.41
CA PHE B 843 22.49 -97.77 7.87
C PHE B 843 22.50 -97.82 9.39
N ALA B 844 23.40 -97.07 10.00
CA ALA B 844 23.49 -97.06 11.45
C ALA B 844 22.43 -96.18 12.05
N LEU B 845 22.07 -95.11 11.35
CA LEU B 845 20.98 -94.26 11.83
C LEU B 845 19.66 -95.03 11.94
N PRO B 846 19.17 -95.64 10.84
CA PRO B 846 17.91 -96.39 11.04
C PRO B 846 18.01 -97.48 12.08
N TYR B 847 19.02 -98.34 11.99
CA TYR B 847 19.16 -99.45 12.92
C TYR B 847 20.24 -99.13 13.92
N PRO B 848 19.86 -98.69 15.13
CA PRO B 848 20.86 -98.26 16.10
C PRO B 848 21.58 -99.39 16.82
N ARG B 849 21.35 -100.64 16.42
CA ARG B 849 22.06 -101.76 17.02
C ARG B 849 23.55 -101.57 16.82
N PHE B 850 23.94 -101.18 15.62
CA PHE B 850 25.35 -101.00 15.34
C PHE B 850 25.76 -99.55 15.30
N ARG B 851 25.06 -98.69 16.02
CA ARG B 851 25.48 -97.29 16.09
C ARG B 851 26.86 -97.13 16.74
N PRO B 852 27.19 -97.78 17.90
CA PRO B 852 28.57 -97.57 18.40
C PRO B 852 29.65 -98.30 17.59
N MET B 853 29.28 -99.46 17.07
CA MET B 853 30.23 -100.23 16.25
C MET B 853 30.56 -99.38 15.05
N ALA B 854 29.54 -98.77 14.45
CA ALA B 854 29.77 -97.90 13.31
C ALA B 854 30.76 -96.82 13.67
N SER B 855 30.57 -96.13 14.79
CA SER B 855 31.52 -95.11 15.25
C SER B 855 32.97 -95.59 15.39
N CYS B 856 33.16 -96.75 16.01
CA CYS B 856 34.53 -97.29 16.11
C CYS B 856 35.12 -97.57 14.72
N LEU B 857 34.31 -98.18 13.85
CA LEU B 857 34.81 -98.51 12.52
C LEU B 857 35.16 -97.21 11.82
N SER B 858 34.41 -96.15 12.07
CA SER B 858 34.63 -94.85 11.46
C SER B 858 35.96 -94.29 11.89
N THR B 859 36.22 -94.30 13.20
CA THR B 859 37.53 -93.88 13.64
C THR B 859 38.56 -94.65 12.81
N VAL B 860 38.47 -95.98 12.84
CA VAL B 860 39.50 -96.76 12.12
C VAL B 860 39.68 -96.34 10.67
N TRP B 861 38.58 -96.19 9.96
CA TRP B 861 38.63 -95.86 8.53
C TRP B 861 39.15 -94.49 8.23
N THR B 862 38.84 -93.48 9.02
CA THR B 862 39.43 -92.19 8.68
C THR B 862 40.89 -92.18 9.08
N CYS B 863 41.24 -92.98 10.08
CA CYS B 863 42.66 -93.09 10.39
C CYS B 863 43.31 -93.62 9.11
N VAL B 864 42.74 -94.68 8.54
CA VAL B 864 43.27 -95.24 7.30
C VAL B 864 43.34 -94.20 6.18
N ILE B 865 42.31 -93.37 6.06
CA ILE B 865 42.26 -92.34 5.02
C ILE B 865 43.39 -91.34 5.18
N ILE B 866 43.62 -90.84 6.40
CA ILE B 866 44.76 -89.95 6.56
C ILE B 866 46.07 -90.68 6.27
N VAL B 867 46.23 -91.93 6.72
CA VAL B 867 47.42 -92.69 6.37
C VAL B 867 47.66 -92.65 4.87
N CYS B 868 46.62 -92.95 4.10
CA CYS B 868 46.74 -92.95 2.65
C CYS B 868 47.09 -91.60 2.07
N LYS B 869 46.40 -90.54 2.49
CA LYS B 869 46.64 -89.24 1.87
C LYS B 869 47.95 -88.63 2.34
N MET B 870 48.61 -89.32 3.27
CA MET B 870 49.86 -88.80 3.83
C MET B 870 50.86 -88.69 2.69
N LEU B 871 50.96 -89.74 1.89
CA LEU B 871 51.86 -89.70 0.74
C LEU B 871 51.17 -89.05 -0.45
N TYR B 872 50.44 -87.96 -0.22
CA TYR B 872 49.72 -87.25 -1.29
C TYR B 872 49.30 -88.11 -2.48
N GLN B 873 49.72 -87.72 -3.69
CA GLN B 873 49.42 -88.51 -4.89
C GLN B 873 50.35 -88.10 -6.01
N LEU B 874 51.18 -87.09 -5.78
CA LEU B 874 52.08 -86.60 -6.82
C LEU B 874 53.32 -87.44 -7.12
N LYS B 875 53.47 -88.63 -6.53
CA LYS B 875 54.63 -89.44 -6.88
C LYS B 875 54.43 -90.03 -8.26
N VAL B 876 55.30 -89.68 -9.21
CA VAL B 876 55.21 -90.18 -10.60
C VAL B 876 53.79 -90.41 -11.09
N VAL B 877 53.02 -89.34 -11.22
CA VAL B 877 51.64 -89.47 -11.68
C VAL B 877 51.63 -89.81 -13.15
N ASN B 878 50.98 -90.91 -13.50
CA ASN B 878 50.85 -91.28 -14.91
C ASN B 878 49.38 -91.44 -15.23
N PRO B 879 48.68 -90.32 -15.46
CA PRO B 879 47.24 -90.40 -15.69
C PRO B 879 46.92 -90.69 -17.15
N ASN B 915 41.21 -98.51 -10.08
CA ASN B 915 41.92 -97.33 -10.53
C ASN B 915 41.05 -96.09 -10.42
N TRP B 916 39.88 -96.13 -11.05
CA TRP B 916 38.99 -94.98 -11.02
C TRP B 916 37.96 -95.11 -9.93
N PHE B 917 37.95 -94.16 -9.01
CA PHE B 917 36.95 -94.17 -7.96
C PHE B 917 36.67 -92.73 -7.71
N GLY B 918 36.64 -91.93 -8.77
CA GLY B 918 36.46 -90.50 -8.59
C GLY B 918 37.74 -89.96 -7.99
N VAL B 919 38.88 -90.32 -8.56
CA VAL B 919 40.16 -89.87 -8.02
C VAL B 919 40.30 -88.36 -7.99
N ARG B 920 40.26 -87.79 -6.80
CA ARG B 920 40.42 -86.35 -6.66
C ARG B 920 41.88 -86.05 -6.44
N LYS B 921 42.64 -87.01 -5.91
CA LYS B 921 44.07 -86.86 -5.62
C LYS B 921 44.43 -85.89 -4.50
N GLY B 922 45.22 -86.35 -3.54
CA GLY B 922 45.60 -85.50 -2.41
C GLY B 922 46.73 -84.54 -2.71
N PHE B 923 46.47 -83.54 -3.53
CA PHE B 923 47.52 -82.60 -3.90
C PHE B 923 47.96 -81.63 -2.80
N PRO B 924 47.01 -80.94 -2.14
CA PRO B 924 47.52 -80.06 -1.07
C PRO B 924 48.14 -80.85 0.06
N ASN B 925 48.94 -80.21 0.90
CA ASN B 925 49.42 -80.92 2.08
C ASN B 925 48.50 -80.55 3.24
N LEU B 926 48.77 -79.40 3.86
CA LEU B 926 47.97 -78.95 5.01
C LEU B 926 46.47 -78.97 4.77
N GLY B 927 45.97 -78.19 3.82
CA GLY B 927 44.54 -78.14 3.57
C GLY B 927 43.91 -79.49 3.37
N TYR B 928 44.60 -80.38 2.65
CA TYR B 928 44.07 -81.71 2.38
C TYR B 928 43.98 -82.55 3.64
N ILE B 929 45.04 -82.62 4.44
CA ILE B 929 44.91 -83.36 5.70
C ILE B 929 43.97 -82.68 6.72
N GLN B 930 43.60 -81.42 6.45
CA GLN B 930 42.79 -80.65 7.41
C GLN B 930 41.33 -80.91 7.80
N ASN B 931 40.65 -81.93 7.25
CA ASN B 931 39.29 -82.16 7.78
C ASN B 931 39.01 -83.56 8.35
N HIS B 932 39.60 -84.59 7.77
CA HIS B 932 39.34 -85.94 8.24
C HIS B 932 39.78 -86.05 9.68
N LEU B 933 40.88 -85.38 10.02
CA LEU B 933 41.36 -85.41 11.40
C LEU B 933 40.39 -84.69 12.31
N GLN B 934 39.68 -83.69 11.81
CA GLN B 934 38.72 -83.02 12.65
C GLN B 934 37.60 -83.98 13.14
N VAL B 935 37.09 -84.83 12.27
CA VAL B 935 36.08 -85.81 12.69
C VAL B 935 36.68 -86.93 13.51
N LEU B 936 37.94 -87.24 13.30
CA LEU B 936 38.60 -88.26 14.11
C LEU B 936 38.62 -87.76 15.53
N LEU B 937 39.00 -86.51 15.70
CA LEU B 937 39.04 -85.91 17.02
C LEU B 937 37.64 -85.81 17.62
N LEU B 938 36.65 -85.52 16.79
CA LEU B 938 35.28 -85.43 17.27
C LEU B 938 34.80 -86.77 17.83
N LEU B 939 35.14 -87.87 17.17
CA LEU B 939 34.78 -89.18 17.69
C LEU B 939 35.41 -89.31 19.05
N VAL B 940 36.70 -89.02 19.13
CA VAL B 940 37.40 -89.11 20.41
C VAL B 940 36.70 -88.28 21.48
N PHE B 941 36.31 -87.05 21.17
CA PHE B 941 35.68 -86.18 22.16
C PHE B 941 34.37 -86.77 22.65
N GLU B 942 33.56 -87.30 21.74
CA GLU B 942 32.32 -87.92 22.14
C GLU B 942 32.58 -89.12 23.01
N ALA B 943 33.55 -89.94 22.62
CA ALA B 943 33.91 -91.09 23.44
C ALA B 943 34.34 -90.65 24.82
N ILE B 944 35.15 -89.60 24.92
CA ILE B 944 35.58 -89.08 26.21
C ILE B 944 34.38 -88.77 27.08
N VAL B 945 33.45 -87.94 26.59
CA VAL B 945 32.32 -87.56 27.43
C VAL B 945 31.43 -88.76 27.74
N TYR B 946 31.44 -89.76 26.88
CA TYR B 946 30.67 -90.95 27.14
C TYR B 946 31.27 -91.74 28.27
N ARG B 947 32.54 -92.13 28.12
CA ARG B 947 33.21 -92.92 29.14
C ARG B 947 33.34 -92.17 30.46
N ARG B 948 33.35 -90.83 30.42
CA ARG B 948 33.39 -90.06 31.65
C ARG B 948 32.17 -90.39 32.47
N GLN B 949 30.99 -90.20 31.87
CA GLN B 949 29.77 -90.47 32.61
C GLN B 949 29.45 -91.94 32.70
N GLU B 950 30.14 -92.78 31.94
CA GLU B 950 29.93 -94.21 32.06
C GLU B 950 30.50 -94.62 33.40
N HIS B 951 31.67 -94.10 33.75
CA HIS B 951 32.25 -94.40 35.05
C HIS B 951 31.67 -93.53 36.16
N TYR B 952 31.01 -92.43 35.79
CA TYR B 952 30.35 -91.62 36.81
C TYR B 952 29.08 -92.31 37.23
N ARG B 953 28.57 -93.18 36.37
CA ARG B 953 27.38 -93.94 36.73
C ARG B 953 27.79 -95.29 37.30
N ARG B 954 28.95 -95.79 36.89
CA ARG B 954 29.45 -97.05 37.43
C ARG B 954 29.78 -96.82 38.88
N GLN B 955 30.60 -95.81 39.15
CA GLN B 955 30.92 -95.47 40.52
C GLN B 955 30.25 -94.16 40.83
N HIS B 956 30.96 -93.25 41.50
CA HIS B 956 30.44 -91.91 41.81
C HIS B 956 28.91 -91.78 41.90
N GLY B 970 8.78 -84.15 34.20
CA GLY B 970 7.87 -85.15 34.71
C GLY B 970 6.84 -85.55 33.69
N THR B 971 6.75 -86.83 33.38
CA THR B 971 5.82 -87.31 32.35
C THR B 971 4.36 -87.00 32.64
N ARG B 972 3.85 -85.92 32.05
CA ARG B 972 2.44 -85.49 32.24
C ARG B 972 2.00 -85.08 33.65
N GLN B 973 2.86 -85.23 34.64
CA GLN B 973 2.52 -84.84 36.00
C GLN B 973 3.01 -83.45 36.24
N GLN B 974 4.20 -83.14 35.72
CA GLN B 974 4.73 -81.80 35.86
C GLN B 974 4.00 -80.91 34.90
N LEU B 975 3.49 -81.49 33.82
CA LEU B 975 2.73 -80.73 32.83
C LEU B 975 1.76 -79.73 33.43
N ASP B 976 0.79 -80.22 34.20
CA ASP B 976 -0.23 -79.33 34.74
C ASP B 976 0.17 -78.56 35.98
N GLN B 977 1.44 -78.62 36.37
CA GLN B 977 1.90 -77.88 37.53
C GLN B 977 2.01 -76.40 37.18
N ASP B 978 3.05 -76.04 36.45
CA ASP B 978 3.23 -74.65 36.05
C ASP B 978 4.09 -74.52 34.82
N LEU B 979 4.66 -73.35 34.61
CA LEU B 979 5.46 -73.12 33.42
C LEU B 979 6.72 -73.94 33.46
N LEU B 980 7.34 -74.03 34.63
CA LEU B 980 8.53 -74.86 34.77
C LEU B 980 8.18 -76.31 34.46
N GLY B 981 7.03 -76.76 34.93
CA GLY B 981 6.59 -78.11 34.64
C GLY B 981 6.44 -78.37 33.16
N CYS B 982 5.74 -77.48 32.45
CA CYS B 982 5.59 -77.61 31.02
C CYS B 982 6.95 -77.69 30.35
N LEU B 983 7.82 -76.75 30.69
CA LEU B 983 9.16 -76.73 30.12
C LEU B 983 9.85 -78.06 30.32
N LYS B 984 9.95 -78.49 31.56
CA LYS B 984 10.62 -79.74 31.86
C LYS B 984 10.09 -80.88 31.03
N TYR B 985 8.77 -81.04 31.02
CA TYR B 985 8.17 -82.14 30.28
C TYR B 985 8.68 -82.17 28.86
N PHE B 986 8.63 -81.05 28.16
CA PHE B 986 9.01 -81.03 26.75
C PHE B 986 10.50 -81.08 26.47
N ILE B 987 11.32 -80.68 27.44
CA ILE B 987 12.75 -80.63 27.19
C ILE B 987 13.08 -82.11 27.15
N ASN B 988 12.44 -82.89 28.02
CA ASN B 988 12.68 -84.32 28.06
C ASN B 988 11.92 -85.11 27.02
N PHE B 989 10.74 -84.62 26.62
CA PHE B 989 9.91 -85.41 25.71
C PHE B 989 9.39 -84.66 24.50
N PHE B 990 10.27 -84.00 23.75
CA PHE B 990 9.83 -83.36 22.52
C PHE B 990 9.64 -84.39 21.44
N PHE B 991 10.75 -84.84 20.86
CA PHE B 991 10.70 -85.85 19.81
C PHE B 991 9.87 -87.06 20.16
N TYR B 992 9.66 -87.29 21.46
CA TYR B 992 8.81 -88.39 21.87
C TYR B 992 7.47 -88.27 21.17
N LYS B 993 6.88 -87.07 21.19
CA LYS B 993 5.57 -86.88 20.59
C LYS B 993 5.63 -86.08 19.29
N PHE B 994 6.38 -84.99 19.28
CA PHE B 994 6.41 -84.13 18.10
C PHE B 994 7.20 -84.68 16.93
N GLY B 995 8.07 -85.64 17.18
CA GLY B 995 8.91 -86.20 16.12
C GLY B 995 8.29 -86.50 14.77
N LEU B 996 7.06 -87.00 14.76
CA LEU B 996 6.40 -87.35 13.50
C LEU B 996 6.10 -86.08 12.74
N GLU B 997 5.54 -85.10 13.41
CA GLU B 997 5.23 -83.82 12.77
C GLU B 997 6.53 -83.20 12.35
N ILE B 998 7.59 -83.46 13.10
CA ILE B 998 8.90 -82.93 12.78
C ILE B 998 9.38 -83.49 11.46
N CYS B 999 9.45 -84.82 11.36
CA CYS B 999 9.86 -85.45 10.12
C CYS B 999 9.07 -84.93 8.92
N PHE B 1000 7.76 -84.79 9.06
CA PHE B 1000 6.94 -84.27 7.97
C PHE B 1000 7.46 -82.91 7.52
N LEU B 1001 7.84 -82.06 8.47
CA LEU B 1001 8.33 -80.74 8.13
C LEU B 1001 9.78 -80.78 7.67
N MET B 1002 10.52 -81.81 8.06
CA MET B 1002 11.89 -81.94 7.58
C MET B 1002 11.87 -82.38 6.13
N ALA B 1003 10.85 -83.14 5.73
CA ALA B 1003 10.74 -83.52 4.33
C ALA B 1003 10.44 -82.31 3.49
N VAL B 1004 9.64 -81.39 4.01
CA VAL B 1004 9.36 -80.16 3.29
C VAL B 1004 10.65 -79.35 3.15
N ASN B 1005 11.47 -79.34 4.20
CA ASN B 1005 12.76 -78.64 4.11
C ASN B 1005 13.59 -79.18 2.96
N VAL B 1006 13.73 -80.50 2.89
CA VAL B 1006 14.49 -81.10 1.80
C VAL B 1006 13.91 -80.68 0.45
N ILE B 1007 12.59 -80.80 0.30
CA ILE B 1007 11.94 -80.39 -0.94
C ILE B 1007 12.32 -78.97 -1.33
N GLY B 1008 12.28 -78.04 -0.38
CA GLY B 1008 12.59 -76.65 -0.69
C GLY B 1008 14.05 -76.33 -0.96
N GLN B 1009 14.95 -77.05 -0.32
CA GLN B 1009 16.37 -76.83 -0.54
C GLN B 1009 16.90 -77.77 -1.60
N ARG B 1010 16.11 -78.02 -2.63
CA ARG B 1010 16.51 -78.93 -3.69
C ARG B 1010 15.69 -78.64 -4.92
N MET B 1011 14.38 -78.85 -4.85
CA MET B 1011 13.48 -78.63 -5.99
C MET B 1011 13.89 -79.33 -7.27
N ASN B 1012 14.45 -80.53 -7.15
CA ASN B 1012 14.87 -81.30 -8.31
C ASN B 1012 13.86 -82.38 -8.62
N PHE B 1013 14.30 -83.43 -9.31
CA PHE B 1013 13.40 -84.54 -9.57
C PHE B 1013 13.65 -85.57 -8.49
N LEU B 1014 14.82 -85.49 -7.89
CA LEU B 1014 15.15 -86.44 -6.83
C LEU B 1014 14.23 -86.26 -5.62
N VAL B 1015 13.84 -85.02 -5.35
CA VAL B 1015 12.96 -84.77 -4.22
C VAL B 1015 11.51 -85.03 -4.50
N THR B 1016 11.16 -85.40 -5.72
CA THR B 1016 9.78 -85.76 -5.97
C THR B 1016 9.57 -87.08 -5.25
N LEU B 1017 10.63 -87.88 -5.14
CA LEU B 1017 10.55 -89.14 -4.42
C LEU B 1017 10.29 -88.88 -2.95
N HIS B 1018 11.01 -87.94 -2.36
CA HIS B 1018 10.78 -87.59 -0.96
C HIS B 1018 9.36 -87.11 -0.81
N GLY B 1019 8.90 -86.25 -1.70
CA GLY B 1019 7.55 -85.73 -1.62
C GLY B 1019 6.47 -86.76 -1.82
N CYS B 1020 6.74 -87.77 -2.64
CA CYS B 1020 5.77 -88.81 -2.87
C CYS B 1020 5.62 -89.63 -1.61
N TRP B 1021 6.75 -89.89 -0.95
CA TRP B 1021 6.69 -90.62 0.30
C TRP B 1021 5.99 -89.78 1.35
N LEU B 1022 6.18 -88.47 1.33
CA LEU B 1022 5.49 -87.59 2.26
C LEU B 1022 4.00 -87.76 2.10
N VAL B 1023 3.52 -87.69 0.87
CA VAL B 1023 2.08 -87.90 0.63
C VAL B 1023 1.66 -89.25 1.18
N ALA B 1024 2.40 -90.31 0.87
CA ALA B 1024 2.05 -91.64 1.35
C ALA B 1024 1.87 -91.70 2.86
N ILE B 1025 2.85 -91.23 3.60
CA ILE B 1025 2.76 -91.28 5.06
C ILE B 1025 1.79 -90.25 5.64
N LEU B 1026 1.38 -89.27 4.85
CA LEU B 1026 0.41 -88.31 5.34
C LEU B 1026 -1.00 -88.75 5.01
N THR B 1027 -1.13 -89.67 4.06
CA THR B 1027 -2.45 -90.20 3.76
C THR B 1027 -2.68 -91.44 4.59
N ARG B 1028 -1.78 -91.72 5.51
CA ARG B 1028 -1.93 -92.84 6.41
C ARG B 1028 -2.62 -92.36 7.67
N ARG B 1029 -2.82 -91.05 7.80
CA ARG B 1029 -3.53 -90.46 8.95
C ARG B 1029 -3.22 -91.03 10.33
N HIS B 1030 -4.00 -92.01 10.77
CA HIS B 1030 -3.80 -92.63 12.07
C HIS B 1030 -2.35 -93.03 12.28
N ARG B 1031 -1.75 -92.59 13.40
CA ARG B 1031 -0.34 -92.86 13.66
C ARG B 1031 0.08 -94.32 13.69
N GLN B 1032 -0.87 -95.23 13.87
CA GLN B 1032 -0.58 -96.64 13.89
C GLN B 1032 -0.25 -97.15 12.50
N ALA B 1033 -0.93 -96.62 11.48
CA ALA B 1033 -0.66 -97.03 10.11
C ALA B 1033 0.63 -96.40 9.61
N ILE B 1034 0.94 -95.22 10.10
CA ILE B 1034 2.20 -94.59 9.71
C ILE B 1034 3.35 -95.36 10.33
N ALA B 1035 3.10 -96.00 11.46
CA ALA B 1035 4.15 -96.75 12.14
C ALA B 1035 4.60 -98.01 11.42
N ARG B 1036 3.70 -98.62 10.64
CA ARG B 1036 4.09 -99.79 9.87
C ARG B 1036 4.64 -99.42 8.51
N LEU B 1037 4.56 -98.14 8.16
CA LEU B 1037 5.13 -97.69 6.89
C LEU B 1037 6.48 -97.08 7.23
N TRP B 1038 6.75 -96.91 8.52
CA TRP B 1038 8.01 -96.32 8.95
C TRP B 1038 9.30 -97.11 8.69
N PRO B 1039 9.31 -98.45 8.86
CA PRO B 1039 10.57 -99.11 8.52
C PRO B 1039 10.91 -98.95 7.06
N ASN B 1040 9.92 -98.93 6.19
CA ASN B 1040 10.15 -98.77 4.76
C ASN B 1040 10.52 -97.34 4.41
N TYR B 1041 9.99 -96.37 5.15
CA TYR B 1041 10.35 -94.98 4.92
C TYR B 1041 11.80 -94.78 5.29
N CYS B 1042 12.19 -95.28 6.45
CA CYS B 1042 13.57 -95.15 6.87
C CYS B 1042 14.50 -95.87 5.91
N LEU B 1043 14.08 -97.01 5.39
CA LEU B 1043 14.89 -97.71 4.41
C LEU B 1043 15.08 -96.84 3.18
N PHE B 1044 13.98 -96.31 2.64
CA PHE B 1044 14.06 -95.44 1.48
C PHE B 1044 15.07 -94.33 1.73
N LEU B 1045 14.95 -93.64 2.86
CA LEU B 1045 15.85 -92.53 3.15
C LEU B 1045 17.30 -92.96 3.14
N ALA B 1046 17.61 -94.07 3.81
CA ALA B 1046 18.97 -94.56 3.87
C ALA B 1046 19.52 -94.89 2.49
N LEU B 1047 18.75 -95.64 1.71
CA LEU B 1047 19.19 -96.01 0.37
C LEU B 1047 19.36 -94.79 -0.51
N PHE B 1048 18.50 -93.80 -0.32
CA PHE B 1048 18.58 -92.59 -1.10
C PHE B 1048 19.86 -91.82 -0.82
N LEU B 1049 20.27 -91.74 0.43
CA LEU B 1049 21.54 -91.09 0.75
C LEU B 1049 22.66 -91.80 0.02
N LEU B 1050 22.67 -93.13 0.06
CA LEU B 1050 23.69 -93.89 -0.63
C LEU B 1050 23.69 -93.60 -2.13
N TYR B 1051 22.52 -93.65 -2.75
CA TYR B 1051 22.41 -93.34 -4.18
C TYR B 1051 22.93 -91.94 -4.46
N GLN B 1052 22.54 -90.97 -3.65
CA GLN B 1052 22.95 -89.59 -3.87
C GLN B 1052 24.46 -89.47 -3.92
N TYR B 1053 25.16 -90.17 -3.03
CA TYR B 1053 26.62 -90.16 -3.08
C TYR B 1053 27.07 -90.80 -4.38
N LEU B 1054 26.63 -92.02 -4.64
CA LEU B 1054 27.03 -92.72 -5.86
C LEU B 1054 26.66 -91.96 -7.11
N LEU B 1055 25.89 -90.88 -6.95
CA LEU B 1055 25.52 -90.06 -8.10
C LEU B 1055 26.48 -88.89 -8.12
N CYS B 1056 26.94 -88.47 -6.94
CA CYS B 1056 27.90 -87.38 -6.87
C CYS B 1056 29.32 -87.89 -7.08
N LEU B 1057 29.54 -89.17 -6.85
CA LEU B 1057 30.86 -89.75 -7.08
C LEU B 1057 30.87 -90.46 -8.42
N GLY B 1058 30.35 -91.69 -8.44
CA GLY B 1058 30.29 -92.43 -9.69
C GLY B 1058 29.51 -91.65 -10.73
N SER B 1096 27.50 -82.83 -1.45
CA SER B 1096 26.59 -81.75 -1.76
C SER B 1096 25.82 -81.30 -0.53
N THR B 1097 25.06 -80.22 -0.65
CA THR B 1097 24.26 -79.73 0.47
C THR B 1097 22.96 -80.50 0.53
N ASN B 1098 22.53 -81.03 -0.60
CA ASN B 1098 21.31 -81.81 -0.64
C ASN B 1098 21.51 -83.08 0.15
N LEU B 1099 22.73 -83.59 0.15
CA LEU B 1099 23.03 -84.78 0.93
C LEU B 1099 22.84 -84.51 2.42
N ILE B 1100 23.24 -83.34 2.89
CA ILE B 1100 23.05 -83.00 4.29
C ILE B 1100 21.57 -82.89 4.64
N SER B 1101 20.74 -82.41 3.71
CA SER B 1101 19.32 -82.31 3.97
C SER B 1101 18.67 -83.67 4.07
N ASP B 1102 19.06 -84.60 3.20
CA ASP B 1102 18.53 -85.96 3.28
C ASP B 1102 19.07 -86.66 4.51
N PHE B 1103 20.25 -86.28 4.97
CA PHE B 1103 20.79 -86.85 6.21
C PHE B 1103 19.94 -86.37 7.38
N LEU B 1104 19.58 -85.09 7.39
CA LEU B 1104 18.80 -84.56 8.50
C LEU B 1104 17.48 -85.28 8.57
N LEU B 1105 16.82 -85.45 7.42
CA LEU B 1105 15.56 -86.17 7.39
C LEU B 1105 15.76 -87.61 7.87
N LEU B 1106 16.81 -88.27 7.41
CA LEU B 1106 17.08 -89.63 7.84
C LEU B 1106 17.25 -89.65 9.34
N LEU B 1107 18.17 -88.85 9.86
CA LEU B 1107 18.41 -88.79 11.30
C LEU B 1107 17.12 -88.63 12.08
N CYS B 1108 16.32 -87.63 11.72
CA CYS B 1108 15.08 -87.38 12.43
C CYS B 1108 14.11 -88.56 12.36
N ALA B 1109 13.83 -89.02 11.16
CA ALA B 1109 12.89 -90.13 11.01
C ALA B 1109 13.40 -91.42 11.63
N SER B 1110 14.72 -91.58 11.69
CA SER B 1110 15.28 -92.76 12.32
C SER B 1110 15.03 -92.70 13.80
N GLN B 1111 15.21 -91.52 14.39
CA GLN B 1111 14.91 -91.37 15.80
C GLN B 1111 13.44 -91.57 16.09
N GLN B 1112 12.58 -91.21 15.15
CA GLN B 1112 11.15 -91.42 15.33
C GLN B 1112 10.78 -92.87 15.11
N TRP B 1113 11.63 -93.63 14.44
CA TRP B 1113 11.36 -95.04 14.28
C TRP B 1113 11.78 -95.70 15.57
N GLN B 1114 12.73 -95.09 16.26
CA GLN B 1114 13.17 -95.62 17.55
C GLN B 1114 12.31 -95.10 18.68
N VAL B 1115 11.21 -94.43 18.34
CA VAL B 1115 10.28 -93.97 19.37
C VAL B 1115 8.94 -94.58 19.02
N PHE B 1116 8.50 -94.42 17.77
CA PHE B 1116 7.22 -94.96 17.29
C PHE B 1116 6.87 -96.32 17.85
N SER B 1117 7.69 -97.32 17.54
CA SER B 1117 7.40 -98.67 17.97
C SER B 1117 8.27 -99.10 19.13
N ALA B 1118 8.71 -98.15 19.94
CA ALA B 1118 9.61 -98.47 21.03
C ALA B 1118 9.21 -97.78 22.31
N GLU B 1119 9.56 -96.51 22.43
CA GLU B 1119 9.26 -95.78 23.67
C GLU B 1119 7.78 -95.58 23.88
N ARG B 1120 7.01 -95.50 22.79
CA ARG B 1120 5.57 -95.35 22.92
C ARG B 1120 4.90 -96.67 23.23
N THR B 1121 5.51 -97.76 22.80
CA THR B 1121 4.96 -99.08 23.06
C THR B 1121 5.59 -99.72 24.30
N TYR B 1154 -1.61 -69.62 35.85
CA TYR B 1154 -0.87 -68.80 34.91
C TYR B 1154 -0.42 -69.60 33.70
N LEU B 1155 -0.25 -70.91 33.87
CA LEU B 1155 0.09 -71.76 32.72
C LEU B 1155 -1.20 -72.14 32.03
N ASP B 1156 -2.32 -71.87 32.69
CA ASP B 1156 -3.61 -72.16 32.09
C ASP B 1156 -3.88 -71.12 31.04
N MET B 1157 -3.31 -69.93 31.21
CA MET B 1157 -3.45 -68.89 30.21
C MET B 1157 -2.69 -69.31 28.96
N LEU B 1158 -1.51 -69.89 29.15
CA LEU B 1158 -0.76 -70.39 28.00
C LEU B 1158 -1.60 -71.47 27.34
N LYS B 1159 -2.17 -72.37 28.13
CA LYS B 1159 -2.97 -73.45 27.58
C LYS B 1159 -4.21 -72.95 26.87
N VAL B 1160 -4.62 -71.72 27.30
CA VAL B 1160 -5.78 -71.05 26.69
C VAL B 1160 -5.50 -70.71 25.27
N ALA B 1161 -4.34 -70.19 25.05
CA ALA B 1161 -3.86 -69.82 23.72
C ALA B 1161 -3.77 -71.02 22.77
N VAL B 1162 -2.89 -71.97 23.08
CA VAL B 1162 -2.78 -73.15 22.23
C VAL B 1162 -4.06 -73.94 22.18
N PHE B 1163 -4.80 -73.96 23.28
CA PHE B 1163 -5.98 -74.80 23.31
C PHE B 1163 -7.32 -74.11 23.18
N ARG B 1164 -7.46 -73.16 22.25
CA ARG B 1164 -8.75 -72.53 21.99
C ARG B 1164 -8.63 -71.72 20.73
N TYR B 1165 -7.64 -70.85 20.68
CA TYR B 1165 -7.53 -69.97 19.52
C TYR B 1165 -6.47 -70.33 18.47
N LEU B 1166 -5.77 -71.45 18.62
CA LEU B 1166 -4.80 -71.86 17.61
C LEU B 1166 -5.48 -72.16 16.29
N PHE B 1167 -6.67 -72.74 16.31
CA PHE B 1167 -7.43 -73.00 15.09
C PHE B 1167 -7.45 -71.76 14.28
N TRP B 1168 -7.55 -70.65 14.96
CA TRP B 1168 -7.66 -69.40 14.28
C TRP B 1168 -6.35 -68.74 13.87
N LEU B 1169 -5.27 -68.94 14.61
CA LEU B 1169 -4.01 -68.39 14.15
C LEU B 1169 -3.60 -69.10 12.87
N VAL B 1170 -3.96 -70.37 12.74
CA VAL B 1170 -3.69 -71.05 11.50
C VAL B 1170 -4.45 -70.37 10.37
N LEU B 1171 -5.72 -70.02 10.60
CA LEU B 1171 -6.49 -69.32 9.58
C LEU B 1171 -5.80 -68.03 9.14
N VAL B 1172 -5.17 -67.33 10.06
CA VAL B 1172 -4.41 -66.13 9.72
C VAL B 1172 -3.26 -66.48 8.80
N VAL B 1173 -2.49 -67.52 9.16
CA VAL B 1173 -1.38 -67.93 8.33
C VAL B 1173 -1.90 -68.35 6.96
N VAL B 1174 -2.96 -69.15 6.91
CA VAL B 1174 -3.54 -69.53 5.62
C VAL B 1174 -3.78 -68.30 4.74
N PHE B 1175 -4.38 -67.25 5.30
CA PHE B 1175 -4.59 -66.03 4.53
C PHE B 1175 -3.28 -65.43 4.07
N VAL B 1176 -2.35 -65.21 4.98
CA VAL B 1176 -1.12 -64.53 4.61
C VAL B 1176 -0.16 -65.36 3.73
N THR B 1177 -0.25 -66.68 3.76
CA THR B 1177 0.59 -67.47 2.86
C THR B 1177 0.17 -67.18 1.44
N GLY B 1178 -1.13 -67.04 1.21
CA GLY B 1178 -1.58 -66.69 -0.10
C GLY B 1178 -1.13 -65.30 -0.46
N ALA B 1179 -1.43 -64.32 0.40
CA ALA B 1179 -1.07 -62.93 0.12
C ALA B 1179 0.37 -62.74 -0.29
N THR B 1180 1.30 -63.26 0.49
CA THR B 1180 2.71 -63.07 0.20
C THR B 1180 3.13 -63.64 -1.15
N ARG B 1181 2.90 -64.93 -1.36
CA ARG B 1181 3.30 -65.55 -2.61
C ARG B 1181 2.22 -65.38 -3.66
N ILE B 1182 2.29 -64.30 -4.43
CA ILE B 1182 1.29 -64.05 -5.46
C ILE B 1182 1.32 -65.10 -6.56
N SER B 1183 0.36 -66.02 -6.52
CA SER B 1183 0.31 -67.09 -7.52
C SER B 1183 -1.11 -67.59 -7.65
N ILE B 1184 -1.29 -68.80 -8.13
CA ILE B 1184 -2.63 -69.38 -8.20
C ILE B 1184 -2.83 -70.19 -6.93
N PHE B 1185 -1.73 -70.73 -6.38
CA PHE B 1185 -1.82 -71.48 -5.13
C PHE B 1185 -2.19 -70.48 -4.05
N GLY B 1186 -1.74 -69.25 -4.22
CA GLY B 1186 -2.03 -68.24 -3.24
C GLY B 1186 -3.50 -67.88 -3.22
N LEU B 1187 -4.13 -67.84 -4.39
CA LEU B 1187 -5.56 -67.57 -4.44
C LEU B 1187 -6.27 -68.67 -3.71
N GLY B 1188 -5.81 -69.90 -3.90
CA GLY B 1188 -6.41 -71.02 -3.21
C GLY B 1188 -6.26 -70.90 -1.70
N TYR B 1189 -5.10 -70.48 -1.22
CA TYR B 1189 -4.94 -70.25 0.21
C TYR B 1189 -5.90 -69.19 0.71
N LEU B 1190 -6.01 -68.10 -0.04
CA LEU B 1190 -6.94 -67.05 0.33
C LEU B 1190 -8.34 -67.64 0.49
N LEU B 1191 -8.74 -68.46 -0.47
CA LEU B 1191 -10.08 -69.03 -0.43
C LEU B 1191 -10.26 -69.94 0.77
N ALA B 1192 -9.27 -70.78 1.03
CA ALA B 1192 -9.31 -71.67 2.18
C ALA B 1192 -9.48 -70.87 3.45
N CYS B 1193 -8.81 -69.73 3.55
CA CYS B 1193 -9.05 -68.88 4.71
C CYS B 1193 -10.49 -68.37 4.74
N PHE B 1194 -10.92 -67.64 3.70
CA PHE B 1194 -12.29 -67.12 3.65
C PHE B 1194 -13.31 -68.11 4.13
N TYR B 1195 -13.23 -69.36 3.69
CA TYR B 1195 -14.17 -70.42 3.98
C TYR B 1195 -14.11 -70.77 5.45
N LEU B 1196 -12.94 -71.21 5.90
CA LEU B 1196 -12.80 -71.63 7.29
C LEU B 1196 -12.88 -70.50 8.28
N LEU B 1197 -13.22 -69.31 7.81
CA LEU B 1197 -13.40 -68.19 8.71
C LEU B 1197 -14.90 -68.13 8.83
N LEU B 1198 -15.61 -68.34 7.73
CA LEU B 1198 -17.06 -68.35 7.76
C LEU B 1198 -17.47 -69.64 8.42
N PHE B 1199 -17.43 -70.72 7.67
CA PHE B 1199 -17.75 -72.01 8.24
C PHE B 1199 -16.51 -72.45 8.98
N GLY B 1200 -16.37 -72.03 10.22
CA GLY B 1200 -15.18 -72.35 10.97
C GLY B 1200 -15.50 -72.51 12.44
N THR B 1201 -16.29 -71.59 12.98
CA THR B 1201 -16.69 -71.70 14.38
C THR B 1201 -17.47 -72.97 14.56
N ALA B 1202 -18.17 -73.39 13.51
CA ALA B 1202 -18.89 -74.64 13.57
C ALA B 1202 -17.93 -75.79 13.76
N LEU B 1203 -16.95 -75.90 12.87
CA LEU B 1203 -16.03 -77.04 12.95
C LEU B 1203 -14.86 -76.82 13.89
N LEU B 1204 -14.99 -75.85 14.78
CA LEU B 1204 -13.95 -75.66 15.77
C LEU B 1204 -14.41 -76.49 16.95
N GLN B 1205 -15.72 -76.68 17.05
CA GLN B 1205 -16.27 -77.48 18.14
C GLN B 1205 -16.86 -78.80 17.65
N ARG B 1206 -16.95 -78.97 16.33
CA ARG B 1206 -17.45 -80.22 15.79
C ARG B 1206 -16.35 -81.06 15.17
N ASP B 1207 -15.17 -80.47 14.94
CA ASP B 1207 -14.03 -81.24 14.40
C ASP B 1207 -12.98 -81.48 15.45
N THR B 1208 -13.30 -81.19 16.71
CA THR B 1208 -12.35 -81.39 17.80
C THR B 1208 -11.85 -82.83 17.82
N ARG B 1209 -12.71 -83.79 17.48
CA ARG B 1209 -12.27 -85.17 17.40
C ARG B 1209 -13.20 -85.82 16.40
N ALA B 1210 -14.38 -85.25 16.24
CA ALA B 1210 -15.36 -85.77 15.30
C ALA B 1210 -14.95 -85.42 13.89
N ARG B 1211 -14.19 -86.30 13.26
CA ARG B 1211 -13.80 -86.10 11.87
C ARG B 1211 -13.15 -84.77 11.54
N LEU B 1212 -11.86 -84.66 11.79
CA LEU B 1212 -11.13 -83.45 11.43
C LEU B 1212 -10.65 -83.60 9.99
N VAL B 1213 -11.52 -84.06 9.11
CA VAL B 1213 -11.17 -84.25 7.72
C VAL B 1213 -11.08 -82.92 6.98
N LEU B 1214 -11.65 -81.87 7.55
CA LEU B 1214 -11.57 -80.56 6.93
C LEU B 1214 -10.19 -80.04 7.16
N TRP B 1215 -9.67 -80.27 8.35
CA TRP B 1215 -8.32 -79.85 8.62
C TRP B 1215 -7.36 -80.71 7.83
N ASP B 1216 -7.69 -81.98 7.66
CA ASP B 1216 -6.80 -82.85 6.93
C ASP B 1216 -6.80 -82.52 5.46
N CYS B 1217 -7.91 -82.03 4.93
CA CYS B 1217 -7.97 -81.64 3.54
C CYS B 1217 -7.19 -80.36 3.33
N LEU B 1218 -7.19 -79.48 4.32
CA LEU B 1218 -6.39 -78.27 4.22
C LEU B 1218 -4.93 -78.63 4.28
N ILE B 1219 -4.60 -79.65 5.06
CA ILE B 1219 -3.22 -80.12 5.12
C ILE B 1219 -2.82 -80.64 3.75
N LEU B 1220 -3.70 -81.39 3.10
CA LEU B 1220 -3.40 -81.93 1.78
C LEU B 1220 -3.25 -80.83 0.75
N TYR B 1221 -4.03 -79.76 0.87
CA TYR B 1221 -3.86 -78.64 -0.05
C TYR B 1221 -2.46 -78.09 0.10
N ASN B 1222 -2.05 -77.82 1.32
CA ASN B 1222 -0.72 -77.30 1.57
C ASN B 1222 0.35 -78.23 1.01
N VAL B 1223 0.23 -79.52 1.29
CA VAL B 1223 1.17 -80.50 0.76
C VAL B 1223 1.27 -80.39 -0.76
N THR B 1224 0.13 -80.41 -1.44
CA THR B 1224 0.16 -80.39 -2.90
C THR B 1224 0.79 -79.11 -3.45
N VAL B 1225 0.59 -77.98 -2.77
CA VAL B 1225 1.23 -76.75 -3.20
C VAL B 1225 2.73 -76.93 -3.17
N ILE B 1226 3.26 -77.40 -2.05
CA ILE B 1226 4.70 -77.61 -1.92
C ILE B 1226 5.21 -78.64 -2.93
N ILE B 1227 4.47 -79.73 -3.10
CA ILE B 1227 4.91 -80.78 -4.01
C ILE B 1227 4.81 -80.39 -5.49
N SER B 1228 3.92 -79.46 -5.84
CA SER B 1228 3.82 -79.02 -7.22
C SER B 1228 4.86 -77.94 -7.47
N LYS B 1229 5.27 -77.25 -6.43
CA LYS B 1229 6.32 -76.26 -6.58
C LYS B 1229 7.66 -76.96 -6.68
N ASN B 1230 7.72 -78.23 -6.25
CA ASN B 1230 8.96 -78.99 -6.40
C ASN B 1230 9.13 -79.28 -7.88
N MET B 1231 8.05 -79.63 -8.56
CA MET B 1231 8.13 -79.84 -10.00
C MET B 1231 7.87 -78.52 -10.69
N LEU B 1232 8.82 -77.59 -10.61
CA LEU B 1232 8.65 -76.27 -11.19
C LEU B 1232 8.61 -76.28 -12.70
N SER B 1233 9.78 -76.35 -13.32
CA SER B 1233 9.86 -76.33 -14.79
C SER B 1233 10.72 -77.48 -15.27
N ALA B 1283 7.98 -65.99 -5.06
CA ALA B 1283 7.58 -67.39 -5.10
C ALA B 1283 8.52 -68.27 -4.29
N GLY B 1284 7.95 -69.14 -3.46
CA GLY B 1284 8.77 -70.02 -2.64
C GLY B 1284 7.91 -70.85 -1.69
N ILE B 1285 8.49 -71.91 -1.14
CA ILE B 1285 7.74 -72.77 -0.23
C ILE B 1285 7.89 -72.33 1.22
N ILE B 1286 8.64 -71.26 1.46
CA ILE B 1286 8.89 -70.80 2.81
C ILE B 1286 7.58 -70.57 3.55
N TRP B 1287 6.68 -69.80 2.96
CA TRP B 1287 5.44 -69.49 3.65
C TRP B 1287 4.55 -70.71 3.72
N ASP B 1288 4.57 -71.54 2.69
CA ASP B 1288 3.78 -72.76 2.72
C ASP B 1288 4.29 -73.74 3.78
N SER B 1289 5.55 -73.66 4.16
CA SER B 1289 6.06 -74.51 5.23
C SER B 1289 5.65 -73.96 6.58
N VAL B 1290 5.54 -72.65 6.71
CA VAL B 1290 5.06 -72.07 7.96
C VAL B 1290 3.62 -72.54 8.11
N CYS B 1291 2.87 -72.49 7.02
CA CYS B 1291 1.50 -72.97 7.07
C CYS B 1291 1.43 -74.43 7.43
N PHE B 1292 2.28 -75.26 6.83
CA PHE B 1292 2.31 -76.67 7.18
C PHE B 1292 2.52 -76.87 8.66
N PHE B 1293 3.47 -76.17 9.25
CA PHE B 1293 3.71 -76.27 10.68
C PHE B 1293 2.44 -75.96 11.44
N PHE B 1294 1.82 -74.83 11.16
CA PHE B 1294 0.63 -74.43 11.89
C PHE B 1294 -0.52 -75.39 11.67
N LEU B 1295 -0.71 -75.84 10.44
CA LEU B 1295 -1.79 -76.78 10.14
C LEU B 1295 -1.57 -78.06 10.91
N LEU B 1296 -0.35 -78.57 10.89
CA LEU B 1296 -0.04 -79.80 11.62
C LEU B 1296 -0.25 -79.59 13.10
N LEU B 1297 0.15 -78.43 13.61
CA LEU B 1297 -0.02 -78.13 15.03
C LEU B 1297 -1.48 -78.23 15.43
N GLN B 1298 -2.36 -77.54 14.70
CA GLN B 1298 -3.77 -77.55 15.04
C GLN B 1298 -4.41 -78.92 14.85
N ARG B 1299 -4.08 -79.61 13.77
CA ARG B 1299 -4.60 -80.96 13.55
C ARG B 1299 -4.27 -81.79 14.75
N ARG B 1300 -3.05 -81.65 15.24
CA ARG B 1300 -2.64 -82.38 16.40
C ARG B 1300 -3.42 -81.95 17.63
N VAL B 1301 -3.52 -80.65 17.88
CA VAL B 1301 -4.18 -80.19 19.11
C VAL B 1301 -5.67 -80.45 19.17
N PHE B 1302 -6.26 -81.05 18.14
CA PHE B 1302 -7.65 -81.47 18.19
C PHE B 1302 -7.66 -82.72 19.06
N LEU B 1303 -7.48 -82.56 20.36
CA LEU B 1303 -7.40 -83.69 21.26
C LEU B 1303 -8.77 -84.14 21.68
N SER B 1304 -8.84 -85.27 22.34
CA SER B 1304 -10.12 -85.72 22.86
C SER B 1304 -10.06 -85.47 24.36
N HIS B 1305 -9.17 -84.58 24.78
CA HIS B 1305 -9.02 -84.27 26.19
C HIS B 1305 -8.95 -82.78 26.42
N TYR B 1306 -7.83 -82.15 26.09
CA TYR B 1306 -7.70 -80.72 26.31
C TYR B 1306 -8.60 -79.93 25.39
N TYR B 1307 -8.72 -80.37 24.15
CA TYR B 1307 -9.62 -79.71 23.23
C TYR B 1307 -11.05 -80.12 23.48
N LEU B 1308 -11.25 -81.25 24.12
CA LEU B 1308 -12.61 -81.63 24.47
C LEU B 1308 -13.14 -80.66 25.51
N HIS B 1309 -12.26 -80.12 26.33
CA HIS B 1309 -12.67 -79.13 27.32
C HIS B 1309 -13.27 -77.90 26.67
N VAL B 1310 -12.59 -77.38 25.67
CA VAL B 1310 -13.12 -76.22 24.98
C VAL B 1310 -14.26 -76.58 24.06
N ARG B 1311 -14.31 -77.82 23.60
CA ARG B 1311 -15.43 -78.25 22.78
C ARG B 1311 -16.67 -78.05 23.63
N ALA B 1312 -16.63 -78.49 24.88
CA ALA B 1312 -17.76 -78.32 25.77
C ALA B 1312 -18.14 -76.86 25.93
N ASP B 1313 -17.16 -76.01 26.24
CA ASP B 1313 -17.43 -74.59 26.41
C ASP B 1313 -18.17 -74.02 25.23
N LEU B 1314 -17.63 -74.21 24.03
CA LEU B 1314 -18.23 -73.61 22.85
C LEU B 1314 -19.46 -74.29 22.31
N GLN B 1315 -19.68 -75.55 22.69
CA GLN B 1315 -20.89 -76.23 22.28
C GLN B 1315 -22.04 -75.61 23.01
N ALA B 1316 -21.83 -75.33 24.29
CA ALA B 1316 -22.92 -74.80 25.09
C ALA B 1316 -22.97 -73.28 25.09
N THR B 1317 -22.07 -72.65 24.36
CA THR B 1317 -22.16 -71.20 24.23
C THR B 1317 -23.34 -70.97 23.32
N ALA B 1318 -23.46 -71.81 22.30
CA ALA B 1318 -24.58 -71.71 21.39
C ALA B 1318 -25.87 -72.16 22.05
N LEU B 1319 -25.77 -73.03 23.05
CA LEU B 1319 -26.95 -73.48 23.75
C LEU B 1319 -27.51 -72.37 24.63
N LEU B 1320 -26.63 -71.52 25.14
CA LEU B 1320 -27.07 -70.42 25.99
C LEU B 1320 -27.01 -69.09 25.24
N ALA B 1321 -27.08 -69.14 23.92
CA ALA B 1321 -27.07 -67.92 23.13
C ALA B 1321 -28.43 -67.30 23.10
N SER B 1322 -29.48 -68.10 23.25
CA SER B 1322 -30.83 -67.57 23.31
C SER B 1322 -31.01 -66.85 24.63
N ARG B 1323 -30.32 -67.33 25.66
CA ARG B 1323 -30.38 -66.66 26.95
C ARG B 1323 -29.60 -65.38 26.87
N GLY B 1324 -28.57 -65.35 26.02
CA GLY B 1324 -27.83 -64.13 25.83
C GLY B 1324 -28.70 -63.09 25.15
N PHE B 1325 -29.50 -63.52 24.19
CA PHE B 1325 -30.39 -62.61 23.49
C PHE B 1325 -31.45 -62.09 24.44
N ALA B 1326 -31.93 -62.96 25.32
CA ALA B 1326 -32.93 -62.56 26.29
C ALA B 1326 -32.34 -61.51 27.21
N LEU B 1327 -31.16 -61.78 27.74
CA LEU B 1327 -30.51 -60.83 28.63
C LEU B 1327 -30.29 -59.50 27.92
N TYR B 1328 -29.81 -59.55 26.70
CA TYR B 1328 -29.58 -58.33 25.93
C TYR B 1328 -30.86 -57.53 25.79
N ASN B 1329 -31.90 -58.16 25.26
CA ASN B 1329 -33.15 -57.47 25.03
C ASN B 1329 -33.68 -56.85 26.31
N ALA B 1330 -33.61 -57.59 27.41
CA ALA B 1330 -34.07 -57.06 28.69
C ALA B 1330 -33.33 -55.80 29.05
N ALA B 1331 -32.01 -55.84 29.00
CA ALA B 1331 -31.21 -54.67 29.33
C ALA B 1331 -31.52 -53.48 28.43
N ASN B 1332 -31.64 -53.73 27.13
CA ASN B 1332 -31.95 -52.65 26.20
C ASN B 1332 -33.31 -52.06 26.52
N LEU B 1333 -34.29 -52.91 26.76
CA LEU B 1333 -35.63 -52.44 27.08
C LEU B 1333 -35.62 -51.62 28.36
N LYS B 1334 -34.86 -52.05 29.36
CA LYS B 1334 -34.78 -51.32 30.60
C LYS B 1334 -34.26 -49.91 30.35
N SER B 1335 -33.19 -49.81 29.57
CA SER B 1335 -32.61 -48.50 29.28
C SER B 1335 -33.57 -47.64 28.47
N ILE B 1336 -34.28 -48.25 27.53
CA ILE B 1336 -35.23 -47.50 26.72
C ILE B 1336 -36.34 -46.96 27.59
N ASP B 1337 -36.81 -47.76 28.53
CA ASP B 1337 -37.87 -47.32 29.43
C ASP B 1337 -37.36 -46.26 30.37
N PHE B 1338 -36.09 -46.33 30.73
CA PHE B 1338 -35.51 -45.30 31.58
C PHE B 1338 -35.57 -43.97 30.84
N HIS B 1339 -35.16 -43.97 29.58
CA HIS B 1339 -35.19 -42.76 28.79
C HIS B 1339 -36.61 -42.27 28.62
N ARG B 1340 -37.54 -43.19 28.42
CA ARG B 1340 -38.93 -42.81 28.28
C ARG B 1340 -39.42 -42.13 29.54
N ARG B 1341 -39.05 -42.66 30.71
CA ARG B 1341 -39.43 -42.04 31.97
C ARG B 1341 -38.87 -40.64 32.07
N ILE B 1342 -37.60 -40.47 31.70
CA ILE B 1342 -36.98 -39.15 31.73
C ILE B 1342 -37.76 -38.18 30.86
N GLU B 1343 -38.10 -38.60 29.65
CA GLU B 1343 -38.83 -37.73 28.75
C GLU B 1343 -40.22 -37.42 29.26
N GLU B 1344 -40.86 -38.38 29.92
CA GLU B 1344 -42.17 -38.13 30.49
C GLU B 1344 -42.07 -37.08 31.56
N LYS B 1345 -41.06 -37.18 32.41
CA LYS B 1345 -40.86 -36.19 33.45
C LYS B 1345 -40.64 -34.83 32.85
N SER B 1346 -39.83 -34.76 31.80
CA SER B 1346 -39.54 -33.48 31.16
C SER B 1346 -40.79 -32.83 30.60
N LEU B 1347 -41.64 -33.62 29.95
CA LEU B 1347 -42.87 -33.08 29.39
C LEU B 1347 -43.80 -32.60 30.50
N ALA B 1348 -43.82 -33.32 31.62
CA ALA B 1348 -44.64 -32.91 32.75
C ALA B 1348 -44.10 -31.65 33.38
N GLN B 1349 -42.78 -31.53 33.47
CA GLN B 1349 -42.18 -30.31 34.00
C GLN B 1349 -42.58 -29.15 33.13
N LEU B 1350 -42.48 -29.32 31.81
CA LEU B 1350 -42.87 -28.27 30.89
C LEU B 1350 -44.31 -27.85 31.11
N LYS B 1351 -45.20 -28.81 31.35
CA LYS B 1351 -46.59 -28.47 31.60
C LYS B 1351 -46.78 -27.73 32.91
N ARG B 1352 -46.09 -28.16 33.96
CA ARG B 1352 -46.18 -27.45 35.23
C ARG B 1352 -45.76 -26.00 35.04
N GLN B 1353 -44.61 -25.79 34.42
CA GLN B 1353 -44.13 -24.43 34.19
C GLN B 1353 -45.09 -23.65 33.31
N MET B 1354 -45.57 -24.27 32.25
CA MET B 1354 -46.49 -23.60 31.36
C MET B 1354 -47.72 -23.11 32.11
N GLU B 1355 -48.18 -23.90 33.07
CA GLU B 1355 -49.35 -23.52 33.85
C GLU B 1355 -49.07 -22.35 34.77
N ARG B 1356 -47.88 -22.30 35.35
CA ARG B 1356 -47.53 -21.16 36.18
C ARG B 1356 -47.53 -19.90 35.34
N ILE B 1357 -46.88 -19.96 34.18
CA ILE B 1357 -46.84 -18.80 33.31
C ILE B 1357 -48.24 -18.33 32.98
N ARG B 1358 -49.13 -19.27 32.66
CA ARG B 1358 -50.50 -18.90 32.29
C ARG B 1358 -51.28 -18.36 33.46
N ALA B 1359 -51.12 -18.98 34.63
CA ALA B 1359 -51.85 -18.55 35.81
C ALA B 1359 -51.49 -17.14 36.18
N LYS B 1360 -50.23 -16.77 35.99
CA LYS B 1360 -49.83 -15.41 36.28
C LYS B 1360 -50.48 -14.50 35.25
N GLN B 1361 -50.29 -14.81 33.98
CA GLN B 1361 -50.85 -13.98 32.93
C GLN B 1361 -52.36 -13.92 33.03
N GLU B 1362 -52.91 -14.50 34.09
CA GLU B 1362 -54.34 -14.45 34.30
C GLU B 1362 -54.63 -13.71 35.58
N LYS B 1363 -53.66 -13.71 36.48
CA LYS B 1363 -53.80 -12.96 37.72
C LYS B 1363 -53.51 -11.52 37.36
N HIS B 1364 -52.72 -11.32 36.31
CA HIS B 1364 -52.41 -9.97 35.86
C HIS B 1364 -53.49 -9.52 34.89
N ARG B 1365 -54.14 -10.46 34.23
CA ARG B 1365 -55.24 -10.11 33.33
C ARG B 1365 -56.41 -9.63 34.15
N GLN B 1366 -56.72 -10.37 35.21
CA GLN B 1366 -57.80 -9.96 36.09
C GLN B 1366 -57.38 -8.68 36.81
N GLY B 1367 -56.09 -8.53 37.09
CA GLY B 1367 -55.60 -7.31 37.71
C GLY B 1367 -55.86 -6.10 36.83
N ARG B 1368 -55.73 -6.27 35.51
CA ARG B 1368 -56.02 -5.18 34.59
C ARG B 1368 -57.49 -4.81 34.70
N VAL B 1369 -58.36 -5.82 34.69
CA VAL B 1369 -59.79 -5.57 34.82
C VAL B 1369 -60.10 -4.78 36.07
N ASP B 1370 -59.57 -5.23 37.21
CA ASP B 1370 -59.80 -4.54 38.47
C ASP B 1370 -59.39 -3.07 38.40
N ASP B 1408 -53.64 -6.53 19.28
CA ASP B 1408 -52.60 -6.42 18.27
C ASP B 1408 -51.23 -6.57 18.88
N HIS B 1409 -50.29 -7.15 18.12
CA HIS B 1409 -48.93 -7.35 18.61
C HIS B 1409 -48.35 -6.08 19.20
N ALA B 1410 -48.43 -4.97 18.47
CA ALA B 1410 -47.91 -3.70 18.96
C ALA B 1410 -48.43 -3.35 20.33
N THR B 1411 -49.75 -3.30 20.49
CA THR B 1411 -50.32 -2.90 21.76
C THR B 1411 -50.02 -3.89 22.89
N VAL B 1412 -49.87 -5.16 22.57
CA VAL B 1412 -49.65 -6.16 23.60
C VAL B 1412 -48.19 -6.25 24.02
N ILE B 1413 -47.28 -5.75 23.18
CA ILE B 1413 -45.87 -5.72 23.60
C ILE B 1413 -45.57 -4.38 24.21
N HIS B 1414 -46.51 -3.45 24.11
CA HIS B 1414 -46.33 -2.14 24.74
C HIS B 1414 -47.42 -1.98 25.77
N SER B 1415 -47.60 -2.99 26.61
CA SER B 1415 -48.64 -2.93 27.62
C SER B 1415 -48.08 -3.07 29.02
N GLY B 1416 -46.78 -3.29 29.13
CA GLY B 1416 -46.16 -3.48 30.42
C GLY B 1416 -46.39 -2.35 31.40
N ASP B 1417 -46.69 -2.69 32.64
CA ASP B 1417 -46.85 -1.67 33.66
C ASP B 1417 -46.23 -2.12 34.96
N TYR B 1418 -46.32 -1.29 35.99
CA TYR B 1418 -45.68 -1.61 37.26
C TYR B 1418 -46.36 -2.74 38.00
N PHE B 1419 -47.63 -2.97 37.71
CA PHE B 1419 -48.38 -4.00 38.41
C PHE B 1419 -47.86 -5.41 38.18
N LEU B 1420 -47.21 -5.63 37.04
CA LEU B 1420 -46.69 -6.95 36.73
C LEU B 1420 -45.54 -7.28 37.65
N PHE B 1421 -44.80 -6.28 38.09
CA PHE B 1421 -43.62 -6.53 38.90
C PHE B 1421 -43.86 -6.47 40.38
N GLU B 1422 -45.13 -6.44 40.79
CA GLU B 1422 -45.42 -6.48 42.21
C GLU B 1422 -45.10 -7.88 42.70
N SER B 1423 -44.71 -8.00 43.96
CA SER B 1423 -44.30 -9.30 44.46
C SER B 1423 -45.46 -10.16 44.90
N ASP B 1424 -46.28 -10.61 43.95
CA ASP B 1424 -47.44 -11.42 44.28
C ASP B 1424 -47.06 -12.88 44.25
N SER B 1425 -46.59 -13.41 45.38
CA SER B 1425 -46.17 -14.82 45.48
C SER B 1425 -45.43 -15.33 44.25
N GLU B 1426 -44.31 -14.69 43.93
CA GLU B 1426 -43.52 -15.10 42.78
C GLU B 1426 -42.57 -16.22 43.17
N GLU B 1427 -42.96 -17.46 42.92
CA GLU B 1427 -42.13 -18.60 43.27
C GLU B 1427 -41.37 -19.11 42.05
N PHE B 1513 8.18 -40.29 40.93
CA PHE B 1513 8.99 -40.66 39.79
C PHE B 1513 8.12 -40.85 38.56
N LEU B 1514 8.71 -40.65 37.38
CA LEU B 1514 7.97 -40.84 36.13
C LEU B 1514 7.38 -42.23 36.03
N TRP B 1515 8.15 -43.23 36.43
CA TRP B 1515 7.65 -44.61 36.41
C TRP B 1515 6.39 -44.73 37.26
N MET B 1516 6.49 -44.30 38.51
CA MET B 1516 5.35 -44.39 39.43
C MET B 1516 4.10 -43.70 38.88
N LEU B 1517 4.28 -42.56 38.22
CA LEU B 1517 3.14 -41.85 37.64
C LEU B 1517 2.46 -42.71 36.58
N GLY B 1518 3.26 -43.28 35.68
CA GLY B 1518 2.70 -44.15 34.65
C GLY B 1518 1.93 -45.31 35.23
N GLN B 1519 2.43 -45.92 36.31
CA GLN B 1519 1.72 -47.01 36.96
C GLN B 1519 0.34 -46.59 37.40
N ALA B 1520 0.26 -45.46 38.08
CA ALA B 1520 -1.04 -44.96 38.54
C ALA B 1520 -1.98 -44.70 37.36
N LEU B 1521 -1.45 -44.10 36.30
CA LEU B 1521 -2.26 -43.82 35.12
C LEU B 1521 -2.76 -45.08 34.43
N VAL B 1522 -1.96 -46.14 34.47
CA VAL B 1522 -2.40 -47.41 33.90
C VAL B 1522 -3.60 -47.89 34.67
N ASP B 1523 -3.56 -47.82 35.99
CA ASP B 1523 -4.69 -48.23 36.79
C ASP B 1523 -5.89 -47.33 36.56
N GLU B 1524 -5.66 -46.04 36.33
CA GLU B 1524 -6.76 -45.15 36.00
C GLU B 1524 -7.39 -45.60 34.71
N LEU B 1525 -6.57 -45.94 33.73
CA LEU B 1525 -7.06 -46.42 32.46
C LEU B 1525 -7.88 -47.69 32.59
N THR B 1526 -7.40 -48.66 33.37
CA THR B 1526 -8.18 -49.88 33.59
C THR B 1526 -9.57 -49.52 34.09
N ARG B 1527 -9.65 -48.65 35.09
CA ARG B 1527 -10.95 -48.24 35.62
C ARG B 1527 -11.84 -47.69 34.53
N TRP B 1528 -11.32 -46.77 33.73
CA TRP B 1528 -12.11 -46.15 32.68
C TRP B 1528 -12.60 -47.18 31.67
N LEU B 1529 -11.73 -48.12 31.32
CA LEU B 1529 -12.10 -49.15 30.37
C LEU B 1529 -13.14 -50.08 30.97
N GLN B 1530 -13.04 -50.34 32.26
CA GLN B 1530 -14.02 -51.19 32.93
C GLN B 1530 -15.37 -50.50 33.01
N GLU B 1531 -15.36 -49.17 33.13
CA GLU B 1531 -16.61 -48.43 33.15
C GLU B 1531 -17.30 -48.53 31.81
N PHE B 1532 -16.51 -48.60 30.74
CA PHE B 1532 -17.07 -48.69 29.40
C PHE B 1532 -17.64 -50.07 29.16
N THR B 1533 -16.95 -51.09 29.63
CA THR B 1533 -17.38 -52.46 29.39
C THR B 1533 -18.34 -52.96 30.46
N ARG B 1534 -18.58 -52.16 31.50
CA ARG B 1534 -19.44 -52.57 32.61
C ARG B 1534 -20.66 -53.43 32.28
N HIS B 1535 -21.55 -52.92 31.43
CA HIS B 1535 -22.76 -53.67 31.09
C HIS B 1535 -22.43 -55.03 30.50
N HIS B 1536 -21.50 -55.07 29.56
CA HIS B 1536 -21.12 -56.33 28.92
C HIS B 1536 -20.44 -57.24 29.93
N GLY B 1537 -19.66 -56.67 30.84
CA GLY B 1537 -19.00 -57.46 31.86
C GLY B 1537 -19.99 -58.18 32.75
N THR B 1538 -21.07 -57.50 33.14
CA THR B 1538 -22.09 -58.12 33.98
C THR B 1538 -22.93 -59.09 33.17
N MET B 1539 -23.02 -58.90 31.87
CA MET B 1539 -23.74 -59.83 31.03
C MET B 1539 -22.89 -61.06 30.83
N SER B 1540 -21.59 -60.93 31.06
CA SER B 1540 -20.68 -62.06 30.94
C SER B 1540 -20.42 -62.66 32.31
N ASP B 1541 -21.23 -62.31 33.29
CA ASP B 1541 -21.07 -62.88 34.62
C ASP B 1541 -22.30 -63.69 34.89
N VAL B 1542 -23.39 -63.36 34.20
CA VAL B 1542 -24.61 -64.13 34.37
C VAL B 1542 -24.64 -65.17 33.27
N LEU B 1543 -23.70 -65.10 32.35
CA LEU B 1543 -23.66 -66.05 31.25
C LEU B 1543 -22.27 -66.64 31.09
N ARG B 1544 -21.28 -65.79 30.82
CA ARG B 1544 -19.94 -66.32 30.53
C ARG B 1544 -19.16 -66.79 31.73
N ALA B 1545 -19.59 -66.42 32.93
CA ALA B 1545 -18.92 -66.96 34.11
C ALA B 1545 -19.27 -68.42 34.15
N GLU B 1546 -20.51 -68.76 33.78
CA GLU B 1546 -20.89 -70.17 33.71
C GLU B 1546 -20.79 -70.69 32.27
N ARG B 1547 -19.99 -70.04 31.44
CA ARG B 1547 -19.79 -70.50 30.07
C ARG B 1547 -18.33 -70.79 29.77
N TYR B 1548 -17.62 -69.77 29.28
CA TYR B 1548 -16.22 -69.96 28.93
C TYR B 1548 -15.40 -70.29 30.18
N LEU B 1549 -14.49 -71.25 30.05
CA LEU B 1549 -13.70 -71.66 31.21
C LEU B 1549 -12.28 -72.01 30.83
N LEU B 1550 -12.09 -73.14 30.15
CA LEU B 1550 -10.76 -73.60 29.78
C LEU B 1550 -9.75 -73.49 30.90
N THR B 1551 -9.90 -74.30 31.94
CA THR B 1551 -8.95 -74.30 33.04
C THR B 1551 -8.88 -75.73 33.50
N GLN B 1552 -9.96 -76.47 33.29
CA GLN B 1552 -10.01 -77.88 33.68
C GLN B 1552 -8.90 -78.64 32.98
N GLU B 1553 -8.02 -79.26 33.74
CA GLU B 1553 -6.88 -79.96 33.13
C GLU B 1553 -7.02 -81.46 33.07
N LEU B 1554 -5.91 -82.17 33.20
CA LEU B 1554 -5.93 -83.65 33.19
C LEU B 1554 -6.62 -84.28 32.00
N LEU B 1555 -7.47 -85.27 32.27
CA LEU B 1555 -8.12 -86.00 31.18
C LEU B 1555 -9.35 -85.31 30.62
N GLN B 1556 -10.49 -85.97 30.71
CA GLN B 1556 -11.72 -85.40 30.17
C GLN B 1556 -12.57 -84.78 31.25
N GLY B 1557 -13.83 -84.51 30.96
CA GLY B 1557 -14.72 -83.94 31.95
C GLY B 1557 -15.73 -84.98 32.43
N GLY B 1558 -15.79 -85.19 33.75
CA GLY B 1558 -16.70 -86.17 34.31
C GLY B 1558 -18.15 -85.70 34.23
N GLU B 1559 -18.53 -84.75 35.06
CA GLU B 1559 -19.87 -84.19 34.98
C GLU B 1559 -19.83 -83.12 33.91
N VAL B 1560 -20.01 -83.52 32.66
CA VAL B 1560 -19.90 -82.57 31.55
C VAL B 1560 -20.64 -81.26 31.72
N HIS B 1561 -21.96 -81.30 31.77
CA HIS B 1561 -22.73 -80.06 31.83
C HIS B 1561 -22.78 -79.43 33.20
N ARG B 1562 -22.65 -80.24 34.24
CA ARG B 1562 -22.67 -79.71 35.60
C ARG B 1562 -21.40 -78.95 35.90
N GLY B 1563 -20.34 -79.26 35.16
CA GLY B 1563 -19.08 -78.57 35.37
C GLY B 1563 -18.95 -77.25 34.64
N VAL B 1564 -20.02 -76.81 33.96
CA VAL B 1564 -19.99 -75.52 33.29
C VAL B 1564 -21.22 -74.66 33.51
N LEU B 1565 -22.33 -74.99 32.85
CA LEU B 1565 -23.51 -74.14 32.94
C LEU B 1565 -24.08 -74.05 34.35
N ASP B 1566 -23.98 -75.13 35.11
CA ASP B 1566 -24.46 -75.09 36.47
C ASP B 1566 -23.29 -75.03 37.43
N GLN B 1567 -22.52 -73.96 37.39
CA GLN B 1567 -21.33 -73.87 38.23
C GLN B 1567 -21.32 -72.70 39.18
N LEU B 1568 -20.21 -72.50 39.91
CA LEU B 1568 -20.09 -71.43 40.88
C LEU B 1568 -21.34 -71.21 41.71
N ALA B 1645 -33.01 -58.58 36.07
CA ALA B 1645 -32.60 -59.62 35.13
C ALA B 1645 -31.19 -59.36 34.65
N SER B 1646 -30.84 -58.10 34.47
CA SER B 1646 -29.49 -57.76 34.03
C SER B 1646 -28.50 -58.19 35.08
N GLU B 1647 -28.69 -57.71 36.30
CA GLU B 1647 -27.81 -58.11 37.40
C GLU B 1647 -28.52 -59.15 38.23
N LEU B 1648 -28.18 -60.40 38.03
CA LEU B 1648 -28.83 -61.47 38.78
C LEU B 1648 -28.10 -61.74 40.08
N LEU B 1649 -28.73 -62.49 40.96
CA LEU B 1649 -28.13 -62.78 42.25
C LEU B 1649 -27.59 -64.20 42.30
N LEU B 1650 -27.71 -64.85 43.45
CA LEU B 1650 -27.24 -66.23 43.58
C LEU B 1650 -28.35 -67.22 43.26
N ASP B 1651 -29.12 -66.94 42.20
CA ASP B 1651 -30.21 -67.83 41.80
C ASP B 1651 -29.67 -69.20 41.47
N ARG B 1652 -28.53 -69.25 40.79
CA ARG B 1652 -27.92 -70.52 40.45
C ARG B 1652 -27.12 -71.08 41.61
N ARG B 1653 -25.88 -70.63 41.74
CA ARG B 1653 -25.02 -71.14 42.81
C ARG B 1653 -24.30 -70.01 43.50
N LEU B 1654 -23.38 -70.35 44.41
CA LEU B 1654 -22.61 -69.34 45.11
C LEU B 1654 -21.26 -69.16 44.49
N ARG B 1655 -20.26 -69.84 45.04
CA ARG B 1655 -18.90 -69.76 44.52
C ARG B 1655 -18.23 -71.08 44.81
N ILE B 1656 -19.02 -72.16 44.81
CA ILE B 1656 -18.48 -73.47 45.19
C ILE B 1656 -17.17 -73.90 44.50
N PRO B 1657 -17.13 -73.94 43.14
CA PRO B 1657 -15.82 -74.26 42.55
C PRO B 1657 -14.98 -73.03 42.34
N GLU B 1658 -14.76 -72.22 43.37
CA GLU B 1658 -13.93 -71.01 43.29
C GLU B 1658 -14.33 -69.99 42.25
N LEU B 1659 -15.15 -69.02 42.63
CA LEU B 1659 -15.50 -67.95 41.71
C LEU B 1659 -14.23 -67.21 41.35
N GLU B 1660 -13.38 -66.99 42.34
CA GLU B 1660 -12.15 -66.26 42.11
C GLU B 1660 -11.03 -67.10 41.53
N GLU B 1661 -11.34 -68.25 40.95
CA GLU B 1661 -10.32 -69.03 40.29
C GLU B 1661 -9.83 -68.20 39.13
N ALA B 1662 -10.77 -67.63 38.38
CA ALA B 1662 -10.41 -66.77 37.29
C ALA B 1662 -9.79 -65.50 37.82
N GLU B 1663 -10.36 -64.94 38.88
CA GLU B 1663 -9.88 -63.68 39.43
C GLU B 1663 -8.57 -63.79 40.20
N LEU B 1664 -8.01 -64.99 40.27
CA LEU B 1664 -6.74 -65.18 40.96
C LEU B 1664 -5.64 -64.49 40.21
N PHE B 1665 -5.24 -65.06 39.09
CA PHE B 1665 -4.16 -64.49 38.29
C PHE B 1665 -4.58 -63.18 37.66
N ALA B 1666 -5.88 -63.02 37.40
CA ALA B 1666 -6.37 -61.79 36.80
C ALA B 1666 -6.05 -60.59 37.67
N GLU B 1667 -6.41 -60.68 38.95
CA GLU B 1667 -6.13 -59.58 39.87
C GLU B 1667 -4.70 -59.67 40.36
N GLY B 1668 -4.08 -60.83 40.21
CA GLY B 1668 -2.69 -60.99 40.62
C GLY B 1668 -1.86 -59.99 39.84
N GLN B 1669 -2.06 -59.93 38.53
CA GLN B 1669 -1.36 -58.94 37.75
C GLN B 1669 -2.32 -57.82 37.43
N GLY B 1670 -2.56 -56.94 38.41
CA GLY B 1670 -3.45 -55.82 38.20
C GLY B 1670 -2.79 -54.74 37.38
N ARG B 1671 -1.47 -54.84 37.21
CA ARG B 1671 -0.76 -53.89 36.38
C ARG B 1671 -0.42 -54.61 35.09
N ALA B 1672 -0.14 -53.87 34.02
CA ALA B 1672 0.22 -54.47 32.71
C ALA B 1672 -0.79 -55.44 32.12
N LEU B 1673 -0.76 -56.71 32.53
CA LEU B 1673 -1.73 -57.69 32.05
C LEU B 1673 -3.16 -57.19 32.10
N ARG B 1674 -3.56 -56.63 33.24
CA ARG B 1674 -4.93 -56.16 33.38
C ARG B 1674 -5.28 -55.00 32.47
N LEU B 1675 -4.30 -54.19 32.09
CA LEU B 1675 -4.57 -53.12 31.14
C LEU B 1675 -5.02 -53.75 29.84
N LEU B 1676 -4.29 -54.74 29.35
CA LEU B 1676 -4.65 -55.42 28.12
C LEU B 1676 -5.94 -56.20 28.26
N ARG B 1677 -6.21 -56.72 29.45
CA ARG B 1677 -7.46 -57.43 29.68
C ARG B 1677 -8.62 -56.47 29.55
N ALA B 1678 -8.46 -55.28 30.10
CA ALA B 1678 -9.51 -54.27 30.00
C ALA B 1678 -9.68 -53.82 28.57
N VAL B 1679 -8.57 -53.67 27.84
CA VAL B 1679 -8.65 -53.30 26.44
C VAL B 1679 -9.50 -54.31 25.67
N TYR B 1680 -9.22 -55.60 25.87
CA TYR B 1680 -9.97 -56.63 25.14
C TYR B 1680 -11.45 -56.56 25.47
N GLN B 1681 -11.77 -56.41 26.74
CA GLN B 1681 -13.17 -56.35 27.13
C GLN B 1681 -13.88 -55.19 26.46
N CYS B 1682 -13.20 -54.06 26.34
CA CYS B 1682 -13.79 -52.92 25.66
C CYS B 1682 -14.09 -53.25 24.21
N VAL B 1683 -13.12 -53.82 23.50
CA VAL B 1683 -13.32 -54.10 22.08
C VAL B 1683 -14.24 -55.29 21.84
N ALA B 1684 -14.49 -56.10 22.86
CA ALA B 1684 -15.43 -57.19 22.72
C ALA B 1684 -16.81 -56.61 22.86
N ALA B 1685 -16.95 -55.64 23.77
CA ALA B 1685 -18.23 -55.00 23.96
C ALA B 1685 -18.54 -54.14 22.76
N HIS B 1686 -17.63 -53.27 22.40
CA HIS B 1686 -17.85 -52.37 21.27
C HIS B 1686 -17.16 -52.88 20.03
N SER B 1687 -17.59 -54.05 19.56
CA SER B 1687 -16.99 -54.62 18.37
C SER B 1687 -17.63 -54.01 17.15
N GLU B 1688 -18.89 -53.59 17.27
CA GLU B 1688 -19.56 -52.93 16.18
C GLU B 1688 -18.83 -51.66 15.84
N LEU B 1689 -18.46 -50.91 16.86
CA LEU B 1689 -17.78 -49.65 16.65
C LEU B 1689 -16.38 -49.88 16.12
N LEU B 1690 -15.75 -50.98 16.53
CA LEU B 1690 -14.43 -51.30 16.00
C LEU B 1690 -14.51 -51.54 14.51
N CYS B 1691 -15.51 -52.29 14.07
CA CYS B 1691 -15.68 -52.53 12.64
C CYS B 1691 -15.81 -51.23 11.89
N TYR B 1692 -16.65 -50.33 12.38
CA TYR B 1692 -16.87 -49.06 11.71
C TYR B 1692 -15.57 -48.28 11.59
N PHE B 1693 -14.79 -48.25 12.67
CA PHE B 1693 -13.53 -47.55 12.64
C PHE B 1693 -12.62 -48.12 11.55
N ILE B 1694 -12.49 -49.43 11.50
CA ILE B 1694 -11.61 -50.05 10.52
C ILE B 1694 -12.06 -49.72 9.10
N ILE B 1695 -13.35 -49.77 8.82
CA ILE B 1695 -13.79 -49.54 7.44
C ILE B 1695 -13.56 -48.10 6.98
N ILE B 1696 -13.68 -47.12 7.86
CA ILE B 1696 -13.38 -45.75 7.45
C ILE B 1696 -11.89 -45.47 7.46
N LEU B 1697 -11.13 -46.32 8.15
CA LEU B 1697 -9.68 -46.17 8.13
C LEU B 1697 -9.15 -46.82 6.87
N ASN B 1698 -9.91 -47.76 6.32
CA ASN B 1698 -9.50 -48.35 5.07
C ASN B 1698 -9.69 -47.32 3.99
N HIS B 1699 -10.73 -46.50 4.10
CA HIS B 1699 -10.91 -45.44 3.13
C HIS B 1699 -9.94 -44.29 3.32
N MET B 1700 -9.21 -44.28 4.43
CA MET B 1700 -8.21 -43.26 4.63
C MET B 1700 -6.85 -43.75 4.17
N VAL B 1701 -6.69 -45.06 4.00
CA VAL B 1701 -5.44 -45.58 3.48
C VAL B 1701 -5.50 -45.96 1.99
N THR B 1702 -6.69 -46.31 1.51
CA THR B 1702 -6.85 -46.61 0.08
C THR B 1702 -8.08 -45.87 -0.43
N ALA B 1703 -8.24 -45.73 -1.74
CA ALA B 1703 -9.35 -44.93 -2.24
C ALA B 1703 -10.09 -45.50 -3.44
N SER B 1704 -10.90 -44.67 -4.10
CA SER B 1704 -11.69 -45.09 -5.27
C SER B 1704 -12.69 -46.22 -5.04
N ALA B 1705 -12.61 -47.27 -5.85
CA ALA B 1705 -13.52 -48.41 -5.69
C ALA B 1705 -13.18 -49.13 -4.40
N GLY B 1706 -11.92 -49.06 -3.99
CA GLY B 1706 -11.55 -49.64 -2.71
C GLY B 1706 -12.25 -48.72 -1.73
N SER B 1707 -12.99 -49.28 -0.78
CA SER B 1707 -13.78 -48.46 0.14
C SER B 1707 -14.79 -47.66 -0.64
N LEU B 1708 -15.23 -46.51 -0.11
CA LEU B 1708 -16.28 -45.71 -0.76
C LEU B 1708 -17.52 -46.50 -1.17
N VAL B 1709 -17.73 -47.67 -0.60
CA VAL B 1709 -18.89 -48.48 -0.89
C VAL B 1709 -19.28 -48.88 0.50
N LEU B 1710 -18.33 -49.46 1.22
CA LEU B 1710 -18.60 -49.82 2.61
C LEU B 1710 -18.69 -48.61 3.53
N PRO B 1711 -17.77 -47.61 3.42
CA PRO B 1711 -18.00 -46.44 4.27
C PRO B 1711 -19.33 -45.77 4.01
N VAL B 1712 -19.74 -45.65 2.75
CA VAL B 1712 -21.04 -45.10 2.44
C VAL B 1712 -22.12 -45.92 3.11
N LEU B 1713 -22.05 -47.24 2.98
CA LEU B 1713 -23.04 -48.11 3.59
C LEU B 1713 -23.02 -48.09 5.12
N VAL B 1714 -21.88 -47.81 5.71
CA VAL B 1714 -21.82 -47.72 7.16
C VAL B 1714 -22.63 -46.52 7.59
N PHE B 1715 -22.44 -45.39 6.91
CA PHE B 1715 -23.15 -44.18 7.26
C PHE B 1715 -24.61 -44.21 6.89
N LEU B 1716 -24.97 -44.88 5.80
CA LEU B 1716 -26.35 -44.83 5.33
C LEU B 1716 -27.24 -46.05 5.61
N TRP B 1717 -26.64 -47.17 6.00
CA TRP B 1717 -27.41 -48.37 6.24
C TRP B 1717 -27.22 -48.83 7.67
N ALA B 1718 -25.99 -49.10 8.04
CA ALA B 1718 -25.74 -49.64 9.37
C ALA B 1718 -26.14 -48.69 10.46
N MET B 1719 -25.64 -47.47 10.40
CA MET B 1719 -25.92 -46.52 11.48
C MET B 1719 -27.30 -45.91 11.37
N LEU B 1720 -27.97 -46.12 10.24
CA LEU B 1720 -29.33 -45.63 10.10
C LEU B 1720 -30.22 -46.84 10.05
N SER B 1721 -30.34 -47.56 11.17
CA SER B 1721 -31.12 -48.77 11.18
C SER B 1721 -31.84 -49.02 12.48
N ILE B 1722 -32.71 -50.02 12.49
CA ILE B 1722 -33.38 -50.41 13.72
C ILE B 1722 -32.29 -50.95 14.59
N PRO B 1723 -32.18 -50.49 15.84
CA PRO B 1723 -31.07 -50.90 16.71
C PRO B 1723 -29.82 -51.48 16.07
N ARG B 1724 -29.58 -52.77 16.24
CA ARG B 1724 -28.40 -53.40 15.68
C ARG B 1724 -28.56 -53.48 14.18
N PRO B 1725 -27.58 -52.95 13.40
CA PRO B 1725 -27.63 -52.91 11.94
C PRO B 1725 -28.55 -53.93 11.29
N SER B 1726 -28.08 -55.16 11.08
CA SER B 1726 -28.90 -56.24 10.53
C SER B 1726 -28.05 -57.47 10.56
N LYS B 1727 -28.17 -58.30 9.54
CA LYS B 1727 -27.33 -59.48 9.44
C LYS B 1727 -26.82 -59.35 8.04
N ARG B 1728 -27.68 -58.85 7.17
CA ARG B 1728 -27.30 -58.66 5.79
C ARG B 1728 -26.23 -57.61 5.65
N PHE B 1729 -26.24 -56.57 6.48
CA PHE B 1729 -25.15 -55.60 6.41
C PHE B 1729 -23.84 -56.28 6.68
N TRP B 1730 -23.76 -57.01 7.78
CA TRP B 1730 -22.51 -57.63 8.13
C TRP B 1730 -22.10 -58.64 7.09
N MET B 1731 -23.06 -59.36 6.54
CA MET B 1731 -22.74 -60.31 5.50
C MET B 1731 -22.19 -59.61 4.25
N THR B 1732 -22.86 -58.54 3.81
CA THR B 1732 -22.37 -57.81 2.65
C THR B 1732 -21.02 -57.17 2.89
N ALA B 1733 -20.77 -56.76 4.12
CA ALA B 1733 -19.47 -56.20 4.45
C ALA B 1733 -18.40 -57.25 4.27
N ILE B 1734 -18.61 -58.41 4.87
CA ILE B 1734 -17.66 -59.50 4.73
C ILE B 1734 -17.49 -59.85 3.26
N VAL B 1735 -18.60 -60.01 2.54
CA VAL B 1735 -18.54 -60.36 1.13
C VAL B 1735 -17.76 -59.33 0.30
N PHE B 1736 -18.08 -58.04 0.45
CA PHE B 1736 -17.37 -57.02 -0.30
C PHE B 1736 -15.89 -57.04 0.01
N THR B 1737 -15.53 -57.14 1.29
CA THR B 1737 -14.13 -57.15 1.66
C THR B 1737 -13.40 -58.35 1.07
N GLU B 1738 -14.07 -59.50 1.03
CA GLU B 1738 -13.46 -60.67 0.44
C GLU B 1738 -13.29 -60.48 -1.05
N ILE B 1739 -14.33 -60.01 -1.73
CA ILE B 1739 -14.26 -59.76 -3.16
C ILE B 1739 -13.12 -58.79 -3.45
N ALA B 1740 -13.05 -57.69 -2.71
CA ALA B 1740 -11.99 -56.72 -2.90
C ALA B 1740 -10.63 -57.37 -2.76
N VAL B 1741 -10.46 -58.20 -1.75
CA VAL B 1741 -9.19 -58.90 -1.58
C VAL B 1741 -8.89 -59.77 -2.79
N VAL B 1742 -9.86 -60.57 -3.22
CA VAL B 1742 -9.66 -61.44 -4.36
C VAL B 1742 -9.28 -60.65 -5.62
N VAL B 1743 -9.99 -59.57 -5.92
CA VAL B 1743 -9.69 -58.85 -7.15
C VAL B 1743 -8.41 -58.02 -7.06
N LYS B 1744 -8.00 -57.65 -5.86
CA LYS B 1744 -6.74 -56.94 -5.71
C LYS B 1744 -5.62 -57.95 -5.81
N TYR B 1745 -5.91 -59.21 -5.50
CA TYR B 1745 -4.92 -60.26 -5.64
C TYR B 1745 -4.79 -60.60 -7.10
N LEU B 1746 -5.88 -60.49 -7.85
CA LEU B 1746 -5.82 -60.73 -9.29
C LEU B 1746 -5.33 -59.49 -10.00
N PHE B 1747 -4.96 -58.46 -9.25
CA PHE B 1747 -4.43 -57.22 -9.83
C PHE B 1747 -5.24 -56.72 -11.03
N THR B 1779 -4.34 -51.62 -10.22
CA THR B 1779 -3.70 -51.73 -8.92
C THR B 1779 -2.67 -52.84 -8.90
N ASP B 1780 -1.46 -52.55 -8.42
CA ASP B 1780 -0.45 -53.59 -8.29
C ASP B 1780 0.25 -53.43 -6.96
N GLY B 1781 0.79 -54.53 -6.43
CA GLY B 1781 1.40 -54.48 -5.11
C GLY B 1781 0.30 -54.13 -4.13
N TYR B 1782 -0.80 -54.89 -4.16
CA TYR B 1782 -1.95 -54.58 -3.30
C TYR B 1782 -1.66 -54.58 -1.81
N ILE B 1783 -2.31 -53.67 -1.10
CA ILE B 1783 -2.14 -53.62 0.33
C ILE B 1783 -3.24 -54.42 0.99
N LYS B 1784 -2.97 -54.90 2.19
CA LYS B 1784 -3.96 -55.70 2.87
C LYS B 1784 -4.40 -55.11 4.20
N TYR B 1785 -5.22 -54.05 4.14
CA TYR B 1785 -5.79 -53.49 5.36
C TYR B 1785 -7.13 -54.18 5.40
N ASP B 1786 -7.41 -54.95 4.37
CA ASP B 1786 -8.64 -55.72 4.32
C ASP B 1786 -8.47 -57.00 5.10
N LEU B 1787 -7.26 -57.26 5.59
CA LEU B 1787 -7.08 -58.43 6.42
C LEU B 1787 -7.66 -58.05 7.76
N VAL B 1788 -7.18 -56.96 8.33
CA VAL B 1788 -7.69 -56.50 9.61
C VAL B 1788 -9.17 -56.14 9.52
N GLN B 1789 -9.66 -55.81 8.33
CA GLN B 1789 -11.07 -55.53 8.15
C GLN B 1789 -11.86 -56.81 8.24
N LEU B 1790 -11.52 -57.79 7.42
CA LEU B 1790 -12.26 -59.04 7.39
C LEU B 1790 -12.24 -59.71 8.74
N MET B 1791 -11.10 -59.68 9.41
CA MET B 1791 -10.99 -60.35 10.69
C MET B 1791 -11.73 -59.63 11.81
N ALA B 1792 -11.88 -58.32 11.72
CA ALA B 1792 -12.66 -57.59 12.71
C ALA B 1792 -14.13 -57.82 12.45
N LEU B 1793 -14.50 -57.95 11.18
CA LEU B 1793 -15.89 -58.18 10.83
C LEU B 1793 -16.32 -59.60 11.16
N PHE B 1794 -15.35 -60.50 11.30
CA PHE B 1794 -15.67 -61.86 11.68
C PHE B 1794 -15.59 -61.99 13.19
N PHE B 1795 -14.93 -61.04 13.84
CA PHE B 1795 -14.87 -61.04 15.29
C PHE B 1795 -16.21 -60.57 15.79
N HIS B 1796 -16.74 -59.51 15.18
CA HIS B 1796 -18.04 -59.01 15.59
C HIS B 1796 -19.09 -60.06 15.34
N ARG B 1797 -18.99 -60.79 14.24
CA ARG B 1797 -19.92 -61.87 13.98
C ARG B 1797 -19.92 -62.87 15.12
N SER B 1798 -18.74 -63.21 15.62
CA SER B 1798 -18.64 -64.13 16.74
C SER B 1798 -19.24 -63.55 18.01
N GLN B 1799 -19.03 -62.26 18.24
CA GLN B 1799 -19.61 -61.62 19.41
C GLN B 1799 -21.14 -61.61 19.36
N LEU B 1800 -21.70 -61.38 18.17
CA LEU B 1800 -23.15 -61.36 18.05
C LEU B 1800 -23.74 -62.75 17.92
N LEU B 1801 -22.91 -63.74 17.65
CA LEU B 1801 -23.42 -65.11 17.59
C LEU B 1801 -23.60 -65.58 19.01
N CYS B 1802 -22.68 -65.18 19.89
CA CYS B 1802 -22.79 -65.56 21.29
C CYS B 1802 -23.88 -64.77 21.98
N TYR B 1803 -24.19 -63.58 21.46
CA TYR B 1803 -25.24 -62.74 22.04
C TYR B 1803 -25.13 -62.57 23.55
N ARG B 1940 -38.50 -51.64 -4.61
CA ARG B 1940 -39.21 -50.63 -3.81
C ARG B 1940 -39.87 -51.03 -2.45
N PRO B 1941 -39.64 -52.27 -1.90
CA PRO B 1941 -40.32 -52.52 -0.62
C PRO B 1941 -39.42 -52.41 0.59
N LEU B 1942 -38.32 -53.15 0.59
CA LEU B 1942 -37.41 -53.17 1.74
C LEU B 1942 -36.89 -51.79 2.07
N ARG B 1943 -36.54 -51.02 1.05
CA ARG B 1943 -36.06 -49.66 1.26
C ARG B 1943 -37.13 -48.83 1.95
N ARG B 1944 -38.37 -48.98 1.50
CA ARG B 1944 -39.48 -48.24 2.11
C ARG B 1944 -39.61 -48.61 3.57
N PHE B 1945 -39.47 -49.89 3.90
CA PHE B 1945 -39.58 -50.33 5.28
C PHE B 1945 -38.46 -49.73 6.11
N PHE B 1946 -37.25 -49.68 5.58
CA PHE B 1946 -36.13 -49.08 6.30
C PHE B 1946 -36.45 -47.64 6.63
N HIS B 1947 -36.90 -46.89 5.63
CA HIS B 1947 -37.18 -45.48 5.84
C HIS B 1947 -38.34 -45.27 6.79
N ASP B 1948 -39.36 -46.11 6.70
CA ASP B 1948 -40.48 -46.01 7.62
C ASP B 1948 -40.00 -46.20 9.04
N ILE B 1949 -39.15 -47.20 9.25
CA ILE B 1949 -38.69 -47.48 10.60
C ILE B 1949 -37.58 -46.52 11.05
N LEU B 1950 -37.18 -45.59 10.19
CA LEU B 1950 -36.21 -44.60 10.59
C LEU B 1950 -36.95 -43.31 10.88
N HIS B 1951 -38.21 -43.24 10.48
CA HIS B 1951 -39.00 -42.04 10.70
C HIS B 1951 -40.03 -42.26 11.80
N THR B 1952 -40.93 -43.21 11.60
CA THR B 1952 -41.97 -43.46 12.59
C THR B 1952 -41.40 -44.13 13.83
N LYS B 1953 -40.77 -45.29 13.69
CA LYS B 1953 -40.17 -46.03 14.81
C LYS B 1953 -40.79 -46.02 16.20
N TYR B 1954 -39.94 -46.14 17.22
CA TYR B 1954 -40.40 -46.14 18.62
C TYR B 1954 -39.16 -45.97 19.48
N ARG B 1955 -38.28 -45.05 19.13
CA ARG B 1955 -37.02 -44.91 19.86
C ARG B 1955 -37.02 -43.83 20.93
N ALA B 1956 -35.84 -43.49 21.45
CA ALA B 1956 -35.75 -42.50 22.53
C ALA B 1956 -35.66 -41.06 22.05
N ALA B 1957 -34.71 -40.30 22.59
CA ALA B 1957 -34.56 -38.91 22.21
C ALA B 1957 -33.34 -38.28 22.82
N THR B 1958 -32.39 -37.87 21.98
CA THR B 1958 -31.15 -37.27 22.47
C THR B 1958 -30.86 -36.00 21.73
N ASP B 1959 -30.06 -35.12 22.33
CA ASP B 1959 -29.67 -33.90 21.66
C ASP B 1959 -28.18 -33.92 21.47
N VAL B 1960 -27.74 -34.36 20.29
CA VAL B 1960 -26.32 -34.42 20.02
C VAL B 1960 -25.92 -33.33 19.03
N TYR B 1961 -26.70 -32.27 18.96
CA TYR B 1961 -26.35 -31.16 18.08
C TYR B 1961 -25.08 -30.49 18.53
N ALA B 1962 -24.93 -30.29 19.82
CA ALA B 1962 -23.72 -29.67 20.34
C ALA B 1962 -22.51 -30.37 19.79
N LEU B 1963 -22.47 -31.69 19.88
CA LEU B 1963 -21.32 -32.45 19.42
C LEU B 1963 -21.18 -32.43 17.90
N MET B 1964 -22.29 -32.47 17.17
CA MET B 1964 -22.24 -32.39 15.72
C MET B 1964 -21.65 -31.07 15.29
N PHE B 1965 -22.05 -29.99 15.96
CA PHE B 1965 -21.54 -28.68 15.60
C PHE B 1965 -20.08 -28.57 15.96
N LEU B 1966 -19.68 -29.16 17.08
CA LEU B 1966 -18.29 -29.12 17.45
C LEU B 1966 -17.44 -29.86 16.44
N ALA B 1967 -17.94 -30.97 15.91
CA ALA B 1967 -17.21 -31.69 14.89
C ALA B 1967 -17.04 -30.82 13.67
N ASP B 1968 -18.10 -30.13 13.28
CA ASP B 1968 -18.03 -29.25 12.13
C ASP B 1968 -17.15 -28.04 12.37
N VAL B 1969 -17.04 -27.59 13.62
CA VAL B 1969 -16.15 -26.48 13.93
C VAL B 1969 -14.72 -26.94 13.76
N VAL B 1970 -14.40 -28.14 14.26
CA VAL B 1970 -13.05 -28.67 14.06
C VAL B 1970 -12.77 -28.81 12.58
N ASP B 1971 -13.75 -29.30 11.82
CA ASP B 1971 -13.56 -29.42 10.38
C ASP B 1971 -13.26 -28.07 9.76
N PHE B 1972 -14.05 -27.07 10.10
CA PHE B 1972 -13.81 -25.72 9.59
C PHE B 1972 -12.40 -25.29 9.94
N ILE B 1973 -12.02 -25.44 11.20
CA ILE B 1973 -10.70 -25.03 11.64
C ILE B 1973 -9.60 -25.67 10.79
N ILE B 1974 -9.66 -26.99 10.58
CA ILE B 1974 -8.57 -27.62 9.84
C ILE B 1974 -8.59 -27.29 8.36
N ILE B 1975 -9.75 -26.92 7.81
CA ILE B 1975 -9.77 -26.51 6.41
C ILE B 1975 -9.23 -25.09 6.32
N ILE B 1976 -9.59 -24.23 7.25
CA ILE B 1976 -9.02 -22.88 7.26
C ILE B 1976 -7.51 -23.01 7.38
N PHE B 1977 -7.02 -23.77 8.36
CA PHE B 1977 -5.59 -23.96 8.53
C PHE B 1977 -4.99 -24.59 7.29
N GLY B 1978 -5.74 -25.47 6.64
CA GLY B 1978 -5.26 -26.12 5.44
C GLY B 1978 -5.48 -25.32 4.18
N PHE B 1979 -4.99 -24.10 4.13
CA PHE B 1979 -5.08 -23.32 2.89
C PHE B 1979 -4.20 -24.02 1.88
N TRP B 1980 -3.08 -24.56 2.33
CA TRP B 1980 -2.19 -25.32 1.45
C TRP B 1980 -2.93 -26.50 0.85
N GLN B 1999 -5.03 -23.24 -7.86
CA GLN B 1999 -6.12 -24.21 -7.77
C GLN B 1999 -6.40 -24.55 -6.32
N VAL B 2000 -5.35 -24.75 -5.54
CA VAL B 2000 -5.54 -25.03 -4.11
C VAL B 2000 -6.26 -23.92 -3.32
N PRO B 2001 -5.90 -22.63 -3.54
CA PRO B 2001 -6.71 -21.63 -2.81
C PRO B 2001 -8.17 -21.73 -3.18
N GLU B 2002 -8.47 -21.85 -4.47
CA GLU B 2002 -9.85 -21.97 -4.91
C GLU B 2002 -10.56 -23.15 -4.27
N ALA B 2003 -9.87 -24.29 -4.19
CA ALA B 2003 -10.46 -25.47 -3.57
C ALA B 2003 -10.75 -25.25 -2.10
N PHE B 2004 -9.81 -24.65 -1.39
CA PHE B 2004 -10.00 -24.41 0.03
C PHE B 2004 -11.11 -23.38 0.26
N LEU B 2005 -11.27 -22.45 -0.67
CA LEU B 2005 -12.33 -21.46 -0.55
C LEU B 2005 -13.69 -22.08 -0.81
N VAL B 2006 -13.76 -23.03 -1.72
CA VAL B 2006 -15.02 -23.71 -1.96
C VAL B 2006 -15.37 -24.57 -0.76
N MET B 2007 -14.37 -25.21 -0.16
CA MET B 2007 -14.61 -26.04 1.00
C MET B 2007 -15.06 -25.18 2.17
N LEU B 2008 -14.60 -23.94 2.22
CA LEU B 2008 -15.02 -23.04 3.28
C LEU B 2008 -16.49 -22.77 3.11
N LEU B 2009 -16.87 -22.25 1.95
CA LEU B 2009 -18.28 -21.99 1.69
C LEU B 2009 -19.09 -23.21 2.01
N ILE B 2010 -18.54 -24.39 1.76
CA ILE B 2010 -19.30 -25.62 1.99
C ILE B 2010 -19.51 -25.88 3.47
N GLN B 2011 -18.44 -26.02 4.23
CA GLN B 2011 -18.59 -26.21 5.67
C GLN B 2011 -19.63 -25.23 6.19
N PHE B 2012 -19.54 -23.98 5.77
CA PHE B 2012 -20.46 -22.98 6.29
C PHE B 2012 -21.89 -23.30 5.91
N SER B 2013 -22.15 -23.50 4.62
CA SER B 2013 -23.50 -23.77 4.19
C SER B 2013 -24.08 -24.98 4.88
N THR B 2014 -23.28 -26.02 5.07
CA THR B 2014 -23.79 -27.24 5.68
C THR B 2014 -24.15 -27.01 7.14
N MET B 2015 -23.33 -26.23 7.84
CA MET B 2015 -23.62 -25.90 9.23
C MET B 2015 -24.93 -25.12 9.34
N VAL B 2016 -25.17 -24.22 8.40
CA VAL B 2016 -26.41 -23.46 8.40
C VAL B 2016 -27.61 -24.37 8.18
N VAL B 2017 -27.49 -25.28 7.23
CA VAL B 2017 -28.59 -26.22 6.97
C VAL B 2017 -28.82 -27.08 8.18
N ASP B 2018 -27.76 -27.52 8.83
CA ASP B 2018 -27.91 -28.33 10.03
C ASP B 2018 -28.69 -27.58 11.10
N ARG B 2019 -28.36 -26.31 11.31
CA ARG B 2019 -29.06 -25.50 12.31
C ARG B 2019 -30.53 -25.43 11.97
N ALA B 2020 -30.84 -25.25 10.70
CA ALA B 2020 -32.23 -25.21 10.28
C ALA B 2020 -32.97 -26.45 10.68
N LEU B 2021 -32.45 -27.61 10.32
CA LEU B 2021 -33.13 -28.86 10.63
C LEU B 2021 -33.23 -29.15 12.11
N TYR B 2022 -32.27 -28.66 12.88
CA TYR B 2022 -32.30 -28.85 14.31
C TYR B 2022 -33.37 -27.99 14.93
N LEU B 2023 -33.44 -26.74 14.52
CA LEU B 2023 -34.42 -25.83 15.09
C LEU B 2023 -35.82 -26.13 14.61
N ARG B 2024 -35.93 -26.79 13.46
CA ARG B 2024 -37.24 -27.17 12.94
C ARG B 2024 -37.54 -28.61 13.31
N LYS B 2025 -36.65 -29.24 14.07
CA LYS B 2025 -36.83 -30.63 14.49
C LYS B 2025 -37.30 -31.56 13.38
N THR B 2026 -36.56 -31.60 12.28
CA THR B 2026 -36.96 -32.42 11.15
C THR B 2026 -36.11 -33.67 11.03
N VAL B 2027 -36.68 -34.81 11.35
CA VAL B 2027 -35.94 -36.07 11.22
C VAL B 2027 -35.86 -36.46 9.77
N LEU B 2028 -36.91 -36.18 9.01
CA LEU B 2028 -36.91 -36.49 7.60
C LEU B 2028 -35.94 -35.58 6.88
N GLY B 2029 -35.86 -34.34 7.31
CA GLY B 2029 -34.95 -33.41 6.71
C GLY B 2029 -33.52 -33.81 6.99
N LYS B 2030 -33.27 -34.26 8.22
CA LYS B 2030 -31.93 -34.70 8.58
C LYS B 2030 -31.57 -35.96 7.80
N LEU B 2031 -32.54 -36.84 7.58
CA LEU B 2031 -32.27 -38.03 6.78
C LEU B 2031 -31.81 -37.60 5.42
N ALA B 2032 -32.58 -36.75 4.77
CA ALA B 2032 -32.23 -36.30 3.43
C ALA B 2032 -30.87 -35.64 3.41
N PHE B 2033 -30.63 -34.73 4.34
CA PHE B 2033 -29.35 -34.05 4.40
C PHE B 2033 -28.22 -35.05 4.55
N GLN B 2034 -28.34 -35.97 5.50
CA GLN B 2034 -27.31 -36.98 5.72
C GLN B 2034 -27.04 -37.73 4.43
N VAL B 2035 -28.07 -38.27 3.79
CA VAL B 2035 -27.89 -39.04 2.57
C VAL B 2035 -27.11 -38.22 1.56
N ALA B 2036 -27.61 -37.02 1.25
CA ALA B 2036 -26.95 -36.17 0.29
C ALA B 2036 -25.50 -35.89 0.68
N LEU B 2037 -25.29 -35.45 1.90
CA LEU B 2037 -23.95 -35.10 2.34
C LEU B 2037 -22.98 -36.27 2.28
N VAL B 2038 -23.40 -37.45 2.73
CA VAL B 2038 -22.55 -38.62 2.67
C VAL B 2038 -22.07 -38.81 1.25
N LEU B 2039 -23.00 -38.91 0.31
CA LEU B 2039 -22.64 -39.13 -1.08
C LEU B 2039 -21.76 -38.01 -1.62
N ALA B 2040 -22.11 -36.76 -1.33
CA ALA B 2040 -21.36 -35.64 -1.88
C ALA B 2040 -19.94 -35.52 -1.35
N ILE B 2041 -19.76 -35.80 -0.06
CA ILE B 2041 -18.43 -35.69 0.53
C ILE B 2041 -17.58 -36.84 0.01
N HIS B 2042 -18.21 -37.99 -0.18
CA HIS B 2042 -17.48 -39.12 -0.73
C HIS B 2042 -17.16 -38.93 -2.20
N LEU B 2043 -17.94 -38.12 -2.91
CA LEU B 2043 -17.66 -37.83 -4.30
C LEU B 2043 -16.62 -36.75 -4.40
N TRP B 2044 -16.47 -35.96 -3.35
CA TRP B 2044 -15.44 -34.94 -3.33
C TRP B 2044 -14.08 -35.56 -3.12
N MET B 2045 -14.04 -36.83 -2.73
CA MET B 2045 -12.77 -37.52 -2.61
C MET B 2045 -12.26 -37.80 -4.02
N PHE B 2046 -13.17 -37.86 -4.99
CA PHE B 2046 -12.75 -38.06 -6.38
C PHE B 2046 -12.27 -36.77 -7.01
N PHE B 2047 -12.71 -35.62 -6.47
CA PHE B 2047 -12.23 -34.34 -6.97
C PHE B 2047 -11.04 -33.88 -6.15
N ILE B 2048 -10.04 -34.75 -6.00
CA ILE B 2048 -8.85 -34.39 -5.24
C ILE B 2048 -8.03 -33.36 -5.99
N LEU B 2049 -8.07 -33.40 -7.32
CA LEU B 2049 -7.35 -32.43 -8.14
C LEU B 2049 -7.78 -31.01 -7.81
N PRO B 2050 -6.83 -30.18 -7.35
CA PRO B 2050 -7.20 -28.83 -6.93
C PRO B 2050 -7.08 -27.82 -8.06
N ASN B 2060 -3.09 -36.54 1.43
CA ASN B 2060 -2.99 -35.32 2.20
C ASN B 2060 -3.46 -35.53 3.63
N VAL B 2061 -2.58 -35.27 4.60
CA VAL B 2061 -2.94 -35.46 6.00
C VAL B 2061 -4.09 -34.57 6.41
N VAL B 2062 -4.10 -33.32 5.94
CA VAL B 2062 -5.20 -32.43 6.27
C VAL B 2062 -6.51 -33.00 5.78
N ALA B 2063 -6.54 -33.51 4.55
CA ALA B 2063 -7.77 -34.06 4.00
C ALA B 2063 -8.17 -35.36 4.68
N GLN B 2064 -7.18 -36.13 5.13
CA GLN B 2064 -7.49 -37.36 5.84
C GLN B 2064 -8.15 -37.01 7.16
N LEU B 2065 -7.64 -35.98 7.82
CA LEU B 2065 -8.23 -35.56 9.08
C LEU B 2065 -9.60 -34.95 8.86
N TRP B 2066 -9.76 -34.20 7.77
CA TRP B 2066 -11.06 -33.63 7.48
C TRP B 2066 -12.07 -34.75 7.26
N TYR B 2067 -11.67 -35.80 6.56
CA TYR B 2067 -12.56 -36.93 6.34
C TYR B 2067 -12.89 -37.54 7.69
N PHE B 2068 -11.88 -37.78 8.52
CA PHE B 2068 -12.10 -38.39 9.82
C PHE B 2068 -13.09 -37.62 10.68
N VAL B 2069 -12.92 -36.31 10.79
CA VAL B 2069 -13.81 -35.55 11.66
C VAL B 2069 -15.19 -35.46 11.03
N LYS B 2070 -15.27 -35.45 9.71
CA LYS B 2070 -16.58 -35.47 9.07
C LYS B 2070 -17.24 -36.82 9.28
N CYS B 2071 -16.46 -37.88 9.43
CA CYS B 2071 -17.04 -39.19 9.72
C CYS B 2071 -17.67 -39.17 11.09
N ILE B 2072 -17.04 -38.50 12.04
CA ILE B 2072 -17.61 -38.38 13.37
C ILE B 2072 -18.90 -37.59 13.29
N TYR B 2073 -18.92 -36.53 12.50
CA TYR B 2073 -20.14 -35.77 12.31
C TYR B 2073 -21.25 -36.65 11.72
N PHE B 2074 -20.90 -37.50 10.76
CA PHE B 2074 -21.89 -38.37 10.14
C PHE B 2074 -22.39 -39.41 11.11
N ALA B 2075 -21.54 -39.83 12.04
CA ALA B 2075 -21.94 -40.81 13.03
C ALA B 2075 -22.88 -40.22 14.06
N LEU B 2076 -22.60 -39.00 14.49
CA LEU B 2076 -23.45 -38.36 15.48
C LEU B 2076 -24.73 -37.87 14.81
N SER B 2077 -24.67 -37.58 13.53
CA SER B 2077 -25.85 -37.16 12.80
C SER B 2077 -26.75 -38.35 12.61
N ALA B 2078 -26.17 -39.48 12.25
CA ALA B 2078 -26.94 -40.69 12.08
C ALA B 2078 -27.64 -41.03 13.38
N TYR B 2079 -26.96 -40.78 14.49
CA TYR B 2079 -27.56 -41.04 15.79
C TYR B 2079 -28.79 -40.17 15.99
N GLN B 2080 -28.71 -38.88 15.70
CA GLN B 2080 -29.86 -37.99 15.82
C GLN B 2080 -31.06 -38.51 15.05
N ILE B 2081 -30.84 -38.97 13.81
CA ILE B 2081 -31.95 -39.45 13.01
C ILE B 2081 -32.55 -40.71 13.60
N ARG B 2082 -31.71 -41.65 14.00
CA ARG B 2082 -32.23 -42.91 14.52
C ARG B 2082 -32.73 -42.83 15.96
N CYS B 2083 -32.49 -41.72 16.64
CA CYS B 2083 -33.02 -41.56 17.98
C CYS B 2083 -34.25 -40.70 17.93
N GLY B 2084 -34.10 -39.48 17.44
CA GLY B 2084 -35.23 -38.56 17.35
C GLY B 2084 -34.82 -37.22 17.89
N TYR B 2085 -35.72 -36.24 17.82
CA TYR B 2085 -35.42 -34.92 18.36
C TYR B 2085 -36.17 -34.75 19.66
N PRO B 2086 -35.49 -34.26 20.70
CA PRO B 2086 -36.14 -34.11 22.01
C PRO B 2086 -37.02 -32.88 22.04
N THR B 2087 -38.03 -32.85 22.89
CA THR B 2087 -38.96 -31.73 22.94
C THR B 2087 -38.30 -30.40 23.28
N ARG B 2088 -37.44 -30.40 24.30
CA ARG B 2088 -36.76 -29.17 24.69
C ARG B 2088 -35.46 -28.99 23.91
N ILE B 2089 -35.52 -28.25 22.82
CA ILE B 2089 -34.33 -28.06 22.00
C ILE B 2089 -33.69 -26.69 22.22
N LEU B 2090 -34.48 -25.74 22.71
CA LEU B 2090 -33.96 -24.38 22.90
C LEU B 2090 -33.10 -24.27 24.15
N GLY B 2091 -32.16 -23.33 24.15
CA GLY B 2091 -31.31 -23.13 25.30
C GLY B 2091 -29.84 -23.27 24.96
N ASN B 2092 -29.06 -22.24 25.24
CA ASN B 2092 -27.65 -22.28 24.89
C ASN B 2092 -26.90 -23.33 25.69
N PHE B 2093 -26.09 -24.11 25.00
CA PHE B 2093 -25.32 -25.16 25.66
C PHE B 2093 -24.48 -24.65 26.81
N LEU B 2094 -23.78 -23.54 26.62
CA LEU B 2094 -22.89 -23.04 27.65
C LEU B 2094 -23.57 -22.19 28.72
N THR B 2095 -24.89 -22.15 28.74
CA THR B 2095 -25.58 -21.41 29.78
C THR B 2095 -26.38 -22.35 30.66
N LYS B 2096 -26.03 -23.62 30.65
CA LYS B 2096 -26.79 -24.59 31.43
C LYS B 2096 -26.39 -24.51 32.88
N LYS B 2097 -25.09 -24.56 33.14
CA LYS B 2097 -24.62 -24.44 34.51
C LYS B 2097 -24.09 -23.04 34.70
N TYR B 2098 -23.92 -22.63 35.94
CA TYR B 2098 -23.47 -21.27 36.22
C TYR B 2098 -22.16 -21.31 36.97
N ASN B 2099 -21.13 -21.89 36.36
CA ASN B 2099 -19.83 -22.00 37.04
C ASN B 2099 -18.85 -21.00 36.51
N HIS B 2100 -17.59 -21.42 36.41
CA HIS B 2100 -16.55 -20.54 35.90
C HIS B 2100 -16.20 -20.98 34.51
N LEU B 2101 -16.22 -22.28 34.27
CA LEU B 2101 -15.93 -22.79 32.95
C LEU B 2101 -17.00 -22.34 31.98
N ASN B 2102 -18.27 -22.46 32.38
CA ASN B 2102 -19.35 -21.98 31.53
C ASN B 2102 -19.13 -20.50 31.22
N LEU B 2103 -18.78 -19.72 32.22
CA LEU B 2103 -18.53 -18.29 32.04
C LEU B 2103 -17.48 -18.08 30.97
N PHE B 2104 -16.32 -18.72 31.12
CA PHE B 2104 -15.24 -18.48 30.19
C PHE B 2104 -15.59 -18.93 28.78
N LEU B 2105 -16.21 -20.09 28.64
CA LEU B 2105 -16.59 -20.59 27.34
C LEU B 2105 -17.58 -19.65 26.66
N PHE B 2106 -18.55 -19.16 27.41
CA PHE B 2106 -19.58 -18.30 26.82
C PHE B 2106 -18.94 -17.02 26.33
N GLN B 2107 -18.07 -16.44 27.13
CA GLN B 2107 -17.41 -15.21 26.73
C GLN B 2107 -16.55 -15.44 25.51
N GLY B 2108 -15.92 -16.59 25.41
CA GLY B 2108 -15.13 -16.91 24.23
C GLY B 2108 -15.98 -17.03 23.00
N PHE B 2109 -17.18 -17.59 23.14
CA PHE B 2109 -18.10 -17.72 22.01
C PHE B 2109 -18.49 -16.33 21.55
N ARG B 2110 -18.68 -15.42 22.51
CA ARG B 2110 -19.04 -14.05 22.17
C ARG B 2110 -17.87 -13.30 21.54
N LEU B 2111 -16.65 -13.76 21.78
CA LEU B 2111 -15.49 -13.11 21.19
C LEU B 2111 -15.19 -13.57 19.77
N VAL B 2112 -15.73 -14.72 19.36
CA VAL B 2112 -15.58 -15.16 17.98
C VAL B 2112 -16.25 -14.14 17.10
N PRO B 2113 -15.53 -13.56 16.13
CA PRO B 2113 -16.06 -12.50 15.26
C PRO B 2113 -17.56 -12.46 15.00
N PHE B 2114 -18.12 -13.44 14.31
CA PHE B 2114 -19.54 -13.34 13.96
C PHE B 2114 -20.43 -14.45 14.46
N LEU B 2115 -19.95 -15.28 15.37
CA LEU B 2115 -20.76 -16.41 15.80
C LEU B 2115 -22.03 -15.94 16.51
N VAL B 2116 -21.88 -15.03 17.45
CA VAL B 2116 -23.02 -14.54 18.21
C VAL B 2116 -24.14 -14.04 17.31
N GLU B 2117 -23.82 -13.14 16.39
CA GLU B 2117 -24.84 -12.58 15.53
C GLU B 2117 -25.44 -13.59 14.58
N LEU B 2118 -24.62 -14.49 14.05
CA LEU B 2118 -25.13 -15.53 13.16
C LEU B 2118 -26.11 -16.39 13.89
N ARG B 2119 -25.76 -16.82 15.10
CA ARG B 2119 -26.65 -17.64 15.90
C ARG B 2119 -27.99 -16.97 16.05
N ALA B 2120 -27.98 -15.70 16.46
CA ALA B 2120 -29.23 -14.99 16.66
C ALA B 2120 -30.09 -14.94 15.42
N VAL B 2121 -29.56 -14.38 14.33
CA VAL B 2121 -30.36 -14.25 13.11
C VAL B 2121 -30.87 -15.61 12.67
N MET B 2122 -29.96 -16.58 12.55
CA MET B 2122 -30.36 -17.92 12.12
C MET B 2122 -31.49 -18.46 12.96
N ASP B 2123 -31.30 -18.53 14.27
CA ASP B 2123 -32.34 -19.04 15.15
C ASP B 2123 -33.66 -18.34 14.92
N TRP B 2124 -33.63 -17.01 14.83
CA TRP B 2124 -34.86 -16.26 14.60
C TRP B 2124 -35.62 -16.75 13.38
N VAL B 2125 -34.89 -16.94 12.28
CA VAL B 2125 -35.50 -17.37 11.02
C VAL B 2125 -36.21 -18.73 11.09
N TRP B 2126 -35.65 -19.67 11.84
CA TRP B 2126 -36.30 -20.96 12.02
C TRP B 2126 -37.31 -21.01 13.16
N THR B 2127 -36.90 -20.65 14.36
CA THR B 2127 -37.80 -20.66 15.53
C THR B 2127 -39.05 -19.85 15.26
N ASP B 2128 -40.19 -20.33 15.70
CA ASP B 2128 -41.43 -19.60 15.51
C ASP B 2128 -41.53 -18.51 16.55
N THR B 2129 -41.47 -17.26 16.11
CA THR B 2129 -41.55 -16.13 17.03
C THR B 2129 -42.61 -15.16 16.57
N THR B 2130 -43.02 -14.24 17.44
CA THR B 2130 -43.95 -13.21 17.04
C THR B 2130 -43.15 -11.95 16.90
N LEU B 2131 -41.97 -11.93 17.48
CA LEU B 2131 -41.16 -10.72 17.48
C LEU B 2131 -40.28 -10.56 16.26
N SER B 2132 -39.85 -9.34 16.00
CA SER B 2132 -38.99 -9.08 14.86
C SER B 2132 -37.55 -9.30 15.25
N LEU B 2133 -36.64 -9.11 14.30
CA LEU B 2133 -35.23 -9.32 14.58
C LEU B 2133 -34.74 -8.39 15.66
N SER B 2134 -35.14 -7.13 15.59
CA SER B 2134 -34.74 -6.17 16.60
C SER B 2134 -35.09 -6.69 17.98
N SER B 2135 -36.34 -7.08 18.18
CA SER B 2135 -36.77 -7.55 19.48
C SER B 2135 -36.20 -8.92 19.86
N TRP B 2136 -35.92 -9.77 18.88
CA TRP B 2136 -35.30 -11.05 19.18
C TRP B 2136 -33.92 -10.78 19.69
N MET B 2137 -33.21 -9.86 19.05
CA MET B 2137 -31.87 -9.54 19.48
C MET B 2137 -31.88 -8.90 20.86
N CYS B 2138 -32.92 -8.16 21.19
CA CYS B 2138 -33.02 -7.59 22.52
C CYS B 2138 -33.05 -8.69 23.56
N VAL B 2139 -33.91 -9.70 23.40
CA VAL B 2139 -34.00 -10.72 24.43
C VAL B 2139 -32.73 -11.55 24.49
N GLU B 2140 -32.01 -11.65 23.39
CA GLU B 2140 -30.76 -12.38 23.40
C GLU B 2140 -29.70 -11.60 24.14
N ASP B 2141 -29.63 -10.31 23.92
CA ASP B 2141 -28.67 -9.50 24.64
C ASP B 2141 -28.98 -9.54 26.13
N ILE B 2142 -30.22 -9.31 26.50
CA ILE B 2142 -30.56 -9.31 27.91
C ILE B 2142 -30.12 -10.63 28.51
N TYR B 2143 -30.49 -11.75 27.89
CA TYR B 2143 -30.14 -13.05 28.44
C TYR B 2143 -28.64 -13.23 28.57
N ALA B 2144 -27.89 -12.84 27.56
CA ALA B 2144 -26.45 -13.00 27.60
C ALA B 2144 -25.87 -12.27 28.79
N ASN B 2145 -26.21 -10.99 28.91
CA ASN B 2145 -25.72 -10.20 30.02
C ASN B 2145 -26.16 -10.80 31.35
N ILE B 2146 -27.42 -11.18 31.45
CA ILE B 2146 -27.93 -11.73 32.70
C ILE B 2146 -27.17 -13.01 33.07
N PHE B 2147 -26.90 -13.87 32.10
CA PHE B 2147 -26.11 -15.07 32.38
C PHE B 2147 -24.75 -14.72 32.94
N ILE B 2148 -24.03 -13.83 32.27
CA ILE B 2148 -22.70 -13.46 32.72
C ILE B 2148 -22.75 -12.96 34.15
N ILE B 2149 -23.71 -12.10 34.47
CA ILE B 2149 -23.88 -11.63 35.84
C ILE B 2149 -24.14 -12.79 36.79
N LYS B 2150 -25.06 -13.69 36.43
CA LYS B 2150 -25.38 -14.84 37.27
C LYS B 2150 -24.16 -15.69 37.57
N CYS B 2151 -23.37 -16.00 36.56
CA CYS B 2151 -22.17 -16.78 36.78
C CYS B 2151 -21.27 -16.11 37.79
N SER B 2152 -21.06 -14.80 37.66
CA SER B 2152 -20.24 -14.07 38.61
C SER B 2152 -20.83 -14.08 40.01
N ARG B 2153 -22.15 -13.95 40.12
CA ARG B 2153 -22.79 -13.95 41.42
C ARG B 2153 -22.62 -15.31 42.05
N GLU B 2154 -22.78 -16.35 41.25
CA GLU B 2154 -22.68 -17.71 41.78
C GLU B 2154 -21.27 -17.98 42.28
N THR B 2155 -20.27 -17.57 41.53
CA THR B 2155 -18.90 -17.79 41.94
C THR B 2155 -18.56 -16.99 43.18
N GLU B 2156 -19.17 -15.84 43.36
CA GLU B 2156 -18.93 -15.09 44.57
C GLU B 2156 -19.60 -15.73 45.78
N LYS B 2157 -20.66 -16.48 45.56
CA LYS B 2157 -21.29 -17.18 46.66
C LYS B 2157 -20.49 -18.44 46.97
N LYS B 2158 -19.93 -19.06 45.94
CA LYS B 2158 -19.14 -20.26 46.13
C LYS B 2158 -17.86 -19.92 46.84
N TYR B 2159 -17.15 -18.92 46.35
CA TYR B 2159 -15.89 -18.52 46.96
C TYR B 2159 -15.97 -17.07 47.40
N PRO B 2160 -16.43 -16.82 48.63
CA PRO B 2160 -16.61 -15.43 49.08
C PRO B 2160 -15.29 -14.74 49.40
N GLN B 2161 -15.25 -13.43 49.21
CA GLN B 2161 -14.04 -12.68 49.50
C GLN B 2161 -14.24 -11.85 50.76
N PRO B 2162 -13.38 -12.04 51.76
CA PRO B 2162 -13.54 -11.34 53.03
C PRO B 2162 -13.85 -9.86 52.83
N LYS B 2163 -14.53 -9.25 53.80
CA LYS B 2163 -14.88 -7.84 53.70
C LYS B 2163 -13.67 -6.96 53.96
N GLY B 2164 -13.24 -6.23 52.96
CA GLY B 2164 -12.10 -5.34 53.13
C GLY B 2164 -10.79 -6.08 53.12
N GLN B 2165 -10.55 -6.84 52.06
CA GLN B 2165 -9.32 -7.62 51.99
C GLN B 2165 -8.49 -7.20 50.80
N LYS B 2166 -7.97 -5.97 50.83
CA LYS B 2166 -7.13 -5.46 49.74
C LYS B 2166 -7.63 -5.87 48.38
N LYS B 2167 -6.76 -6.49 47.58
CA LYS B 2167 -7.14 -6.96 46.27
C LYS B 2167 -6.07 -7.94 45.84
N LYS B 2168 -5.24 -8.39 46.78
CA LYS B 2168 -4.13 -9.33 46.49
C LYS B 2168 -3.07 -8.79 45.55
N LYS B 2169 -1.95 -8.34 46.10
CA LYS B 2169 -0.87 -7.76 45.30
C LYS B 2169 -0.58 -8.45 43.99
N ILE B 2170 -0.51 -9.78 44.02
CA ILE B 2170 -0.21 -10.53 42.81
C ILE B 2170 -1.24 -10.37 41.71
N VAL B 2171 -2.51 -10.48 42.05
CA VAL B 2171 -3.57 -10.29 41.06
C VAL B 2171 -3.36 -8.96 40.38
N LYS B 2172 -3.17 -7.91 41.17
CA LYS B 2172 -3.00 -6.57 40.60
C LYS B 2172 -1.81 -6.55 39.68
N TYR B 2173 -0.69 -7.07 40.15
CA TYR B 2173 0.54 -7.02 39.35
C TYR B 2173 0.36 -7.71 38.02
N GLY B 2174 -0.35 -8.84 38.03
CA GLY B 2174 -0.58 -9.58 36.79
C GLY B 2174 -1.39 -8.81 35.78
N MET B 2175 -2.64 -8.50 36.12
CA MET B 2175 -3.52 -7.80 35.20
C MET B 2175 -2.90 -6.49 34.74
N GLY B 2176 -2.49 -5.67 35.70
CA GLY B 2176 -1.87 -4.40 35.36
C GLY B 2176 -0.70 -4.58 34.42
N GLY B 2177 0.21 -5.50 34.75
CA GLY B 2177 1.35 -5.76 33.91
C GLY B 2177 0.97 -6.10 32.49
N LEU B 2178 0.03 -7.01 32.33
CA LEU B 2178 -0.43 -7.39 31.00
C LEU B 2178 -0.93 -6.18 30.23
N ILE B 2179 -1.74 -5.36 30.86
CA ILE B 2179 -2.28 -4.18 30.20
C ILE B 2179 -1.15 -3.27 29.77
N ILE B 2180 -0.22 -2.98 30.66
CA ILE B 2180 0.92 -2.14 30.31
C ILE B 2180 1.69 -2.72 29.13
N LEU B 2181 1.98 -4.00 29.15
CA LEU B 2181 2.72 -4.64 28.07
C LEU B 2181 1.97 -4.57 26.75
N PHE B 2182 0.65 -4.69 26.81
CA PHE B 2182 -0.16 -4.59 25.61
C PHE B 2182 -0.04 -3.18 25.07
N LEU B 2183 -0.08 -2.18 25.95
CA LEU B 2183 0.07 -0.80 25.51
C LEU B 2183 1.46 -0.55 24.96
N ILE B 2184 2.47 -1.20 25.52
CA ILE B 2184 3.83 -1.05 25.03
C ILE B 2184 3.85 -1.57 23.60
N ALA B 2185 3.21 -2.72 23.38
CA ALA B 2185 3.20 -3.31 22.04
C ALA B 2185 2.32 -2.58 21.05
N ILE B 2186 1.61 -1.54 21.47
CA ILE B 2186 0.84 -0.74 20.54
C ILE B 2186 1.77 0.31 19.96
N ILE B 2187 2.62 0.87 20.80
CA ILE B 2187 3.46 1.95 20.32
C ILE B 2187 4.88 1.55 19.97
N TRP B 2188 5.58 0.96 20.93
CA TRP B 2188 6.98 0.62 20.73
C TRP B 2188 7.22 -0.55 19.78
N PHE B 2189 6.56 -1.68 20.02
CA PHE B 2189 6.79 -2.85 19.17
C PHE B 2189 6.67 -2.61 17.67
N PRO B 2190 5.63 -1.90 17.19
CA PRO B 2190 5.63 -1.63 15.75
C PRO B 2190 6.88 -0.90 15.32
N LEU B 2191 7.26 0.14 16.03
CA LEU B 2191 8.48 0.88 15.71
C LEU B 2191 9.67 -0.05 15.63
N LEU B 2192 9.81 -0.92 16.63
CA LEU B 2192 10.92 -1.87 16.64
C LEU B 2192 10.92 -2.72 15.39
N PHE B 2193 9.80 -3.40 15.12
CA PHE B 2193 9.71 -4.24 13.93
C PHE B 2193 10.05 -3.45 12.68
N MET B 2194 9.42 -2.29 12.51
CA MET B 2194 9.67 -1.46 11.33
C MET B 2194 11.15 -1.19 11.16
N SER B 2195 11.78 -0.61 12.16
CA SER B 2195 13.19 -0.29 12.07
C SER B 2195 14.02 -1.53 11.76
N LEU B 2196 13.77 -2.63 12.45
CA LEU B 2196 14.53 -3.86 12.24
C LEU B 2196 14.55 -4.27 10.77
N VAL B 2197 13.38 -4.36 10.15
CA VAL B 2197 13.30 -4.76 8.76
C VAL B 2197 13.98 -3.73 7.85
N ARG B 2198 13.60 -2.47 7.98
CA ARG B 2198 14.14 -1.44 7.10
C ARG B 2198 15.66 -1.26 7.19
N SER B 2199 16.23 -1.44 8.38
CA SER B 2199 17.66 -1.22 8.56
C SER B 2199 18.55 -2.07 7.66
N VAL B 2200 18.15 -3.33 7.44
CA VAL B 2200 18.95 -4.23 6.62
C VAL B 2200 19.09 -3.70 5.20
N VAL B 2201 20.26 -3.14 4.89
CA VAL B 2201 20.50 -2.56 3.56
C VAL B 2201 21.99 -2.73 3.23
N GLY B 2202 22.31 -3.03 1.97
CA GLY B 2202 23.71 -3.12 1.58
C GLY B 2202 24.15 -4.41 0.93
N VAL B 2203 24.03 -4.51 -0.39
CA VAL B 2203 24.52 -5.70 -1.09
C VAL B 2203 25.62 -5.32 -2.07
N VAL B 2204 26.84 -5.80 -1.83
CA VAL B 2204 27.98 -5.46 -2.68
C VAL B 2204 27.72 -5.47 -4.17
N ASN B 2205 28.04 -4.36 -4.84
CA ASN B 2205 27.86 -4.29 -6.28
C ASN B 2205 29.16 -3.84 -6.93
N GLN B 2206 29.85 -4.76 -7.58
CA GLN B 2206 31.13 -4.44 -8.21
C GLN B 2206 31.05 -4.54 -9.72
N PRO B 2207 31.60 -3.55 -10.44
CA PRO B 2207 31.62 -3.62 -11.91
C PRO B 2207 32.25 -4.91 -12.39
N ILE B 2208 31.49 -5.71 -13.12
CA ILE B 2208 32.02 -6.96 -13.63
C ILE B 2208 33.11 -6.65 -14.64
N ASP B 2209 32.82 -5.73 -15.55
CA ASP B 2209 33.80 -5.39 -16.58
C ASP B 2209 34.13 -3.92 -16.61
N VAL B 2210 35.30 -3.59 -17.12
CA VAL B 2210 35.68 -2.20 -17.28
C VAL B 2210 35.68 -1.90 -18.77
N THR B 2211 34.55 -1.43 -19.29
CA THR B 2211 34.46 -1.17 -20.72
C THR B 2211 34.81 0.26 -21.02
N VAL B 2212 36.08 0.52 -21.30
CA VAL B 2212 36.46 1.86 -21.67
C VAL B 2212 36.50 2.03 -23.17
N THR B 2213 35.47 2.64 -23.72
CA THR B 2213 35.47 2.90 -25.15
C THR B 2213 35.87 4.35 -25.30
N LEU B 2214 37.11 4.57 -25.73
CA LEU B 2214 37.60 5.93 -25.88
C LEU B 2214 37.15 6.49 -27.21
N LYS B 2215 35.85 6.63 -27.38
CA LYS B 2215 35.30 7.18 -28.63
C LYS B 2215 36.10 8.40 -29.06
N LEU B 2216 36.90 8.24 -30.10
CA LEU B 2216 37.76 9.34 -30.54
C LEU B 2216 37.24 9.99 -31.80
N GLY B 2217 37.40 9.31 -32.92
CA GLY B 2217 36.94 9.86 -34.19
C GLY B 2217 35.50 10.31 -34.11
N GLY B 2218 35.25 11.57 -34.43
CA GLY B 2218 33.89 12.08 -34.42
C GLY B 2218 33.01 11.27 -35.35
N TYR B 2219 33.50 11.01 -36.55
CA TYR B 2219 32.74 10.23 -37.51
C TYR B 2219 32.61 8.78 -37.05
N GLU B 2220 33.74 8.13 -36.83
CA GLU B 2220 33.73 6.73 -36.37
C GLU B 2220 34.44 6.57 -35.04
N PRO B 2221 33.68 6.56 -33.94
CA PRO B 2221 34.26 6.41 -32.60
C PRO B 2221 34.84 5.03 -32.39
N LEU B 2222 36.09 4.94 -31.95
CA LEU B 2222 36.73 3.64 -31.78
C LEU B 2222 37.45 3.49 -30.46
N PHE B 2223 38.67 2.98 -30.48
CA PHE B 2223 39.45 2.77 -29.25
C PHE B 2223 38.65 2.01 -28.21
N THR B 2224 38.21 0.80 -28.56
CA THR B 2224 37.38 0.02 -27.63
C THR B 2224 38.16 -1.04 -26.89
N MET B 2225 39.48 -0.86 -26.75
CA MET B 2225 40.27 -1.80 -25.99
C MET B 2225 39.80 -1.75 -24.55
N SER B 2226 39.29 -2.87 -24.05
CA SER B 2226 38.73 -2.88 -22.70
C SER B 2226 38.91 -4.25 -22.06
N ALA B 2227 38.54 -4.38 -20.78
CA ALA B 2227 38.73 -5.64 -20.08
C ALA B 2227 37.48 -6.19 -19.40
N GLN B 2228 37.63 -7.32 -18.72
CA GLN B 2228 36.48 -7.96 -18.07
C GLN B 2228 36.84 -8.44 -16.67
N GLN B 2229 36.00 -9.29 -16.08
CA GLN B 2229 36.26 -9.84 -14.75
C GLN B 2229 37.65 -10.43 -14.46
N PRO B 2230 38.22 -11.25 -15.36
CA PRO B 2230 39.57 -11.73 -15.04
C PRO B 2230 40.56 -10.61 -14.71
N SER B 2231 40.57 -9.55 -15.51
CA SER B 2231 41.46 -8.44 -15.26
C SER B 2231 40.99 -7.60 -14.09
N ILE B 2232 39.68 -7.45 -13.94
CA ILE B 2232 39.13 -6.68 -12.84
C ILE B 2232 39.45 -7.34 -11.51
N ILE B 2233 40.05 -6.59 -10.59
CA ILE B 2233 40.43 -7.16 -9.29
C ILE B 2233 39.62 -6.61 -8.14
N PRO B 2234 38.72 -7.41 -7.56
CA PRO B 2234 38.01 -6.93 -6.38
C PRO B 2234 39.03 -6.65 -5.27
N PHE B 2235 39.21 -5.39 -4.92
CA PHE B 2235 40.23 -5.04 -3.94
C PHE B 2235 40.01 -5.70 -2.60
N THR B 2236 41.07 -6.29 -2.06
CA THR B 2236 40.97 -6.96 -0.76
C THR B 2236 40.99 -5.98 0.39
N ALA B 2237 40.93 -6.49 1.62
CA ALA B 2237 41.00 -5.63 2.78
C ALA B 2237 42.33 -4.90 2.81
N GLN B 2238 43.42 -5.62 2.63
CA GLN B 2238 44.74 -5.01 2.61
C GLN B 2238 44.86 -3.98 1.51
N ALA B 2239 44.37 -4.33 0.32
CA ALA B 2239 44.41 -3.41 -0.80
C ALA B 2239 43.64 -2.15 -0.47
N TYR B 2240 42.46 -2.31 0.16
CA TYR B 2240 41.66 -1.16 0.55
C TYR B 2240 42.43 -0.24 1.49
N GLU B 2241 43.11 -0.83 2.47
CA GLU B 2241 43.91 -0.02 3.39
C GLU B 2241 44.91 0.80 2.62
N GLU B 2242 45.60 0.18 1.67
CA GLU B 2242 46.57 0.91 0.86
C GLU B 2242 45.97 2.15 0.21
N LEU B 2243 44.86 1.98 -0.52
CA LEU B 2243 44.23 3.12 -1.18
C LEU B 2243 43.83 4.19 -0.18
N SER B 2244 43.22 3.78 0.93
CA SER B 2244 42.80 4.73 1.95
C SER B 2244 43.97 5.51 2.47
N ARG B 2245 45.09 4.84 2.74
CA ARG B 2245 46.27 5.52 3.25
C ARG B 2245 46.92 6.42 2.23
N GLN B 2246 46.86 6.04 0.96
CA GLN B 2246 47.41 6.87 -0.10
C GLN B 2246 46.73 8.22 -0.08
N PHE B 2247 45.41 8.20 0.08
CA PHE B 2247 44.66 9.45 0.07
C PHE B 2247 44.20 9.87 1.45
N ASP B 2248 44.88 9.39 2.49
CA ASP B 2248 44.55 9.79 3.85
C ASP B 2248 44.67 11.29 4.16
N PRO B 2249 45.74 11.98 3.69
CA PRO B 2249 45.78 13.43 3.92
C PRO B 2249 44.47 14.15 3.60
N GLN B 2250 43.93 13.93 2.40
CA GLN B 2250 42.65 14.53 2.05
C GLN B 2250 41.55 13.78 2.76
N PRO B 2251 40.83 14.45 3.66
CA PRO B 2251 39.81 13.75 4.46
C PRO B 2251 38.76 13.09 3.59
N LEU B 2252 38.12 13.84 2.72
CA LEU B 2252 37.06 13.31 1.88
C LEU B 2252 37.52 12.23 0.91
N ALA B 2253 38.76 12.33 0.43
CA ALA B 2253 39.29 11.29 -0.44
C ALA B 2253 39.33 9.99 0.31
N MET B 2254 39.98 9.99 1.46
CA MET B 2254 40.04 8.79 2.28
C MET B 2254 38.64 8.35 2.66
N GLN B 2255 37.78 9.30 3.02
CA GLN B 2255 36.41 8.97 3.38
C GLN B 2255 35.76 8.10 2.32
N PHE B 2256 35.78 8.53 1.08
CA PHE B 2256 35.21 7.74 -0.02
C PHE B 2256 35.69 6.30 0.04
N ILE B 2257 37.00 6.11 -0.01
CA ILE B 2257 37.57 4.77 0.02
C ILE B 2257 37.15 4.00 1.27
N SER B 2258 37.37 4.58 2.45
CA SER B 2258 37.05 3.90 3.70
C SER B 2258 35.57 3.56 3.86
N GLN B 2259 34.69 4.47 3.45
CA GLN B 2259 33.26 4.23 3.59
C GLN B 2259 32.84 3.06 2.72
N TYR B 2260 33.34 3.01 1.49
CA TYR B 2260 33.05 1.88 0.63
C TYR B 2260 33.62 0.63 1.29
N SER B 2261 32.80 -0.40 1.43
CA SER B 2261 33.25 -1.60 2.11
C SER B 2261 34.38 -2.32 1.39
N PRO B 2262 35.23 -3.05 2.16
CA PRO B 2262 36.28 -3.84 1.52
C PRO B 2262 35.65 -4.78 0.51
N GLU B 2263 36.41 -5.26 -0.47
CA GLU B 2263 35.85 -6.06 -1.55
C GLU B 2263 34.72 -5.29 -2.18
N ASP B 2264 34.83 -3.97 -2.17
CA ASP B 2264 33.83 -3.12 -2.80
C ASP B 2264 34.60 -2.45 -3.91
N ILE B 2265 35.54 -1.58 -3.54
CA ILE B 2265 36.37 -0.92 -4.54
C ILE B 2265 36.99 -1.95 -5.47
N VAL B 2266 36.64 -1.89 -6.74
CA VAL B 2266 37.14 -2.85 -7.70
C VAL B 2266 38.28 -2.22 -8.52
N THR B 2267 39.17 -3.02 -9.08
CA THR B 2267 40.29 -2.48 -9.83
C THR B 2267 40.01 -2.45 -11.33
N ALA B 2268 40.08 -1.27 -11.93
CA ALA B 2268 39.85 -1.15 -13.37
C ALA B 2268 41.12 -1.45 -14.14
N GLN B 2269 41.45 -2.72 -14.31
CA GLN B 2269 42.61 -3.07 -15.12
C GLN B 2269 42.24 -3.16 -16.58
N ILE B 2270 41.88 -2.03 -17.18
CA ILE B 2270 41.44 -2.03 -18.57
C ILE B 2270 42.57 -2.40 -19.54
N GLU B 2271 42.28 -3.29 -20.47
CA GLU B 2271 43.29 -3.70 -21.45
C GLU B 2271 43.59 -2.57 -22.41
N GLY B 2272 44.85 -2.44 -22.80
CA GLY B 2272 45.24 -1.37 -23.70
C GLY B 2272 45.72 -1.86 -25.04
N SER B 2273 46.09 -3.13 -25.11
CA SER B 2273 46.60 -3.70 -26.36
C SER B 2273 45.52 -3.69 -27.42
N SER B 2274 45.91 -3.56 -28.68
CA SER B 2274 44.92 -3.44 -29.75
C SER B 2274 44.63 -4.67 -30.57
N GLY B 2275 45.28 -4.78 -31.73
CA GLY B 2275 44.98 -5.88 -32.63
C GLY B 2275 43.78 -5.49 -33.43
N ALA B 2276 42.70 -5.14 -32.74
CA ALA B 2276 41.53 -4.64 -33.43
C ALA B 2276 41.99 -3.42 -34.18
N LEU B 2277 42.11 -3.54 -35.50
CA LEU B 2277 42.48 -2.37 -36.30
C LEU B 2277 41.26 -1.47 -36.34
N TRP B 2278 41.31 -0.31 -37.01
CA TRP B 2278 40.07 0.45 -36.85
C TRP B 2278 39.44 0.64 -38.22
N ARG B 2279 38.20 1.14 -38.26
CA ARG B 2279 37.53 1.19 -39.55
C ARG B 2279 36.81 2.51 -39.82
N ILE B 2280 37.52 3.62 -39.74
CA ILE B 2280 36.90 4.89 -40.09
C ILE B 2280 36.75 4.91 -41.59
N SER B 2281 35.55 5.21 -42.08
CA SER B 2281 35.30 5.23 -43.52
C SER B 2281 36.31 6.13 -44.20
N PRO B 2282 36.95 5.64 -45.28
CA PRO B 2282 38.00 6.43 -45.96
C PRO B 2282 37.77 7.93 -46.23
N PRO B 2283 36.60 8.35 -46.76
CA PRO B 2283 36.46 9.80 -46.93
C PRO B 2283 36.50 10.54 -45.61
N SER B 2284 35.78 10.02 -44.61
CA SER B 2284 35.76 10.64 -43.29
C SER B 2284 37.06 10.41 -42.53
N ARG B 2285 37.85 9.43 -42.95
CA ARG B 2285 39.13 9.19 -42.32
C ARG B 2285 40.06 10.28 -42.81
N ALA B 2286 39.95 10.62 -44.08
CA ALA B 2286 40.75 11.71 -44.62
C ALA B 2286 40.28 13.03 -44.01
N GLN B 2287 38.99 13.14 -43.71
CA GLN B 2287 38.48 14.35 -43.07
C GLN B 2287 38.95 14.41 -41.63
N MET B 2288 39.06 13.25 -40.98
CA MET B 2288 39.54 13.21 -39.61
C MET B 2288 41.00 13.62 -39.62
N LYS B 2289 41.65 13.16 -40.70
CA LYS B 2289 43.03 13.50 -40.92
C LYS B 2289 43.09 14.99 -40.96
N ARG B 2290 42.36 15.55 -41.84
CA ARG B 2290 42.37 16.97 -42.11
C ARG B 2290 42.13 17.76 -40.84
N GLU B 2291 41.16 17.35 -40.04
CA GLU B 2291 40.92 18.04 -38.77
C GLU B 2291 42.22 18.13 -37.99
N LEU B 2292 42.86 17.00 -37.74
CA LEU B 2292 44.12 16.99 -37.02
C LEU B 2292 45.21 17.71 -37.80
N TYR B 2293 45.13 17.64 -39.13
CA TYR B 2293 46.11 18.30 -39.98
C TYR B 2293 45.89 19.79 -39.91
N ASN B 2294 44.68 20.23 -40.25
CA ASN B 2294 44.37 21.65 -40.28
C ASN B 2294 42.98 21.93 -39.75
N GLY B 2295 41.95 21.43 -40.44
CA GLY B 2295 40.58 21.64 -40.02
C GLY B 2295 40.42 22.11 -38.59
N THR B 2296 39.98 23.35 -38.41
CA THR B 2296 39.82 23.91 -37.07
C THR B 2296 38.54 23.42 -36.40
N ALA B 2297 38.59 22.26 -35.77
CA ALA B 2297 37.43 21.71 -35.08
C ALA B 2297 37.87 21.04 -33.79
N ASP B 2298 36.91 20.66 -32.95
CA ASP B 2298 37.25 20.02 -31.68
C ASP B 2298 36.69 18.62 -31.59
N ILE B 2299 37.51 17.63 -31.96
CA ILE B 2299 37.05 16.25 -31.95
C ILE B 2299 36.57 15.82 -30.58
N THR B 2300 35.37 15.27 -30.53
CA THR B 2300 34.82 14.82 -29.25
C THR B 2300 35.50 13.54 -28.81
N LEU B 2301 36.38 13.65 -27.82
CA LEU B 2301 37.10 12.49 -27.34
C LEU B 2301 36.41 11.90 -26.15
N ARG B 2302 35.18 11.42 -26.34
CA ARG B 2302 34.42 10.85 -25.24
C ARG B 2302 35.04 9.56 -24.76
N PHE B 2303 35.67 9.61 -23.59
CA PHE B 2303 36.25 8.41 -23.03
C PHE B 2303 35.17 7.81 -22.17
N THR B 2304 34.28 7.03 -22.76
CA THR B 2304 33.19 6.45 -22.01
C THR B 2304 33.71 5.34 -21.11
N TRP B 2305 33.46 5.46 -19.82
CA TRP B 2305 33.97 4.46 -18.88
C TRP B 2305 32.83 3.59 -18.38
N ASN B 2306 32.22 2.83 -19.28
CA ASN B 2306 31.08 1.99 -18.91
C ASN B 2306 31.43 0.87 -17.95
N PHE B 2307 30.71 0.77 -16.85
CA PHE B 2307 31.02 -0.24 -15.84
C PHE B 2307 29.87 -1.19 -15.61
N GLN B 2308 29.65 -2.08 -16.55
CA GLN B 2308 28.55 -3.02 -16.43
C GLN B 2308 28.80 -4.00 -15.29
N ARG B 2309 27.96 -3.94 -14.27
CA ARG B 2309 28.09 -4.89 -13.17
C ARG B 2309 27.16 -6.06 -13.40
N ASP B 2310 26.28 -6.31 -12.44
CA ASP B 2310 25.32 -7.40 -12.60
C ASP B 2310 23.97 -6.98 -12.08
N LEU B 2311 23.04 -7.94 -12.00
CA LEU B 2311 21.72 -7.64 -11.46
C LEU B 2311 21.38 -8.72 -10.45
N ALA B 2312 22.22 -9.74 -10.39
CA ALA B 2312 21.99 -10.83 -9.45
C ALA B 2312 22.22 -10.34 -8.02
N LYS B 2313 23.24 -9.51 -7.84
CA LYS B 2313 23.52 -8.95 -6.52
C LYS B 2313 22.87 -7.59 -6.41
N GLY B 2314 21.96 -7.27 -7.31
CA GLY B 2314 21.34 -5.95 -7.31
C GLY B 2314 22.08 -5.13 -8.32
N GLY B 2315 21.71 -3.86 -8.47
CA GLY B 2315 22.34 -3.01 -9.44
C GLY B 2315 21.39 -2.68 -10.57
N THR B 2316 20.47 -1.76 -10.31
CA THR B 2316 19.48 -1.37 -11.31
C THR B 2316 20.17 -1.06 -12.63
N VAL B 2317 20.64 0.16 -12.79
CA VAL B 2317 21.39 0.51 -13.99
C VAL B 2317 22.85 0.19 -13.71
N GLU B 2318 23.16 -1.10 -13.61
CA GLU B 2318 24.53 -1.53 -13.30
C GLU B 2318 25.56 -0.76 -14.11
N TYR B 2319 25.40 -0.73 -15.43
CA TYR B 2319 26.32 0.00 -16.29
C TYR B 2319 26.50 1.43 -15.84
N ALA B 2320 27.62 1.73 -15.19
CA ALA B 2320 27.91 3.08 -14.74
C ALA B 2320 28.78 3.74 -15.76
N ASN B 2321 28.24 4.67 -16.54
CA ASN B 2321 29.02 5.25 -17.63
C ASN B 2321 29.19 6.76 -17.59
N GLU B 2322 30.36 7.24 -17.99
CA GLU B 2322 30.59 8.68 -18.09
C GLU B 2322 31.53 8.95 -19.23
N LYS B 2323 31.07 9.72 -20.21
CA LYS B 2323 31.92 10.07 -21.33
C LYS B 2323 32.85 11.20 -20.94
N HIS B 2324 34.09 10.85 -20.59
CA HIS B 2324 35.06 11.87 -20.23
C HIS B 2324 35.58 12.49 -21.51
N MET B 2325 34.92 13.55 -21.98
CA MET B 2325 35.28 14.15 -23.26
C MET B 2325 36.48 15.07 -23.24
N LEU B 2326 37.30 14.99 -24.28
CA LEU B 2326 38.44 15.89 -24.41
C LEU B 2326 38.35 16.59 -25.75
N ALA B 2327 37.72 17.75 -25.79
CA ALA B 2327 37.62 18.51 -27.02
C ALA B 2327 39.00 18.72 -27.60
N LEU B 2328 39.29 18.12 -28.75
CA LEU B 2328 40.63 18.20 -29.30
C LEU B 2328 40.91 19.54 -29.96
N ALA B 2329 41.62 20.41 -29.25
CA ALA B 2329 41.97 21.72 -29.79
C ALA B 2329 42.60 21.58 -31.15
N PRO B 2330 42.10 22.34 -32.14
CA PRO B 2330 42.61 22.24 -33.52
C PRO B 2330 44.12 22.30 -33.57
N ASN B 2331 44.75 21.28 -34.14
CA ASN B 2331 46.21 21.23 -34.26
C ASN B 2331 46.95 21.61 -32.98
N SER B 2332 46.65 20.92 -31.89
CA SER B 2332 47.36 21.17 -30.64
C SER B 2332 48.56 20.24 -30.66
N THR B 2333 49.30 20.16 -29.57
CA THR B 2333 50.39 19.20 -29.52
C THR B 2333 49.84 17.81 -29.76
N ALA B 2334 48.77 17.47 -29.04
CA ALA B 2334 48.13 16.17 -29.21
C ALA B 2334 47.61 15.97 -30.62
N ARG B 2335 46.96 16.98 -31.19
CA ARG B 2335 46.39 16.84 -32.52
C ARG B 2335 47.43 16.91 -33.63
N ARG B 2336 48.60 17.47 -33.36
CA ARG B 2336 49.66 17.49 -34.37
C ARG B 2336 50.33 16.14 -34.33
N GLN B 2337 50.34 15.49 -33.18
CA GLN B 2337 50.87 14.15 -33.11
C GLN B 2337 49.90 13.28 -33.87
N LEU B 2338 48.61 13.54 -33.70
CA LEU B 2338 47.60 12.78 -34.43
C LEU B 2338 47.62 13.08 -35.91
N ALA B 2339 48.06 14.28 -36.28
CA ALA B 2339 48.18 14.61 -37.69
C ALA B 2339 49.19 13.67 -38.31
N SER B 2340 50.37 13.61 -37.72
CA SER B 2340 51.41 12.73 -38.24
C SER B 2340 51.05 11.26 -38.08
N LEU B 2341 50.29 10.93 -37.04
CA LEU B 2341 49.83 9.57 -36.86
C LEU B 2341 49.01 9.17 -38.07
N LEU B 2342 48.05 10.01 -38.43
CA LEU B 2342 47.18 9.68 -39.55
C LEU B 2342 47.78 10.03 -40.90
N GLU B 2343 48.95 10.65 -40.90
CA GLU B 2343 49.61 10.96 -42.17
C GLU B 2343 50.22 9.69 -42.73
N GLY B 2344 50.98 8.98 -41.90
CA GLY B 2344 51.60 7.75 -42.35
C GLY B 2344 52.48 7.10 -41.32
N THR B 2345 53.04 7.91 -40.42
CA THR B 2345 53.94 7.37 -39.41
C THR B 2345 53.18 6.83 -38.21
N SER B 2346 53.76 5.88 -37.51
CA SER B 2346 53.07 5.26 -36.38
C SER B 2346 53.79 5.50 -35.07
N ASP B 2347 54.65 6.53 -35.02
CA ASP B 2347 55.45 6.74 -33.83
C ASP B 2347 55.17 8.07 -33.13
N GLN B 2348 53.90 8.33 -32.83
CA GLN B 2348 53.54 9.58 -32.17
C GLN B 2348 52.78 9.34 -30.88
N SER B 2349 53.38 9.73 -29.77
CA SER B 2349 52.73 9.56 -28.48
C SER B 2349 51.80 10.71 -28.20
N VAL B 2350 50.52 10.54 -28.50
CA VAL B 2350 49.56 11.63 -28.34
C VAL B 2350 49.28 11.98 -26.88
N VAL B 2351 49.74 13.16 -26.45
CA VAL B 2351 49.56 13.56 -25.06
C VAL B 2351 48.14 13.96 -24.72
N ILE B 2352 47.42 13.09 -24.01
CA ILE B 2352 46.08 13.48 -23.56
C ILE B 2352 46.21 13.93 -22.13
N PRO B 2353 46.01 15.22 -21.87
CA PRO B 2353 46.22 15.77 -20.52
C PRO B 2353 45.47 15.06 -19.40
N ASN B 2354 46.14 14.20 -18.65
CA ASN B 2354 45.53 13.53 -17.49
C ASN B 2354 44.06 13.19 -17.61
N LEU B 2355 43.70 12.25 -18.49
CA LEU B 2355 42.30 11.97 -18.68
C LEU B 2355 41.89 10.51 -18.51
N PHE B 2356 42.55 9.79 -17.62
CA PHE B 2356 42.13 8.41 -17.34
C PHE B 2356 41.79 8.22 -15.87
N PRO B 2357 40.52 8.44 -15.50
CA PRO B 2357 40.12 8.36 -14.09
C PRO B 2357 40.66 7.20 -13.28
N LYS B 2358 41.55 7.48 -12.34
CA LYS B 2358 42.17 6.43 -11.55
C LYS B 2358 41.39 6.06 -10.30
N TYR B 2359 40.31 6.79 -10.02
CA TYR B 2359 39.48 6.49 -8.85
C TYR B 2359 38.07 6.91 -9.20
N ILE B 2360 37.15 5.96 -9.35
CA ILE B 2360 35.80 6.31 -9.78
C ILE B 2360 34.70 5.89 -8.82
N ARG B 2361 34.02 6.83 -8.17
CA ARG B 2361 32.89 6.43 -7.32
C ARG B 2361 31.68 6.06 -8.17
N ALA B 2362 31.65 4.83 -8.66
CA ALA B 2362 30.54 4.40 -9.48
C ALA B 2362 29.53 3.72 -8.59
N PRO B 2363 28.24 4.01 -8.80
CA PRO B 2363 27.23 3.30 -8.02
C PRO B 2363 26.40 2.37 -8.87
N ASN B 2364 25.18 2.10 -8.43
CA ASN B 2364 24.28 1.23 -9.19
C ASN B 2364 23.47 2.05 -10.16
N GLY B 2365 23.86 3.31 -10.36
CA GLY B 2365 23.18 4.16 -11.31
C GLY B 2365 24.06 4.21 -12.55
N PRO B 2366 23.65 4.99 -13.56
CA PRO B 2366 24.40 5.00 -14.81
C PRO B 2366 25.49 6.07 -14.89
N GLU B 2367 26.28 6.24 -13.83
CA GLU B 2367 27.27 7.31 -13.83
C GLU B 2367 28.64 6.88 -13.36
N ALA B 2368 29.64 7.06 -14.21
CA ALA B 2368 31.00 6.75 -13.78
C ALA B 2368 31.68 8.02 -13.31
N ASN B 2369 31.12 8.66 -12.30
CA ASN B 2369 31.70 9.88 -11.77
C ASN B 2369 32.88 9.56 -10.89
N PRO B 2370 34.02 10.19 -11.17
CA PRO B 2370 35.24 9.89 -10.40
C PRO B 2370 35.24 10.49 -9.00
N VAL B 2371 35.99 9.95 -8.07
CA VAL B 2371 35.95 10.61 -6.77
C VAL B 2371 36.65 11.96 -6.77
N LYS B 2372 35.94 13.01 -6.38
CA LYS B 2372 36.57 14.31 -6.26
C LYS B 2372 37.45 14.27 -5.03
N GLN B 2373 38.53 15.05 -4.98
CA GLN B 2373 39.51 15.01 -3.88
C GLN B 2373 40.46 13.83 -4.04
N LEU B 2374 39.94 12.67 -4.45
CA LEU B 2374 40.83 11.54 -4.75
C LEU B 2374 41.59 12.09 -5.91
N GLN B 2375 40.87 12.63 -6.88
CA GLN B 2375 41.51 13.30 -8.00
C GLN B 2375 40.99 14.72 -7.88
N PRO B 2376 41.75 15.60 -7.20
CA PRO B 2376 41.26 16.97 -6.98
C PRO B 2376 40.80 17.65 -8.26
N ASN B 2377 41.68 17.78 -9.23
CA ASN B 2377 41.33 18.44 -10.49
C ASN B 2377 40.32 17.59 -11.23
N GLU B 2378 40.42 16.27 -11.07
CA GLU B 2378 39.49 15.33 -11.73
C GLU B 2378 39.29 15.64 -13.20
N GLU B 2379 40.37 15.91 -13.93
CA GLU B 2379 40.33 16.23 -15.37
C GLU B 2379 41.77 16.55 -15.58
N ALA B 2380 42.46 16.85 -14.48
CA ALA B 2380 43.88 17.16 -14.55
C ALA B 2380 44.55 16.39 -13.43
N ASP B 2381 43.78 15.55 -12.74
CA ASP B 2381 44.32 14.74 -11.67
C ASP B 2381 43.89 13.31 -11.86
N TYR B 2382 43.37 12.99 -13.04
CA TYR B 2382 42.98 11.62 -13.34
C TYR B 2382 44.23 10.79 -13.44
N LEU B 2383 44.68 10.53 -14.66
CA LEU B 2383 45.93 9.80 -14.88
C LEU B 2383 46.37 10.13 -16.29
N GLY B 2384 47.61 10.61 -16.43
CA GLY B 2384 48.10 10.98 -17.74
C GLY B 2384 48.03 9.84 -18.73
N VAL B 2385 47.19 9.97 -19.74
CA VAL B 2385 47.01 8.89 -20.70
C VAL B 2385 47.62 9.26 -22.05
N ARG B 2386 48.16 8.29 -22.76
CA ARG B 2386 48.74 8.55 -24.07
C ARG B 2386 48.08 7.64 -25.11
N ILE B 2387 48.17 8.00 -26.38
CA ILE B 2387 47.63 7.12 -27.43
C ILE B 2387 48.67 6.87 -28.51
N GLN B 2388 48.67 5.67 -29.08
CA GLN B 2388 49.60 5.35 -30.15
C GLN B 2388 48.96 4.50 -31.22
N LEU B 2389 48.71 5.09 -32.37
CA LEU B 2389 48.19 4.30 -33.48
C LEU B 2389 49.38 3.58 -34.07
N ARG B 2390 49.26 2.27 -34.24
CA ARG B 2390 50.35 1.50 -34.78
C ARG B 2390 50.00 0.99 -36.16
N ARG B 2391 50.08 1.87 -37.15
CA ARG B 2391 49.82 1.47 -38.53
C ARG B 2391 51.09 0.86 -39.12
N GLU B 2392 51.29 -0.43 -38.89
CA GLU B 2392 52.48 -1.10 -39.43
C GLU B 2392 52.14 -1.82 -40.73
N GLN B 2393 52.04 -1.08 -41.82
CA GLN B 2393 51.72 -1.67 -43.13
C GLN B 2393 52.40 -3.01 -43.37
N GLY B 2394 51.60 -4.07 -43.49
CA GLY B 2394 52.15 -5.38 -43.72
C GLY B 2394 51.07 -6.40 -44.04
N PHE B 2400 47.37 -1.10 -43.89
CA PHE B 2400 48.20 -0.31 -42.98
C PHE B 2400 48.30 -1.00 -41.63
N LEU B 2401 47.54 -2.07 -41.43
CA LEU B 2401 47.53 -2.79 -40.16
C LEU B 2401 47.39 -1.79 -39.05
N GLU B 2402 46.41 -0.90 -39.15
CA GLU B 2402 46.22 0.14 -38.15
C GLU B 2402 45.79 -0.40 -36.80
N TRP B 2403 46.72 -0.53 -35.86
CA TRP B 2403 46.31 -0.94 -34.53
C TRP B 2403 46.16 0.32 -33.70
N TRP B 2404 45.84 0.18 -32.42
CA TRP B 2404 45.65 1.34 -31.56
C TRP B 2404 45.93 1.01 -30.10
N VAL B 2405 47.14 1.28 -29.65
CA VAL B 2405 47.51 0.97 -28.27
C VAL B 2405 47.27 2.16 -27.35
N ILE B 2406 46.57 1.94 -26.24
CA ILE B 2406 46.37 3.02 -25.28
C ILE B 2406 47.51 2.99 -24.30
N GLU B 2407 48.46 3.91 -24.47
CA GLU B 2407 49.58 3.96 -23.56
C GLU B 2407 49.31 4.87 -22.40
N LEU B 2408 50.33 5.15 -21.61
CA LEU B 2408 50.18 6.08 -20.51
C LEU B 2408 51.29 7.08 -20.70
N GLN B 2409 51.17 8.26 -20.12
CA GLN B 2409 52.27 9.22 -20.20
C GLN B 2409 53.48 8.59 -19.56
N GLU B 2410 53.27 7.73 -18.57
CA GLU B 2410 54.38 6.99 -17.96
C GLU B 2410 54.06 5.51 -18.10
N CYS B 2411 54.06 5.01 -19.33
CA CYS B 2411 53.69 3.60 -19.56
C CYS B 2411 54.77 2.63 -19.11
N ARG B 2412 54.45 1.82 -18.11
CA ARG B 2412 55.38 0.78 -17.68
C ARG B 2412 54.85 -0.49 -18.30
N THR B 2413 53.62 -0.85 -17.95
CA THR B 2413 52.97 -2.02 -18.53
C THR B 2413 51.59 -1.56 -18.87
N ASP B 2414 51.39 -0.24 -18.86
CA ASP B 2414 50.06 0.31 -19.10
C ASP B 2414 49.89 0.71 -20.56
N CYS B 2415 50.46 -0.08 -21.45
CA CYS B 2415 50.29 0.17 -22.87
C CYS B 2415 49.46 -1.01 -23.28
N ASN B 2416 49.37 -1.98 -22.38
CA ASN B 2416 48.63 -3.19 -22.66
C ASN B 2416 47.71 -3.50 -21.50
N LEU B 2417 47.97 -2.89 -20.36
CA LEU B 2417 47.16 -3.15 -19.17
C LEU B 2417 47.14 -1.94 -18.26
N LEU B 2418 46.26 -1.00 -18.53
CA LEU B 2418 46.17 0.22 -17.72
C LEU B 2418 45.47 -0.06 -16.41
N PRO B 2419 46.15 0.18 -15.28
CA PRO B 2419 45.57 -0.16 -13.98
C PRO B 2419 44.93 1.01 -13.23
N MET B 2420 43.67 1.26 -13.47
CA MET B 2420 42.97 2.31 -12.72
C MET B 2420 42.16 1.66 -11.61
N VAL B 2421 41.26 2.42 -10.99
CA VAL B 2421 40.44 1.85 -9.94
C VAL B 2421 39.01 2.39 -9.97
N ILE B 2422 38.06 1.56 -9.55
CA ILE B 2422 36.67 1.98 -9.50
C ILE B 2422 36.18 1.82 -8.09
N PHE B 2423 36.01 2.92 -7.38
CA PHE B 2423 35.45 2.85 -6.03
C PHE B 2423 34.00 2.44 -6.16
N SER B 2424 33.72 1.16 -6.01
CA SER B 2424 32.36 0.68 -6.24
C SER B 2424 31.42 0.89 -5.06
N ASP B 2425 30.12 0.95 -5.35
CA ASP B 2425 29.13 1.20 -4.31
C ASP B 2425 28.13 0.06 -4.23
N LYS B 2426 27.69 -0.30 -3.03
CA LYS B 2426 26.71 -1.36 -2.85
C LYS B 2426 25.28 -0.95 -3.20
N VAL B 2427 24.42 -1.91 -3.48
CA VAL B 2427 23.03 -1.60 -3.75
C VAL B 2427 22.22 -1.55 -2.44
N SER B 2428 21.12 -0.81 -2.43
CA SER B 2428 20.28 -0.73 -1.25
C SER B 2428 18.90 -1.29 -1.56
N PRO B 2429 18.57 -2.45 -0.98
CA PRO B 2429 17.24 -3.04 -1.19
C PRO B 2429 16.17 -2.35 -0.37
N PRO B 2430 15.13 -1.80 -1.02
CA PRO B 2430 14.06 -1.12 -0.31
C PRO B 2430 13.21 -2.09 0.50
N SER B 2431 13.40 -2.11 1.81
CA SER B 2431 12.64 -3.03 2.66
C SER B 2431 11.53 -2.26 3.36
N LEU B 2432 11.07 -1.17 2.73
CA LEU B 2432 10.04 -0.35 3.34
C LEU B 2432 8.69 -0.64 2.71
N GLY B 2433 8.61 -0.55 1.40
CA GLY B 2433 7.34 -0.74 0.71
C GLY B 2433 6.77 0.61 0.38
N PHE B 2434 6.25 1.31 1.39
CA PHE B 2434 5.76 2.66 1.16
C PHE B 2434 6.91 3.62 1.36
N LEU B 2435 6.85 4.43 2.42
CA LEU B 2435 7.95 5.33 2.72
C LEU B 2435 8.29 5.31 4.19
N ALA B 2436 9.46 4.78 4.52
CA ALA B 2436 9.89 4.73 5.92
C ALA B 2436 9.81 6.10 6.58
N GLY B 2437 10.25 7.13 5.86
CA GLY B 2437 10.22 8.48 6.40
C GLY B 2437 8.87 9.03 6.79
N TYR B 2438 7.86 8.87 5.95
CA TYR B 2438 6.57 9.48 6.24
C TYR B 2438 5.34 8.60 5.96
N GLY B 2439 5.41 7.75 4.95
CA GLY B 2439 4.27 6.93 4.58
C GLY B 2439 3.94 5.96 5.71
N ILE B 2440 4.89 5.11 6.04
CA ILE B 2440 4.68 4.16 7.13
C ILE B 2440 4.55 4.91 8.45
N MET B 2441 5.29 5.99 8.61
CA MET B 2441 5.21 6.77 9.85
C MET B 2441 3.81 7.33 10.07
N GLY B 2442 3.23 7.93 9.05
CA GLY B 2442 1.89 8.48 9.17
C GLY B 2442 0.88 7.41 9.44
N LEU B 2443 1.02 6.26 8.78
CA LEU B 2443 0.12 5.14 9.04
C LEU B 2443 0.22 4.70 10.47
N TYR B 2444 1.42 4.58 11.00
CA TYR B 2444 1.63 4.19 12.39
C TYR B 2444 0.90 5.14 13.32
N VAL B 2445 1.07 6.44 13.13
CA VAL B 2445 0.40 7.42 13.96
C VAL B 2445 -1.10 7.22 13.92
N SER B 2446 -1.66 7.09 12.72
CA SER B 2446 -3.09 6.88 12.58
C SER B 2446 -3.55 5.65 13.34
N ILE B 2447 -2.82 4.54 13.20
CA ILE B 2447 -3.18 3.33 13.93
C ILE B 2447 -3.21 3.60 15.42
N VAL B 2448 -2.15 4.18 15.96
CA VAL B 2448 -2.10 4.49 17.39
C VAL B 2448 -3.33 5.27 17.84
N LEU B 2449 -3.67 6.33 17.12
CA LEU B 2449 -4.85 7.12 17.47
C LEU B 2449 -6.12 6.29 17.50
N VAL B 2450 -6.34 5.50 16.45
CA VAL B 2450 -7.57 4.71 16.38
C VAL B 2450 -7.56 3.63 17.46
N ILE B 2451 -6.40 3.06 17.76
CA ILE B 2451 -6.33 2.10 18.84
C ILE B 2451 -6.58 2.87 20.12
N GLY B 2452 -6.15 4.12 20.15
CA GLY B 2452 -6.43 4.96 21.31
C GLY B 2452 -7.91 5.00 21.56
N LYS B 2453 -8.68 5.33 20.53
CA LYS B 2453 -10.11 5.43 20.69
C LYS B 2453 -10.72 4.09 21.06
N PHE B 2454 -10.22 3.02 20.45
CA PHE B 2454 -10.71 1.69 20.80
C PHE B 2454 -10.56 1.42 22.29
N VAL B 2455 -9.40 1.71 22.85
CA VAL B 2455 -9.17 1.45 24.27
C VAL B 2455 -9.97 2.41 25.14
N ARG B 2456 -10.17 3.64 24.68
CA ARG B 2456 -11.00 4.57 25.44
C ARG B 2456 -12.39 4.03 25.52
N GLY B 2457 -12.84 3.38 24.45
CA GLY B 2457 -14.17 2.81 24.41
C GLY B 2457 -14.56 1.98 25.61
N PHE B 2458 -13.60 1.63 26.46
CA PHE B 2458 -13.94 0.92 27.69
C PHE B 2458 -13.96 1.90 28.84
N PHE B 2459 -12.84 2.53 29.13
CA PHE B 2459 -12.73 3.42 30.29
C PHE B 2459 -13.27 4.83 30.12
N SER B 2460 -14.33 5.02 29.34
CA SER B 2460 -14.93 6.33 29.19
C SER B 2460 -16.35 6.32 29.70
N GLU B 2461 -17.15 5.39 29.23
CA GLU B 2461 -18.55 5.40 29.63
C GLU B 2461 -18.92 4.15 30.40
N ILE B 2462 -18.01 3.69 31.26
CA ILE B 2462 -18.31 2.52 32.05
C ILE B 2462 -19.41 2.84 33.05
N SER B 2463 -19.61 4.13 33.34
CA SER B 2463 -20.60 4.53 34.33
C SER B 2463 -22.01 4.67 33.79
N HIS B 2464 -22.19 4.49 32.49
CA HIS B 2464 -23.51 4.63 31.88
C HIS B 2464 -24.20 3.29 31.81
N SER B 2465 -23.59 2.27 32.39
CA SER B 2465 -24.16 0.94 32.35
C SER B 2465 -24.33 0.37 33.74
N ILE B 2466 -23.78 1.03 34.75
CA ILE B 2466 -23.85 0.51 36.10
C ILE B 2466 -25.30 0.31 36.51
N MET B 2467 -26.22 0.49 35.58
CA MET B 2467 -27.63 0.29 35.87
C MET B 2467 -28.13 -0.97 35.23
N PHE B 2468 -27.32 -1.53 34.33
CA PHE B 2468 -27.72 -2.73 33.64
C PHE B 2468 -26.68 -3.81 33.88
N GLU B 2469 -25.65 -3.49 34.66
CA GLU B 2469 -24.57 -4.43 34.87
C GLU B 2469 -24.21 -4.66 36.33
N GLU B 2470 -24.73 -3.84 37.23
CA GLU B 2470 -24.40 -3.99 38.64
C GLU B 2470 -25.59 -4.47 39.41
N LEU B 2471 -26.36 -5.37 38.83
CA LEU B 2471 -27.56 -5.88 39.47
C LEU B 2471 -27.22 -6.91 40.53
N PRO B 2472 -27.72 -6.71 41.77
CA PRO B 2472 -27.39 -7.62 42.87
C PRO B 2472 -27.79 -9.07 42.66
N CYS B 2473 -29.05 -9.34 42.36
CA CYS B 2473 -29.49 -10.72 42.09
C CYS B 2473 -30.29 -10.80 40.80
N VAL B 2474 -29.73 -11.42 39.76
CA VAL B 2474 -30.40 -11.49 38.48
C VAL B 2474 -31.26 -12.72 38.28
N ASP B 2475 -31.58 -13.42 39.35
CA ASP B 2475 -32.34 -14.65 39.24
C ASP B 2475 -33.74 -14.46 38.69
N ARG B 2476 -34.39 -13.38 39.08
CA ARG B 2476 -35.75 -13.15 38.63
C ARG B 2476 -35.80 -12.78 37.15
N ILE B 2477 -34.75 -12.13 36.67
CA ILE B 2477 -34.70 -11.79 35.26
C ILE B 2477 -34.38 -12.98 34.38
N LEU B 2478 -33.54 -13.90 34.85
CA LEU B 2478 -33.30 -15.07 34.02
C LEU B 2478 -34.52 -15.96 34.00
N LYS B 2479 -35.33 -15.94 35.03
CA LYS B 2479 -36.56 -16.71 34.98
C LYS B 2479 -37.42 -16.16 33.87
N LEU B 2480 -37.56 -14.84 33.80
CA LEU B 2480 -38.34 -14.21 32.73
C LEU B 2480 -37.79 -14.62 31.39
N CYS B 2481 -36.48 -14.51 31.22
CA CYS B 2481 -35.88 -14.83 29.93
C CYS B 2481 -36.11 -16.27 29.55
N GLN B 2482 -35.96 -17.19 30.51
CA GLN B 2482 -36.14 -18.60 30.24
C GLN B 2482 -37.60 -18.96 30.02
N ASP B 2483 -38.51 -18.16 30.56
CA ASP B 2483 -39.92 -18.40 30.33
C ASP B 2483 -40.28 -18.03 28.91
N ILE B 2484 -39.63 -17.01 28.37
CA ILE B 2484 -39.87 -16.66 26.97
C ILE B 2484 -39.41 -17.82 26.12
N PHE B 2485 -38.27 -18.40 26.44
CA PHE B 2485 -37.76 -19.52 25.67
C PHE B 2485 -38.68 -20.73 25.78
N LEU B 2486 -39.16 -21.01 26.98
CA LEU B 2486 -40.06 -22.15 27.17
C LEU B 2486 -41.35 -21.96 26.42
N VAL B 2487 -41.81 -20.73 26.34
CA VAL B 2487 -43.10 -20.47 25.69
C VAL B 2487 -42.97 -20.46 24.18
N ARG B 2488 -41.74 -20.47 23.68
CA ARG B 2488 -41.54 -20.52 22.25
C ARG B 2488 -41.40 -21.96 21.80
N GLU B 2489 -40.97 -22.82 22.72
CA GLU B 2489 -40.84 -24.24 22.39
C GLU B 2489 -42.21 -24.88 22.38
N THR B 2490 -43.07 -24.49 23.31
CA THR B 2490 -44.43 -25.02 23.34
C THR B 2490 -45.32 -24.31 22.35
N ARG B 2491 -44.75 -23.35 21.61
CA ARG B 2491 -45.50 -22.60 20.60
C ARG B 2491 -46.75 -21.93 21.10
N GLU B 2492 -46.72 -21.38 22.31
CA GLU B 2492 -47.85 -20.61 22.79
C GLU B 2492 -47.34 -19.22 22.64
N LEU B 2493 -47.30 -18.73 21.40
CA LEU B 2493 -46.70 -17.43 21.14
C LEU B 2493 -47.47 -16.22 21.61
N GLU B 2494 -48.68 -16.41 22.12
CA GLU B 2494 -49.42 -15.29 22.67
C GLU B 2494 -48.73 -14.85 23.93
N LEU B 2495 -48.28 -15.81 24.73
CA LEU B 2495 -47.60 -15.49 25.97
C LEU B 2495 -46.19 -15.01 25.73
N GLU B 2496 -45.65 -15.23 24.54
CA GLU B 2496 -44.33 -14.70 24.21
C GLU B 2496 -44.44 -13.21 24.18
N GLU B 2497 -45.47 -12.69 23.50
CA GLU B 2497 -45.67 -11.26 23.46
C GLU B 2497 -45.87 -10.68 24.84
N GLU B 2498 -46.60 -11.39 25.69
CA GLU B 2498 -46.87 -10.88 27.03
C GLU B 2498 -45.64 -10.86 27.92
N LEU B 2499 -44.81 -11.90 27.85
CA LEU B 2499 -43.60 -11.94 28.67
C LEU B 2499 -42.54 -10.99 28.12
N TYR B 2500 -42.59 -10.70 26.83
CA TYR B 2500 -41.65 -9.72 26.26
C TYR B 2500 -42.01 -8.36 26.81
N ALA B 2501 -43.29 -8.11 27.00
CA ALA B 2501 -43.72 -6.85 27.56
C ALA B 2501 -43.16 -6.65 28.95
N LYS B 2502 -43.10 -7.70 29.75
CA LYS B 2502 -42.49 -7.57 31.06
C LYS B 2502 -41.01 -7.24 30.91
N LEU B 2503 -40.30 -7.94 30.05
CA LEU B 2503 -38.88 -7.70 29.88
C LEU B 2503 -38.63 -6.25 29.51
N ILE B 2504 -39.38 -5.72 28.56
CA ILE B 2504 -39.09 -4.36 28.14
C ILE B 2504 -39.47 -3.32 29.20
N PHE B 2505 -40.47 -3.58 30.03
CA PHE B 2505 -40.75 -2.61 31.07
C PHE B 2505 -39.74 -2.66 32.19
N LEU B 2506 -39.15 -3.82 32.44
CA LEU B 2506 -38.12 -3.91 33.44
C LEU B 2506 -36.98 -3.04 32.99
N TYR B 2507 -36.71 -3.05 31.71
CA TYR B 2507 -35.58 -2.31 31.19
C TYR B 2507 -35.95 -0.90 30.75
N ARG B 2508 -37.20 -0.49 31.01
CA ARG B 2508 -37.63 0.86 30.66
C ARG B 2508 -37.74 1.69 31.91
N SER B 2509 -37.82 1.04 33.06
CA SER B 2509 -37.85 1.78 34.31
C SER B 2509 -36.78 1.25 35.22
N PRO B 2510 -35.72 2.04 35.40
CA PRO B 2510 -34.59 1.62 36.25
C PRO B 2510 -34.98 1.35 37.70
N GLU B 2511 -36.00 2.03 38.21
CA GLU B 2511 -36.41 1.83 39.60
C GLU B 2511 -37.04 0.46 39.82
N THR B 2512 -37.74 -0.07 38.83
CA THR B 2512 -38.33 -1.39 38.96
C THR B 2512 -37.26 -2.44 38.84
N MET B 2513 -36.16 -2.12 38.16
CA MET B 2513 -35.07 -3.06 38.10
C MET B 2513 -34.49 -3.17 39.49
N ILE B 2514 -34.27 -2.04 40.16
CA ILE B 2514 -33.79 -2.07 41.53
C ILE B 2514 -34.67 -2.95 42.41
N LYS B 2515 -35.98 -2.78 42.32
CA LYS B 2515 -36.90 -3.60 43.10
C LYS B 2515 -36.77 -5.06 42.76
N TRP B 2516 -36.80 -5.40 41.47
CA TRP B 2516 -36.77 -6.79 41.07
C TRP B 2516 -35.44 -7.49 41.30
N THR B 2517 -34.36 -6.74 41.33
CA THR B 2517 -33.05 -7.34 41.49
C THR B 2517 -32.52 -7.23 42.92
N ARG B 2518 -33.40 -7.03 43.88
CA ARG B 2518 -32.98 -6.95 45.27
C ARG B 2518 -32.40 -8.27 45.71
N GLU B 2519 -31.33 -8.22 46.49
CA GLU B 2519 -30.64 -9.44 46.90
C GLU B 2519 -31.54 -10.52 47.48
N LYS B 2520 -32.27 -10.19 48.52
CA LYS B 2520 -33.10 -11.19 49.16
C LYS B 2520 -34.49 -11.18 48.56
N GLU B 2521 -35.25 -10.13 48.83
CA GLU B 2521 -36.62 -10.04 48.32
C GLU B 2521 -36.88 -8.71 47.62
N GLU C 570 -70.32 -18.04 -76.63
CA GLU C 570 -68.90 -17.76 -76.83
C GLU C 570 -68.69 -16.31 -77.22
N LEU C 571 -68.31 -15.48 -76.25
CA LEU C 571 -68.07 -14.08 -76.53
C LEU C 571 -66.82 -13.94 -77.38
N VAL C 572 -65.86 -14.84 -77.19
CA VAL C 572 -64.62 -14.78 -77.94
C VAL C 572 -64.81 -14.95 -79.44
N LYS C 573 -65.89 -15.59 -79.86
CA LYS C 573 -66.16 -15.73 -81.28
C LYS C 573 -66.31 -14.35 -81.91
N GLY C 574 -67.17 -13.52 -81.32
CA GLY C 574 -67.37 -12.17 -81.83
C GLY C 574 -66.19 -11.27 -81.52
N VAL C 575 -65.46 -11.58 -80.44
CA VAL C 575 -64.28 -10.80 -80.09
C VAL C 575 -63.21 -11.00 -81.16
N TYR C 576 -63.06 -12.23 -81.65
CA TYR C 576 -62.04 -12.51 -82.66
C TYR C 576 -62.53 -12.15 -84.05
N ALA C 577 -63.83 -11.96 -84.20
CA ALA C 577 -64.36 -11.52 -85.48
C ALA C 577 -64.10 -10.02 -85.55
N LYS C 578 -63.94 -9.39 -84.39
CA LYS C 578 -63.63 -7.98 -84.35
C LYS C 578 -62.12 -7.83 -84.33
N TYR C 579 -61.43 -8.81 -83.76
CA TYR C 579 -59.98 -8.75 -83.69
C TYR C 579 -59.33 -9.09 -85.01
N TRP C 580 -59.09 -8.08 -85.82
CA TRP C 580 -58.41 -8.30 -87.08
C TRP C 580 -57.53 -7.12 -87.40
N ILE C 581 -57.91 -5.94 -86.92
CA ILE C 581 -57.11 -4.73 -87.15
C ILE C 581 -55.79 -4.85 -86.42
N TYR C 582 -55.84 -5.20 -85.14
CA TYR C 582 -54.62 -5.32 -84.35
C TYR C 582 -53.89 -6.59 -84.72
N VAL C 583 -54.65 -7.60 -85.16
CA VAL C 583 -54.02 -8.84 -85.61
C VAL C 583 -53.19 -8.55 -86.85
N CYS C 584 -53.71 -7.72 -87.74
CA CYS C 584 -52.98 -7.35 -88.93
C CYS C 584 -51.79 -6.47 -88.58
N ALA C 585 -51.97 -5.58 -87.62
CA ALA C 585 -50.89 -4.69 -87.21
C ALA C 585 -49.63 -5.44 -86.84
N GLY C 586 -49.76 -6.51 -86.06
CA GLY C 586 -48.62 -7.31 -85.70
C GLY C 586 -47.96 -8.01 -86.87
N MET C 587 -48.78 -8.41 -87.84
CA MET C 587 -48.24 -9.07 -89.03
C MET C 587 -47.59 -8.05 -89.96
N PHE C 588 -48.01 -6.80 -89.84
CA PHE C 588 -47.42 -5.75 -90.66
C PHE C 588 -46.16 -5.29 -89.97
N ILE C 589 -46.02 -5.65 -88.70
CA ILE C 589 -44.81 -5.29 -87.97
C ILE C 589 -43.74 -6.29 -88.40
N VAL C 590 -44.14 -7.51 -88.72
CA VAL C 590 -43.15 -8.47 -89.23
C VAL C 590 -42.98 -8.27 -90.74
N VAL C 591 -43.91 -7.56 -91.38
CA VAL C 591 -43.75 -7.24 -92.80
C VAL C 591 -42.75 -6.10 -92.80
N SER C 592 -42.76 -5.31 -91.73
CA SER C 592 -41.80 -4.23 -91.61
C SER C 592 -40.44 -4.81 -91.34
N PHE C 593 -39.38 -4.10 -91.73
CA PHE C 593 -38.01 -4.60 -91.57
C PHE C 593 -37.81 -5.92 -92.31
N ALA C 594 -38.54 -6.11 -93.40
CA ALA C 594 -38.44 -7.32 -94.18
C ALA C 594 -38.96 -6.98 -95.56
N GLY C 595 -38.78 -7.86 -96.52
CA GLY C 595 -39.22 -7.59 -97.88
C GLY C 595 -38.63 -6.29 -98.37
N ARG C 596 -39.50 -5.31 -98.64
CA ARG C 596 -39.01 -4.01 -99.04
C ARG C 596 -38.95 -3.07 -97.87
N LEU C 597 -37.76 -2.57 -97.55
CA LEU C 597 -37.61 -1.62 -96.46
C LEU C 597 -38.53 -0.43 -96.63
N VAL C 598 -38.70 0.04 -97.86
CA VAL C 598 -39.62 1.13 -98.12
C VAL C 598 -41.03 0.62 -98.34
N VAL C 599 -41.36 0.29 -99.59
CA VAL C 599 -42.71 -0.16 -99.95
C VAL C 599 -43.50 -0.96 -98.92
N TYR C 600 -42.99 -2.12 -98.51
CA TYR C 600 -43.72 -2.98 -97.58
C TYR C 600 -44.23 -2.23 -96.37
N LYS C 601 -43.32 -1.57 -95.66
CA LYS C 601 -43.70 -0.83 -94.47
C LYS C 601 -44.90 0.10 -94.68
N ILE C 602 -44.84 0.96 -95.71
CA ILE C 602 -45.94 1.86 -95.98
C ILE C 602 -47.18 1.11 -96.39
N VAL C 603 -47.14 0.49 -97.57
CA VAL C 603 -48.30 -0.24 -98.09
C VAL C 603 -49.08 -1.02 -97.04
N TYR C 604 -48.39 -1.81 -96.24
CA TYR C 604 -49.08 -2.63 -95.26
C TYR C 604 -49.34 -1.86 -93.99
N MET C 605 -48.30 -1.67 -93.18
CA MET C 605 -48.49 -1.02 -91.87
C MET C 605 -48.99 0.42 -91.90
N PHE C 606 -48.30 1.29 -92.61
CA PHE C 606 -48.67 2.71 -92.55
C PHE C 606 -49.83 3.14 -93.43
N LEU C 607 -50.32 2.28 -94.30
CA LEU C 607 -51.50 2.62 -95.08
C LEU C 607 -52.69 2.11 -94.32
N PHE C 608 -52.45 1.15 -93.43
CA PHE C 608 -53.53 0.67 -92.58
C PHE C 608 -53.61 1.70 -91.48
N LEU C 609 -52.48 2.31 -91.14
CA LEU C 609 -52.47 3.37 -90.14
C LEU C 609 -53.03 4.65 -90.74
N LEU C 610 -52.96 4.78 -92.06
CA LEU C 610 -53.54 5.95 -92.71
C LEU C 610 -55.02 5.71 -92.97
N CYS C 611 -55.44 4.46 -92.98
CA CYS C 611 -56.85 4.16 -93.13
C CYS C 611 -57.49 4.36 -91.79
N LEU C 612 -56.70 4.21 -90.73
CA LEU C 612 -57.20 4.49 -89.40
C LEU C 612 -57.49 5.96 -89.42
N THR C 613 -56.50 6.75 -89.85
CA THR C 613 -56.69 8.20 -89.93
C THR C 613 -57.88 8.59 -90.78
N LEU C 614 -58.10 7.89 -91.88
CA LEU C 614 -59.24 8.17 -92.74
C LEU C 614 -60.54 8.16 -91.94
N PHE C 615 -60.83 7.09 -91.22
CA PHE C 615 -62.09 7.04 -90.50
C PHE C 615 -62.15 8.05 -89.35
N GLN C 616 -60.99 8.40 -88.81
CA GLN C 616 -60.95 9.37 -87.73
C GLN C 616 -61.19 10.76 -88.29
N VAL C 617 -60.71 11.03 -89.50
CA VAL C 617 -60.85 12.36 -90.10
C VAL C 617 -62.26 12.61 -90.62
N TYR C 618 -63.08 11.58 -90.68
CA TYR C 618 -64.47 11.78 -91.09
C TYR C 618 -65.22 12.31 -89.88
N TYR C 619 -64.72 12.06 -88.67
CA TYR C 619 -65.35 12.50 -87.43
C TYR C 619 -66.80 12.05 -87.30
N SER C 620 -67.14 10.93 -87.92
CA SER C 620 -68.51 10.44 -87.90
C SER C 620 -68.47 9.00 -88.33
N LEU C 621 -67.40 8.61 -89.01
CA LEU C 621 -67.31 7.26 -89.53
C LEU C 621 -66.24 6.44 -88.86
N TRP C 622 -65.99 6.70 -87.58
CA TRP C 622 -64.99 5.95 -86.85
C TRP C 622 -65.31 4.47 -86.92
N ARG C 623 -64.35 3.66 -87.38
CA ARG C 623 -64.55 2.22 -87.55
C ARG C 623 -65.78 1.89 -88.38
N LYS C 624 -66.05 2.66 -89.41
CA LYS C 624 -67.20 2.40 -90.27
C LYS C 624 -66.74 2.44 -91.70
N LEU C 625 -65.62 3.12 -91.95
CA LEU C 625 -65.09 3.15 -93.30
C LEU C 625 -64.76 1.73 -93.72
N LEU C 626 -65.43 1.24 -94.76
CA LEU C 626 -65.21 -0.14 -95.19
C LEU C 626 -64.78 -0.19 -96.63
N LYS C 627 -65.09 0.88 -97.38
CA LYS C 627 -64.72 0.93 -98.80
C LYS C 627 -63.22 0.84 -98.97
N ALA C 628 -62.49 1.78 -98.37
CA ALA C 628 -61.04 1.75 -98.47
C ALA C 628 -60.48 0.58 -97.69
N PHE C 629 -61.06 0.28 -96.54
CA PHE C 629 -60.61 -0.87 -95.75
C PHE C 629 -60.89 -2.16 -96.49
N TRP C 630 -61.87 -2.15 -97.36
CA TRP C 630 -62.17 -3.34 -98.16
C TRP C 630 -61.06 -3.53 -99.19
N TRP C 631 -60.72 -2.45 -99.88
CA TRP C 631 -59.70 -2.54 -100.91
C TRP C 631 -58.29 -2.60 -100.35
N LEU C 632 -58.13 -2.41 -99.04
CA LEU C 632 -56.81 -2.56 -98.45
C LEU C 632 -56.46 -4.01 -98.64
N VAL C 633 -57.42 -4.88 -98.30
CA VAL C 633 -57.20 -6.30 -98.48
C VAL C 633 -56.90 -6.62 -99.94
N VAL C 634 -57.71 -6.10 -100.85
CA VAL C 634 -57.52 -6.40 -102.27
C VAL C 634 -56.14 -5.96 -102.75
N ALA C 635 -55.66 -4.82 -102.28
CA ALA C 635 -54.32 -4.38 -102.63
C ALA C 635 -53.28 -5.38 -102.13
N TYR C 636 -53.44 -5.85 -100.90
CA TYR C 636 -52.51 -6.82 -100.34
C TYR C 636 -52.56 -8.17 -101.06
N THR C 637 -53.75 -8.60 -101.46
CA THR C 637 -53.87 -9.86 -102.21
C THR C 637 -53.11 -9.72 -103.52
N MET C 638 -53.27 -8.59 -104.19
CA MET C 638 -52.60 -8.37 -105.46
C MET C 638 -51.10 -8.50 -105.27
N LEU C 639 -50.55 -7.83 -104.26
CA LEU C 639 -49.12 -7.92 -103.99
C LEU C 639 -48.68 -9.37 -103.85
N VAL C 640 -49.40 -10.15 -103.05
CA VAL C 640 -49.05 -11.56 -102.85
C VAL C 640 -49.14 -12.35 -104.15
N LEU C 641 -50.20 -12.16 -104.91
CA LEU C 641 -50.35 -12.86 -106.19
C LEU C 641 -49.19 -12.57 -107.13
N ILE C 642 -48.77 -11.32 -107.20
CA ILE C 642 -47.65 -10.96 -108.05
C ILE C 642 -46.37 -11.59 -107.54
N ALA C 643 -46.03 -11.37 -106.26
CA ALA C 643 -44.78 -11.88 -105.74
C ALA C 643 -44.93 -12.67 -104.45
N VAL C 644 -45.00 -11.96 -103.33
CA VAL C 644 -45.06 -12.63 -102.03
C VAL C 644 -46.25 -13.57 -101.86
N SER C 678 -34.95 -20.37 -100.38
CA SER C 678 -35.28 -19.74 -99.10
C SER C 678 -36.18 -18.54 -99.31
N GLU C 679 -35.74 -17.68 -100.24
CA GLU C 679 -36.42 -16.42 -100.47
C GLU C 679 -37.68 -16.46 -101.28
N LEU C 680 -37.77 -17.31 -102.28
CA LEU C 680 -39.05 -17.40 -102.98
C LEU C 680 -39.96 -17.86 -101.86
N PHE C 681 -39.62 -19.01 -101.30
CA PHE C 681 -40.39 -19.53 -100.19
C PHE C 681 -40.57 -18.50 -99.09
N SER C 682 -39.54 -17.72 -98.77
CA SER C 682 -39.63 -16.79 -97.64
C SER C 682 -40.75 -15.89 -97.98
N SER C 683 -40.60 -15.12 -99.04
CA SER C 683 -41.63 -14.21 -99.48
C SER C 683 -42.98 -14.87 -99.31
N ILE C 684 -43.19 -15.99 -100.00
CA ILE C 684 -44.50 -16.63 -99.95
C ILE C 684 -44.95 -16.74 -98.51
N LEU C 685 -44.37 -17.67 -97.77
CA LEU C 685 -44.79 -17.90 -96.39
C LEU C 685 -45.07 -16.61 -95.65
N VAL C 686 -44.09 -15.72 -95.60
CA VAL C 686 -44.26 -14.49 -94.84
C VAL C 686 -45.51 -13.71 -95.22
N PRO C 687 -45.57 -13.16 -96.45
CA PRO C 687 -46.87 -12.48 -96.66
C PRO C 687 -48.16 -13.28 -96.78
N GLY C 688 -48.11 -14.59 -96.94
CA GLY C 688 -49.32 -15.37 -96.95
C GLY C 688 -49.78 -15.22 -95.53
N PHE C 689 -48.89 -15.50 -94.58
CA PHE C 689 -49.21 -15.29 -93.18
C PHE C 689 -50.00 -14.02 -92.90
N PHE C 690 -49.78 -12.92 -93.65
CA PHE C 690 -50.61 -11.78 -93.32
C PHE C 690 -51.79 -11.75 -94.27
N LEU C 691 -51.58 -12.23 -95.49
CA LEU C 691 -52.67 -12.28 -96.46
C LEU C 691 -53.72 -13.28 -96.01
N LEU C 692 -53.31 -14.35 -95.35
CA LEU C 692 -54.29 -15.29 -94.83
C LEU C 692 -55.29 -14.54 -93.97
N ALA C 693 -54.79 -13.83 -92.96
CA ALA C 693 -55.68 -13.06 -92.09
C ALA C 693 -56.50 -12.02 -92.86
N CYS C 694 -55.86 -11.29 -93.77
CA CYS C 694 -56.55 -10.25 -94.53
C CYS C 694 -57.67 -10.80 -95.39
N ILE C 695 -57.39 -11.87 -96.14
CA ILE C 695 -58.40 -12.47 -97.01
C ILE C 695 -59.54 -13.06 -96.16
N LEU C 696 -59.26 -13.44 -94.93
CA LEU C 696 -60.29 -13.96 -94.07
C LEU C 696 -61.31 -12.89 -93.69
N GLN C 697 -60.86 -11.66 -93.48
CA GLN C 697 -61.81 -10.57 -93.22
C GLN C 697 -62.68 -10.37 -94.45
N LEU C 698 -62.06 -10.36 -95.62
CA LEU C 698 -62.82 -10.17 -96.85
C LEU C 698 -63.84 -11.29 -97.06
N HIS C 699 -63.49 -12.50 -96.65
CA HIS C 699 -64.42 -13.62 -96.77
C HIS C 699 -65.58 -13.44 -95.80
N TYR C 700 -65.27 -13.31 -94.51
CA TYR C 700 -66.32 -13.22 -93.51
C TYR C 700 -65.98 -12.31 -92.35
N PHE C 701 -67.00 -11.89 -91.59
CA PHE C 701 -66.79 -11.02 -90.42
C PHE C 701 -65.93 -9.80 -90.65
N HIS C 702 -66.22 -9.02 -91.69
CA HIS C 702 -65.49 -7.77 -91.88
C HIS C 702 -66.25 -6.78 -91.03
N ARG C 703 -67.54 -7.05 -90.84
CA ARG C 703 -68.39 -6.14 -90.06
C ARG C 703 -68.04 -5.80 -88.60
N PRO C 704 -67.83 -6.79 -87.71
CA PRO C 704 -67.61 -6.43 -86.30
C PRO C 704 -66.65 -5.27 -86.04
N PHE C 705 -65.52 -5.22 -86.73
CA PHE C 705 -64.61 -4.10 -86.57
C PHE C 705 -64.92 -2.92 -87.48
N MET C 706 -65.47 -3.17 -88.67
CA MET C 706 -65.69 -2.10 -89.65
C MET C 706 -67.12 -1.70 -89.96
N GLN C 707 -68.09 -2.57 -89.71
CA GLN C 707 -69.50 -2.24 -89.96
C GLN C 707 -70.42 -2.63 -88.81
N LEU C 708 -69.87 -2.80 -87.61
CA LEU C 708 -70.70 -3.12 -86.45
C LEU C 708 -70.40 -2.15 -85.32
N THR C 709 -69.12 -1.95 -85.00
CA THR C 709 -68.76 -0.97 -84.00
C THR C 709 -68.87 0.36 -84.69
N ASP C 710 -70.06 0.94 -84.72
CA ASP C 710 -70.25 2.17 -85.46
C ASP C 710 -70.69 3.36 -84.63
N MET C 711 -70.92 4.49 -85.29
CA MET C 711 -71.33 5.70 -84.60
C MET C 711 -72.77 6.03 -84.95
N GLU C 712 -73.14 5.82 -86.22
CA GLU C 712 -74.50 6.14 -86.67
C GLU C 712 -75.00 7.49 -86.17
N LEU C 789 -68.36 -10.57 -61.37
CA LEU C 789 -68.31 -11.62 -60.35
C LEU C 789 -68.94 -11.15 -59.04
N GLU C 790 -68.17 -10.45 -58.22
CA GLU C 790 -68.67 -9.97 -56.93
C GLU C 790 -68.34 -8.51 -56.67
N LEU C 791 -68.15 -8.15 -55.40
CA LEU C 791 -67.89 -6.76 -55.05
C LEU C 791 -66.57 -6.23 -55.60
N ALA C 792 -65.49 -6.95 -55.40
CA ALA C 792 -64.18 -6.52 -55.86
C ALA C 792 -64.17 -6.31 -57.36
N ALA C 793 -64.73 -7.27 -58.10
CA ALA C 793 -64.81 -7.13 -59.56
C ALA C 793 -65.68 -5.94 -59.92
N GLY C 794 -66.75 -5.72 -59.17
CA GLY C 794 -67.59 -4.56 -59.42
C GLY C 794 -66.80 -3.28 -59.32
N PHE C 795 -65.99 -3.15 -58.28
CA PHE C 795 -65.15 -1.96 -58.12
C PHE C 795 -64.20 -1.86 -59.31
N SER C 796 -63.58 -2.97 -59.68
CA SER C 796 -62.64 -2.97 -60.79
C SER C 796 -63.23 -2.40 -62.07
N ASP C 797 -64.42 -2.85 -62.48
CA ASP C 797 -64.96 -2.37 -63.74
C ASP C 797 -65.37 -0.90 -63.67
N VAL C 798 -65.81 -0.45 -62.50
CA VAL C 798 -66.14 0.95 -62.34
C VAL C 798 -64.88 1.75 -62.58
N LEU C 799 -63.79 1.37 -61.91
CA LEU C 799 -62.52 2.04 -62.09
C LEU C 799 -62.09 2.03 -63.55
N SER C 800 -62.26 0.92 -64.26
CA SER C 800 -61.93 0.97 -65.68
C SER C 800 -62.63 2.16 -66.31
N ARG C 801 -63.95 2.20 -66.18
CA ARG C 801 -64.70 3.27 -66.83
C ARG C 801 -64.41 4.70 -66.37
N VAL C 802 -64.12 4.96 -65.09
CA VAL C 802 -63.75 6.33 -64.69
C VAL C 802 -62.46 6.79 -65.36
N GLN C 803 -61.51 5.88 -65.42
CA GLN C 803 -60.26 6.18 -66.08
C GLN C 803 -60.57 6.51 -67.52
N VAL C 804 -61.37 5.65 -68.16
CA VAL C 804 -61.60 5.90 -69.59
C VAL C 804 -62.33 7.21 -69.78
N PHE C 805 -63.17 7.59 -68.81
CA PHE C 805 -63.85 8.88 -68.90
C PHE C 805 -62.83 9.99 -68.93
N LEU C 806 -61.78 9.84 -68.13
CA LEU C 806 -60.70 10.84 -68.13
C LEU C 806 -59.88 10.70 -69.39
N ARG C 807 -59.90 9.51 -69.98
CA ARG C 807 -59.19 9.31 -71.23
C ARG C 807 -59.95 9.98 -72.36
N ARG C 808 -61.27 10.01 -72.26
CA ARG C 808 -62.07 10.69 -73.27
C ARG C 808 -62.18 12.15 -72.91
N LEU C 809 -61.62 12.53 -71.77
CA LEU C 809 -61.61 13.94 -71.39
C LEU C 809 -60.37 14.57 -71.97
N LEU C 810 -60.25 15.88 -71.86
CA LEU C 810 -59.07 16.57 -72.37
C LEU C 810 -57.81 16.09 -71.67
N GLU C 811 -57.97 15.54 -70.46
CA GLU C 811 -56.82 15.04 -69.72
C GLU C 811 -55.99 14.12 -70.60
N LEU C 812 -56.64 13.21 -71.32
CA LEU C 812 -55.91 12.33 -72.21
C LEU C 812 -56.02 12.80 -73.66
N HIS C 813 -57.21 13.28 -74.07
CA HIS C 813 -57.34 13.63 -75.50
C HIS C 813 -56.19 14.42 -76.07
N VAL C 814 -55.48 15.15 -75.23
CA VAL C 814 -54.52 16.13 -75.68
C VAL C 814 -53.23 16.15 -74.88
N PHE C 815 -53.31 16.42 -73.59
CA PHE C 815 -52.10 16.57 -72.77
C PHE C 815 -51.07 15.47 -72.97
N LYS C 816 -51.45 14.23 -72.70
CA LYS C 816 -50.53 13.11 -72.82
C LYS C 816 -49.97 12.95 -74.22
N LEU C 817 -50.80 13.18 -75.22
CA LEU C 817 -50.37 13.07 -76.59
C LEU C 817 -49.26 14.06 -76.90
N VAL C 818 -49.50 15.32 -76.62
CA VAL C 818 -48.51 16.34 -76.93
C VAL C 818 -47.27 16.20 -76.07
N ALA C 819 -47.40 15.67 -74.86
CA ALA C 819 -46.22 15.44 -74.02
C ALA C 819 -45.27 14.52 -74.76
N LEU C 820 -45.77 13.38 -75.21
CA LEU C 820 -44.92 12.45 -75.92
C LEU C 820 -44.45 13.01 -77.24
N TYR C 821 -45.29 13.83 -77.88
CA TYR C 821 -44.88 14.45 -79.12
C TYR C 821 -43.66 15.34 -78.93
N THR C 822 -43.71 16.22 -77.95
CA THR C 822 -42.58 17.12 -77.70
C THR C 822 -41.32 16.33 -77.38
N VAL C 823 -41.44 15.30 -76.54
CA VAL C 823 -40.28 14.48 -76.22
C VAL C 823 -39.69 13.86 -77.48
N TRP C 824 -40.54 13.34 -78.36
CA TRP C 824 -40.04 12.66 -79.54
C TRP C 824 -39.88 13.56 -80.76
N VAL C 825 -39.85 14.86 -80.57
CA VAL C 825 -39.62 15.78 -81.69
C VAL C 825 -38.51 16.74 -81.28
N ALA C 826 -38.74 17.49 -80.21
CA ALA C 826 -37.76 18.46 -79.77
C ALA C 826 -36.56 17.78 -79.14
N LEU C 827 -36.82 16.94 -78.15
CA LEU C 827 -35.73 16.26 -77.46
C LEU C 827 -35.18 15.11 -78.29
N LYS C 828 -35.88 14.73 -79.35
CA LYS C 828 -35.37 13.68 -80.23
C LYS C 828 -34.95 14.25 -81.56
N GLU C 829 -35.27 13.57 -82.64
CA GLU C 829 -34.88 14.02 -83.98
C GLU C 829 -35.41 15.40 -84.27
N VAL C 830 -34.52 16.38 -84.31
CA VAL C 830 -34.97 17.75 -84.53
C VAL C 830 -35.01 18.11 -86.01
N SER C 831 -34.93 19.41 -86.30
CA SER C 831 -34.90 19.89 -87.69
C SER C 831 -36.14 19.76 -88.58
N VAL C 832 -36.49 18.56 -89.02
CA VAL C 832 -37.61 18.40 -89.95
C VAL C 832 -38.90 17.91 -89.31
N MET C 833 -38.86 17.64 -88.01
CA MET C 833 -40.05 17.22 -87.31
C MET C 833 -40.79 18.43 -86.75
N ASN C 834 -40.43 19.62 -87.21
CA ASN C 834 -41.12 20.84 -86.78
C ASN C 834 -42.56 20.84 -87.26
N LEU C 835 -42.83 20.13 -88.35
CA LEU C 835 -44.18 20.05 -88.87
C LEU C 835 -45.03 19.18 -87.98
N LEU C 836 -44.40 18.39 -87.12
CA LEU C 836 -45.13 17.52 -86.22
C LEU C 836 -45.25 18.13 -84.84
N LEU C 837 -44.82 19.37 -84.69
CA LEU C 837 -44.87 20.02 -83.39
C LEU C 837 -45.08 21.51 -83.41
N VAL C 838 -44.06 22.27 -83.76
CA VAL C 838 -44.17 23.72 -83.67
C VAL C 838 -45.06 24.41 -84.69
N VAL C 839 -45.56 23.69 -85.69
CA VAL C 839 -46.50 24.29 -86.60
C VAL C 839 -47.86 23.66 -86.33
N LEU C 840 -47.84 22.56 -85.58
CA LEU C 840 -49.08 21.88 -85.25
C LEU C 840 -49.48 22.28 -83.85
N TRP C 841 -48.96 21.55 -82.88
CA TRP C 841 -49.35 21.79 -81.48
C TRP C 841 -49.06 23.16 -80.90
N ALA C 842 -48.10 23.89 -81.45
CA ALA C 842 -47.85 25.24 -80.96
C ALA C 842 -48.96 26.21 -81.31
N PHE C 843 -49.85 25.83 -82.22
CA PHE C 843 -50.98 26.67 -82.56
C PHE C 843 -52.27 25.97 -82.20
N ALA C 844 -52.22 24.65 -82.08
CA ALA C 844 -53.42 23.89 -81.74
C ALA C 844 -53.69 23.97 -80.25
N LEU C 845 -52.65 24.05 -79.45
CA LEU C 845 -52.86 24.21 -78.01
C LEU C 845 -53.62 25.50 -77.69
N PRO C 846 -53.10 26.68 -78.11
CA PRO C 846 -53.91 27.87 -77.78
C PRO C 846 -55.32 27.83 -78.36
N TYR C 847 -55.45 27.55 -79.64
CA TYR C 847 -56.75 27.53 -80.28
C TYR C 847 -57.21 26.11 -80.47
N PRO C 848 -58.08 25.60 -79.58
CA PRO C 848 -58.47 24.20 -79.65
C PRO C 848 -59.48 23.87 -80.74
N ARG C 849 -59.83 24.83 -81.59
CA ARG C 849 -60.75 24.56 -82.70
C ARG C 849 -60.17 23.47 -83.57
N PHE C 850 -58.89 23.56 -83.86
CA PHE C 850 -58.26 22.56 -84.70
C PHE C 850 -57.41 21.58 -83.94
N ARG C 851 -57.73 21.35 -82.67
CA ARG C 851 -57.00 20.33 -81.92
C ARG C 851 -57.17 18.92 -82.52
N PRO C 852 -58.40 18.46 -82.89
CA PRO C 852 -58.41 17.09 -83.48
C PRO C 852 -57.88 17.03 -84.92
N MET C 853 -58.10 18.11 -85.66
CA MET C 853 -57.60 18.17 -87.03
C MET C 853 -56.10 18.07 -86.97
N ALA C 854 -55.51 18.83 -86.03
CA ALA C 854 -54.07 18.77 -85.87
C ALA C 854 -53.62 17.35 -85.63
N SER C 855 -54.25 16.63 -84.71
CA SER C 855 -53.91 15.22 -84.45
C SER C 855 -53.98 14.32 -85.70
N CYS C 856 -55.04 14.44 -86.49
CA CYS C 856 -55.10 13.65 -87.72
C CYS C 856 -53.95 14.01 -88.68
N LEU C 857 -53.70 15.30 -88.83
CA LEU C 857 -52.64 15.72 -89.74
C LEU C 857 -51.33 15.19 -89.22
N SER C 858 -51.17 15.11 -87.91
CA SER C 858 -49.95 14.61 -87.28
C SER C 858 -49.75 13.16 -87.62
N THR C 859 -50.79 12.35 -87.44
CA THR C 859 -50.68 10.96 -87.86
C THR C 859 -50.15 10.98 -89.30
N VAL C 860 -50.86 11.66 -90.18
CA VAL C 860 -50.44 11.61 -91.60
C VAL C 860 -48.97 11.97 -91.80
N TRP C 861 -48.53 13.05 -91.18
CA TRP C 861 -47.16 13.52 -91.36
C TRP C 861 -46.11 12.63 -90.80
N THR C 862 -46.33 12.00 -89.65
CA THR C 862 -45.27 11.10 -89.20
C THR C 862 -45.30 9.84 -90.02
N CYS C 863 -46.46 9.48 -90.55
CA CYS C 863 -46.48 8.34 -91.46
C CYS C 863 -45.52 8.72 -92.60
N VAL C 864 -45.70 9.93 -93.15
CA VAL C 864 -44.83 10.39 -94.22
C VAL C 864 -43.36 10.37 -93.82
N ILE C 865 -43.06 10.79 -92.60
CA ILE C 865 -41.68 10.83 -92.10
C ILE C 865 -41.08 9.43 -92.07
N ILE C 866 -41.80 8.44 -91.53
CA ILE C 866 -41.24 7.10 -91.57
C ILE C 866 -41.09 6.62 -93.01
N VAL C 867 -42.06 6.89 -93.89
CA VAL C 867 -41.90 6.54 -95.30
C VAL C 867 -40.57 7.06 -95.83
N CYS C 868 -40.29 8.34 -95.58
CA CYS C 868 -39.06 8.93 -96.06
C CYS C 868 -37.81 8.30 -95.46
N LYS C 869 -37.78 8.11 -94.15
CA LYS C 869 -36.56 7.59 -93.53
C LYS C 869 -36.37 6.11 -93.81
N MET C 870 -37.35 5.51 -94.48
CA MET C 870 -37.29 4.08 -94.76
C MET C 870 -36.07 3.84 -95.62
N LEU C 871 -35.91 4.64 -96.66
CA LEU C 871 -34.74 4.51 -97.52
C LEU C 871 -33.56 5.27 -96.92
N TYR C 872 -33.35 5.18 -95.61
CA TYR C 872 -32.25 5.87 -94.92
C TYR C 872 -31.77 7.15 -95.59
N GLN C 873 -30.48 7.22 -95.91
CA GLN C 873 -29.93 8.40 -96.60
C GLN C 873 -28.59 8.05 -97.21
N LEU C 874 -28.10 6.85 -96.96
CA LEU C 874 -26.79 6.44 -97.46
C LEU C 874 -26.71 6.06 -98.95
N LYS C 875 -27.76 6.25 -99.73
CA LYS C 875 -27.63 5.94 -101.15
C LYS C 875 -26.82 7.03 -101.83
N VAL C 876 -25.66 6.67 -102.39
CA VAL C 876 -24.76 7.64 -103.06
C VAL C 876 -24.76 9.03 -102.44
N VAL C 877 -24.28 9.14 -101.21
CA VAL C 877 -24.25 10.44 -100.55
C VAL C 877 -23.19 11.32 -101.18
N ASN C 878 -23.59 12.49 -101.66
CA ASN C 878 -22.63 13.42 -102.22
C ASN C 878 -22.75 14.75 -101.47
N PRO C 879 -22.14 14.83 -100.28
CA PRO C 879 -22.30 16.05 -99.48
C PRO C 879 -21.28 17.11 -99.88
N ASN C 915 -32.36 21.72 -99.93
CA ASN C 915 -31.23 20.85 -99.66
C ASN C 915 -30.88 20.85 -98.18
N TRP C 916 -30.62 22.02 -97.63
CA TRP C 916 -30.25 22.11 -96.22
C TRP C 916 -31.45 22.42 -95.36
N PHE C 917 -31.75 21.53 -94.43
CA PHE C 917 -32.84 21.76 -93.51
C PHE C 917 -32.38 21.16 -92.22
N GLY C 918 -31.10 21.30 -91.92
CA GLY C 918 -30.58 20.67 -90.73
C GLY C 918 -30.54 19.18 -90.99
N VAL C 919 -29.99 18.78 -92.14
CA VAL C 919 -29.96 17.37 -92.50
C VAL C 919 -29.19 16.53 -91.49
N ARG C 920 -29.91 15.72 -90.73
CA ARG C 920 -29.27 14.85 -89.77
C ARG C 920 -28.99 13.52 -90.42
N LYS C 921 -29.76 13.17 -91.46
CA LYS C 921 -29.63 11.89 -92.20
C LYS C 921 -30.00 10.62 -91.42
N GLY C 922 -30.87 9.81 -92.00
CA GLY C 922 -31.30 8.60 -91.33
C GLY C 922 -30.34 7.43 -91.45
N PHE C 923 -29.20 7.55 -90.79
CA PHE C 923 -28.20 6.49 -90.89
C PHE C 923 -28.53 5.18 -90.16
N PRO C 924 -28.95 5.24 -88.88
CA PRO C 924 -29.30 3.93 -88.30
C PRO C 924 -30.51 3.31 -88.96
N ASN C 925 -30.72 2.02 -88.78
CA ASN C 925 -31.96 1.44 -89.28
C ASN C 925 -32.94 1.40 -88.11
N LEU C 926 -32.83 0.35 -87.29
CA LEU C 926 -33.73 0.19 -86.14
C LEU C 926 -33.86 1.42 -85.27
N GLY C 927 -32.78 1.85 -84.64
CA GLY C 927 -32.84 3.00 -83.75
C GLY C 927 -33.49 4.21 -84.38
N TYR C 928 -33.19 4.47 -85.65
CA TYR C 928 -33.75 5.63 -86.34
C TYR C 928 -35.25 5.51 -86.55
N ILE C 929 -35.72 4.37 -87.06
CA ILE C 929 -37.18 4.23 -87.17
C ILE C 929 -37.88 4.11 -85.80
N GLN C 930 -37.11 3.91 -84.74
CA GLN C 930 -37.70 3.67 -83.40
C GLN C 930 -38.47 4.70 -82.55
N ASN C 931 -38.66 5.95 -82.99
CA ASN C 931 -39.51 6.82 -82.14
C ASN C 931 -40.74 7.42 -82.81
N HIS C 932 -40.65 7.76 -84.09
CA HIS C 932 -41.78 8.37 -84.77
C HIS C 932 -42.95 7.42 -84.74
N LEU C 933 -42.67 6.12 -84.88
CA LEU C 933 -43.73 5.13 -84.83
C LEU C 933 -44.35 5.07 -83.45
N GLN C 934 -43.57 5.35 -82.41
CA GLN C 934 -44.14 5.34 -81.08
C GLN C 934 -45.26 6.39 -80.92
N VAL C 935 -45.07 7.60 -81.44
CA VAL C 935 -46.13 8.62 -81.38
C VAL C 935 -47.26 8.32 -82.35
N LEU C 936 -46.97 7.64 -83.45
CA LEU C 936 -48.02 7.25 -84.38
C LEU C 936 -48.96 6.32 -83.65
N LEU C 937 -48.38 5.36 -82.94
CA LEU C 937 -49.19 4.42 -82.19
C LEU C 937 -49.93 5.12 -81.06
N LEU C 938 -49.30 6.10 -80.44
CA LEU C 938 -49.96 6.85 -79.37
C LEU C 938 -51.19 7.57 -79.87
N LEU C 939 -51.12 8.16 -81.06
CA LEU C 939 -52.30 8.81 -81.63
C LEU C 939 -53.37 7.77 -81.76
N VAL C 940 -53.02 6.64 -82.36
CA VAL C 940 -53.98 5.55 -82.52
C VAL C 940 -54.61 5.16 -81.20
N PHE C 941 -53.82 5.01 -80.14
CA PHE C 941 -54.34 4.59 -78.85
C PHE C 941 -55.33 5.60 -78.30
N GLU C 942 -55.00 6.89 -78.41
CA GLU C 942 -55.91 7.92 -77.95
C GLU C 942 -57.19 7.88 -78.75
N ALA C 943 -57.07 7.75 -80.06
CA ALA C 943 -58.26 7.65 -80.89
C ALA C 943 -59.11 6.45 -80.49
N ILE C 944 -58.48 5.31 -80.22
CA ILE C 944 -59.22 4.14 -79.78
C ILE C 944 -60.05 4.45 -78.55
N VAL C 945 -59.42 4.97 -77.49
CA VAL C 945 -60.16 5.22 -76.27
C VAL C 945 -61.21 6.31 -76.47
N TYR C 946 -61.00 7.20 -77.44
CA TYR C 946 -61.98 8.22 -77.72
C TYR C 946 -63.19 7.61 -78.37
N ARG C 947 -62.99 6.93 -79.51
CA ARG C 947 -64.10 6.34 -80.22
C ARG C 947 -64.81 5.25 -79.41
N ARG C 948 -64.09 4.63 -78.47
CA ARG C 948 -64.73 3.65 -77.62
C ARG C 948 -65.84 4.31 -76.85
N GLN C 949 -65.50 5.37 -76.12
CA GLN C 949 -66.51 6.05 -75.33
C GLN C 949 -67.40 6.96 -76.16
N GLU C 950 -67.03 7.20 -77.41
CA GLU C 950 -67.90 7.99 -78.27
C GLU C 950 -69.11 7.13 -78.57
N HIS C 951 -68.89 5.86 -78.85
CA HIS C 951 -70.00 4.96 -79.08
C HIS C 951 -70.62 4.44 -77.79
N TYR C 952 -69.90 4.57 -76.68
CA TYR C 952 -70.48 4.18 -75.40
C TYR C 952 -71.45 5.26 -74.97
N ARG C 953 -71.28 6.46 -75.50
CA ARG C 953 -72.21 7.54 -75.18
C ARG C 953 -73.28 7.60 -76.26
N ARG C 954 -72.94 7.18 -77.47
CA ARG C 954 -73.92 7.17 -78.55
C ARG C 954 -74.95 6.13 -78.21
N GLN C 955 -74.50 4.91 -77.94
CA GLN C 955 -75.41 3.86 -77.53
C GLN C 955 -75.15 3.57 -76.08
N HIS C 956 -75.11 2.30 -75.70
CA HIS C 956 -74.80 1.89 -74.32
C HIS C 956 -75.14 2.91 -73.23
N GLY C 970 -69.11 17.74 -56.90
CA GLY C 970 -70.23 18.66 -56.90
C GLY C 970 -69.79 20.09 -56.80
N THR C 971 -70.19 20.92 -57.75
CA THR C 971 -69.77 22.32 -57.77
C THR C 971 -70.16 23.11 -56.53
N ARG C 972 -69.23 23.25 -55.58
CA ARG C 972 -69.48 24.00 -54.33
C ARG C 972 -70.54 23.46 -53.37
N GLN C 973 -71.27 22.42 -53.77
CA GLN C 973 -72.29 21.85 -52.90
C GLN C 973 -71.67 20.69 -52.14
N GLN C 974 -70.84 19.92 -52.83
CA GLN C 974 -70.17 18.81 -52.17
C GLN C 974 -69.07 19.38 -51.32
N LEU C 975 -68.56 20.55 -51.70
CA LEU C 975 -67.51 21.21 -50.93
C LEU C 975 -67.73 21.17 -49.43
N ASP C 976 -68.82 21.75 -48.95
CA ASP C 976 -69.04 21.82 -47.51
C ASP C 976 -69.60 20.56 -46.88
N GLN C 977 -69.70 19.48 -47.63
CA GLN C 977 -70.20 18.22 -47.08
C GLN C 977 -69.14 17.62 -46.19
N ASP C 978 -68.12 17.00 -46.79
CA ASP C 978 -67.06 16.39 -46.02
C ASP C 978 -65.78 16.30 -46.81
N LEU C 979 -64.90 15.39 -46.39
CA LEU C 979 -63.61 15.26 -47.05
C LEU C 979 -63.79 14.71 -48.45
N LEU C 980 -64.68 13.74 -48.59
CA LEU C 980 -64.97 13.19 -49.91
C LEU C 980 -65.51 14.30 -50.81
N GLY C 981 -66.37 15.14 -50.27
CA GLY C 981 -66.90 16.25 -51.03
C GLY C 981 -65.82 17.19 -51.52
N CYS C 982 -64.93 17.61 -50.63
CA CYS C 982 -63.83 18.47 -51.02
C CYS C 982 -63.02 17.82 -52.12
N LEU C 983 -62.65 16.57 -51.91
CA LEU C 983 -61.87 15.84 -52.91
C LEU C 983 -62.56 15.87 -54.25
N LYS C 984 -63.80 15.41 -54.29
CA LYS C 984 -64.54 15.37 -55.55
C LYS C 984 -64.53 16.71 -56.25
N TYR C 985 -64.88 17.76 -55.52
CA TYR C 985 -64.93 19.10 -56.12
C TYR C 985 -63.65 19.41 -56.85
N PHE C 986 -62.51 19.23 -56.20
CA PHE C 986 -61.24 19.61 -56.81
C PHE C 986 -60.73 18.67 -57.89
N ILE C 987 -61.15 17.41 -57.86
CA ILE C 987 -60.62 16.45 -58.80
C ILE C 987 -61.26 16.94 -60.09
N ASN C 988 -62.51 17.38 -60.00
CA ASN C 988 -63.22 17.86 -61.18
C ASN C 988 -62.90 19.30 -61.53
N PHE C 989 -62.58 20.13 -60.54
CA PHE C 989 -62.38 21.55 -60.82
C PHE C 989 -61.10 22.15 -60.27
N PHE C 990 -59.96 21.53 -60.56
CA PHE C 990 -58.69 22.13 -60.15
C PHE C 990 -58.35 23.29 -61.07
N PHE C 991 -57.86 22.94 -62.25
CA PHE C 991 -57.49 23.97 -63.23
C PHE C 991 -58.57 25.00 -63.46
N TYR C 992 -59.81 24.64 -63.14
CA TYR C 992 -60.89 25.60 -63.28
C TYR C 992 -60.53 26.88 -62.52
N LYS C 993 -60.07 26.72 -61.28
CA LYS C 993 -59.75 27.88 -60.47
C LYS C 993 -58.24 28.07 -60.27
N PHE C 994 -57.53 27.00 -59.98
CA PHE C 994 -56.10 27.12 -59.69
C PHE C 994 -55.23 27.36 -60.92
N GLY C 995 -55.74 27.06 -62.10
CA GLY C 995 -54.95 27.21 -63.32
C GLY C 995 -54.11 28.46 -63.51
N LEU C 996 -54.61 29.61 -63.08
CA LEU C 996 -53.87 30.84 -63.25
C LEU C 996 -52.65 30.83 -62.34
N GLU C 997 -52.84 30.45 -61.09
CA GLU C 997 -51.73 30.37 -60.16
C GLU C 997 -50.78 29.31 -60.65
N ILE C 998 -51.32 28.30 -61.32
CA ILE C 998 -50.52 27.23 -61.87
C ILE C 998 -49.59 27.77 -62.93
N CYS C 999 -50.15 28.40 -63.95
CA CYS C 999 -49.35 28.99 -65.00
C CYS C 999 -48.25 29.89 -64.45
N PHE C 1000 -48.57 30.72 -63.47
CA PHE C 1000 -47.56 31.59 -62.86
C PHE C 1000 -46.40 30.78 -62.34
N LEU C 1001 -46.68 29.64 -61.72
CA LEU C 1001 -45.63 28.81 -61.18
C LEU C 1001 -44.96 27.97 -62.26
N MET C 1002 -45.65 27.73 -63.37
CA MET C 1002 -45.02 27.01 -64.47
C MET C 1002 -44.03 27.93 -65.17
N ALA C 1003 -44.29 29.23 -65.16
CA ALA C 1003 -43.34 30.17 -65.74
C ALA C 1003 -42.08 30.20 -64.91
N VAL C 1004 -42.22 30.09 -63.59
CA VAL C 1004 -41.06 30.05 -62.72
C VAL C 1004 -40.27 28.78 -63.00
N ASN C 1005 -40.97 27.67 -63.25
CA ASN C 1005 -40.27 26.44 -63.59
C ASN C 1005 -39.40 26.62 -64.83
N VAL C 1006 -39.97 27.18 -65.88
CA VAL C 1006 -39.20 27.43 -67.09
C VAL C 1006 -37.99 28.29 -66.78
N ILE C 1007 -38.20 29.40 -66.06
CA ILE C 1007 -37.09 30.27 -65.68
C ILE C 1007 -35.97 29.50 -65.01
N GLY C 1008 -36.31 28.62 -64.06
CA GLY C 1008 -35.28 27.88 -63.34
C GLY C 1008 -34.58 26.78 -64.11
N GLN C 1009 -35.30 26.16 -65.05
CA GLN C 1009 -34.70 25.10 -65.85
C GLN C 1009 -34.18 25.67 -67.16
N ARG C 1010 -33.60 26.86 -67.11
CA ARG C 1010 -33.09 27.50 -68.31
C ARG C 1010 -32.08 28.55 -67.91
N MET C 1011 -32.52 29.59 -67.20
CA MET C 1011 -31.64 30.69 -66.76
C MET C 1011 -30.84 31.33 -67.88
N ASN C 1012 -31.42 31.44 -69.06
CA ASN C 1012 -30.75 32.05 -70.20
C ASN C 1012 -31.24 33.46 -70.40
N PHE C 1013 -31.11 33.96 -71.63
CA PHE C 1013 -31.63 35.28 -71.92
C PHE C 1013 -33.00 35.07 -72.52
N LEU C 1014 -33.22 33.89 -73.07
CA LEU C 1014 -34.51 33.60 -73.67
C LEU C 1014 -35.63 33.62 -72.63
N VAL C 1015 -35.32 33.19 -71.41
CA VAL C 1015 -36.33 33.17 -70.37
C VAL C 1015 -36.53 34.50 -69.69
N THR C 1016 -35.76 35.52 -70.06
CA THR C 1016 -36.04 36.83 -69.51
C THR C 1016 -37.34 37.27 -70.13
N LEU C 1017 -37.61 36.83 -71.35
CA LEU C 1017 -38.86 37.15 -72.01
C LEU C 1017 -40.02 36.52 -71.26
N HIS C 1018 -39.89 35.26 -70.90
CA HIS C 1018 -40.93 34.60 -70.12
C HIS C 1018 -41.13 35.34 -68.82
N GLY C 1019 -40.04 35.69 -68.15
CA GLY C 1019 -40.14 36.39 -66.89
C GLY C 1019 -40.70 37.79 -66.98
N CYS C 1020 -40.46 38.46 -68.10
CA CYS C 1020 -41.01 39.79 -68.30
C CYS C 1020 -42.50 39.69 -68.45
N TRP C 1021 -42.95 38.67 -69.18
CA TRP C 1021 -44.38 38.46 -69.33
C TRP C 1021 -44.99 38.09 -68.00
N LEU C 1022 -44.27 37.32 -67.19
CA LEU C 1022 -44.75 36.97 -65.86
C LEU C 1022 -45.03 38.23 -65.07
N VAL C 1023 -44.06 39.14 -65.03
CA VAL C 1023 -44.26 40.41 -64.33
C VAL C 1023 -45.49 41.11 -64.88
N ALA C 1024 -45.61 41.23 -66.20
CA ALA C 1024 -46.76 41.89 -66.81
C ALA C 1024 -48.09 41.34 -66.32
N ILE C 1025 -48.27 40.03 -66.42
CA ILE C 1025 -49.54 39.44 -66.01
C ILE C 1025 -49.71 39.37 -64.48
N LEU C 1026 -48.64 39.58 -63.73
CA LEU C 1026 -48.77 39.60 -62.28
C LEU C 1026 -49.02 41.01 -61.79
N THR C 1027 -48.71 42.01 -62.61
CA THR C 1027 -49.01 43.39 -62.24
C THR C 1027 -50.37 43.75 -62.76
N ARG C 1028 -51.09 42.77 -63.29
CA ARG C 1028 -52.45 43.01 -63.76
C ARG C 1028 -53.41 42.68 -62.63
N ARG C 1029 -52.90 42.14 -61.53
CA ARG C 1029 -53.71 41.84 -60.34
C ARG C 1029 -55.09 41.23 -60.58
N HIS C 1030 -56.11 42.07 -60.66
CA HIS C 1030 -57.48 41.59 -60.89
C HIS C 1030 -57.55 40.61 -62.05
N ARG C 1031 -58.14 39.44 -61.81
CA ARG C 1031 -58.19 38.39 -62.83
C ARG C 1031 -58.86 38.78 -64.15
N GLN C 1032 -59.67 39.83 -64.14
CA GLN C 1032 -60.34 40.29 -65.35
C GLN C 1032 -59.35 40.94 -66.29
N ALA C 1033 -58.38 41.67 -65.75
CA ALA C 1033 -57.38 42.32 -66.58
C ALA C 1033 -56.37 41.31 -67.09
N ILE C 1034 -56.12 40.27 -66.31
CA ILE C 1034 -55.21 39.23 -66.77
C ILE C 1034 -55.87 38.47 -67.90
N ALA C 1035 -57.20 38.41 -67.89
CA ALA C 1035 -57.92 37.67 -68.92
C ALA C 1035 -57.85 38.30 -70.31
N ARG C 1036 -57.70 39.62 -70.38
CA ARG C 1036 -57.57 40.25 -71.68
C ARG C 1036 -56.12 40.33 -72.13
N LEU C 1037 -55.20 39.94 -71.26
CA LEU C 1037 -53.79 39.88 -71.64
C LEU C 1037 -53.48 38.45 -71.98
N TRP C 1038 -54.42 37.56 -71.68
CA TRP C 1038 -54.22 36.14 -71.96
C TRP C 1038 -54.12 35.69 -73.41
N PRO C 1039 -54.94 36.24 -74.32
CA PRO C 1039 -54.72 35.79 -75.71
C PRO C 1039 -53.34 36.15 -76.21
N ASN C 1040 -52.81 37.30 -75.79
CA ASN C 1040 -51.48 37.72 -76.21
C ASN C 1040 -50.39 36.93 -75.51
N TYR C 1041 -50.65 36.50 -74.27
CA TYR C 1041 -49.67 35.69 -73.57
C TYR C 1041 -49.57 34.34 -74.26
N CYS C 1042 -50.71 33.74 -74.56
CA CYS C 1042 -50.71 32.45 -75.23
C CYS C 1042 -50.06 32.57 -76.60
N LEU C 1043 -50.30 33.68 -77.29
CA LEU C 1043 -49.66 33.89 -78.58
C LEU C 1043 -48.15 33.91 -78.40
N PHE C 1044 -47.66 34.72 -77.47
CA PHE C 1044 -46.24 34.79 -77.21
C PHE C 1044 -45.67 33.39 -76.99
N LEU C 1045 -46.30 32.61 -76.11
CA LEU C 1045 -45.79 31.29 -75.81
C LEU C 1045 -45.70 30.42 -77.05
N ALA C 1046 -46.74 30.42 -77.86
CA ALA C 1046 -46.76 29.62 -79.08
C ALA C 1046 -45.65 30.03 -80.03
N LEU C 1047 -45.54 31.32 -80.30
CA LEU C 1047 -44.51 31.81 -81.20
C LEU C 1047 -43.12 31.52 -80.67
N PHE C 1048 -42.96 31.58 -79.36
CA PHE C 1048 -41.67 31.31 -78.74
C PHE C 1048 -41.26 29.87 -78.94
N LEU C 1049 -42.18 28.93 -78.81
CA LEU C 1049 -41.85 27.54 -79.07
C LEU C 1049 -41.36 27.38 -80.50
N LEU C 1050 -42.06 28.00 -81.44
CA LEU C 1050 -41.65 27.94 -82.83
C LEU C 1050 -40.25 28.52 -83.03
N TYR C 1051 -40.00 29.70 -82.48
CA TYR C 1051 -38.68 30.31 -82.57
C TYR C 1051 -37.63 29.39 -81.98
N GLN C 1052 -37.90 28.82 -80.81
CA GLN C 1052 -36.93 27.96 -80.14
C GLN C 1052 -36.51 26.81 -81.04
N TYR C 1053 -37.45 26.21 -81.75
CA TYR C 1053 -37.10 25.16 -82.68
C TYR C 1053 -36.24 25.74 -83.79
N LEU C 1054 -36.73 26.77 -84.45
CA LEU C 1054 -35.98 27.40 -85.55
C LEU C 1054 -34.62 27.90 -85.09
N LEU C 1055 -34.37 27.88 -83.79
CA LEU C 1055 -33.09 28.30 -83.27
C LEU C 1055 -32.26 27.04 -83.04
N CYS C 1056 -32.95 25.94 -82.72
CA CYS C 1056 -32.26 24.67 -82.53
C CYS C 1056 -32.03 23.97 -83.86
N LEU C 1057 -32.83 24.31 -84.87
CA LEU C 1057 -32.64 23.72 -86.19
C LEU C 1057 -31.88 24.69 -87.07
N GLY C 1058 -32.58 25.67 -87.62
CA GLY C 1058 -31.93 26.67 -88.45
C GLY C 1058 -30.83 27.37 -87.68
N SER C 1096 -34.60 20.20 -77.55
CA SER C 1096 -33.99 20.51 -76.27
C SER C 1096 -34.96 20.28 -75.13
N THR C 1097 -34.47 20.37 -73.89
CA THR C 1097 -35.34 20.21 -72.73
C THR C 1097 -36.05 21.49 -72.43
N ASN C 1098 -35.45 22.61 -72.83
CA ASN C 1098 -36.07 23.90 -72.63
C ASN C 1098 -37.33 24.00 -73.46
N LEU C 1099 -37.33 23.33 -74.61
CA LEU C 1099 -38.52 23.32 -75.45
C LEU C 1099 -39.67 22.63 -74.73
N ILE C 1100 -39.39 21.54 -74.02
CA ILE C 1100 -40.43 20.85 -73.26
C ILE C 1100 -40.99 21.72 -72.15
N SER C 1101 -40.14 22.54 -71.52
CA SER C 1101 -40.61 23.42 -70.46
C SER C 1101 -41.52 24.51 -71.01
N ASP C 1102 -41.17 25.08 -72.16
CA ASP C 1102 -42.04 26.08 -72.78
C ASP C 1102 -43.30 25.44 -73.29
N PHE C 1103 -43.25 24.16 -73.65
CA PHE C 1103 -44.46 23.47 -74.08
C PHE C 1103 -45.38 23.31 -72.87
N LEU C 1104 -44.83 22.94 -71.72
CA LEU C 1104 -45.65 22.75 -70.54
C LEU C 1104 -46.35 24.03 -70.19
N LEU C 1105 -45.61 25.13 -70.20
CA LEU C 1105 -46.21 26.43 -69.92
C LEU C 1105 -47.30 26.75 -70.94
N LEU C 1106 -47.02 26.51 -72.22
CA LEU C 1106 -48.01 26.76 -73.25
C LEU C 1106 -49.24 25.93 -72.98
N LEU C 1107 -49.08 24.62 -72.85
CA LEU C 1107 -50.20 23.74 -72.57
C LEU C 1107 -51.05 24.24 -71.41
N CYS C 1108 -50.42 24.52 -70.28
CA CYS C 1108 -51.16 24.97 -69.12
C CYS C 1108 -51.88 26.28 -69.36
N ALA C 1109 -51.17 27.29 -69.84
CA ALA C 1109 -51.80 28.59 -70.07
C ALA C 1109 -52.85 28.54 -71.15
N SER C 1110 -52.72 27.61 -72.10
CA SER C 1110 -53.72 27.47 -73.14
C SER C 1110 -54.98 26.92 -72.54
N GLN C 1111 -54.84 25.94 -71.65
CA GLN C 1111 -56.01 25.42 -70.97
C GLN C 1111 -56.67 26.46 -70.10
N GLN C 1112 -55.88 27.38 -69.53
CA GLN C 1112 -56.45 28.44 -68.73
C GLN C 1112 -57.07 29.51 -69.59
N TRP C 1113 -56.69 29.58 -70.85
CA TRP C 1113 -57.34 30.52 -71.74
C TRP C 1113 -58.66 29.92 -72.14
N GLN C 1114 -58.73 28.60 -72.13
CA GLN C 1114 -59.98 27.92 -72.43
C GLN C 1114 -60.85 27.78 -71.21
N VAL C 1115 -60.46 28.41 -70.12
CA VAL C 1115 -61.29 28.39 -68.91
C VAL C 1115 -61.58 29.84 -68.58
N PHE C 1116 -60.55 30.68 -68.52
CA PHE C 1116 -60.70 32.11 -68.22
C PHE C 1116 -61.92 32.75 -68.82
N SER C 1117 -61.99 32.78 -70.15
CA SER C 1117 -63.09 33.44 -70.82
C SER C 1117 -64.09 32.45 -71.37
N ALA C 1118 -64.20 31.29 -70.75
CA ALA C 1118 -65.09 30.27 -71.27
C ALA C 1118 -65.90 29.62 -70.17
N GLU C 1119 -65.29 28.69 -69.45
CA GLU C 1119 -66.02 27.98 -68.41
C GLU C 1119 -66.41 28.88 -67.25
N ARG C 1120 -65.62 29.92 -66.99
CA ARG C 1120 -65.95 30.85 -65.92
C ARG C 1120 -67.02 31.83 -66.36
N THR C 1121 -67.08 32.11 -67.66
CA THR C 1121 -68.08 33.02 -68.18
C THR C 1121 -69.30 32.29 -68.70
N TYR C 1154 -65.39 17.65 -39.36
CA TYR C 1154 -64.03 17.14 -39.49
C TYR C 1154 -63.32 17.78 -40.68
N LEU C 1155 -64.08 18.21 -41.68
CA LEU C 1155 -63.47 18.91 -42.81
C LEU C 1155 -63.36 20.37 -42.45
N ASP C 1156 -64.01 20.75 -41.37
CA ASP C 1156 -63.93 22.13 -40.91
C ASP C 1156 -62.58 22.32 -40.27
N MET C 1157 -62.00 21.25 -39.73
CA MET C 1157 -60.67 21.33 -39.16
C MET C 1157 -59.68 21.55 -40.28
N LEU C 1158 -59.88 20.87 -41.41
CA LEU C 1158 -59.01 21.11 -42.56
C LEU C 1158 -59.17 22.56 -42.97
N LYS C 1159 -60.41 23.05 -43.04
CA LYS C 1159 -60.66 24.42 -43.46
C LYS C 1159 -60.08 25.42 -42.50
N VAL C 1160 -59.91 24.94 -41.24
CA VAL C 1160 -59.31 25.76 -40.18
C VAL C 1160 -57.88 26.05 -40.49
N ALA C 1161 -57.19 25.05 -40.92
CA ALA C 1161 -55.79 25.15 -41.32
C ALA C 1161 -55.58 26.10 -42.49
N VAL C 1162 -56.13 25.78 -43.66
CA VAL C 1162 -55.99 26.65 -44.81
C VAL C 1162 -56.61 28.02 -44.56
N PHE C 1163 -57.70 28.05 -43.81
CA PHE C 1163 -58.40 29.31 -43.65
C PHE C 1163 -58.22 30.02 -42.33
N ARG C 1164 -57.00 30.11 -41.81
CA ARG C 1164 -56.73 30.89 -40.60
C ARG C 1164 -55.25 31.01 -40.43
N TYR C 1165 -54.56 29.88 -40.45
CA TYR C 1165 -53.13 29.93 -40.20
C TYR C 1165 -52.19 29.82 -41.42
N LEU C 1166 -52.74 29.77 -42.64
CA LEU C 1166 -51.89 29.72 -43.83
C LEU C 1166 -51.08 30.99 -43.96
N PHE C 1167 -51.65 32.14 -43.61
CA PHE C 1167 -50.91 33.41 -43.64
C PHE C 1167 -49.61 33.22 -42.95
N TRP C 1168 -49.65 32.43 -41.90
CA TRP C 1168 -48.47 32.23 -41.12
C TRP C 1168 -47.52 31.15 -41.59
N LEU C 1169 -48.01 30.09 -42.23
CA LEU C 1169 -47.08 29.11 -42.77
C LEU C 1169 -46.29 29.76 -43.89
N VAL C 1170 -46.88 30.70 -44.60
CA VAL C 1170 -46.12 31.41 -45.60
C VAL C 1170 -45.01 32.19 -44.93
N LEU C 1171 -45.29 32.84 -43.81
CA LEU C 1171 -44.23 33.56 -43.08
C LEU C 1171 -43.08 32.64 -42.71
N VAL C 1172 -43.37 31.40 -42.36
CA VAL C 1172 -42.32 30.43 -42.08
C VAL C 1172 -41.48 30.18 -43.33
N VAL C 1173 -42.14 29.93 -44.45
CA VAL C 1173 -41.42 29.71 -45.69
C VAL C 1173 -40.59 30.94 -46.03
N VAL C 1174 -41.17 32.13 -45.93
CA VAL C 1174 -40.41 33.36 -46.18
C VAL C 1174 -39.10 33.36 -45.38
N PHE C 1175 -39.17 33.04 -44.10
CA PHE C 1175 -37.95 32.97 -43.30
C PHE C 1175 -36.98 31.94 -43.82
N VAL C 1176 -37.45 30.71 -44.01
CA VAL C 1176 -36.54 29.65 -44.42
C VAL C 1176 -36.01 29.76 -45.86
N THR C 1177 -36.72 30.45 -46.75
CA THR C 1177 -36.18 30.63 -48.09
C THR C 1177 -34.94 31.47 -48.01
N GLY C 1178 -34.95 32.47 -47.13
CA GLY C 1178 -33.76 33.27 -46.94
C GLY C 1178 -32.67 32.43 -46.33
N ALA C 1179 -32.96 31.78 -45.20
CA ALA C 1179 -31.95 30.98 -44.51
C ALA C 1179 -31.21 30.02 -45.40
N THR C 1180 -31.93 29.21 -46.16
CA THR C 1180 -31.29 28.21 -47.01
C THR C 1180 -30.36 28.82 -48.05
N ARG C 1181 -30.87 29.71 -48.88
CA ARG C 1181 -30.05 30.31 -49.92
C ARG C 1181 -29.32 31.52 -49.40
N ILE C 1182 -28.12 31.31 -48.87
CA ILE C 1182 -27.34 32.42 -48.32
C ILE C 1182 -26.94 33.43 -49.39
N SER C 1183 -27.64 34.55 -49.44
CA SER C 1183 -27.35 35.58 -50.44
C SER C 1183 -27.79 36.93 -49.92
N ILE C 1184 -28.04 37.87 -50.81
CA ILE C 1184 -28.56 39.17 -50.38
C ILE C 1184 -30.06 39.09 -50.49
N PHE C 1185 -30.56 38.30 -51.43
CA PHE C 1185 -32.00 38.12 -51.57
C PHE C 1185 -32.49 37.41 -50.34
N GLY C 1186 -31.64 36.56 -49.79
CA GLY C 1186 -32.01 35.84 -48.60
C GLY C 1186 -32.15 36.73 -47.40
N LEU C 1187 -31.28 37.73 -47.28
CA LEU C 1187 -31.40 38.67 -46.18
C LEU C 1187 -32.73 39.39 -46.33
N GLY C 1188 -33.09 39.73 -47.56
CA GLY C 1188 -34.36 40.38 -47.79
C GLY C 1188 -35.53 39.50 -47.39
N TYR C 1189 -35.47 38.21 -47.71
CA TYR C 1189 -36.53 37.30 -47.26
C TYR C 1189 -36.62 37.27 -45.75
N LEU C 1190 -35.46 37.18 -45.10
CA LEU C 1190 -35.45 37.18 -43.65
C LEU C 1190 -36.16 38.42 -43.12
N LEU C 1191 -35.86 39.58 -43.71
CA LEU C 1191 -36.46 40.82 -43.26
C LEU C 1191 -37.96 40.81 -43.48
N ALA C 1192 -38.39 40.37 -44.64
CA ALA C 1192 -39.81 40.27 -44.94
C ALA C 1192 -40.52 39.42 -43.92
N CYS C 1193 -39.88 38.33 -43.50
CA CYS C 1193 -40.48 37.55 -42.43
C CYS C 1193 -40.55 38.35 -41.13
N PHE C 1194 -39.41 38.80 -40.62
CA PHE C 1194 -39.39 39.59 -39.38
C PHE C 1194 -40.51 40.60 -39.30
N TYR C 1195 -40.74 41.34 -40.37
CA TYR C 1195 -41.72 42.41 -40.45
C TYR C 1195 -43.12 41.83 -40.34
N LEU C 1196 -43.47 40.98 -41.29
CA LEU C 1196 -44.83 40.42 -41.31
C LEU C 1196 -45.09 39.46 -40.17
N LEU C 1197 -44.17 39.36 -39.23
CA LEU C 1197 -44.40 38.54 -38.07
C LEU C 1197 -44.80 39.54 -37.03
N LEU C 1198 -44.12 40.68 -37.02
CA LEU C 1198 -44.46 41.75 -36.09
C LEU C 1198 -45.75 42.35 -36.57
N PHE C 1199 -45.66 43.21 -37.58
CA PHE C 1199 -46.85 43.80 -38.16
C PHE C 1199 -47.43 42.75 -39.06
N GLY C 1200 -48.23 41.85 -38.51
CA GLY C 1200 -48.77 40.77 -39.31
C GLY C 1200 -50.14 40.38 -38.82
N THR C 1201 -50.31 40.26 -37.52
CA THR C 1201 -51.62 39.94 -36.96
C THR C 1201 -52.58 41.05 -37.32
N ALA C 1202 -52.05 42.27 -37.46
CA ALA C 1202 -52.89 43.37 -37.87
C ALA C 1202 -53.42 43.12 -39.27
N LEU C 1203 -52.52 42.88 -40.22
CA LEU C 1203 -52.97 42.71 -41.60
C LEU C 1203 -53.39 41.30 -41.94
N LEU C 1204 -53.68 40.50 -40.92
CA LEU C 1204 -54.19 39.16 -41.19
C LEU C 1204 -55.70 39.35 -41.17
N GLN C 1205 -56.15 40.37 -40.44
CA GLN C 1205 -57.59 40.63 -40.37
C GLN C 1205 -57.97 41.94 -41.06
N ARG C 1206 -56.96 42.70 -41.48
CA ARG C 1206 -57.25 43.93 -42.21
C ARG C 1206 -56.91 43.82 -43.69
N ASP C 1207 -56.17 42.78 -44.08
CA ASP C 1207 -55.86 42.56 -45.50
C ASP C 1207 -56.64 41.40 -46.08
N THR C 1208 -57.63 40.91 -45.32
CA THR C 1208 -58.44 39.78 -45.78
C THR C 1208 -59.08 40.10 -47.14
N ARG C 1209 -59.45 41.35 -47.36
CA ARG C 1209 -59.98 41.74 -48.66
C ARG C 1209 -59.67 43.20 -48.80
N ALA C 1210 -59.50 43.87 -47.67
CA ALA C 1210 -59.18 45.28 -47.67
C ALA C 1210 -57.74 45.50 -48.06
N ARG C 1211 -57.49 45.66 -49.36
CA ARG C 1211 -56.14 45.93 -49.83
C ARG C 1211 -55.07 44.97 -49.39
N LEU C 1212 -54.94 43.84 -50.06
CA LEU C 1212 -53.88 42.89 -49.76
C LEU C 1212 -52.64 43.29 -50.56
N VAL C 1213 -52.31 44.58 -50.56
CA VAL C 1213 -51.18 45.06 -51.30
C VAL C 1213 -49.87 44.71 -50.61
N LEU C 1214 -49.94 44.35 -49.33
CA LEU C 1214 -48.75 43.97 -48.61
C LEU C 1214 -48.39 42.58 -49.06
N TRP C 1215 -49.39 41.75 -49.24
CA TRP C 1215 -49.12 40.43 -49.73
C TRP C 1215 -48.68 40.50 -51.18
N ASP C 1216 -49.25 41.44 -51.92
CA ASP C 1216 -48.88 41.54 -53.31
C ASP C 1216 -47.48 42.09 -53.48
N CYS C 1217 -47.04 42.92 -52.55
CA CYS C 1217 -45.69 43.43 -52.61
C CYS C 1217 -44.70 42.35 -52.25
N LEU C 1218 -45.09 41.45 -51.35
CA LEU C 1218 -44.22 40.33 -51.01
C LEU C 1218 -44.16 39.39 -52.20
N ILE C 1219 -45.25 39.27 -52.93
CA ILE C 1219 -45.24 38.45 -54.14
C ILE C 1219 -44.26 39.06 -55.13
N LEU C 1220 -44.29 40.38 -55.28
CA LEU C 1220 -43.39 41.04 -56.21
C LEU C 1220 -41.94 40.89 -55.80
N TYR C 1221 -41.66 40.89 -54.51
CA TYR C 1221 -40.31 40.66 -54.06
C TYR C 1221 -39.85 39.29 -54.52
N ASN C 1222 -40.65 38.28 -54.25
CA ASN C 1222 -40.32 36.93 -54.66
C ASN C 1222 -40.09 36.86 -56.16
N VAL C 1223 -41.00 37.44 -56.95
CA VAL C 1223 -40.84 37.46 -58.39
C VAL C 1223 -39.50 38.05 -58.79
N THR C 1224 -39.18 39.24 -58.27
CA THR C 1224 -37.94 39.88 -58.65
C THR C 1224 -36.70 39.07 -58.28
N VAL C 1225 -36.74 38.36 -57.16
CA VAL C 1225 -35.63 37.50 -56.80
C VAL C 1225 -35.43 36.46 -57.88
N ILE C 1226 -36.49 35.76 -58.27
CA ILE C 1226 -36.40 34.74 -59.30
C ILE C 1226 -35.97 35.33 -60.64
N ILE C 1227 -36.53 36.49 -61.00
CA ILE C 1227 -36.20 37.10 -62.28
C ILE C 1227 -34.79 37.68 -62.34
N SER C 1228 -34.22 38.06 -61.19
CA SER C 1228 -32.85 38.58 -61.18
C SER C 1228 -31.88 37.42 -61.14
N LYS C 1229 -32.33 36.28 -60.63
CA LYS C 1229 -31.47 35.10 -60.63
C LYS C 1229 -31.46 34.51 -62.02
N ASN C 1230 -32.44 34.86 -62.85
CA ASN C 1230 -32.44 34.39 -64.24
C ASN C 1230 -31.30 35.09 -64.95
N MET C 1231 -31.14 36.39 -64.69
CA MET C 1231 -30.02 37.12 -65.28
C MET C 1231 -28.84 36.99 -64.34
N LEU C 1232 -28.24 35.82 -64.28
CA LEU C 1232 -27.13 35.58 -63.37
C LEU C 1232 -25.87 36.33 -63.76
N SER C 1233 -25.13 35.80 -64.72
CA SER C 1233 -23.88 36.42 -65.15
C SER C 1233 -23.87 36.57 -66.66
N ALA C 1283 -27.23 28.23 -53.90
CA ALA C 1283 -27.99 29.22 -54.67
C ALA C 1283 -28.91 28.56 -55.67
N GLY C 1284 -30.17 29.00 -55.72
CA GLY C 1284 -31.13 28.43 -56.65
C GLY C 1284 -32.52 29.01 -56.45
N ILE C 1285 -33.39 28.85 -57.43
CA ILE C 1285 -34.75 29.36 -57.32
C ILE C 1285 -35.70 28.36 -56.71
N ILE C 1286 -35.21 27.18 -56.36
CA ILE C 1286 -36.07 26.13 -55.83
C ILE C 1286 -36.84 26.64 -54.62
N TRP C 1287 -36.15 27.21 -53.65
CA TRP C 1287 -36.83 27.65 -52.45
C TRP C 1287 -37.69 28.86 -52.73
N ASP C 1288 -37.24 29.74 -53.62
CA ASP C 1288 -38.05 30.89 -53.98
C ASP C 1288 -39.33 30.48 -54.72
N SER C 1289 -39.33 29.33 -55.37
CA SER C 1289 -40.54 28.86 -56.02
C SER C 1289 -41.49 28.26 -55.00
N VAL C 1290 -40.96 27.64 -53.96
CA VAL C 1290 -41.83 27.14 -52.89
C VAL C 1290 -42.49 28.34 -52.27
N CYS C 1291 -41.71 29.40 -52.04
CA CYS C 1291 -42.28 30.61 -51.50
C CYS C 1291 -43.33 31.19 -52.40
N PHE C 1292 -43.06 31.25 -53.70
CA PHE C 1292 -44.06 31.75 -54.65
C PHE C 1292 -45.36 30.99 -54.53
N PHE C 1293 -45.30 29.66 -54.48
CA PHE C 1293 -46.50 28.85 -54.31
C PHE C 1293 -47.25 29.28 -53.07
N PHE C 1294 -46.58 29.32 -51.93
CA PHE C 1294 -47.25 29.67 -50.69
C PHE C 1294 -47.78 31.08 -50.70
N LEU C 1295 -47.02 32.03 -51.24
CA LEU C 1295 -47.47 33.40 -51.30
C LEU C 1295 -48.71 33.50 -52.16
N LEU C 1296 -48.69 32.85 -53.31
CA LEU C 1296 -49.85 32.87 -54.19
C LEU C 1296 -51.04 32.22 -53.51
N LEU C 1297 -50.80 31.12 -52.80
CA LEU C 1297 -51.88 30.45 -52.10
C LEU C 1297 -52.56 31.38 -51.11
N GLN C 1298 -51.79 32.03 -50.26
CA GLN C 1298 -52.38 32.92 -49.26
C GLN C 1298 -53.04 34.13 -49.90
N ARG C 1299 -52.41 34.74 -50.89
CA ARG C 1299 -53.02 35.88 -51.59
C ARG C 1299 -54.37 35.47 -52.07
N ARG C 1300 -54.45 34.26 -52.61
CA ARG C 1300 -55.71 33.76 -53.10
C ARG C 1300 -56.69 33.55 -51.95
N VAL C 1301 -56.26 32.87 -50.89
CA VAL C 1301 -57.21 32.57 -49.81
C VAL C 1301 -57.71 33.76 -49.03
N PHE C 1302 -57.27 34.97 -49.36
CA PHE C 1302 -57.81 36.17 -48.75
C PHE C 1302 -59.17 36.36 -49.41
N LEU C 1303 -60.14 35.54 -49.05
CA LEU C 1303 -61.45 35.60 -49.68
C LEU C 1303 -62.31 36.62 -49.01
N SER C 1304 -63.46 36.92 -49.60
CA SER C 1304 -64.39 37.82 -48.97
C SER C 1304 -65.50 36.94 -48.41
N HIS C 1305 -65.22 35.66 -48.23
CA HIS C 1305 -66.22 34.73 -47.73
C HIS C 1305 -65.64 33.86 -46.63
N TYR C 1306 -64.81 32.89 -46.99
CA TYR C 1306 -64.26 31.99 -46.00
C TYR C 1306 -63.28 32.71 -45.10
N TYR C 1307 -62.49 33.61 -45.67
CA TYR C 1307 -61.56 34.38 -44.86
C TYR C 1307 -62.28 35.52 -44.17
N LEU C 1308 -63.44 35.91 -44.68
CA LEU C 1308 -64.21 36.93 -44.00
C LEU C 1308 -64.70 36.37 -42.68
N HIS C 1309 -64.92 35.06 -42.63
CA HIS C 1309 -65.36 34.43 -41.39
C HIS C 1309 -64.32 34.58 -40.29
N VAL C 1310 -63.06 34.29 -40.62
CA VAL C 1310 -62.02 34.46 -39.64
C VAL C 1310 -61.67 35.92 -39.42
N ARG C 1311 -61.92 36.77 -40.40
CA ARG C 1311 -61.69 38.19 -40.21
C ARG C 1311 -62.56 38.60 -39.04
N ALA C 1312 -63.82 38.19 -39.05
CA ALA C 1312 -64.72 38.52 -37.96
C ALA C 1312 -64.20 38.02 -36.63
N ASP C 1313 -63.82 36.75 -36.56
CA ASP C 1313 -63.31 36.18 -35.32
C ASP C 1313 -62.20 37.01 -34.76
N LEU C 1314 -61.18 37.27 -35.56
CA LEU C 1314 -60.00 37.98 -35.06
C LEU C 1314 -60.16 39.48 -34.91
N GLN C 1315 -61.16 40.06 -35.57
CA GLN C 1315 -61.40 41.48 -35.39
C GLN C 1315 -61.95 41.69 -34.01
N ALA C 1316 -62.84 40.79 -33.61
CA ALA C 1316 -63.47 40.95 -32.31
C ALA C 1316 -62.72 40.27 -31.19
N THR C 1317 -61.60 39.63 -31.50
CA THR C 1317 -60.77 39.07 -30.44
C THR C 1317 -60.15 40.26 -29.76
N ALA C 1318 -59.75 41.24 -30.56
CA ALA C 1318 -59.16 42.45 -30.01
C ALA C 1318 -60.22 43.31 -29.33
N LEU C 1319 -61.47 43.17 -29.75
CA LEU C 1319 -62.54 43.92 -29.14
C LEU C 1319 -62.83 43.39 -27.74
N LEU C 1320 -62.65 42.09 -27.56
CA LEU C 1320 -62.90 41.48 -26.26
C LEU C 1320 -61.60 41.16 -25.54
N ALA C 1321 -60.52 41.87 -25.89
CA ALA C 1321 -59.25 41.65 -25.23
C ALA C 1321 -59.20 42.36 -23.91
N SER C 1322 -59.95 43.45 -23.78
CA SER C 1322 -60.02 44.16 -22.51
C SER C 1322 -60.80 43.32 -21.53
N ARG C 1323 -61.76 42.56 -22.04
CA ARG C 1323 -62.52 41.67 -21.17
C ARG C 1323 -61.65 40.51 -20.78
N GLY C 1324 -60.70 40.14 -21.64
CA GLY C 1324 -59.77 39.10 -21.29
C GLY C 1324 -58.87 39.56 -20.18
N PHE C 1325 -58.44 40.81 -20.22
CA PHE C 1325 -57.58 41.36 -19.18
C PHE C 1325 -58.35 41.45 -17.88
N ALA C 1326 -59.62 41.82 -17.96
CA ALA C 1326 -60.44 41.88 -16.77
C ALA C 1326 -60.56 40.52 -16.14
N LEU C 1327 -60.90 39.52 -16.95
CA LEU C 1327 -61.02 38.16 -16.45
C LEU C 1327 -59.72 37.69 -15.82
N TYR C 1328 -58.61 37.94 -16.50
CA TYR C 1328 -57.31 37.56 -15.97
C TYR C 1328 -57.06 38.19 -14.62
N ASN C 1329 -57.15 39.51 -14.55
CA ASN C 1329 -56.87 40.20 -13.30
C ASN C 1329 -57.75 39.70 -12.18
N ALA C 1330 -59.02 39.47 -12.46
CA ALA C 1330 -59.94 38.96 -11.45
C ALA C 1330 -59.44 37.63 -10.91
N ALA C 1331 -59.14 36.69 -11.80
CA ALA C 1331 -58.66 35.39 -11.38
C ALA C 1331 -57.38 35.47 -10.58
N ASN C 1332 -56.43 36.29 -11.02
CA ASN C 1332 -55.18 36.46 -10.30
C ASN C 1332 -55.44 37.01 -8.92
N LEU C 1333 -56.27 38.04 -8.83
CA LEU C 1333 -56.59 38.65 -7.54
C LEU C 1333 -57.24 37.64 -6.62
N LYS C 1334 -58.14 36.81 -7.15
CA LYS C 1334 -58.80 35.80 -6.34
C LYS C 1334 -57.78 34.86 -5.74
N SER C 1335 -56.84 34.40 -6.55
CA SER C 1335 -55.81 33.48 -6.06
C SER C 1335 -54.91 34.16 -5.05
N ILE C 1336 -54.58 35.42 -5.28
CA ILE C 1336 -53.72 36.14 -4.36
C ILE C 1336 -54.41 36.29 -3.03
N ASP C 1337 -55.71 36.58 -3.05
CA ASP C 1337 -56.46 36.73 -1.81
C ASP C 1337 -56.61 35.39 -1.11
N PHE C 1338 -56.68 34.31 -1.88
CA PHE C 1338 -56.75 32.98 -1.28
C PHE C 1338 -55.48 32.74 -0.49
N HIS C 1339 -54.34 33.05 -1.09
CA HIS C 1339 -53.07 32.85 -0.41
C HIS C 1339 -52.98 33.74 0.80
N ARG C 1340 -53.47 34.97 0.68
CA ARG C 1340 -53.45 35.88 1.81
C ARG C 1340 -54.28 35.32 2.94
N ARG C 1341 -55.44 34.74 2.64
CA ARG C 1341 -56.27 34.13 3.68
C ARG C 1341 -55.52 32.99 4.35
N ILE C 1342 -54.86 32.15 3.56
CA ILE C 1342 -54.09 31.04 4.12
C ILE C 1342 -53.04 31.56 5.08
N GLU C 1343 -52.31 32.59 4.67
CA GLU C 1343 -51.28 33.15 5.52
C GLU C 1343 -51.84 33.78 6.78
N GLU C 1344 -53.01 34.39 6.67
CA GLU C 1344 -53.65 34.98 7.84
C GLU C 1344 -53.99 33.89 8.82
N LYS C 1345 -54.54 32.79 8.33
CA LYS C 1345 -54.87 31.67 9.19
C LYS C 1345 -53.63 31.14 9.87
N SER C 1346 -52.55 31.00 9.12
CA SER C 1346 -51.31 30.48 9.68
C SER C 1346 -50.78 31.36 10.80
N LEU C 1347 -50.81 32.67 10.60
CA LEU C 1347 -50.32 33.57 11.63
C LEU C 1347 -51.22 33.50 12.87
N ALA C 1348 -52.51 33.34 12.66
CA ALA C 1348 -53.43 33.22 13.79
C ALA C 1348 -53.21 31.91 14.51
N GLN C 1349 -52.94 30.83 13.78
CA GLN C 1349 -52.65 29.55 14.42
C GLN C 1349 -51.42 29.71 15.27
N LEU C 1350 -50.39 30.35 14.72
CA LEU C 1350 -49.17 30.57 15.48
C LEU C 1350 -49.45 31.31 16.77
N LYS C 1351 -50.32 32.32 16.71
CA LYS C 1351 -50.66 33.07 17.92
C LYS C 1351 -51.42 32.22 18.92
N ARG C 1352 -52.37 31.42 18.46
CA ARG C 1352 -53.10 30.54 19.36
C ARG C 1352 -52.12 29.64 20.08
N GLN C 1353 -51.25 28.98 19.34
CA GLN C 1353 -50.28 28.08 19.94
C GLN C 1353 -49.35 28.83 20.88
N MET C 1354 -48.87 29.99 20.46
CA MET C 1354 -47.97 30.76 21.29
C MET C 1354 -48.62 31.07 22.63
N GLU C 1355 -49.93 31.34 22.62
CA GLU C 1355 -50.63 31.67 23.85
C GLU C 1355 -50.76 30.45 24.76
N ARG C 1356 -50.96 29.27 24.19
CA ARG C 1356 -51.02 28.07 25.01
C ARG C 1356 -49.68 27.86 25.69
N ILE C 1357 -48.59 27.97 24.91
CA ILE C 1357 -47.27 27.79 25.49
C ILE C 1357 -47.07 28.76 26.63
N ARG C 1358 -47.45 30.02 26.44
CA ARG C 1358 -47.25 31.02 27.48
C ARG C 1358 -48.13 30.78 28.69
N ALA C 1359 -49.38 30.41 28.46
CA ALA C 1359 -50.31 30.18 29.55
C ALA C 1359 -49.83 29.06 30.43
N LYS C 1360 -49.22 28.04 29.84
CA LYS C 1360 -48.69 26.96 30.64
C LYS C 1360 -47.52 27.48 31.43
N GLN C 1361 -46.56 28.10 30.74
CA GLN C 1361 -45.38 28.61 31.42
C GLN C 1361 -45.76 29.64 32.45
N GLU C 1362 -47.05 29.83 32.67
CA GLU C 1362 -47.50 30.77 33.69
C GLU C 1362 -48.27 30.01 34.75
N LYS C 1363 -48.82 28.87 34.37
CA LYS C 1363 -49.51 28.03 35.34
C LYS C 1363 -48.42 27.30 36.09
N HIS C 1364 -47.27 27.12 35.44
CA HIS C 1364 -46.16 26.46 36.09
C HIS C 1364 -45.34 27.48 36.85
N ARG C 1365 -45.40 28.74 36.41
CA ARG C 1365 -44.70 29.80 37.12
C ARG C 1365 -45.40 30.05 38.43
N GLN C 1366 -46.72 30.12 38.40
CA GLN C 1366 -47.48 30.31 39.62
C GLN C 1366 -47.34 29.05 40.47
N GLY C 1367 -47.24 27.89 39.82
CA GLY C 1367 -47.04 26.64 40.55
C GLY C 1367 -45.75 26.68 41.34
N ARG C 1368 -44.71 27.28 40.78
CA ARG C 1368 -43.44 27.41 41.50
C ARG C 1368 -43.67 28.27 42.74
N VAL C 1369 -44.34 29.40 42.57
CA VAL C 1369 -44.63 30.28 43.71
C VAL C 1369 -45.35 29.52 44.81
N ASP C 1370 -46.42 28.82 44.45
CA ASP C 1370 -47.17 28.05 45.44
C ASP C 1370 -46.29 27.08 46.20
N ASP C 1408 -30.79 33.56 34.89
CA ASP C 1408 -29.66 33.22 34.03
C ASP C 1408 -29.96 32.00 33.20
N HIS C 1409 -29.41 31.94 31.99
CA HIS C 1409 -29.64 30.80 31.10
C HIS C 1409 -29.38 29.48 31.80
N ALA C 1410 -28.23 29.36 32.45
CA ALA C 1410 -27.88 28.12 33.16
C ALA C 1410 -28.96 27.70 34.12
N THR C 1411 -29.36 28.56 35.04
CA THR C 1411 -30.35 28.19 36.03
C THR C 1411 -31.71 27.92 35.44
N VAL C 1412 -32.06 28.57 34.34
CA VAL C 1412 -33.38 28.39 33.76
C VAL C 1412 -33.47 27.17 32.87
N ILE C 1413 -32.32 26.64 32.42
CA ILE C 1413 -32.36 25.40 31.65
C ILE C 1413 -32.13 24.24 32.58
N HIS C 1414 -31.78 24.53 33.83
CA HIS C 1414 -31.61 23.48 34.82
C HIS C 1414 -32.63 23.70 35.92
N SER C 1415 -33.88 23.92 35.53
CA SER C 1415 -34.92 24.19 36.51
C SER C 1415 -36.04 23.18 36.43
N GLY C 1416 -35.96 22.27 35.47
CA GLY C 1416 -37.01 21.30 35.28
C GLY C 1416 -37.32 20.46 36.51
N ASP C 1417 -38.59 20.26 36.79
CA ASP C 1417 -38.97 19.40 37.89
C ASP C 1417 -40.15 18.54 37.53
N TYR C 1418 -40.62 17.72 38.46
CA TYR C 1418 -41.70 16.81 38.16
C TYR C 1418 -43.03 17.50 37.99
N PHE C 1419 -43.18 18.68 38.55
CA PHE C 1419 -44.44 19.39 38.48
C PHE C 1419 -44.84 19.80 37.08
N LEU C 1420 -43.86 19.97 36.19
CA LEU C 1420 -44.16 20.36 34.83
C LEU C 1420 -44.86 19.24 34.10
N PHE C 1421 -44.56 18.00 34.47
CA PHE C 1421 -45.12 16.87 33.75
C PHE C 1421 -46.38 16.32 34.34
N GLU C 1422 -46.97 17.04 35.29
CA GLU C 1422 -48.24 16.60 35.83
C GLU C 1422 -49.29 16.80 34.75
N SER C 1423 -50.32 15.98 34.75
CA SER C 1423 -51.32 16.06 33.68
C SER C 1423 -52.36 17.13 33.93
N ASP C 1424 -51.96 18.39 33.88
CA ASP C 1424 -52.89 19.48 34.12
C ASP C 1424 -53.52 19.91 32.82
N SER C 1425 -54.64 19.29 32.45
CA SER C 1425 -55.34 19.62 31.19
C SER C 1425 -54.40 19.89 30.02
N GLU C 1426 -53.58 18.91 29.67
CA GLU C 1426 -52.66 19.07 28.56
C GLU C 1426 -53.34 18.73 27.26
N GLU C 1427 -53.84 19.73 26.55
CA GLU C 1427 -54.53 19.49 25.29
C GLU C 1427 -53.61 19.76 24.11
N PHE C 1513 -52.83 -6.09 -23.17
CA PHE C 1513 -51.89 -5.96 -24.28
C PHE C 1513 -51.13 -4.65 -24.19
N LEU C 1514 -49.93 -4.62 -24.73
CA LEU C 1514 -49.13 -3.39 -24.73
C LEU C 1514 -49.87 -2.23 -25.38
N TRP C 1515 -50.54 -2.50 -26.49
CA TRP C 1515 -51.31 -1.46 -27.16
C TRP C 1515 -52.36 -0.90 -26.21
N MET C 1516 -53.18 -1.76 -25.64
CA MET C 1516 -54.23 -1.32 -24.72
C MET C 1516 -53.69 -0.46 -23.57
N LEU C 1517 -52.52 -0.82 -23.04
CA LEU C 1517 -51.93 -0.05 -21.96
C LEU C 1517 -51.61 1.35 -22.43
N GLY C 1518 -50.97 1.48 -23.59
CA GLY C 1518 -50.67 2.79 -24.14
C GLY C 1518 -51.90 3.64 -24.33
N GLN C 1519 -53.00 3.05 -24.79
CA GLN C 1519 -54.25 3.79 -24.95
C GLN C 1519 -54.70 4.40 -23.63
N ALA C 1520 -54.71 3.60 -22.58
CA ALA C 1520 -55.12 4.10 -21.27
C ALA C 1520 -54.20 5.23 -20.80
N LEU C 1521 -52.89 5.05 -20.98
CA LEU C 1521 -51.94 6.07 -20.59
C LEU C 1521 -52.10 7.36 -21.36
N VAL C 1522 -52.51 7.28 -22.63
CA VAL C 1522 -52.75 8.47 -23.42
C VAL C 1522 -53.89 9.24 -22.78
N ASP C 1523 -54.95 8.53 -22.40
CA ASP C 1523 -56.07 9.19 -21.75
C ASP C 1523 -55.68 9.76 -20.40
N GLU C 1524 -54.80 9.07 -19.68
CA GLU C 1524 -54.30 9.61 -18.43
C GLU C 1524 -53.58 10.91 -18.69
N LEU C 1525 -52.75 10.92 -19.73
CA LEU C 1525 -52.03 12.12 -20.10
C LEU C 1525 -52.96 13.28 -20.45
N THR C 1526 -54.00 13.02 -21.24
CA THR C 1526 -54.95 14.07 -21.56
C THR C 1526 -55.49 14.69 -20.28
N ARG C 1527 -55.91 13.86 -19.33
CA ARG C 1527 -56.42 14.36 -18.06
C ARG C 1527 -55.42 15.27 -17.38
N TRP C 1528 -54.17 14.82 -17.27
CA TRP C 1528 -53.15 15.61 -16.61
C TRP C 1528 -52.93 16.94 -17.30
N LEU C 1529 -52.92 16.92 -18.63
CA LEU C 1529 -52.72 18.14 -19.39
C LEU C 1529 -53.90 19.08 -19.23
N GLN C 1530 -55.10 18.51 -19.13
CA GLN C 1530 -56.30 19.32 -18.94
C GLN C 1530 -56.30 19.95 -17.55
N GLU C 1531 -55.73 19.25 -16.57
CA GLU C 1531 -55.64 19.80 -15.23
C GLU C 1531 -54.71 21.00 -15.23
N PHE C 1532 -53.69 20.96 -16.06
CA PHE C 1532 -52.72 22.05 -16.13
C PHE C 1532 -53.34 23.24 -16.82
N THR C 1533 -54.10 23.00 -17.88
CA THR C 1533 -54.68 24.09 -18.65
C THR C 1533 -56.03 24.53 -18.10
N ARG C 1534 -56.55 23.84 -17.09
CA ARG C 1534 -57.87 24.14 -16.54
C ARG C 1534 -58.28 25.61 -16.46
N HIS C 1535 -57.50 26.43 -15.75
CA HIS C 1535 -57.84 27.84 -15.61
C HIS C 1535 -57.97 28.52 -16.95
N HIS C 1536 -57.00 28.30 -17.83
CA HIS C 1536 -57.02 28.93 -19.15
C HIS C 1536 -58.18 28.39 -19.97
N GLY C 1537 -58.49 27.10 -19.82
CA GLY C 1537 -59.60 26.52 -20.54
C GLY C 1537 -60.92 27.17 -20.18
N THR C 1538 -61.13 27.45 -18.89
CA THR C 1538 -62.36 28.11 -18.46
C THR C 1538 -62.36 29.57 -18.83
N MET C 1539 -61.19 30.17 -18.99
CA MET C 1539 -61.11 31.55 -19.42
C MET C 1539 -61.37 31.61 -20.91
N SER C 1540 -61.23 30.47 -21.59
CA SER C 1540 -61.50 30.42 -23.01
C SER C 1540 -62.89 29.86 -23.24
N ASP C 1541 -63.71 29.81 -22.21
CA ASP C 1541 -65.08 29.35 -22.36
C ASP C 1541 -65.98 30.51 -22.08
N VAL C 1542 -65.46 31.47 -21.33
CA VAL C 1542 -66.24 32.67 -21.06
C VAL C 1542 -65.85 33.72 -22.08
N LEU C 1543 -64.85 33.42 -22.88
CA LEU C 1543 -64.40 34.37 -23.89
C LEU C 1543 -64.26 33.72 -25.24
N ARG C 1544 -63.40 32.71 -25.34
CA ARG C 1544 -63.13 32.10 -26.65
C ARG C 1544 -64.22 31.18 -27.17
N ALA C 1545 -65.14 30.75 -26.31
CA ALA C 1545 -66.24 29.96 -26.80
C ALA C 1545 -67.09 30.91 -27.63
N GLU C 1546 -67.21 32.15 -27.18
CA GLU C 1546 -67.94 33.15 -27.95
C GLU C 1546 -66.98 34.00 -28.78
N ARG C 1547 -65.78 33.49 -29.06
CA ARG C 1547 -64.83 34.21 -29.89
C ARG C 1547 -64.41 33.42 -31.10
N TYR C 1548 -63.34 32.64 -30.96
CA TYR C 1548 -62.84 31.87 -32.09
C TYR C 1548 -63.88 30.83 -32.52
N LEU C 1549 -64.06 30.68 -33.82
CA LEU C 1549 -65.08 29.74 -34.32
C LEU C 1549 -64.63 29.04 -35.58
N LEU C 1550 -64.59 29.78 -36.69
CA LEU C 1550 -64.23 29.19 -37.98
C LEU C 1550 -64.90 27.85 -38.25
N THR C 1551 -66.21 27.86 -38.45
CA THR C 1551 -66.94 26.64 -38.77
C THR C 1551 -68.02 27.06 -39.72
N GLN C 1552 -68.45 28.31 -39.61
CA GLN C 1552 -69.48 28.83 -40.48
C GLN C 1552 -69.04 28.72 -41.93
N GLU C 1553 -69.82 28.01 -42.74
CA GLU C 1553 -69.42 27.79 -44.13
C GLU C 1553 -70.14 28.65 -45.14
N LEU C 1554 -70.38 28.11 -46.33
CA LEU C 1554 -71.11 28.83 -47.38
C LEU C 1554 -70.59 30.21 -47.71
N LEU C 1555 -71.48 31.19 -47.80
CA LEU C 1555 -71.09 32.53 -48.21
C LEU C 1555 -70.52 33.37 -47.08
N GLN C 1556 -71.17 34.49 -46.79
CA GLN C 1556 -70.69 35.39 -45.74
C GLN C 1556 -71.47 35.19 -44.46
N GLY C 1557 -71.35 36.14 -43.53
CA GLY C 1557 -72.09 36.06 -42.29
C GLY C 1557 -73.23 37.05 -42.26
N GLY C 1558 -74.44 36.58 -42.01
CA GLY C 1558 -75.59 37.47 -41.98
C GLY C 1558 -75.61 38.34 -40.75
N GLU C 1559 -75.90 37.76 -39.58
CA GLU C 1559 -75.84 38.53 -38.34
C GLU C 1559 -74.40 38.49 -37.89
N VAL C 1560 -73.59 39.41 -38.40
CA VAL C 1560 -72.15 39.39 -38.09
C VAL C 1560 -71.79 39.24 -36.63
N HIS C 1561 -72.14 40.20 -35.79
CA HIS C 1561 -71.73 40.16 -34.40
C HIS C 1561 -72.57 39.23 -33.54
N ARG C 1562 -73.82 39.04 -33.92
CA ARG C 1562 -74.70 38.16 -33.16
C ARG C 1562 -74.30 36.70 -33.36
N GLY C 1563 -73.61 36.41 -34.46
CA GLY C 1563 -73.18 35.06 -34.72
C GLY C 1563 -71.87 34.68 -34.04
N VAL C 1564 -71.31 35.57 -33.22
CA VAL C 1564 -70.09 35.25 -32.50
C VAL C 1564 -70.10 35.64 -31.03
N LEU C 1565 -69.94 36.93 -30.73
CA LEU C 1565 -69.85 37.35 -29.34
C LEU C 1565 -71.10 37.07 -28.53
N ASP C 1566 -72.26 37.14 -29.16
CA ASP C 1566 -73.49 36.84 -28.47
C ASP C 1566 -74.02 35.49 -28.92
N GLN C 1567 -73.27 34.43 -28.65
CA GLN C 1567 -73.68 33.10 -29.13
C GLN C 1567 -73.89 32.08 -28.03
N LEU C 1568 -74.17 30.83 -28.41
CA LEU C 1568 -74.41 29.75 -27.45
C LEU C 1568 -75.26 30.18 -26.27
N ALA C 1645 -66.66 35.40 -11.22
CA ALA C 1645 -66.31 36.04 -12.48
C ALA C 1645 -65.48 35.11 -13.34
N SER C 1646 -64.61 34.33 -12.70
CA SER C 1646 -63.79 33.38 -13.44
C SER C 1646 -64.68 32.35 -14.10
N GLU C 1647 -65.50 31.68 -13.31
CA GLU C 1647 -66.43 30.70 -13.87
C GLU C 1647 -67.81 31.33 -13.93
N LEU C 1648 -68.20 31.78 -15.11
CA LEU C 1648 -69.50 32.41 -15.26
C LEU C 1648 -70.57 31.39 -15.57
N LEU C 1649 -71.82 31.80 -15.46
CA LEU C 1649 -72.92 30.88 -15.71
C LEU C 1649 -73.56 31.15 -17.06
N LEU C 1650 -74.88 31.00 -17.15
CA LEU C 1650 -75.58 31.26 -18.41
C LEU C 1650 -76.04 32.71 -18.48
N ASP C 1651 -75.18 33.64 -18.08
CA ASP C 1651 -75.52 35.05 -18.13
C ASP C 1651 -75.82 35.48 -19.55
N ARG C 1652 -75.03 34.97 -20.49
CA ARG C 1652 -75.25 35.31 -21.89
C ARG C 1652 -76.34 34.44 -22.49
N ARG C 1653 -75.96 33.24 -22.93
CA ARG C 1653 -76.93 32.35 -23.55
C ARG C 1653 -76.79 30.94 -23.03
N LEU C 1654 -77.53 30.00 -23.61
CA LEU C 1654 -77.44 28.61 -23.19
C LEU C 1654 -76.55 27.82 -24.10
N ARG C 1655 -77.14 27.14 -25.08
CA ARG C 1655 -76.38 26.35 -26.03
C ARG C 1655 -77.14 26.36 -27.33
N ILE C 1656 -77.85 27.45 -27.60
CA ILE C 1656 -78.72 27.50 -28.79
C ILE C 1656 -78.07 27.08 -30.13
N PRO C 1657 -76.95 27.71 -30.55
CA PRO C 1657 -76.34 27.18 -31.77
C PRO C 1657 -75.36 26.07 -31.47
N GLU C 1658 -75.78 25.03 -30.77
CA GLU C 1658 -74.92 23.88 -30.44
C GLU C 1658 -73.62 24.18 -29.74
N LEU C 1659 -73.63 24.12 -28.41
CA LEU C 1659 -72.39 24.31 -27.67
C LEU C 1659 -71.45 23.19 -28.04
N GLU C 1660 -72.00 21.99 -28.17
CA GLU C 1660 -71.17 20.83 -28.50
C GLU C 1660 -70.87 20.69 -29.97
N GLU C 1661 -71.03 21.75 -30.76
CA GLU C 1661 -70.65 21.68 -32.15
C GLU C 1661 -69.16 21.47 -32.18
N ALA C 1662 -68.45 22.24 -31.37
CA ALA C 1662 -67.01 22.08 -31.27
C ALA C 1662 -66.69 20.75 -30.62
N GLU C 1663 -67.42 20.41 -29.56
CA GLU C 1663 -67.14 19.19 -28.82
C GLU C 1663 -67.57 17.92 -29.53
N LEU C 1664 -68.11 18.03 -30.73
CA LEU C 1664 -68.52 16.87 -31.50
C LEU C 1664 -67.31 16.08 -31.91
N PHE C 1665 -66.57 16.60 -32.87
CA PHE C 1665 -65.39 15.90 -33.37
C PHE C 1665 -64.28 15.88 -32.33
N ALA C 1666 -64.26 16.89 -31.45
CA ALA C 1666 -63.25 16.94 -30.42
C ALA C 1666 -63.31 15.72 -29.53
N GLU C 1667 -64.51 15.42 -29.02
CA GLU C 1667 -64.66 14.25 -28.16
C GLU C 1667 -64.82 13.00 -29.01
N GLY C 1668 -65.15 13.18 -30.28
CA GLY C 1668 -65.27 12.04 -31.18
C GLY C 1668 -63.94 11.31 -31.20
N GLN C 1669 -62.86 12.05 -31.38
CA GLN C 1669 -61.55 11.43 -31.32
C GLN C 1669 -60.92 11.75 -29.99
N GLY C 1670 -61.36 11.04 -28.94
CA GLY C 1670 -60.80 11.25 -27.62
C GLY C 1670 -59.43 10.63 -27.49
N ARG C 1671 -59.06 9.80 -28.45
CA ARG C 1671 -57.74 9.21 -28.45
C ARG C 1671 -56.96 9.91 -29.53
N ALA C 1672 -55.62 9.86 -29.47
CA ALA C 1672 -54.75 10.50 -30.47
C ALA C 1672 -54.95 12.00 -30.69
N LEU C 1673 -55.93 12.39 -31.51
CA LEU C 1673 -56.23 13.80 -31.73
C LEU C 1673 -56.32 14.59 -30.43
N ARG C 1674 -57.07 14.08 -29.46
CA ARG C 1674 -57.25 14.79 -28.22
C ARG C 1674 -55.98 14.93 -27.40
N LEU C 1675 -55.05 14.00 -27.55
CA LEU C 1675 -53.76 14.13 -26.87
C LEU C 1675 -53.09 15.39 -27.38
N LEU C 1676 -53.02 15.55 -28.70
CA LEU C 1676 -52.40 16.73 -29.28
C LEU C 1676 -53.19 18.00 -28.98
N ARG C 1677 -54.50 17.87 -28.84
CA ARG C 1677 -55.32 19.03 -28.50
C ARG C 1677 -54.97 19.48 -27.10
N ALA C 1678 -54.80 18.53 -26.20
CA ALA C 1678 -54.44 18.86 -24.84
C ALA C 1678 -53.05 19.46 -24.79
N VAL C 1679 -52.13 18.91 -25.59
CA VAL C 1679 -50.78 19.46 -25.64
C VAL C 1679 -50.82 20.93 -26.04
N TYR C 1680 -51.58 21.26 -27.09
CA TYR C 1680 -51.64 22.64 -27.54
C TYR C 1680 -52.20 23.54 -26.45
N GLN C 1681 -53.26 23.11 -25.79
CA GLN C 1681 -53.85 23.93 -24.75
C GLN C 1681 -52.86 24.21 -23.64
N CYS C 1682 -52.04 23.23 -23.30
CA CYS C 1682 -51.02 23.43 -22.29
C CYS C 1682 -50.04 24.50 -22.72
N VAL C 1683 -49.52 24.40 -23.94
CA VAL C 1683 -48.52 25.36 -24.40
C VAL C 1683 -49.11 26.72 -24.72
N ALA C 1684 -50.42 26.80 -24.87
CA ALA C 1684 -51.05 28.09 -25.09
C ALA C 1684 -51.18 28.76 -23.75
N ALA C 1685 -51.48 27.97 -22.73
CA ALA C 1685 -51.58 28.51 -21.38
C ALA C 1685 -50.21 28.91 -20.89
N HIS C 1686 -49.27 27.99 -20.95
CA HIS C 1686 -47.92 28.25 -20.46
C HIS C 1686 -46.99 28.57 -21.60
N SER C 1687 -47.27 29.67 -22.30
CA SER C 1687 -46.44 30.07 -23.41
C SER C 1687 -45.25 30.83 -22.89
N GLU C 1688 -45.40 31.49 -21.75
CA GLU C 1688 -44.30 32.20 -21.14
C GLU C 1688 -43.23 31.21 -20.79
N LEU C 1689 -43.63 30.08 -20.21
CA LEU C 1689 -42.67 29.09 -19.80
C LEU C 1689 -42.04 28.42 -21.01
N LEU C 1690 -42.80 28.29 -22.09
CA LEU C 1690 -42.25 27.70 -23.31
C LEU C 1690 -41.13 28.59 -23.83
N CYS C 1691 -41.35 29.91 -23.85
CA CYS C 1691 -40.32 30.83 -24.30
C CYS C 1691 -39.06 30.65 -23.47
N TYR C 1692 -39.20 30.60 -22.16
CA TYR C 1692 -38.04 30.46 -21.29
C TYR C 1692 -37.27 29.19 -21.60
N PHE C 1693 -37.99 28.10 -21.77
CA PHE C 1693 -37.34 26.84 -22.09
C PHE C 1693 -36.53 26.96 -23.38
N ILE C 1694 -37.13 27.51 -24.42
CA ILE C 1694 -36.43 27.63 -25.69
C ILE C 1694 -35.17 28.48 -25.55
N ILE C 1695 -35.23 29.59 -24.84
CA ILE C 1695 -34.05 30.45 -24.75
C ILE C 1695 -32.89 29.81 -24.00
N ILE C 1696 -33.16 29.00 -22.98
CA ILE C 1696 -32.07 28.32 -22.29
C ILE C 1696 -31.62 27.09 -23.05
N LEU C 1697 -32.46 26.60 -23.95
CA LEU C 1697 -32.06 25.47 -24.78
C LEU C 1697 -31.23 25.99 -25.93
N ASN C 1698 -31.39 27.26 -26.26
CA ASN C 1698 -30.56 27.83 -27.30
C ASN C 1698 -29.18 28.00 -26.72
N HIS C 1699 -29.08 28.32 -25.43
CA HIS C 1699 -27.77 28.40 -24.81
C HIS C 1699 -27.15 27.04 -24.57
N MET C 1700 -27.92 25.98 -24.73
CA MET C 1700 -27.36 24.65 -24.58
C MET C 1700 -26.93 24.10 -25.92
N VAL C 1701 -27.41 24.69 -27.01
CA VAL C 1701 -26.97 24.26 -28.33
C VAL C 1701 -25.93 25.20 -28.96
N THR C 1702 -25.95 26.48 -28.58
CA THR C 1702 -24.95 27.42 -29.08
C THR C 1702 -24.40 28.20 -27.90
N ALA C 1703 -23.27 28.87 -28.05
CA ALA C 1703 -22.67 29.55 -26.90
C ALA C 1703 -22.12 30.94 -27.15
N SER C 1704 -21.32 31.45 -26.22
CA SER C 1704 -20.71 32.80 -26.32
C SER C 1704 -21.68 33.97 -26.44
N ALA C 1705 -21.52 34.80 -27.46
CA ALA C 1705 -22.42 35.94 -27.65
C ALA C 1705 -23.79 35.42 -28.03
N GLY C 1706 -23.84 34.27 -28.69
CA GLY C 1706 -25.12 33.66 -28.99
C GLY C 1706 -25.62 33.26 -27.63
N SER C 1707 -26.86 33.63 -27.30
CA SER C 1707 -27.40 33.38 -25.96
C SER C 1707 -26.54 34.12 -24.94
N LEU C 1708 -26.51 33.64 -23.70
CA LEU C 1708 -25.79 34.33 -22.62
C LEU C 1708 -26.09 35.82 -22.50
N VAL C 1709 -27.21 36.27 -23.06
CA VAL C 1709 -27.61 37.66 -22.97
C VAL C 1709 -29.06 37.47 -22.63
N LEU C 1710 -29.76 36.72 -23.47
CA LEU C 1710 -31.15 36.42 -23.17
C LEU C 1710 -31.34 35.47 -22.00
N PRO C 1711 -30.55 34.37 -21.90
CA PRO C 1711 -30.72 33.57 -20.68
C PRO C 1711 -30.45 34.36 -19.41
N VAL C 1712 -29.43 35.19 -19.42
CA VAL C 1712 -29.16 36.03 -18.26
C VAL C 1712 -30.37 36.91 -17.98
N LEU C 1713 -30.90 37.54 -19.00
CA LEU C 1713 -32.06 38.41 -18.83
C LEU C 1713 -33.33 37.66 -18.42
N VAL C 1714 -33.45 36.40 -18.80
CA VAL C 1714 -34.60 35.63 -18.37
C VAL C 1714 -34.53 35.46 -16.88
N PHE C 1715 -33.36 35.09 -16.38
CA PHE C 1715 -33.19 34.87 -14.95
C PHE C 1715 -33.20 36.14 -14.13
N LEU C 1716 -32.70 37.24 -14.68
CA LEU C 1716 -32.57 38.46 -13.88
C LEU C 1716 -33.61 39.56 -14.12
N TRP C 1717 -34.36 39.46 -15.19
CA TRP C 1717 -35.34 40.51 -15.50
C TRP C 1717 -36.72 39.92 -15.58
N ALA C 1718 -36.92 38.95 -16.46
CA ALA C 1718 -38.25 38.40 -16.65
C ALA C 1718 -38.78 37.72 -15.42
N MET C 1719 -38.00 36.80 -14.88
CA MET C 1719 -38.49 36.04 -13.73
C MET C 1719 -38.38 36.82 -12.43
N LEU C 1720 -37.68 37.94 -12.46
CA LEU C 1720 -37.60 38.77 -11.27
C LEU C 1720 -38.36 40.04 -11.58
N SER C 1721 -39.67 39.93 -11.72
CA SER C 1721 -40.46 41.10 -12.09
C SER C 1721 -41.83 41.13 -11.45
N ILE C 1722 -42.53 42.24 -11.62
CA ILE C 1722 -43.89 42.34 -11.13
C ILE C 1722 -44.67 41.39 -11.99
N PRO C 1723 -45.46 40.49 -11.39
CA PRO C 1723 -46.17 39.45 -12.16
C PRO C 1723 -45.65 39.11 -13.55
N ARG C 1724 -46.40 39.48 -14.59
CA ARG C 1724 -45.98 39.18 -15.95
C ARG C 1724 -44.80 40.04 -16.31
N PRO C 1725 -43.68 39.44 -16.76
CA PRO C 1725 -42.44 40.16 -17.09
C PRO C 1725 -42.60 41.62 -17.41
N SER C 1726 -42.96 41.96 -18.66
CA SER C 1726 -43.21 43.35 -19.05
C SER C 1726 -43.67 43.30 -20.48
N LYS C 1727 -43.26 44.28 -21.28
CA LYS C 1727 -43.59 44.27 -22.68
C LYS C 1727 -42.24 44.50 -23.29
N ARG C 1728 -41.44 45.30 -22.61
CA ARG C 1728 -40.11 45.59 -23.09
C ARG C 1728 -39.24 44.35 -23.06
N PHE C 1729 -39.41 43.47 -22.08
CA PHE C 1729 -38.63 42.24 -22.10
C PHE C 1729 -38.92 41.47 -23.36
N TRP C 1730 -40.19 41.25 -23.64
CA TRP C 1730 -40.54 40.44 -24.79
C TRP C 1730 -40.09 41.12 -26.06
N MET C 1731 -40.19 42.44 -26.11
CA MET C 1731 -39.73 43.15 -27.28
C MET C 1731 -38.22 43.00 -27.46
N THR C 1732 -37.45 43.19 -26.39
CA THR C 1732 -36.01 43.04 -26.49
C THR C 1732 -35.60 41.61 -26.82
N ALA C 1733 -36.38 40.64 -26.36
CA ALA C 1733 -36.09 39.26 -26.71
C ALA C 1733 -36.24 39.06 -28.19
N ILE C 1734 -37.37 39.49 -28.73
CA ILE C 1734 -37.60 39.37 -30.17
C ILE C 1734 -36.51 40.12 -30.92
N VAL C 1735 -36.22 41.36 -30.52
CA VAL C 1735 -35.20 42.14 -31.18
C VAL C 1735 -33.82 41.47 -31.16
N PHE C 1736 -33.37 41.01 -30.00
CA PHE C 1736 -32.08 40.35 -29.92
C PHE C 1736 -32.03 39.12 -30.80
N THR C 1737 -33.09 38.31 -30.76
CA THR C 1737 -33.10 37.09 -31.56
C THR C 1737 -33.05 37.43 -33.05
N GLU C 1738 -33.74 38.48 -33.46
CA GLU C 1738 -33.71 38.88 -34.86
C GLU C 1738 -32.32 39.37 -35.22
N ILE C 1739 -31.74 40.23 -34.40
CA ILE C 1739 -30.40 40.73 -34.65
C ILE C 1739 -29.42 39.57 -34.76
N ALA C 1740 -29.49 38.64 -33.82
CA ALA C 1740 -28.61 37.48 -33.86
C ALA C 1740 -28.76 36.73 -35.15
N VAL C 1741 -30.00 36.52 -35.60
CA VAL C 1741 -30.23 35.83 -36.86
C VAL C 1741 -29.58 36.60 -38.00
N VAL C 1742 -29.83 37.91 -38.07
CA VAL C 1742 -29.26 38.73 -39.13
C VAL C 1742 -27.74 38.66 -39.15
N VAL C 1743 -27.09 38.81 -38.00
CA VAL C 1743 -25.63 38.82 -38.00
C VAL C 1743 -25.02 37.44 -38.20
N LYS C 1744 -25.75 36.38 -37.87
CA LYS C 1744 -25.25 35.05 -38.13
C LYS C 1744 -25.44 34.75 -39.61
N TYR C 1745 -26.40 35.43 -40.24
CA TYR C 1745 -26.60 35.27 -41.67
C TYR C 1745 -25.52 36.02 -42.39
N LEU C 1746 -25.07 37.13 -41.81
CA LEU C 1746 -23.97 37.88 -42.42
C LEU C 1746 -22.64 37.26 -42.03
N PHE C 1747 -22.67 36.14 -41.32
CA PHE C 1747 -21.46 35.43 -40.93
C PHE C 1747 -20.37 36.35 -40.37
N THR C 1779 -18.30 32.84 -37.07
CA THR C 1779 -19.31 31.81 -37.20
C THR C 1779 -19.66 31.58 -38.65
N ASP C 1780 -19.66 30.32 -39.10
CA ASP C 1780 -20.08 30.01 -40.45
C ASP C 1780 -20.97 28.80 -40.43
N GLY C 1781 -21.85 28.66 -41.42
CA GLY C 1781 -22.80 27.57 -41.42
C GLY C 1781 -23.68 27.75 -40.21
N TYR C 1782 -24.27 28.94 -40.06
CA TYR C 1782 -25.07 29.23 -38.86
C TYR C 1782 -26.26 28.32 -38.64
N ILE C 1783 -26.53 28.02 -37.38
CA ILE C 1783 -27.68 27.19 -37.07
C ILE C 1783 -28.87 28.07 -36.77
N LYS C 1784 -30.06 27.54 -36.96
CA LYS C 1784 -31.24 28.33 -36.71
C LYS C 1784 -32.15 27.74 -35.65
N TYR C 1785 -31.74 27.87 -34.39
CA TYR C 1785 -32.60 27.44 -33.29
C TYR C 1785 -33.26 28.73 -32.91
N ASP C 1786 -32.85 29.81 -33.57
CA ASP C 1786 -33.45 31.10 -33.33
C ASP C 1786 -34.71 31.23 -34.16
N LEU C 1787 -35.00 30.23 -34.99
CA LEU C 1787 -36.25 30.25 -35.72
C LEU C 1787 -37.30 29.87 -34.72
N VAL C 1788 -37.13 28.72 -34.09
CA VAL C 1788 -38.08 28.27 -33.09
C VAL C 1788 -38.13 29.23 -31.90
N GLN C 1789 -37.08 30.00 -31.67
CA GLN C 1789 -37.09 30.99 -30.61
C GLN C 1789 -37.97 32.14 -31.00
N LEU C 1790 -37.70 32.75 -32.15
CA LEU C 1790 -38.46 33.91 -32.58
C LEU C 1790 -39.93 33.58 -32.71
N MET C 1791 -40.23 32.41 -33.24
CA MET C 1791 -41.61 32.04 -33.44
C MET C 1791 -42.35 31.71 -32.16
N ALA C 1792 -41.64 31.23 -31.14
CA ALA C 1792 -42.28 30.99 -29.86
C ALA C 1792 -42.49 32.31 -29.14
N LEU C 1793 -41.57 33.25 -29.35
CA LEU C 1793 -41.68 34.55 -28.71
C LEU C 1793 -42.75 35.38 -29.36
N PHE C 1794 -43.12 35.04 -30.59
CA PHE C 1794 -44.20 35.75 -31.27
C PHE C 1794 -45.51 35.03 -31.00
N PHE C 1795 -45.43 33.78 -30.56
CA PHE C 1795 -46.65 33.05 -30.22
C PHE C 1795 -47.10 33.58 -28.88
N HIS C 1796 -46.18 33.75 -27.95
CA HIS C 1796 -46.54 34.28 -26.65
C HIS C 1796 -47.08 35.67 -26.79
N ARG C 1797 -46.50 36.47 -27.67
CA ARG C 1797 -47.02 37.80 -27.93
C ARG C 1797 -48.48 37.73 -28.34
N SER C 1798 -48.82 36.78 -29.21
CA SER C 1798 -50.21 36.63 -29.63
C SER C 1798 -51.10 36.19 -28.48
N GLN C 1799 -50.60 35.31 -27.62
CA GLN C 1799 -51.38 34.87 -26.47
C GLN C 1799 -51.66 36.02 -25.51
N LEU C 1800 -50.68 36.89 -25.31
CA LEU C 1800 -50.86 38.01 -24.39
C LEU C 1800 -51.57 39.18 -25.05
N LEU C 1801 -51.67 39.18 -26.36
CA LEU C 1801 -52.43 40.22 -27.04
C LEU C 1801 -53.89 39.91 -26.88
N CYS C 1802 -54.23 38.63 -26.95
CA CYS C 1802 -55.62 38.22 -26.78
C CYS C 1802 -56.03 38.32 -25.32
N TYR C 1803 -55.07 38.22 -24.41
CA TYR C 1803 -55.34 38.32 -22.97
C TYR C 1803 -56.50 37.45 -22.52
N ARG C 1940 -30.22 55.40 -13.66
CA ARG C 1940 -30.56 55.06 -12.28
C ARG C 1940 -32.04 55.09 -11.78
N PRO C 1941 -33.05 55.26 -12.66
CA PRO C 1941 -34.39 55.28 -12.05
C PRO C 1941 -35.18 53.99 -12.24
N LEU C 1942 -35.31 53.53 -13.47
CA LEU C 1942 -36.09 52.32 -13.76
C LEU C 1942 -35.57 51.12 -13.01
N ARG C 1943 -34.25 50.97 -12.96
CA ARG C 1943 -33.64 49.87 -12.23
C ARG C 1943 -34.03 49.93 -10.76
N ARG C 1944 -33.99 51.13 -10.19
CA ARG C 1944 -34.36 51.30 -8.79
C ARG C 1944 -35.80 50.89 -8.57
N PHE C 1945 -36.68 51.24 -9.49
CA PHE C 1945 -38.09 50.88 -9.37
C PHE C 1945 -38.25 49.37 -9.43
N PHE C 1946 -37.52 48.71 -10.31
CA PHE C 1946 -37.59 47.25 -10.41
C PHE C 1946 -37.20 46.64 -9.08
N HIS C 1947 -36.09 47.09 -8.52
CA HIS C 1947 -35.62 46.52 -7.27
C HIS C 1947 -36.55 46.83 -6.12
N ASP C 1948 -37.12 48.02 -6.10
CA ASP C 1948 -38.07 48.36 -5.06
C ASP C 1948 -39.25 47.43 -5.12
N ILE C 1949 -39.75 47.18 -6.32
CA ILE C 1949 -40.94 46.33 -6.46
C ILE C 1949 -40.59 44.84 -6.35
N LEU C 1950 -39.32 44.51 -6.18
CA LEU C 1950 -38.95 43.12 -5.98
C LEU C 1950 -38.70 42.90 -4.51
N HIS C 1951 -38.60 44.00 -3.76
CA HIS C 1951 -38.35 43.90 -2.33
C HIS C 1951 -39.59 44.24 -1.53
N THR C 1952 -40.09 45.46 -1.68
CA THR C 1952 -41.27 45.87 -0.93
C THR C 1952 -42.53 45.19 -1.44
N LYS C 1953 -42.85 45.35 -2.72
CA LYS C 1953 -44.04 44.73 -3.34
C LYS C 1953 -45.34 44.52 -2.56
N TYR C 1954 -46.08 43.47 -2.92
CA TYR C 1954 -47.34 43.14 -2.24
C TYR C 1954 -47.72 41.75 -2.69
N ARG C 1955 -46.77 40.81 -2.68
CA ARG C 1955 -47.05 39.47 -3.19
C ARG C 1955 -47.40 38.45 -2.13
N ALA C 1956 -47.42 37.16 -2.50
CA ALA C 1956 -47.81 36.11 -1.56
C ALA C 1956 -46.66 35.59 -0.71
N ALA C 1957 -46.54 34.26 -0.63
CA ALA C 1957 -45.47 33.67 0.18
C ALA C 1957 -45.43 32.17 0.00
N THR C 1958 -44.31 31.67 -0.53
CA THR C 1958 -44.16 30.24 -0.76
C THR C 1958 -42.83 29.75 -0.23
N ASP C 1959 -42.73 28.47 0.04
CA ASP C 1959 -41.47 27.91 0.49
C ASP C 1959 -41.00 26.91 -0.53
N VAL C 1960 -40.15 27.35 -1.45
CA VAL C 1960 -39.65 26.46 -2.47
C VAL C 1960 -38.19 26.11 -2.21
N TYR C 1961 -37.76 26.21 -0.96
CA TYR C 1961 -36.39 25.85 -0.63
C TYR C 1961 -36.15 24.36 -0.84
N ALA C 1962 -37.11 23.54 -0.45
CA ALA C 1962 -36.99 22.11 -0.64
C ALA C 1962 -36.61 21.81 -2.07
N LEU C 1963 -37.35 22.38 -3.02
CA LEU C 1963 -37.09 22.11 -4.42
C LEU C 1963 -35.79 22.73 -4.91
N MET C 1964 -35.43 23.91 -4.42
CA MET C 1964 -34.16 24.52 -4.79
C MET C 1964 -33.02 23.64 -4.33
N PHE C 1965 -33.12 23.12 -3.13
CA PHE C 1965 -32.05 22.29 -2.60
C PHE C 1965 -31.98 20.97 -3.36
N LEU C 1966 -33.13 20.44 -3.74
CA LEU C 1966 -33.13 19.21 -4.50
C LEU C 1966 -32.48 19.42 -5.85
N ALA C 1967 -32.70 20.57 -6.47
CA ALA C 1967 -32.05 20.86 -7.74
C ALA C 1967 -30.55 20.90 -7.55
N ASP C 1968 -30.10 21.54 -6.47
CA ASP C 1968 -28.68 21.60 -6.19
C ASP C 1968 -28.09 20.26 -5.82
N VAL C 1969 -28.89 19.37 -5.24
CA VAL C 1969 -28.40 18.03 -4.92
C VAL C 1969 -28.19 17.29 -6.22
N VAL C 1970 -29.14 17.38 -7.14
CA VAL C 1970 -28.96 16.74 -8.45
C VAL C 1970 -27.72 17.30 -9.12
N ASP C 1971 -27.54 18.61 -9.06
CA ASP C 1971 -26.36 19.22 -9.65
C ASP C 1971 -25.09 18.64 -9.04
N PHE C 1972 -25.03 18.58 -7.72
CA PHE C 1972 -23.89 18.00 -7.05
C PHE C 1972 -23.67 16.59 -7.55
N ILE C 1973 -24.72 15.78 -7.56
CA ILE C 1973 -24.61 14.40 -8.00
C ILE C 1973 -23.98 14.31 -9.39
N ILE C 1974 -24.47 15.07 -10.35
CA ILE C 1974 -23.94 14.93 -11.71
C ILE C 1974 -22.53 15.49 -11.85
N ILE C 1975 -22.14 16.43 -10.99
CA ILE C 1975 -20.76 16.91 -11.05
C ILE C 1975 -19.86 15.87 -10.41
N ILE C 1976 -20.29 15.27 -9.32
CA ILE C 1976 -19.50 14.20 -8.71
C ILE C 1976 -19.34 13.09 -9.73
N PHE C 1977 -20.44 12.64 -10.33
CA PHE C 1977 -20.38 11.59 -11.33
C PHE C 1977 -19.52 12.05 -12.51
N GLY C 1978 -19.58 13.33 -12.83
CA GLY C 1978 -18.80 13.85 -13.93
C GLY C 1978 -17.39 14.23 -13.56
N PHE C 1979 -16.62 13.29 -13.01
CA PHE C 1979 -15.22 13.59 -12.72
C PHE C 1979 -14.54 13.76 -14.06
N TRP C 1980 -14.95 12.96 -15.05
CA TRP C 1980 -14.40 13.10 -16.39
C TRP C 1980 -14.66 14.49 -16.95
N GLN C 1999 -6.15 18.61 -15.59
CA GLN C 1999 -6.95 19.84 -15.57
C GLN C 1999 -8.39 19.52 -15.24
N VAL C 2000 -8.93 18.47 -15.85
CA VAL C 2000 -10.30 18.06 -15.53
C VAL C 2000 -10.57 17.69 -14.07
N PRO C 2001 -9.66 16.91 -13.43
CA PRO C 2001 -9.94 16.68 -12.00
C PRO C 2001 -9.98 17.98 -11.23
N GLU C 2002 -9.02 18.87 -11.47
CA GLU C 2002 -9.01 20.16 -10.79
C GLU C 2002 -10.29 20.94 -11.02
N ALA C 2003 -10.79 20.94 -12.25
CA ALA C 2003 -12.02 21.66 -12.57
C ALA C 2003 -13.20 21.06 -11.81
N PHE C 2004 -13.29 19.75 -11.79
CA PHE C 2004 -14.40 19.09 -11.12
C PHE C 2004 -14.32 19.30 -9.61
N LEU C 2005 -13.11 19.42 -9.09
CA LEU C 2005 -12.93 19.66 -7.66
C LEU C 2005 -13.31 21.09 -7.30
N VAL C 2006 -13.04 22.03 -8.19
CA VAL C 2006 -13.45 23.41 -7.93
C VAL C 2006 -14.96 23.51 -8.00
N MET C 2007 -15.57 22.79 -8.94
CA MET C 2007 -17.02 22.82 -9.08
C MET C 2007 -17.66 22.18 -7.86
N LEU C 2008 -16.98 21.22 -7.25
CA LEU C 2008 -17.50 20.59 -6.04
C LEU C 2008 -17.53 21.64 -4.96
N LEU C 2009 -16.39 22.22 -4.65
CA LEU C 2009 -16.33 23.25 -3.62
C LEU C 2009 -17.39 24.28 -3.90
N ILE C 2010 -17.65 24.56 -5.16
CA ILE C 2010 -18.62 25.61 -5.50
C ILE C 2010 -20.04 25.18 -5.15
N GLN C 2011 -20.53 24.09 -5.74
CA GLN C 2011 -21.85 23.62 -5.39
C GLN C 2011 -22.02 23.68 -3.89
N PHE C 2012 -21.02 23.20 -3.16
CA PHE C 2012 -21.15 23.16 -1.70
C PHE C 2012 -21.28 24.54 -1.11
N SER C 2013 -20.37 25.44 -1.45
CA SER C 2013 -20.42 26.78 -0.89
C SER C 2013 -21.74 27.46 -1.20
N THR C 2014 -22.26 27.27 -2.41
CA THR C 2014 -23.48 27.95 -2.79
C THR C 2014 -24.67 27.40 -2.01
N MET C 2015 -24.69 26.09 -1.78
CA MET C 2015 -25.75 25.50 -0.99
C MET C 2015 -25.73 26.03 0.44
N VAL C 2016 -24.54 26.23 0.99
CA VAL C 2016 -24.42 26.76 2.34
C VAL C 2016 -24.95 28.19 2.39
N VAL C 2017 -24.58 29.00 1.41
CA VAL C 2017 -25.06 30.38 1.37
C VAL C 2017 -26.57 30.39 1.22
N ASP C 2018 -27.11 29.51 0.39
CA ASP C 2018 -28.55 29.44 0.23
C ASP C 2018 -29.23 29.15 1.56
N ARG C 2019 -28.71 28.19 2.32
CA ARG C 2019 -29.28 27.86 3.62
C ARG C 2019 -29.28 29.06 4.52
N ALA C 2020 -28.18 29.82 4.50
CA ALA C 2020 -28.10 31.01 5.32
C ALA C 2020 -29.22 31.96 5.01
N LEU C 2021 -29.40 32.31 3.74
CA LEU C 2021 -30.42 33.27 3.37
C LEU C 2021 -31.83 32.77 3.62
N TYR C 2022 -32.02 31.46 3.57
CA TYR C 2022 -33.32 30.89 3.83
C TYR C 2022 -33.64 30.99 5.30
N LEU C 2023 -32.68 30.63 6.14
CA LEU C 2023 -32.91 30.64 7.58
C LEU C 2023 -32.96 32.06 8.12
N ARG C 2024 -32.35 33.00 7.41
CA ARG C 2024 -32.38 34.39 7.84
C ARG C 2024 -33.47 35.12 7.09
N LYS C 2025 -34.24 34.42 6.27
CA LYS C 2025 -35.33 35.02 5.51
C LYS C 2025 -34.97 36.33 4.83
N THR C 2026 -33.91 36.33 4.04
CA THR C 2026 -33.46 37.55 3.40
C THR C 2026 -33.80 37.59 1.93
N VAL C 2027 -34.77 38.40 1.55
CA VAL C 2027 -35.14 38.53 0.15
C VAL C 2027 -34.10 39.34 -0.57
N LEU C 2028 -33.55 40.34 0.09
CA LEU C 2028 -32.51 41.16 -0.51
C LEU C 2028 -31.25 40.36 -0.68
N GLY C 2029 -30.97 39.50 0.29
CA GLY C 2029 -29.80 38.65 0.20
C GLY C 2029 -29.94 37.65 -0.92
N LYS C 2030 -31.15 37.11 -1.08
CA LYS C 2030 -31.38 36.16 -2.15
C LYS C 2030 -31.28 36.87 -3.50
N LEU C 2031 -31.75 38.11 -3.57
CA LEU C 2031 -31.62 38.87 -4.81
C LEU C 2031 -30.17 38.97 -5.17
N ALA C 2032 -29.36 39.44 -4.24
CA ALA C 2032 -27.93 39.60 -4.49
C ALA C 2032 -27.30 38.29 -4.90
N PHE C 2033 -27.57 37.23 -4.16
CA PHE C 2033 -27.01 35.93 -4.47
C PHE C 2033 -27.40 35.50 -5.87
N GLN C 2034 -28.68 35.58 -6.19
CA GLN C 2034 -29.15 35.20 -7.52
C GLN C 2034 -28.40 35.97 -8.58
N VAL C 2035 -28.35 37.30 -8.48
CA VAL C 2035 -27.67 38.11 -9.48
C VAL C 2035 -26.25 37.63 -9.67
N ALA C 2036 -25.50 37.57 -8.57
CA ALA C 2036 -24.11 37.12 -8.64
C ALA C 2036 -24.00 35.74 -9.26
N LEU C 2037 -24.77 34.79 -8.75
CA LEU C 2037 -24.66 33.43 -9.23
C LEU C 2037 -25.01 33.30 -10.72
N VAL C 2038 -26.05 33.97 -11.17
CA VAL C 2038 -26.42 33.92 -12.58
C VAL C 2038 -25.22 34.34 -13.40
N LEU C 2039 -24.68 35.53 -13.13
CA LEU C 2039 -23.55 36.01 -13.89
C LEU C 2039 -22.35 35.09 -13.81
N ALA C 2040 -22.03 34.61 -12.60
CA ALA C 2040 -20.85 33.78 -12.42
C ALA C 2040 -20.94 32.43 -13.11
N ILE C 2041 -22.11 31.81 -13.07
CA ILE C 2041 -22.29 30.50 -13.69
C ILE C 2041 -22.24 30.67 -15.19
N HIS C 2042 -22.79 31.77 -15.68
CA HIS C 2042 -22.75 32.04 -17.11
C HIS C 2042 -21.35 32.41 -17.57
N LEU C 2043 -20.51 32.93 -16.67
CA LEU C 2043 -19.14 33.25 -17.02
C LEU C 2043 -18.30 32.01 -16.94
N TRP C 2044 -18.75 31.02 -16.18
CA TRP C 2044 -18.03 29.76 -16.10
C TRP C 2044 -18.23 28.96 -17.36
N MET C 2045 -19.19 29.35 -18.19
CA MET C 2045 -19.37 28.69 -19.48
C MET C 2045 -18.23 29.12 -20.39
N PHE C 2046 -17.63 30.27 -20.11
CA PHE C 2046 -16.48 30.73 -20.89
C PHE C 2046 -15.20 30.04 -20.44
N PHE C 2047 -15.17 29.55 -19.20
CA PHE C 2047 -14.01 28.83 -18.71
C PHE C 2047 -14.21 27.34 -18.93
N ILE C 2048 -14.56 26.94 -20.14
CA ILE C 2048 -14.76 25.54 -20.45
C ILE C 2048 -13.44 24.79 -20.43
N LEU C 2049 -12.36 25.48 -20.80
CA LEU C 2049 -11.03 24.87 -20.79
C LEU C 2049 -10.69 24.34 -19.40
N PRO C 2050 -10.45 23.03 -19.29
CA PRO C 2050 -10.21 22.45 -17.97
C PRO C 2050 -8.72 22.42 -17.63
N ASN C 2060 -20.22 19.16 -23.89
CA ASN C 2060 -20.23 18.13 -22.87
C ASN C 2060 -21.63 17.91 -22.34
N VAL C 2061 -22.12 16.67 -22.45
CA VAL C 2061 -23.47 16.37 -21.98
C VAL C 2061 -23.61 16.59 -20.49
N VAL C 2062 -22.60 16.23 -19.72
CA VAL C 2062 -22.65 16.45 -18.28
C VAL C 2062 -22.80 17.93 -17.98
N ALA C 2063 -22.04 18.77 -18.67
CA ALA C 2063 -22.12 20.20 -18.42
C ALA C 2063 -23.43 20.79 -18.91
N GLN C 2064 -23.98 20.23 -19.98
CA GLN C 2064 -25.26 20.71 -20.48
C GLN C 2064 -26.33 20.41 -19.45
N LEU C 2065 -26.26 19.22 -18.86
CA LEU C 2065 -27.23 18.86 -17.83
C LEU C 2065 -27.02 19.68 -16.57
N TRP C 2066 -25.77 19.94 -16.22
CA TRP C 2066 -25.51 20.78 -15.06
C TRP C 2066 -26.10 22.16 -15.28
N TYR C 2067 -25.96 22.70 -16.48
CA TYR C 2067 -26.54 24.00 -16.78
C TYR C 2067 -28.04 23.91 -16.65
N PHE C 2068 -28.64 22.88 -17.24
CA PHE C 2068 -30.09 22.72 -17.19
C PHE C 2068 -30.63 22.67 -15.77
N VAL C 2069 -30.03 21.87 -14.90
CA VAL C 2069 -30.56 21.75 -13.55
C VAL C 2069 -30.28 23.02 -12.77
N LYS C 2070 -29.19 23.70 -13.07
CA LYS C 2070 -28.93 24.97 -12.42
C LYS C 2070 -29.93 26.01 -12.91
N CYS C 2071 -30.42 25.87 -14.13
CA CYS C 2071 -31.45 26.79 -14.62
C CYS C 2071 -32.72 26.60 -13.83
N ILE C 2072 -33.06 25.36 -13.51
CA ILE C 2072 -34.23 25.10 -12.70
C ILE C 2072 -34.04 25.71 -11.32
N TYR C 2073 -32.84 25.58 -10.75
CA TYR C 2073 -32.56 26.22 -9.48
C TYR C 2073 -32.74 27.72 -9.56
N PHE C 2074 -32.29 28.34 -10.65
CA PHE C 2074 -32.41 29.78 -10.81
C PHE C 2074 -33.86 30.19 -10.97
N ALA C 2075 -34.67 29.32 -11.57
CA ALA C 2075 -36.07 29.62 -11.75
C ALA C 2075 -36.84 29.54 -10.46
N LEU C 2076 -36.53 28.54 -9.63
CA LEU C 2076 -37.21 28.39 -8.36
C LEU C 2076 -36.68 29.41 -7.37
N SER C 2077 -35.44 29.84 -7.54
CA SER C 2077 -34.87 30.85 -6.68
C SER C 2077 -35.49 32.18 -7.01
N ALA C 2078 -35.65 32.47 -8.29
CA ALA C 2078 -36.27 33.70 -8.71
C ALA C 2078 -37.67 33.75 -8.15
N TYR C 2079 -38.34 32.61 -8.12
CA TYR C 2079 -39.68 32.56 -7.57
C TYR C 2079 -39.68 32.97 -6.10
N GLN C 2080 -38.77 32.41 -5.31
CA GLN C 2080 -38.67 32.78 -3.90
C GLN C 2080 -38.54 34.28 -3.71
N ILE C 2081 -37.69 34.93 -4.51
CA ILE C 2081 -37.48 36.35 -4.36
C ILE C 2081 -38.74 37.13 -4.72
N ARG C 2082 -39.38 36.77 -5.84
CA ARG C 2082 -40.56 37.51 -6.26
C ARG C 2082 -41.83 37.16 -5.50
N CYS C 2083 -41.78 36.13 -4.66
CA CYS C 2083 -42.94 35.80 -3.86
C CYS C 2083 -42.73 36.32 -2.46
N GLY C 2084 -41.67 35.86 -1.80
CA GLY C 2084 -41.37 36.29 -0.46
C GLY C 2084 -41.07 35.09 0.39
N TYR C 2085 -40.71 35.31 1.65
CA TYR C 2085 -40.43 34.21 2.56
C TYR C 2085 -41.59 34.06 3.52
N PRO C 2086 -42.08 32.83 3.70
CA PRO C 2086 -43.23 32.62 4.58
C PRO C 2086 -42.82 32.66 6.05
N THR C 2087 -43.74 32.98 6.94
CA THR C 2087 -43.41 33.11 8.36
C THR C 2087 -42.89 31.82 8.98
N ARG C 2088 -43.57 30.70 8.70
CA ARG C 2088 -43.14 29.43 9.24
C ARG C 2088 -42.12 28.75 8.34
N ILE C 2089 -40.84 28.95 8.62
CA ILE C 2089 -39.80 28.37 7.77
C ILE C 2089 -39.17 27.15 8.40
N LEU C 2090 -39.26 27.03 9.72
CA LEU C 2090 -38.64 25.91 10.41
C LEU C 2090 -39.44 24.63 10.28
N GLY C 2091 -38.77 23.49 10.35
CA GLY C 2091 -39.46 22.22 10.26
C GLY C 2091 -38.93 21.36 9.13
N ASN C 2092 -38.49 20.15 9.44
CA ASN C 2092 -37.91 19.29 8.42
C ASN C 2092 -38.94 18.87 7.40
N PHE C 2093 -38.60 18.97 6.12
CA PHE C 2093 -39.51 18.59 5.06
C PHE C 2093 -40.04 17.19 5.19
N LEU C 2094 -39.17 16.24 5.49
CA LEU C 2094 -39.60 14.84 5.56
C LEU C 2094 -40.21 14.43 6.89
N THR C 2095 -40.48 15.38 7.77
CA THR C 2095 -41.13 15.05 9.03
C THR C 2095 -42.51 15.67 9.11
N LYS C 2096 -43.07 16.02 7.96
CA LYS C 2096 -44.37 16.67 7.96
C LYS C 2096 -45.46 15.65 8.16
N LYS C 2097 -45.43 14.60 7.36
CA LYS C 2097 -46.42 13.54 7.51
C LYS C 2097 -45.77 12.39 8.22
N TYR C 2098 -46.56 11.47 8.75
CA TYR C 2098 -46.02 10.36 9.51
C TYR C 2098 -46.38 9.04 8.84
N ASN C 2099 -45.95 8.85 7.60
CA ASN C 2099 -46.30 7.64 6.88
C ASN C 2099 -45.15 6.68 6.82
N HIS C 2100 -45.01 6.00 5.68
CA HIS C 2100 -43.92 5.05 5.51
C HIS C 2100 -42.89 5.67 4.60
N LEU C 2101 -43.35 6.43 3.61
CA LEU C 2101 -42.44 7.08 2.70
C LEU C 2101 -41.63 8.11 3.46
N ASN C 2102 -42.29 8.92 4.28
CA ASN C 2102 -41.57 9.88 5.09
C ASN C 2102 -40.52 9.17 5.93
N LEU C 2103 -40.90 8.05 6.54
CA LEU C 2103 -39.97 7.26 7.35
C LEU C 2103 -38.75 6.89 6.55
N PHE C 2104 -38.95 6.28 5.39
CA PHE C 2104 -37.82 5.81 4.61
C PHE C 2104 -36.93 6.95 4.13
N LEU C 2105 -37.53 8.02 3.66
CA LEU C 2105 -36.77 9.16 3.20
C LEU C 2105 -35.94 9.77 4.32
N PHE C 2106 -36.53 9.90 5.51
CA PHE C 2106 -35.82 10.50 6.62
C PHE C 2106 -34.62 9.67 7.00
N GLN C 2107 -34.82 8.37 7.07
CA GLN C 2107 -33.73 7.47 7.43
C GLN C 2107 -32.64 7.53 6.38
N GLY C 2108 -33.01 7.66 5.12
CA GLY C 2108 -32.02 7.79 4.07
C GLY C 2108 -31.22 9.07 4.20
N PHE C 2109 -31.87 10.15 4.60
CA PHE C 2109 -31.19 11.43 4.79
C PHE C 2109 -30.18 11.25 5.92
N ARG C 2110 -30.57 10.51 6.96
CA ARG C 2110 -29.67 10.28 8.08
C ARG C 2110 -28.52 9.36 7.70
N LEU C 2111 -28.69 8.57 6.65
CA LEU C 2111 -27.63 7.68 6.21
C LEU C 2111 -26.61 8.35 5.31
N VAL C 2112 -26.95 9.49 4.73
CA VAL C 2112 -25.99 10.25 3.93
C VAL C 2112 -24.87 10.68 4.86
N PRO C 2113 -23.62 10.32 4.55
CA PRO C 2113 -22.47 10.62 5.42
C PRO C 2113 -22.55 11.83 6.34
N PHE C 2114 -22.58 13.04 5.81
CA PHE C 2114 -22.54 14.20 6.70
C PHE C 2114 -23.70 15.16 6.60
N LEU C 2115 -24.78 14.78 5.95
CA LEU C 2115 -25.88 15.71 5.78
C LEU C 2115 -26.51 16.08 7.11
N VAL C 2116 -26.81 15.09 7.93
CA VAL C 2116 -27.43 15.33 9.22
C VAL C 2116 -26.67 16.34 10.05
N GLU C 2117 -25.39 16.12 10.24
CA GLU C 2117 -24.59 17.01 11.07
C GLU C 2117 -24.44 18.39 10.46
N LEU C 2118 -24.26 18.47 9.15
CA LEU C 2118 -24.15 19.76 8.50
C LEU C 2118 -25.41 20.56 8.70
N ARG C 2119 -26.56 19.93 8.49
CA ARG C 2119 -27.83 20.60 8.68
C ARG C 2119 -27.90 21.18 10.07
N ALA C 2120 -27.60 20.38 11.09
CA ALA C 2120 -27.68 20.86 12.46
C ALA C 2120 -26.80 22.06 12.71
N VAL C 2121 -25.49 21.93 12.48
CA VAL C 2121 -24.57 23.02 12.75
C VAL C 2121 -25.00 24.26 11.98
N MET C 2122 -25.19 24.12 10.68
CA MET C 2122 -25.60 25.25 9.84
C MET C 2122 -26.80 25.96 10.41
N ASP C 2123 -27.90 25.22 10.59
CA ASP C 2123 -29.11 25.83 11.13
C ASP C 2123 -28.84 26.57 12.42
N TRP C 2124 -28.09 25.96 13.33
CA TRP C 2124 -27.78 26.60 14.60
C TRP C 2124 -27.17 27.98 14.40
N VAL C 2125 -26.19 28.06 13.50
CA VAL C 2125 -25.48 29.32 13.24
C VAL C 2125 -26.36 30.45 12.74
N TRP C 2126 -27.35 30.13 11.91
CA TRP C 2126 -28.28 31.15 11.45
C TRP C 2126 -29.48 31.38 12.37
N THR C 2127 -30.22 30.32 12.68
CA THR C 2127 -31.39 30.45 13.56
C THR C 2127 -31.02 31.11 14.88
N ASP C 2128 -31.88 31.97 15.38
CA ASP C 2128 -31.62 32.62 16.65
C ASP C 2128 -31.95 31.69 17.79
N THR C 2129 -30.95 31.24 18.53
CA THR C 2129 -31.17 30.33 19.64
C THR C 2129 -30.52 30.86 20.89
N THR C 2130 -30.88 30.31 22.04
CA THR C 2130 -30.21 30.69 23.28
C THR C 2130 -29.29 29.56 23.63
N LEU C 2131 -29.53 28.40 23.05
CA LEU C 2131 -28.75 27.22 23.39
C LEU C 2131 -27.46 27.08 22.62
N SER C 2132 -26.53 26.30 23.15
CA SER C 2132 -25.26 26.08 22.47
C SER C 2132 -25.39 24.94 21.49
N LEU C 2133 -24.31 24.63 20.80
CA LEU C 2133 -24.36 23.56 19.80
C LEU C 2133 -24.69 22.23 20.46
N SER C 2134 -24.07 21.95 21.60
CA SER C 2134 -24.36 20.72 22.31
C SER C 2134 -25.85 20.58 22.53
N SER C 2135 -26.48 21.59 23.10
CA SER C 2135 -27.90 21.51 23.39
C SER C 2135 -28.78 21.57 22.15
N TRP C 2136 -28.33 22.24 21.09
CA TRP C 2136 -29.09 22.26 19.86
C TRP C 2136 -29.10 20.86 19.30
N MET C 2137 -27.94 20.20 19.33
CA MET C 2137 -27.87 18.86 18.83
C MET C 2137 -28.70 17.91 19.66
N CYS C 2138 -28.82 18.16 20.95
CA CYS C 2138 -29.68 17.32 21.78
C CYS C 2138 -31.11 17.38 21.29
N VAL C 2139 -31.66 18.58 21.08
CA VAL C 2139 -33.05 18.65 20.67
C VAL C 2139 -33.26 18.09 19.28
N GLU C 2140 -32.23 18.13 18.44
CA GLU C 2140 -32.34 17.55 17.12
C GLU C 2140 -32.35 16.03 17.20
N ASP C 2141 -31.49 15.46 18.03
CA ASP C 2141 -31.49 14.03 18.19
C ASP C 2141 -32.82 13.56 18.75
N ILE C 2142 -33.29 14.19 19.81
CA ILE C 2142 -34.54 13.79 20.42
C ILE C 2142 -35.61 13.81 19.34
N TYR C 2143 -35.73 14.91 18.62
CA TYR C 2143 -36.77 15.02 17.60
C TYR C 2143 -36.65 13.94 16.55
N ALA C 2144 -35.45 13.68 16.07
CA ALA C 2144 -35.27 12.67 15.04
C ALA C 2144 -35.77 11.33 15.53
N ASN C 2145 -35.30 10.91 16.69
CA ASN C 2145 -35.73 9.63 17.24
C ASN C 2145 -37.24 9.62 17.45
N ILE C 2146 -37.78 10.69 18.02
CA ILE C 2146 -39.22 10.73 18.28
C ILE C 2146 -40.00 10.62 16.97
N PHE C 2147 -39.57 11.28 15.91
CA PHE C 2147 -40.24 11.15 14.63
C PHE C 2147 -40.24 9.71 14.16
N ILE C 2148 -39.08 9.06 14.16
CA ILE C 2148 -38.99 7.70 13.68
C ILE C 2148 -39.96 6.80 14.46
N ILE C 2149 -39.99 6.96 15.79
CA ILE C 2149 -40.94 6.21 16.60
C ILE C 2149 -42.38 6.51 16.19
N LYS C 2150 -42.71 7.79 16.04
CA LYS C 2150 -44.07 8.17 15.64
C LYS C 2150 -44.49 7.55 14.32
N CYS C 2151 -43.63 7.59 13.32
CA CYS C 2151 -43.96 6.97 12.05
C CYS C 2151 -44.28 5.50 12.23
N SER C 2152 -43.46 4.79 13.00
CA SER C 2152 -43.72 3.38 13.25
C SER C 2152 -45.02 3.16 14.01
N ARG C 2153 -45.33 4.02 14.98
CA ARG C 2153 -46.55 3.89 15.74
C ARG C 2153 -47.72 4.10 14.82
N GLU C 2154 -47.62 5.11 13.95
CA GLU C 2154 -48.71 5.43 13.06
C GLU C 2154 -48.98 4.29 12.09
N THR C 2155 -47.92 3.71 11.55
CA THR C 2155 -48.09 2.61 10.61
C THR C 2155 -48.66 1.38 11.31
N GLU C 2156 -48.36 1.19 12.58
CA GLU C 2156 -48.96 0.07 13.28
C GLU C 2156 -50.42 0.31 13.58
N LYS C 2157 -50.84 1.57 13.66
CA LYS C 2157 -52.26 1.84 13.85
C LYS C 2157 -52.97 1.70 12.53
N LYS C 2158 -52.30 2.08 11.45
CA LYS C 2158 -52.90 1.98 10.13
C LYS C 2158 -53.06 0.53 9.74
N TYR C 2159 -51.98 -0.24 9.88
CA TYR C 2159 -52.03 -1.65 9.52
C TYR C 2159 -51.69 -2.50 10.73
N PRO C 2160 -52.69 -2.86 11.54
CA PRO C 2160 -52.42 -3.62 12.76
C PRO C 2160 -52.05 -5.06 12.51
N GLN C 2161 -51.22 -5.63 13.36
CA GLN C 2161 -50.83 -7.03 13.21
C GLN C 2161 -51.51 -7.87 14.28
N PRO C 2162 -52.27 -8.89 13.85
CA PRO C 2162 -53.01 -9.71 14.81
C PRO C 2162 -52.18 -10.10 16.01
N LYS C 2163 -52.82 -10.35 17.15
CA LYS C 2163 -52.10 -10.72 18.36
C LYS C 2163 -51.63 -12.15 18.29
N GLY C 2164 -50.32 -12.35 18.26
CA GLY C 2164 -49.77 -13.70 18.22
C GLY C 2164 -49.86 -14.31 16.85
N GLN C 2165 -49.32 -13.62 15.86
CA GLN C 2165 -49.38 -14.12 14.49
C GLN C 2165 -47.99 -14.37 13.94
N LYS C 2166 -47.30 -15.36 14.50
CA LYS C 2166 -45.94 -15.71 14.04
C LYS C 2166 -45.12 -14.50 13.69
N LYS C 2167 -44.58 -14.46 12.48
CA LYS C 2167 -43.80 -13.33 12.03
C LYS C 2167 -43.69 -13.45 10.53
N LYS C 2168 -44.53 -14.29 9.92
CA LYS C 2168 -44.53 -14.51 8.45
C LYS C 2168 -43.25 -15.11 7.91
N LYS C 2169 -43.25 -16.41 7.66
CA LYS C 2169 -42.06 -17.10 7.17
C LYS C 2169 -41.25 -16.38 6.14
N ILE C 2170 -41.92 -15.79 5.15
CA ILE C 2170 -41.22 -15.09 4.09
C ILE C 2170 -40.43 -13.87 4.57
N VAL C 2171 -41.05 -13.05 5.40
CA VAL C 2171 -40.35 -11.90 5.94
C VAL C 2171 -39.06 -12.36 6.58
N LYS C 2172 -39.15 -13.38 7.43
CA LYS C 2172 -37.97 -13.88 8.12
C LYS C 2172 -36.94 -14.34 7.13
N TYR C 2173 -37.35 -15.13 6.17
CA TYR C 2173 -36.40 -15.69 5.20
C TYR C 2173 -35.67 -14.58 4.46
N GLY C 2174 -36.39 -13.52 4.11
CA GLY C 2174 -35.78 -12.42 3.39
C GLY C 2174 -34.72 -11.71 4.19
N MET C 2175 -35.11 -11.10 5.31
CA MET C 2175 -34.17 -10.35 6.12
C MET C 2175 -33.00 -11.22 6.54
N GLY C 2176 -33.30 -12.37 7.13
CA GLY C 2176 -32.25 -13.27 7.55
C GLY C 2176 -31.31 -13.61 6.42
N GLY C 2177 -31.85 -13.99 5.27
CA GLY C 2177 -31.03 -14.31 4.12
C GLY C 2177 -30.10 -13.19 3.75
N LEU C 2178 -30.61 -11.98 3.64
CA LEU C 2178 -29.78 -10.83 3.31
C LEU C 2178 -28.64 -10.68 4.28
N ILE C 2179 -28.93 -10.78 5.57
CA ILE C 2179 -27.90 -10.64 6.59
C ILE C 2179 -26.83 -11.70 6.41
N ILE C 2180 -27.25 -12.95 6.25
CA ILE C 2180 -26.29 -14.03 6.03
C ILE C 2180 -25.43 -13.76 4.81
N LEU C 2181 -26.03 -13.36 3.70
CA LEU C 2181 -25.28 -13.09 2.48
C LEU C 2181 -24.30 -11.95 2.65
N PHE C 2182 -24.70 -10.94 3.43
CA PHE C 2182 -23.81 -9.83 3.70
C PHE C 2182 -22.62 -10.33 4.49
N LEU C 2183 -22.86 -11.19 5.47
CA LEU C 2183 -21.77 -11.77 6.24
C LEU C 2183 -20.89 -12.66 5.39
N ILE C 2184 -21.48 -13.34 4.42
CA ILE C 2184 -20.70 -14.18 3.53
C ILE C 2184 -19.76 -13.28 2.75
N ALA C 2185 -20.28 -12.16 2.28
CA ALA C 2185 -19.47 -11.22 1.50
C ALA C 2185 -18.45 -10.45 2.32
N ILE C 2186 -18.43 -10.63 3.64
CA ILE C 2186 -17.41 -10.00 4.46
C ILE C 2186 -16.20 -10.91 4.45
N ILE C 2187 -16.44 -12.21 4.54
CA ILE C 2187 -15.32 -13.12 4.65
C ILE C 2187 -14.93 -13.82 3.36
N TRP C 2188 -15.88 -14.50 2.74
CA TRP C 2188 -15.60 -15.28 1.54
C TRP C 2188 -15.33 -14.44 0.30
N PHE C 2189 -16.24 -13.53 -0.02
CA PHE C 2189 -16.07 -12.73 -1.24
C PHE C 2189 -14.70 -12.05 -1.39
N PRO C 2190 -14.17 -11.39 -0.34
CA PRO C 2190 -12.83 -10.84 -0.54
C PRO C 2190 -11.84 -11.91 -0.94
N LEU C 2191 -11.83 -13.04 -0.24
CA LEU C 2191 -10.93 -14.12 -0.58
C LEU C 2191 -11.08 -14.53 -2.03
N LEU C 2192 -12.33 -14.68 -2.48
CA LEU C 2192 -12.57 -15.05 -3.87
C LEU C 2192 -11.96 -14.04 -4.82
N PHE C 2193 -12.31 -12.77 -4.66
CA PHE C 2193 -11.75 -11.73 -5.52
C PHE C 2193 -10.24 -11.77 -5.51
N MET C 2194 -9.64 -11.79 -4.32
CA MET C 2194 -8.19 -11.81 -4.20
C MET C 2194 -7.60 -12.94 -5.00
N SER C 2195 -8.01 -14.17 -4.72
CA SER C 2195 -7.48 -15.32 -5.42
C SER C 2195 -7.66 -15.19 -6.93
N LEU C 2196 -8.85 -14.80 -7.36
CA LEU C 2196 -9.13 -14.66 -8.80
C LEU C 2196 -8.11 -13.79 -9.51
N VAL C 2197 -7.87 -12.59 -8.98
CA VAL C 2197 -6.91 -11.68 -9.59
C VAL C 2197 -5.50 -12.24 -9.53
N ARG C 2198 -5.05 -12.64 -8.34
CA ARG C 2198 -3.68 -13.11 -8.20
C ARG C 2198 -3.35 -14.36 -9.01
N SER C 2199 -4.31 -15.26 -9.18
CA SER C 2199 -4.05 -16.51 -9.89
C SER C 2199 -3.55 -16.31 -11.32
N VAL C 2200 -4.07 -15.32 -12.03
CA VAL C 2200 -3.67 -15.07 -13.41
C VAL C 2200 -2.19 -14.77 -13.50
N VAL C 2201 -1.39 -15.75 -13.93
CA VAL C 2201 0.06 -15.58 -14.03
C VAL C 2201 0.57 -16.44 -15.19
N GLY C 2202 1.55 -15.94 -15.95
CA GLY C 2202 2.12 -16.74 -17.02
C GLY C 2202 2.11 -16.14 -18.41
N VAL C 2203 3.14 -15.37 -18.76
CA VAL C 2203 3.23 -14.83 -20.11
C VAL C 2203 4.48 -15.35 -20.81
N VAL C 2204 4.29 -16.14 -21.87
CA VAL C 2204 5.42 -16.74 -22.59
C VAL C 2204 6.61 -15.83 -22.83
N ASN C 2205 7.79 -16.30 -22.42
CA ASN C 2205 9.00 -15.52 -22.64
C ASN C 2205 10.05 -16.38 -23.32
N GLN C 2206 10.28 -16.13 -24.60
CA GLN C 2206 11.24 -16.94 -25.35
C GLN C 2206 12.43 -16.11 -25.79
N PRO C 2207 13.65 -16.65 -25.62
CA PRO C 2207 14.85 -15.93 -26.08
C PRO C 2207 14.74 -15.56 -27.54
N ILE C 2208 14.79 -14.27 -27.82
CA ILE C 2208 14.70 -13.80 -29.20
C ILE C 2208 15.94 -14.28 -29.94
N ASP C 2209 17.10 -14.09 -29.34
CA ASP C 2209 18.34 -14.48 -30.01
C ASP C 2209 19.17 -15.42 -29.16
N VAL C 2210 20.01 -16.19 -29.83
CA VAL C 2210 20.93 -17.07 -29.10
C VAL C 2210 22.33 -16.50 -29.30
N THR C 2211 22.76 -15.65 -28.38
CA THR C 2211 24.06 -15.03 -28.52
C THR C 2211 25.11 -15.84 -27.79
N VAL C 2212 25.75 -16.76 -28.49
CA VAL C 2212 26.81 -17.52 -27.86
C VAL C 2212 28.16 -16.92 -28.18
N THR C 2213 28.71 -16.18 -27.23
CA THR C 2213 30.04 -15.63 -27.43
C THR C 2213 30.97 -16.55 -26.68
N LEU C 2214 31.72 -17.36 -27.43
CA LEU C 2214 32.62 -18.31 -26.81
C LEU C 2214 33.92 -17.62 -26.48
N LYS C 2215 33.87 -16.64 -25.59
CA LYS C 2215 35.07 -15.93 -25.18
C LYS C 2215 36.21 -16.88 -24.93
N LEU C 2216 37.18 -16.91 -25.84
CA LEU C 2216 38.28 -17.87 -25.72
C LEU C 2216 39.55 -17.20 -25.26
N GLY C 2217 40.19 -16.44 -26.15
CA GLY C 2217 41.43 -15.77 -25.80
C GLY C 2217 41.28 -14.97 -24.53
N GLY C 2218 42.13 -15.24 -23.55
CA GLY C 2218 42.09 -14.49 -22.31
C GLY C 2218 42.27 -13.01 -22.58
N TYR C 2219 43.25 -12.67 -23.41
CA TYR C 2219 43.51 -11.27 -23.74
C TYR C 2219 42.37 -10.71 -24.57
N GLU C 2220 42.09 -11.33 -25.71
CA GLU C 2220 41.00 -10.87 -26.57
C GLU C 2220 39.96 -11.94 -26.79
N PRO C 2221 38.87 -11.90 -26.01
CA PRO C 2221 37.80 -12.90 -26.13
C PRO C 2221 37.04 -12.76 -27.45
N LEU C 2222 36.90 -13.84 -28.19
CA LEU C 2222 36.24 -13.77 -29.49
C LEU C 2222 35.20 -14.86 -29.70
N PHE C 2223 35.23 -15.50 -30.86
CA PHE C 2223 34.26 -16.57 -31.17
C PHE C 2223 32.83 -16.10 -30.94
N THR C 2224 32.42 -15.04 -31.61
CA THR C 2224 31.09 -14.48 -31.39
C THR C 2224 30.08 -14.90 -32.45
N MET C 2225 30.35 -16.02 -33.12
CA MET C 2225 29.40 -16.52 -34.12
C MET C 2225 28.12 -16.87 -33.39
N SER C 2226 27.03 -16.19 -33.72
CA SER C 2226 25.77 -16.42 -33.01
C SER C 2226 24.58 -16.20 -33.94
N ALA C 2227 23.37 -16.47 -33.45
CA ALA C 2227 22.19 -16.33 -34.29
C ALA C 2227 21.09 -15.47 -33.70
N GLN C 2228 19.98 -15.35 -34.42
CA GLN C 2228 18.86 -14.52 -33.96
C GLN C 2228 17.52 -15.22 -34.18
N GLN C 2229 16.43 -14.46 -34.08
CA GLN C 2229 15.08 -15.03 -34.29
C GLN C 2229 14.84 -15.91 -35.53
N PRO C 2230 15.31 -15.49 -36.73
CA PRO C 2230 15.08 -16.42 -37.85
C PRO C 2230 15.57 -17.84 -37.59
N SER C 2231 16.78 -17.98 -37.05
CA SER C 2231 17.32 -19.30 -36.75
C SER C 2231 16.66 -19.90 -35.54
N ILE C 2232 16.33 -19.08 -34.55
CA ILE C 2232 15.68 -19.56 -33.35
C ILE C 2232 14.30 -20.12 -33.66
N ILE C 2233 14.03 -21.36 -33.26
CA ILE C 2233 12.74 -21.97 -33.57
C ILE C 2233 11.89 -22.19 -32.33
N PRO C 2234 10.80 -21.42 -32.19
CA PRO C 2234 9.90 -21.68 -31.07
C PRO C 2234 9.34 -23.09 -31.22
N PHE C 2235 9.71 -24.00 -30.34
CA PHE C 2235 9.28 -25.39 -30.48
C PHE C 2235 7.77 -25.54 -30.45
N THR C 2236 7.25 -26.31 -31.41
CA THR C 2236 5.81 -26.51 -31.47
C THR C 2236 5.34 -27.55 -30.47
N ALA C 2237 4.04 -27.84 -30.48
CA ALA C 2237 3.51 -28.86 -29.58
C ALA C 2237 4.13 -30.20 -29.90
N GLN C 2238 4.16 -30.57 -31.17
CA GLN C 2238 4.75 -31.84 -31.59
C GLN C 2238 6.22 -31.89 -31.23
N ALA C 2239 6.94 -30.80 -31.48
CA ALA C 2239 8.35 -30.74 -31.13
C ALA C 2239 8.54 -30.93 -29.65
N TYR C 2240 7.69 -30.29 -28.84
CA TYR C 2240 7.77 -30.44 -27.39
C TYR C 2240 7.60 -31.88 -26.98
N GLU C 2241 6.63 -32.57 -27.57
CA GLU C 2241 6.43 -33.98 -27.26
C GLU C 2241 7.70 -34.76 -27.52
N GLU C 2242 8.34 -34.52 -28.66
CA GLU C 2242 9.58 -35.19 -28.98
C GLU C 2242 10.62 -35.04 -27.88
N LEU C 2243 10.91 -33.80 -27.49
CA LEU C 2243 11.91 -33.57 -26.44
C LEU C 2243 11.53 -34.26 -25.14
N SER C 2244 10.26 -34.13 -24.75
CA SER C 2244 9.80 -34.76 -23.52
C SER C 2244 10.00 -36.27 -23.56
N ARG C 2245 9.68 -36.88 -24.69
CA ARG C 2245 9.83 -38.32 -24.83
C ARG C 2245 11.28 -38.75 -24.87
N GLN C 2246 12.15 -37.92 -25.45
CA GLN C 2246 13.56 -38.23 -25.49
C GLN C 2246 14.08 -38.38 -24.07
N PHE C 2247 13.67 -37.48 -23.19
CA PHE C 2247 14.13 -37.52 -21.83
C PHE C 2247 13.10 -38.03 -20.86
N ASP C 2248 12.13 -38.80 -21.36
CA ASP C 2248 11.11 -39.40 -20.50
C ASP C 2248 11.64 -40.35 -19.41
N PRO C 2249 12.60 -41.25 -19.72
CA PRO C 2249 13.15 -42.08 -18.64
C PRO C 2249 13.50 -41.31 -17.38
N GLN C 2250 14.28 -40.24 -17.51
CA GLN C 2250 14.61 -39.41 -16.35
C GLN C 2250 13.39 -38.58 -16.00
N PRO C 2251 12.83 -38.80 -14.80
CA PRO C 2251 11.60 -38.09 -14.44
C PRO C 2251 11.76 -36.59 -14.48
N LEU C 2252 12.74 -36.07 -13.76
CA LEU C 2252 12.95 -34.63 -13.69
C LEU C 2252 13.33 -33.99 -15.02
N ALA C 2253 14.03 -34.72 -15.88
CA ALA C 2253 14.35 -34.20 -17.20
C ALA C 2253 13.08 -33.95 -17.96
N MET C 2254 12.25 -34.99 -18.06
CA MET C 2254 10.97 -34.85 -18.74
C MET C 2254 10.15 -33.77 -18.06
N GLN C 2255 10.13 -33.77 -16.74
CA GLN C 2255 9.37 -32.77 -15.99
C GLN C 2255 9.69 -31.38 -16.48
N PHE C 2256 10.96 -31.00 -16.52
CA PHE C 2256 11.35 -29.69 -17.02
C PHE C 2256 10.68 -29.38 -18.34
N ILE C 2257 10.90 -30.22 -19.33
CA ILE C 2257 10.32 -30.01 -20.66
C ILE C 2257 8.80 -29.93 -20.61
N SER C 2258 8.15 -30.93 -20.01
CA SER C 2258 6.69 -30.96 -19.96
C SER C 2258 6.08 -29.78 -19.21
N GLN C 2259 6.68 -29.38 -18.11
CA GLN C 2259 6.15 -28.26 -17.32
C GLN C 2259 6.21 -26.98 -18.12
N TYR C 2260 7.32 -26.75 -18.81
CA TYR C 2260 7.40 -25.58 -19.67
C TYR C 2260 6.35 -25.71 -20.76
N SER C 2261 5.54 -24.67 -20.94
CA SER C 2261 4.45 -24.76 -21.91
C SER C 2261 4.93 -24.90 -23.34
N PRO C 2262 4.11 -25.54 -24.19
CA PRO C 2262 4.46 -25.63 -25.62
C PRO C 2262 4.71 -24.24 -26.16
N GLU C 2263 5.45 -24.11 -27.25
CA GLU C 2263 5.83 -22.80 -27.76
C GLU C 2263 6.51 -22.04 -26.64
N ASP C 2264 7.19 -22.77 -25.77
CA ASP C 2264 7.94 -22.13 -24.69
C ASP C 2264 9.36 -22.49 -25.00
N ILE C 2265 9.69 -23.78 -24.88
CA ILE C 2265 11.03 -24.24 -25.20
C ILE C 2265 11.42 -23.77 -26.59
N VAL C 2266 12.45 -22.92 -26.66
CA VAL C 2266 12.88 -22.37 -27.94
C VAL C 2266 14.12 -23.14 -28.43
N THR C 2267 14.38 -23.13 -29.73
CA THR C 2267 15.52 -23.87 -30.26
C THR C 2267 16.72 -22.96 -30.46
N ALA C 2268 17.85 -23.30 -29.82
CA ALA C 2268 19.06 -22.51 -29.98
C ALA C 2268 19.82 -22.93 -31.22
N GLN C 2269 19.39 -22.49 -32.38
CA GLN C 2269 20.14 -22.80 -33.60
C GLN C 2269 21.25 -21.78 -33.81
N ILE C 2270 22.24 -21.77 -32.94
CA ILE C 2270 23.31 -20.79 -33.03
C ILE C 2270 24.18 -20.99 -34.28
N GLU C 2271 24.44 -19.89 -34.99
CA GLU C 2271 25.27 -19.98 -36.19
C GLU C 2271 26.71 -20.29 -35.83
N GLY C 2272 27.37 -21.10 -36.65
CA GLY C 2272 28.75 -21.48 -36.37
C GLY C 2272 29.72 -20.96 -37.39
N SER C 2273 29.22 -20.58 -38.57
CA SER C 2273 30.09 -20.09 -39.64
C SER C 2273 30.76 -18.80 -39.22
N SER C 2274 31.96 -18.55 -39.72
CA SER C 2274 32.71 -17.37 -39.28
C SER C 2274 32.72 -16.18 -40.20
N GLY C 2275 33.77 -16.06 -41.00
CA GLY C 2275 33.91 -14.89 -41.85
C GLY C 2275 34.52 -13.81 -41.01
N ALA C 2276 33.89 -13.51 -39.88
CA ALA C 2276 34.48 -12.56 -38.96
C ALA C 2276 35.81 -13.12 -38.58
N LEU C 2277 36.89 -12.53 -39.09
CA LEU C 2277 38.22 -12.98 -38.72
C LEU C 2277 38.45 -12.50 -37.29
N TRP C 2278 39.60 -12.77 -36.66
CA TRP C 2278 39.60 -12.29 -35.28
C TRP C 2278 40.70 -11.27 -35.11
N ARG C 2279 40.72 -10.58 -33.97
CA ARG C 2279 41.69 -9.50 -33.85
C ARG C 2279 42.42 -9.48 -32.52
N ILE C 2280 43.06 -10.58 -32.15
CA ILE C 2280 43.87 -10.56 -30.93
C ILE C 2280 45.10 -9.74 -31.23
N SER C 2281 45.41 -8.76 -30.38
CA SER C 2281 46.58 -7.91 -30.59
C SER C 2281 47.82 -8.77 -30.77
N PRO C 2282 48.61 -8.49 -31.83
CA PRO C 2282 49.79 -9.33 -32.12
C PRO C 2282 50.72 -9.75 -30.96
N PRO C 2283 51.14 -8.84 -30.05
CA PRO C 2283 51.98 -9.35 -28.96
C PRO C 2283 51.24 -10.36 -28.11
N SER C 2284 50.00 -10.06 -27.74
CA SER C 2284 49.20 -10.96 -26.93
C SER C 2284 48.72 -12.16 -27.73
N ARG C 2285 48.75 -12.08 -29.05
CA ARG C 2285 48.37 -13.21 -29.88
C ARG C 2285 49.52 -14.19 -29.82
N ALA C 2286 50.74 -13.67 -29.85
CA ALA C 2286 51.91 -14.52 -29.72
C ALA C 2286 51.95 -15.10 -28.31
N GLN C 2287 51.48 -14.35 -27.32
CA GLN C 2287 51.45 -14.86 -25.96
C GLN C 2287 50.37 -15.91 -25.82
N MET C 2288 49.27 -15.75 -26.54
CA MET C 2288 48.20 -16.74 -26.52
C MET C 2288 48.73 -18.00 -27.17
N LYS C 2289 49.54 -17.75 -28.20
CA LYS C 2289 50.19 -18.82 -28.90
C LYS C 2289 50.98 -19.57 -27.88
N ARG C 2290 51.84 -18.88 -27.25
CA ARG C 2290 52.79 -19.44 -26.30
C ARG C 2290 52.08 -20.25 -25.24
N GLU C 2291 50.99 -19.71 -24.69
CA GLU C 2291 50.21 -20.47 -23.72
C GLU C 2291 49.88 -21.84 -24.26
N LEU C 2292 49.25 -21.88 -25.42
CA LEU C 2292 48.90 -23.16 -26.04
C LEU C 2292 50.15 -23.93 -26.44
N TYR C 2293 51.21 -23.22 -26.79
CA TYR C 2293 52.46 -23.85 -27.18
C TYR C 2293 53.10 -24.44 -25.95
N ASN C 2294 53.36 -23.59 -24.95
CA ASN C 2294 54.03 -24.04 -23.74
C ASN C 2294 53.44 -23.39 -22.50
N GLY C 2295 53.54 -22.07 -22.38
CA GLY C 2295 53.00 -21.36 -21.24
C GLY C 2295 52.01 -22.14 -20.41
N THR C 2296 52.39 -22.50 -19.19
CA THR C 2296 51.52 -23.28 -18.33
C THR C 2296 50.44 -22.42 -17.67
N ALA C 2297 49.33 -22.21 -18.38
CA ALA C 2297 48.23 -21.40 -17.83
C ALA C 2297 46.91 -22.01 -18.26
N ASP C 2298 45.81 -21.54 -17.69
CA ASP C 2298 44.50 -22.08 -18.02
C ASP C 2298 43.60 -21.03 -18.64
N ILE C 2299 43.59 -20.99 -19.98
CA ILE C 2299 42.79 -19.98 -20.67
C ILE C 2299 41.31 -20.08 -20.32
N THR C 2300 40.74 -18.95 -19.92
CA THR C 2300 39.33 -18.93 -19.55
C THR C 2300 38.46 -19.04 -20.79
N LEU C 2301 37.87 -20.21 -21.00
CA LEU C 2301 37.04 -20.40 -22.18
C LEU C 2301 35.59 -20.18 -21.83
N ARG C 2302 35.26 -18.94 -21.44
CA ARG C 2302 33.89 -18.63 -21.06
C ARG C 2302 32.97 -18.71 -22.26
N PHE C 2303 32.15 -19.75 -22.31
CA PHE C 2303 31.20 -19.86 -23.40
C PHE C 2303 29.94 -19.18 -22.90
N THR C 2304 29.86 -17.87 -23.06
CA THR C 2304 28.70 -17.14 -22.57
C THR C 2304 27.51 -17.42 -23.46
N TRP C 2305 26.43 -17.91 -22.87
CA TRP C 2305 25.25 -18.25 -23.65
C TRP C 2305 24.16 -17.23 -23.41
N ASN C 2306 24.40 -15.99 -23.81
CA ASN C 2306 23.42 -14.91 -23.59
C ASN C 2306 22.13 -15.10 -24.36
N PHE C 2307 21.00 -15.03 -23.67
CA PHE C 2307 19.71 -15.26 -24.33
C PHE C 2307 18.80 -14.06 -24.20
N GLN C 2308 19.10 -13.02 -24.97
CA GLN C 2308 18.29 -11.82 -24.90
C GLN C 2308 16.91 -12.08 -25.45
N ARG C 2309 15.89 -11.97 -24.60
CA ARG C 2309 14.52 -12.14 -25.07
C ARG C 2309 13.93 -10.77 -25.37
N ASP C 2310 12.81 -10.45 -24.73
CA ASP C 2310 12.19 -9.15 -24.95
C ASP C 2310 11.69 -8.59 -23.64
N LEU C 2311 10.94 -7.50 -23.70
CA LEU C 2311 10.36 -6.92 -22.50
C LEU C 2311 8.90 -6.63 -22.79
N ALA C 2312 8.51 -6.78 -24.05
CA ALA C 2312 7.13 -6.54 -24.43
C ALA C 2312 6.23 -7.61 -23.84
N LYS C 2313 6.71 -8.86 -23.84
CA LYS C 2313 5.94 -9.96 -23.26
C LYS C 2313 6.39 -10.20 -21.84
N GLY C 2314 7.12 -9.24 -21.27
CA GLY C 2314 7.65 -9.41 -19.93
C GLY C 2314 9.07 -9.88 -20.08
N GLY C 2315 9.75 -10.14 -18.97
CA GLY C 2315 11.13 -10.56 -19.03
C GLY C 2315 12.04 -9.49 -18.48
N THR C 2316 12.09 -9.37 -17.16
CA THR C 2316 12.92 -8.35 -16.52
C THR C 2316 14.31 -8.38 -17.09
N VAL C 2317 15.16 -9.25 -16.56
CA VAL C 2317 16.50 -9.39 -17.12
C VAL C 2317 16.42 -10.44 -18.20
N GLU C 2318 15.75 -10.11 -19.31
CA GLU C 2318 15.57 -11.05 -20.41
C GLU C 2318 16.85 -11.80 -20.74
N TYR C 2319 17.94 -11.06 -20.96
CA TYR C 2319 19.22 -11.69 -21.26
C TYR C 2319 19.61 -12.73 -20.22
N ALA C 2320 19.44 -14.00 -20.56
CA ALA C 2320 19.81 -15.08 -19.64
C ALA C 2320 21.18 -15.56 -20.01
N ASN C 2321 22.18 -15.23 -19.21
CA ASN C 2321 23.56 -15.57 -19.57
C ASN C 2321 24.32 -16.44 -18.59
N GLU C 2322 25.14 -17.33 -19.11
CA GLU C 2322 25.99 -18.16 -18.25
C GLU C 2322 27.29 -18.44 -18.95
N LYS C 2323 28.39 -18.01 -18.38
CA LYS C 2323 29.70 -18.27 -18.97
C LYS C 2323 30.12 -19.69 -18.66
N HIS C 2324 29.92 -20.60 -19.59
CA HIS C 2324 30.34 -21.98 -19.39
C HIS C 2324 31.84 -22.04 -19.62
N MET C 2325 32.62 -21.85 -18.56
CA MET C 2325 34.06 -21.80 -18.72
C MET C 2325 34.77 -23.14 -18.82
N LEU C 2326 35.77 -23.21 -19.68
CA LEU C 2326 36.57 -24.43 -19.80
C LEU C 2326 38.03 -24.05 -19.60
N ALA C 2327 38.52 -24.13 -18.37
CA ALA C 2327 39.91 -23.82 -18.09
C ALA C 2327 40.79 -24.68 -18.98
N LEU C 2328 41.51 -24.05 -19.91
CA LEU C 2328 42.30 -24.82 -20.86
C LEU C 2328 43.58 -25.37 -20.25
N ALA C 2329 43.57 -26.64 -19.89
CA ALA C 2329 44.76 -27.28 -19.32
C ALA C 2329 45.97 -27.03 -20.19
N PRO C 2330 47.08 -26.54 -19.58
CA PRO C 2330 48.29 -26.23 -20.35
C PRO C 2330 48.68 -27.35 -21.30
N ASN C 2331 48.77 -27.05 -22.59
CA ASN C 2331 49.16 -28.04 -23.60
C ASN C 2331 48.44 -29.37 -23.45
N SER C 2332 47.11 -29.34 -23.46
CA SER C 2332 46.34 -30.58 -23.40
C SER C 2332 46.14 -31.00 -24.84
N THR C 2333 45.34 -32.04 -25.08
CA THR C 2333 45.05 -32.40 -26.46
C THR C 2333 44.44 -31.21 -27.16
N ALA C 2334 43.44 -30.60 -26.53
CA ALA C 2334 42.79 -29.43 -27.10
C ALA C 2334 43.76 -28.28 -27.30
N ARG C 2335 44.60 -28.01 -26.31
CA ARG C 2335 45.53 -26.89 -26.40
C ARG C 2335 46.72 -27.17 -27.31
N ARG C 2336 47.02 -28.42 -27.59
CA ARG C 2336 48.10 -28.74 -28.53
C ARG C 2336 47.53 -28.61 -29.92
N GLN C 2337 46.24 -28.84 -30.07
CA GLN C 2337 45.62 -28.62 -31.36
C GLN C 2337 45.62 -27.13 -31.57
N LEU C 2338 45.33 -26.38 -30.51
CA LEU C 2338 45.35 -24.93 -30.61
C LEU C 2338 46.75 -24.39 -30.80
N ALA C 2339 47.75 -25.11 -30.32
CA ALA C 2339 49.13 -24.68 -30.54
C ALA C 2339 49.39 -24.68 -32.02
N SER C 2340 49.11 -25.81 -32.67
CA SER C 2340 49.33 -25.91 -34.11
C SER C 2340 48.37 -25.02 -34.89
N LEU C 2341 47.18 -24.79 -34.35
CA LEU C 2341 46.24 -23.88 -34.99
C LEU C 2341 46.88 -22.51 -35.08
N LEU C 2342 47.40 -22.03 -33.96
CA LEU C 2342 47.99 -20.70 -33.94
C LEU C 2342 49.43 -20.67 -34.43
N GLU C 2343 50.00 -21.83 -34.73
CA GLU C 2343 51.34 -21.86 -35.28
C GLU C 2343 51.31 -21.44 -36.74
N GLY C 2344 50.42 -22.05 -37.51
CA GLY C 2344 50.31 -21.70 -38.91
C GLY C 2344 49.30 -22.54 -39.66
N THR C 2345 49.08 -23.76 -39.20
CA THR C 2345 48.15 -24.64 -39.90
C THR C 2345 46.72 -24.39 -39.47
N SER C 2346 45.76 -24.69 -40.34
CA SER C 2346 44.37 -24.43 -40.04
C SER C 2346 43.54 -25.69 -39.97
N ASP C 2347 44.20 -26.84 -39.77
CA ASP C 2347 43.47 -28.10 -39.81
C ASP C 2347 43.50 -28.86 -38.49
N GLN C 2348 43.11 -28.19 -37.41
CA GLN C 2348 43.10 -28.85 -36.11
C GLN C 2348 41.75 -28.78 -35.44
N SER C 2349 41.14 -29.94 -35.24
CA SER C 2349 39.82 -29.98 -34.61
C SER C 2349 39.98 -29.99 -33.11
N VAL C 2350 39.87 -28.82 -32.49
CA VAL C 2350 40.08 -28.71 -31.05
C VAL C 2350 38.98 -29.36 -30.22
N VAL C 2351 39.31 -30.47 -29.56
CA VAL C 2351 38.31 -31.19 -28.77
C VAL C 2351 37.92 -30.50 -27.48
N ILE C 2352 36.74 -29.88 -27.45
CA ILE C 2352 36.27 -29.29 -26.20
C ILE C 2352 35.31 -30.29 -25.58
N PRO C 2353 35.71 -30.88 -24.45
CA PRO C 2353 34.90 -31.94 -23.83
C PRO C 2353 33.45 -31.58 -23.55
N ASN C 2354 32.52 -32.02 -24.40
CA ASN C 2354 31.09 -31.79 -24.18
C ASN C 2354 30.71 -30.48 -23.51
N LEU C 2355 30.89 -29.36 -24.20
CA LEU C 2355 30.62 -28.09 -23.55
C LEU C 2355 29.66 -27.17 -24.28
N PHE C 2356 28.68 -27.74 -24.99
CA PHE C 2356 27.67 -26.90 -25.64
C PHE C 2356 26.27 -27.26 -25.16
N PRO C 2357 25.80 -26.59 -24.09
CA PRO C 2357 24.49 -26.93 -23.50
C PRO C 2357 23.35 -27.15 -24.47
N LYS C 2358 22.90 -28.40 -24.58
CA LYS C 2358 21.83 -28.72 -25.53
C LYS C 2358 20.44 -28.56 -24.95
N TYR C 2359 20.33 -28.25 -23.66
CA TYR C 2359 19.03 -28.05 -23.03
C TYR C 2359 19.24 -27.05 -21.92
N ILE C 2360 18.69 -25.84 -22.05
CA ILE C 2360 18.94 -24.80 -21.05
C ILE C 2360 17.69 -24.25 -20.39
N ARG C 2361 17.48 -24.50 -19.10
CA ARG C 2361 16.33 -23.88 -18.44
C ARG C 2361 16.60 -22.41 -18.15
N ALA C 2362 16.38 -21.57 -19.16
CA ALA C 2362 16.62 -20.15 -18.97
C ALA C 2362 15.31 -19.49 -18.57
N PRO C 2363 15.36 -18.59 -17.59
CA PRO C 2363 14.15 -17.87 -17.24
C PRO C 2363 14.20 -16.41 -17.61
N ASN C 2364 13.45 -15.59 -16.90
CA ASN C 2364 13.45 -14.15 -17.16
C ASN C 2364 14.51 -13.48 -16.31
N GLY C 2365 15.39 -14.27 -15.71
CA GLY C 2365 16.47 -13.73 -14.92
C GLY C 2365 17.73 -13.82 -15.77
N PRO C 2366 18.88 -13.41 -15.23
CA PRO C 2366 20.08 -13.38 -16.04
C PRO C 2366 20.92 -14.66 -15.99
N GLU C 2367 20.29 -15.83 -16.08
CA GLU C 2367 21.03 -17.06 -15.95
C GLU C 2367 20.72 -18.10 -17.02
N ALA C 2368 21.73 -18.53 -17.75
CA ALA C 2368 21.50 -19.58 -18.73
C ALA C 2368 21.89 -20.92 -18.13
N ASN C 2369 21.24 -21.28 -17.04
CA ASN C 2369 21.54 -22.55 -16.39
C ASN C 2369 20.89 -23.68 -17.14
N PRO C 2370 21.68 -24.70 -17.50
CA PRO C 2370 21.15 -25.81 -18.28
C PRO C 2370 20.27 -26.77 -17.48
N VAL C 2371 19.38 -27.50 -18.09
CA VAL C 2371 18.61 -28.41 -17.25
C VAL C 2371 19.44 -29.57 -16.73
N LYS C 2372 19.49 -29.74 -15.41
CA LYS C 2372 20.18 -30.89 -14.85
C LYS C 2372 19.31 -32.10 -15.11
N GLN C 2373 19.89 -33.30 -15.23
CA GLN C 2373 19.15 -34.53 -15.59
C GLN C 2373 18.89 -34.57 -17.09
N LEU C 2374 18.54 -33.44 -17.71
CA LEU C 2374 18.41 -33.41 -19.16
C LEU C 2374 19.83 -33.69 -19.56
N GLN C 2375 20.76 -32.95 -18.98
CA GLN C 2375 22.17 -33.22 -19.21
C GLN C 2375 22.67 -33.58 -17.82
N PRO C 2376 22.70 -34.88 -17.49
CA PRO C 2376 23.10 -35.28 -16.14
C PRO C 2376 24.42 -34.67 -15.69
N ASN C 2377 25.49 -34.91 -16.43
CA ASN C 2377 26.80 -34.37 -16.08
C ASN C 2377 26.78 -32.87 -16.24
N GLU C 2378 26.00 -32.39 -17.21
CA GLU C 2378 25.89 -30.94 -17.46
C GLU C 2378 27.23 -30.24 -17.51
N GLU C 2379 28.22 -30.82 -18.20
CA GLU C 2379 29.56 -30.26 -18.34
C GLU C 2379 30.21 -31.38 -19.09
N ALA C 2380 29.58 -32.55 -19.01
CA ALA C 2380 30.10 -33.72 -19.71
C ALA C 2380 28.92 -34.37 -20.40
N ASP C 2381 27.76 -33.73 -20.31
CA ASP C 2381 26.56 -34.25 -20.96
C ASP C 2381 25.91 -33.14 -21.77
N TYR C 2382 26.63 -32.05 -21.99
CA TYR C 2382 26.11 -30.97 -22.80
C TYR C 2382 26.04 -31.43 -24.23
N LEU C 2383 27.03 -31.06 -25.03
CA LEU C 2383 27.12 -31.53 -26.41
C LEU C 2383 28.55 -31.36 -26.85
N GLY C 2384 29.18 -32.42 -27.32
CA GLY C 2384 30.56 -32.36 -27.73
C GLY C 2384 30.80 -31.28 -28.77
N VAL C 2385 31.55 -30.24 -28.40
CA VAL C 2385 31.76 -29.13 -29.32
C VAL C 2385 33.21 -29.12 -29.81
N ARG C 2386 33.43 -28.71 -31.05
CA ARG C 2386 34.78 -28.64 -31.59
C ARG C 2386 35.05 -27.24 -32.10
N ILE C 2387 36.32 -26.86 -32.23
CA ILE C 2387 36.64 -25.55 -32.80
C ILE C 2387 37.64 -25.69 -33.94
N GLN C 2388 37.52 -24.83 -34.95
CA GLN C 2388 38.45 -24.87 -36.07
C GLN C 2388 38.79 -23.47 -36.56
N LEU C 2389 40.00 -23.03 -36.29
CA LEU C 2389 40.41 -21.74 -36.82
C LEU C 2389 40.80 -21.99 -38.26
N ARG C 2390 40.26 -21.18 -39.16
CA ARG C 2390 40.56 -21.37 -40.57
C ARG C 2390 41.38 -20.20 -41.08
N ARG C 2391 42.68 -20.22 -40.77
CA ARG C 2391 43.56 -19.19 -41.26
C ARG C 2391 44.03 -19.54 -42.67
N GLU C 2392 43.23 -19.19 -43.66
CA GLU C 2392 43.60 -19.49 -45.05
C GLU C 2392 44.25 -18.28 -45.70
N GLN C 2393 45.53 -18.04 -45.39
CA GLN C 2393 46.25 -16.90 -45.97
C GLN C 2393 45.92 -16.64 -47.43
N GLY C 2394 45.33 -15.49 -47.71
CA GLY C 2394 44.97 -15.15 -49.07
C GLY C 2394 44.50 -13.71 -49.19
N PHE C 2400 46.26 -13.61 -42.98
CA PHE C 2400 46.06 -15.02 -42.69
C PHE C 2400 44.61 -15.40 -42.89
N LEU C 2401 43.74 -14.43 -43.12
CA LEU C 2401 42.32 -14.67 -43.29
C LEU C 2401 41.85 -15.58 -42.19
N GLU C 2402 42.18 -15.25 -40.94
CA GLU C 2402 41.82 -16.07 -39.80
C GLU C 2402 40.33 -16.14 -39.55
N TRP C 2403 39.67 -17.20 -39.99
CA TRP C 2403 38.26 -17.34 -39.66
C TRP C 2403 38.17 -18.22 -38.44
N TRP C 2404 36.96 -18.52 -37.98
CA TRP C 2404 36.78 -19.36 -36.80
C TRP C 2404 35.45 -20.09 -36.83
N VAL C 2405 35.46 -21.33 -37.30
CA VAL C 2405 34.23 -22.10 -37.37
C VAL C 2405 34.01 -22.93 -36.11
N ILE C 2406 32.82 -22.83 -35.53
CA ILE C 2406 32.52 -23.66 -34.36
C ILE C 2406 31.92 -24.96 -34.86
N GLU C 2407 32.72 -26.02 -34.85
CA GLU C 2407 32.23 -27.31 -35.29
C GLU C 2407 31.66 -28.09 -34.14
N LEU C 2408 31.35 -29.36 -34.38
CA LEU C 2408 30.86 -30.21 -33.32
C LEU C 2408 31.76 -31.42 -33.37
N GLN C 2409 31.84 -32.18 -32.29
CA GLN C 2409 32.62 -33.41 -32.32
C GLN C 2409 32.02 -34.30 -33.39
N GLU C 2410 30.71 -34.20 -33.60
CA GLU C 2410 30.07 -34.95 -34.67
C GLU C 2410 29.37 -33.94 -35.57
N CYS C 2411 30.15 -33.11 -36.27
CA CYS C 2411 29.56 -32.07 -37.10
C CYS C 2411 28.92 -32.59 -38.37
N ARG C 2412 27.61 -32.45 -38.48
CA ARG C 2412 26.92 -32.85 -39.71
C ARG C 2412 26.69 -31.55 -40.45
N THR C 2413 25.96 -30.63 -39.82
CA THR C 2413 25.72 -29.32 -40.41
C THR C 2413 25.95 -28.36 -39.27
N ASP C 2414 26.55 -28.85 -38.20
CA ASP C 2414 26.76 -28.02 -37.02
C ASP C 2414 28.14 -27.40 -37.02
N CYS C 2415 28.61 -27.01 -38.19
CA CYS C 2415 29.89 -26.33 -38.28
C CYS C 2415 29.46 -24.95 -38.70
N ASN C 2416 28.19 -24.85 -39.11
CA ASN C 2416 27.67 -23.59 -39.58
C ASN C 2416 26.36 -23.32 -38.89
N LEU C 2417 25.75 -24.35 -38.32
CA LEU C 2417 24.46 -24.19 -37.66
C LEU C 2417 24.30 -25.19 -36.54
N LEU C 2418 24.82 -24.86 -35.36
CA LEU C 2418 24.73 -25.76 -34.22
C LEU C 2418 23.34 -25.73 -33.62
N PRO C 2419 22.66 -26.88 -33.57
CA PRO C 2419 21.28 -26.91 -33.09
C PRO C 2419 21.09 -27.36 -31.65
N MET C 2420 21.16 -26.42 -30.71
CA MET C 2420 20.92 -26.77 -29.31
C MET C 2420 19.49 -26.39 -28.96
N VAL C 2421 19.15 -26.39 -27.68
CA VAL C 2421 17.81 -26.01 -27.27
C VAL C 2421 17.81 -25.20 -25.98
N ILE C 2422 16.84 -24.30 -25.85
CA ILE C 2422 16.72 -23.50 -24.64
C ILE C 2422 15.35 -23.73 -24.07
N PHE C 2423 15.27 -24.46 -22.98
CA PHE C 2423 13.99 -24.67 -22.31
C PHE C 2423 13.58 -23.33 -21.71
N SER C 2424 12.75 -22.58 -22.41
CA SER C 2424 12.42 -21.24 -21.93
C SER C 2424 11.34 -21.20 -20.86
N ASP C 2425 11.33 -20.14 -20.07
CA ASP C 2425 10.37 -20.03 -18.98
C ASP C 2425 9.53 -18.77 -19.13
N LYS C 2426 8.24 -18.85 -18.78
CA LYS C 2426 7.36 -17.68 -18.87
C LYS C 2426 7.56 -16.68 -17.75
N VAL C 2427 7.11 -15.44 -17.97
CA VAL C 2427 7.21 -14.43 -16.92
C VAL C 2427 5.97 -14.49 -16.02
N SER C 2428 6.10 -14.04 -14.78
CA SER C 2428 4.96 -14.02 -13.87
C SER C 2428 4.66 -12.59 -13.47
N PRO C 2429 3.52 -12.05 -13.93
CA PRO C 2429 3.12 -10.70 -13.56
C PRO C 2429 2.54 -10.63 -12.15
N PRO C 2430 3.15 -9.81 -11.27
CA PRO C 2430 2.67 -9.69 -9.91
C PRO C 2430 1.32 -8.97 -9.85
N SER C 2431 0.25 -9.72 -9.63
CA SER C 2431 -1.07 -9.13 -9.56
C SER C 2431 -1.51 -9.01 -8.11
N LEU C 2432 -0.54 -8.90 -7.21
CA LEU C 2432 -0.85 -8.82 -5.79
C LEU C 2432 -0.76 -7.39 -5.30
N GLY C 2433 0.38 -6.75 -5.53
CA GLY C 2433 0.58 -5.40 -5.05
C GLY C 2433 1.42 -5.47 -3.80
N PHE C 2434 0.81 -5.90 -2.70
CA PHE C 2434 1.58 -6.07 -1.47
C PHE C 2434 2.14 -7.49 -1.46
N LEU C 2435 1.65 -8.33 -0.56
CA LEU C 2435 2.09 -9.72 -0.53
C LEU C 2435 0.91 -10.66 -0.37
N ALA C 2436 0.61 -11.41 -1.42
CA ALA C 2436 -0.49 -12.37 -1.35
C ALA C 2436 -0.38 -13.29 -0.14
N GLY C 2437 0.84 -13.77 0.13
CA GLY C 2437 1.06 -14.66 1.26
C GLY C 2437 0.73 -14.11 2.63
N TYR C 2438 1.13 -12.88 2.93
CA TYR C 2438 0.91 -12.35 4.28
C TYR C 2438 0.46 -10.90 4.36
N GLY C 2439 0.89 -10.06 3.43
CA GLY C 2439 0.54 -8.66 3.47
C GLY C 2439 -0.95 -8.48 3.29
N ILE C 2440 -1.47 -8.92 2.15
CA ILE C 2440 -2.90 -8.84 1.91
C ILE C 2440 -3.66 -9.72 2.88
N MET C 2441 -3.09 -10.87 3.24
CA MET C 2441 -3.75 -11.77 4.18
C MET C 2441 -3.95 -11.11 5.53
N GLY C 2442 -2.92 -10.48 6.06
CA GLY C 2442 -3.02 -9.82 7.35
C GLY C 2442 -4.01 -8.68 7.30
N LEU C 2443 -4.00 -7.93 6.21
CA LEU C 2443 -4.97 -6.85 6.05
C LEU C 2443 -6.37 -7.39 6.06
N TYR C 2444 -6.62 -8.47 5.34
CA TYR C 2444 -7.93 -9.08 5.30
C TYR C 2444 -8.40 -9.45 6.70
N VAL C 2445 -7.54 -10.11 7.47
CA VAL C 2445 -7.90 -10.48 8.83
C VAL C 2445 -8.27 -9.26 9.64
N SER C 2446 -7.45 -8.22 9.58
CA SER C 2446 -7.74 -6.99 10.31
C SER C 2446 -9.09 -6.41 9.92
N ILE C 2447 -9.38 -6.36 8.63
CA ILE C 2447 -10.67 -5.87 8.17
C ILE C 2447 -11.80 -6.67 8.80
N VAL C 2448 -11.74 -8.00 8.68
CA VAL C 2448 -12.76 -8.86 9.25
C VAL C 2448 -13.01 -8.54 10.72
N LEU C 2449 -11.94 -8.45 11.51
CA LEU C 2449 -12.09 -8.13 12.93
C LEU C 2449 -12.80 -6.81 13.15
N VAL C 2450 -12.37 -5.76 12.44
CA VAL C 2450 -12.97 -4.46 12.64
C VAL C 2450 -14.41 -4.45 12.15
N ILE C 2451 -14.70 -5.18 11.08
CA ILE C 2451 -16.08 -5.27 10.63
C ILE C 2451 -16.82 -6.07 11.70
N GLY C 2452 -16.12 -7.00 12.33
CA GLY C 2452 -16.72 -7.75 13.42
C GLY C 2452 -17.23 -6.79 14.47
N LYS C 2453 -16.37 -5.89 14.92
CA LYS C 2453 -16.75 -4.96 15.95
C LYS C 2453 -17.86 -4.04 15.48
N PHE C 2454 -17.79 -3.61 14.22
CA PHE C 2454 -18.85 -2.78 13.67
C PHE C 2454 -20.21 -3.46 13.78
N VAL C 2455 -20.28 -4.73 13.40
CA VAL C 2455 -21.55 -5.45 13.46
C VAL C 2455 -21.98 -5.73 14.89
N ARG C 2456 -21.01 -5.95 15.78
CA ARG C 2456 -21.35 -6.15 17.18
C ARG C 2456 -21.98 -4.90 17.72
N GLY C 2457 -21.52 -3.75 17.24
CA GLY C 2457 -22.04 -2.47 17.68
C GLY C 2457 -23.54 -2.36 17.65
N PHE C 2458 -24.24 -3.29 17.01
CA PHE C 2458 -25.69 -3.29 17.05
C PHE C 2458 -26.18 -4.30 18.08
N PHE C 2459 -25.87 -5.57 17.88
CA PHE C 2459 -26.36 -6.61 18.78
C PHE C 2459 -25.62 -6.81 20.09
N SER C 2460 -25.10 -5.75 20.69
CA SER C 2460 -24.45 -5.88 21.98
C SER C 2460 -25.18 -5.06 23.02
N GLU C 2461 -25.42 -3.79 22.74
CA GLU C 2461 -26.04 -2.96 23.75
C GLU C 2461 -27.40 -2.45 23.29
N ILE C 2462 -28.16 -3.32 22.62
CA ILE C 2462 -29.47 -2.91 22.18
C ILE C 2462 -30.38 -2.73 23.39
N SER C 2463 -30.02 -3.32 24.51
CA SER C 2463 -30.85 -3.26 25.71
C SER C 2463 -30.63 -2.03 26.57
N HIS C 2464 -29.67 -1.20 26.20
CA HIS C 2464 -29.37 -0.01 26.98
C HIS C 2464 -30.13 1.18 26.44
N SER C 2465 -31.00 0.95 25.48
CA SER C 2465 -31.75 2.03 24.87
C SER C 2465 -33.25 1.77 24.94
N ILE C 2466 -33.64 0.57 25.34
CA ILE C 2466 -35.05 0.23 25.38
C ILE C 2466 -35.80 1.20 26.26
N MET C 2467 -35.12 2.23 26.74
CA MET C 2467 -35.77 3.23 27.58
C MET C 2467 -35.97 4.51 26.82
N PHE C 2468 -35.32 4.62 25.66
CA PHE C 2468 -35.44 5.81 24.86
C PHE C 2468 -35.96 5.44 23.49
N GLU C 2469 -36.23 4.16 23.27
CA GLU C 2469 -36.66 3.72 21.95
C GLU C 2469 -37.92 2.86 21.95
N GLU C 2470 -38.37 2.43 23.11
CA GLU C 2470 -39.56 1.59 23.17
C GLU C 2470 -40.69 2.34 23.80
N LEU C 2471 -40.83 3.61 23.49
CA LEU C 2471 -41.87 4.43 24.07
C LEU C 2471 -43.20 4.18 23.40
N PRO C 2472 -44.25 3.87 24.20
CA PRO C 2472 -45.56 3.53 23.63
C PRO C 2472 -46.20 4.63 22.78
N CYS C 2473 -46.35 5.84 23.31
CA CYS C 2473 -46.90 6.95 22.53
C CYS C 2473 -46.04 8.19 22.63
N VAL C 2474 -45.36 8.56 21.56
CA VAL C 2474 -44.45 9.69 21.59
C VAL C 2474 -45.08 11.01 21.21
N ASP C 2475 -46.40 11.09 21.20
CA ASP C 2475 -47.10 12.29 20.77
C ASP C 2475 -46.83 13.48 21.66
N ARG C 2476 -46.75 13.28 22.96
CA ARG C 2476 -46.55 14.38 23.87
C ARG C 2476 -45.14 14.93 23.77
N ILE C 2477 -44.18 14.08 23.43
CA ILE C 2477 -42.81 14.54 23.28
C ILE C 2477 -42.61 15.29 21.97
N LEU C 2478 -43.29 14.90 20.89
CA LEU C 2478 -43.14 15.67 19.67
C LEU C 2478 -43.82 17.01 19.81
N LYS C 2479 -44.85 17.11 20.63
CA LYS C 2479 -45.45 18.41 20.85
C LYS C 2479 -44.43 19.31 21.49
N LEU C 2480 -43.74 18.81 22.52
CA LEU C 2480 -42.70 19.60 23.17
C LEU C 2480 -41.65 20.02 22.17
N CYS C 2481 -41.18 19.09 21.36
CA CYS C 2481 -40.13 19.40 20.40
C CYS C 2481 -40.59 20.44 19.40
N GLN C 2482 -41.82 20.32 18.92
CA GLN C 2482 -42.34 21.27 17.95
C GLN C 2482 -42.65 22.61 18.56
N ASP C 2483 -42.88 22.65 19.87
CA ASP C 2483 -43.12 23.91 20.53
C ASP C 2483 -41.82 24.67 20.65
N ILE C 2484 -40.70 23.96 20.82
CA ILE C 2484 -39.42 24.62 20.85
C ILE C 2484 -39.18 25.26 19.50
N PHE C 2485 -39.51 24.53 18.43
CA PHE C 2485 -39.32 25.07 17.09
C PHE C 2485 -40.20 26.27 16.84
N LEU C 2486 -41.45 26.19 17.27
CA LEU C 2486 -42.38 27.31 17.08
C LEU C 2486 -41.93 28.53 17.84
N VAL C 2487 -41.34 28.32 19.00
CA VAL C 2487 -40.94 29.45 19.83
C VAL C 2487 -39.64 30.06 19.35
N ARG C 2488 -38.97 29.39 18.43
CA ARG C 2488 -37.74 29.96 17.89
C ARG C 2488 -38.07 30.75 16.64
N GLU C 2489 -39.18 30.41 15.98
CA GLU C 2489 -39.59 31.15 14.80
C GLU C 2489 -40.20 32.48 15.21
N THR C 2490 -40.95 32.48 16.30
CA THR C 2490 -41.54 33.73 16.79
C THR C 2490 -40.54 34.51 17.60
N ARG C 2491 -39.32 33.98 17.72
CA ARG C 2491 -38.25 34.66 18.48
C ARG C 2491 -38.59 35.02 19.90
N GLU C 2492 -39.32 34.16 20.60
CA GLU C 2492 -39.58 34.40 22.00
C GLU C 2492 -38.64 33.43 22.64
N LEU C 2493 -37.35 33.75 22.63
CA LEU C 2493 -36.36 32.80 23.10
C LEU C 2493 -36.31 32.56 24.60
N GLU C 2494 -37.08 33.31 25.38
CA GLU C 2494 -37.13 33.05 26.80
C GLU C 2494 -37.84 31.73 27.01
N LEU C 2495 -38.88 31.48 26.25
CA LEU C 2495 -39.62 30.24 26.38
C LEU C 2495 -38.88 29.08 25.75
N GLU C 2496 -37.88 29.36 24.93
CA GLU C 2496 -37.06 28.29 24.38
C GLU C 2496 -36.30 27.66 25.51
N GLU C 2497 -35.69 28.49 26.36
CA GLU C 2497 -34.97 27.98 27.51
C GLU C 2497 -35.89 27.19 28.42
N GLU C 2498 -37.11 27.67 28.61
CA GLU C 2498 -38.04 26.99 29.51
C GLU C 2498 -38.52 25.63 28.97
N LEU C 2499 -38.80 25.56 27.68
CA LEU C 2499 -39.25 24.31 27.09
C LEU C 2499 -38.09 23.33 26.94
N TYR C 2500 -36.87 23.83 26.84
CA TYR C 2500 -35.71 22.95 26.79
C TYR C 2500 -35.56 22.30 28.14
N ALA C 2501 -35.86 23.04 29.20
CA ALA C 2501 -35.79 22.48 30.53
C ALA C 2501 -36.73 21.30 30.69
N LYS C 2502 -37.92 21.39 30.10
CA LYS C 2502 -38.82 20.25 30.16
C LYS C 2502 -38.22 19.07 29.42
N LEU C 2503 -37.70 19.30 28.22
CA LEU C 2503 -37.14 18.21 27.44
C LEU C 2503 -36.05 17.50 28.22
N ILE C 2504 -35.13 18.25 28.83
CA ILE C 2504 -34.05 17.59 29.51
C ILE C 2504 -34.49 16.87 30.78
N PHE C 2505 -35.53 17.32 31.46
CA PHE C 2505 -35.97 16.58 32.62
C PHE C 2505 -36.72 15.33 32.23
N LEU C 2506 -37.39 15.34 31.09
CA LEU C 2506 -38.06 14.13 30.63
C LEU C 2506 -37.01 13.10 30.40
N TYR C 2507 -35.88 13.51 29.87
CA TYR C 2507 -34.83 12.56 29.55
C TYR C 2507 -33.83 12.37 30.68
N ARG C 2508 -34.11 12.97 31.84
CA ARG C 2508 -33.23 12.81 32.99
C ARG C 2508 -33.87 11.90 34.00
N SER C 2509 -35.19 11.72 33.90
CA SER C 2509 -35.87 10.80 34.78
C SER C 2509 -36.67 9.82 33.97
N PRO C 2510 -36.20 8.58 33.89
CA PRO C 2510 -36.89 7.55 33.10
C PRO C 2510 -38.32 7.28 33.54
N GLU C 2511 -38.63 7.46 34.82
CA GLU C 2511 -39.97 7.21 35.32
C GLU C 2511 -40.99 8.22 34.79
N THR C 2512 -40.57 9.46 34.60
CA THR C 2512 -41.47 10.45 34.06
C THR C 2512 -41.67 10.23 32.59
N MET C 2513 -40.70 9.60 31.93
CA MET C 2513 -40.90 9.28 30.54
C MET C 2513 -41.98 8.24 30.47
N ILE C 2514 -41.94 7.22 31.32
CA ILE C 2514 -42.99 6.23 31.35
C ILE C 2514 -44.36 6.88 31.52
N LYS C 2515 -44.48 7.81 32.47
CA LYS C 2515 -45.74 8.51 32.67
C LYS C 2515 -46.17 9.29 31.44
N TRP C 2516 -45.26 10.07 30.88
CA TRP C 2516 -45.62 10.91 29.75
C TRP C 2516 -45.87 10.16 28.46
N THR C 2517 -45.29 8.98 28.31
CA THR C 2517 -45.46 8.22 27.08
C THR C 2517 -46.49 7.11 27.21
N ARG C 2518 -47.38 7.21 28.17
CA ARG C 2518 -48.42 6.20 28.33
C ARG C 2518 -49.33 6.20 27.13
N GLU C 2519 -49.72 5.01 26.69
CA GLU C 2519 -50.54 4.90 25.48
C GLU C 2519 -51.75 5.80 25.44
N LYS C 2520 -52.62 5.68 26.43
CA LYS C 2520 -53.83 6.48 26.42
C LYS C 2520 -53.62 7.79 27.15
N GLU C 2521 -53.47 7.71 28.47
CA GLU C 2521 -53.29 8.92 29.27
C GLU C 2521 -52.09 8.81 30.20
N CYS D 226 -42.42 -16.52 -3.54
CA CYS D 226 -43.61 -15.73 -3.81
C CYS D 226 -43.70 -14.53 -2.90
N CYS D 227 -42.85 -13.54 -3.14
CA CYS D 227 -42.83 -12.35 -2.29
C CYS D 227 -43.95 -11.38 -2.65
N GLU D 228 -44.93 -11.26 -1.77
CA GLU D 228 -46.02 -10.32 -2.02
C GLU D 228 -45.57 -8.90 -1.72
N SER D 229 -46.33 -7.91 -2.17
CA SER D 229 -45.99 -6.52 -1.91
C SER D 229 -46.13 -6.23 -0.42
N SER D 230 -47.10 -6.88 0.22
CA SER D 230 -47.28 -6.72 1.65
C SER D 230 -46.05 -7.26 2.35
N ASP D 231 -45.56 -8.42 1.90
CA ASP D 231 -44.36 -8.99 2.48
C ASP D 231 -43.19 -8.09 2.18
N CYS D 232 -43.13 -7.56 0.97
CA CYS D 232 -42.00 -6.71 0.60
C CYS D 232 -41.89 -5.47 1.46
N LEU D 233 -43.02 -4.80 1.76
CA LEU D 233 -42.91 -3.67 2.65
C LEU D 233 -42.51 -4.14 4.03
N GLU D 234 -43.13 -5.22 4.51
CA GLU D 234 -42.75 -5.78 5.80
C GLU D 234 -41.24 -5.97 5.87
N ILE D 235 -40.69 -6.80 4.98
CA ILE D 235 -39.24 -6.98 4.94
C ILE D 235 -38.49 -5.65 5.05
N CYS D 236 -38.78 -4.73 4.12
CA CYS D 236 -38.02 -3.46 4.13
C CYS D 236 -38.09 -2.74 5.47
N MET D 237 -39.29 -2.55 5.99
CA MET D 237 -39.48 -1.85 7.26
C MET D 237 -38.77 -2.52 8.42
N GLU D 238 -38.79 -3.84 8.45
CA GLU D 238 -38.15 -4.54 9.55
C GLU D 238 -36.63 -4.51 9.46
N CYS D 239 -36.06 -4.43 8.25
CA CYS D 239 -34.60 -4.25 8.16
C CYS D 239 -34.27 -2.81 8.61
N CYS D 240 -35.18 -1.91 8.29
CA CYS D 240 -34.96 -0.55 8.76
C CYS D 240 -35.02 -0.55 10.28
N GLY D 241 -35.83 -1.40 10.89
CA GLY D 241 -35.94 -1.47 12.35
C GLY D 241 -34.73 -2.13 12.95
N ILE D 242 -34.14 -3.06 12.21
CA ILE D 242 -32.89 -3.64 12.65
C ILE D 242 -31.90 -2.49 12.76
N CYS D 243 -31.83 -1.61 11.76
CA CYS D 243 -30.86 -0.49 11.98
C CYS D 243 -31.43 0.65 12.85
N PHE D 244 -32.36 1.42 12.31
CA PHE D 244 -33.08 2.50 12.96
C PHE D 244 -34.05 1.98 14.01
N PRO D 245 -34.60 2.90 14.87
CA PRO D 245 -35.60 2.36 15.81
C PRO D 245 -36.84 1.79 15.14
N SER D 246 -37.52 0.86 15.80
CA SER D 246 -38.76 0.26 15.27
C SER D 246 -38.96 0.32 13.76
N CYS E 226 -14.30 40.91 14.37
CA CYS E 226 -13.93 41.54 15.63
C CYS E 226 -14.12 40.59 16.79
N CYS E 227 -13.23 39.60 16.91
CA CYS E 227 -13.35 38.62 17.97
C CYS E 227 -12.80 39.14 19.29
N GLU E 228 -13.67 39.39 20.25
CA GLU E 228 -13.23 39.86 21.55
C GLU E 228 -12.67 38.71 22.36
N SER E 229 -11.96 39.01 23.43
CA SER E 229 -11.41 37.97 24.29
C SER E 229 -12.53 37.24 24.98
N SER E 230 -13.60 37.95 25.31
CA SER E 230 -14.76 37.32 25.93
C SER E 230 -15.36 36.34 24.95
N ASP E 231 -15.45 36.75 23.68
CA ASP E 231 -15.98 35.87 22.65
C ASP E 231 -15.03 34.70 22.47
N CYS E 232 -13.74 34.98 22.48
CA CYS E 232 -12.75 33.93 22.27
C CYS E 232 -12.83 32.84 23.33
N LEU E 233 -12.99 33.21 24.60
CA LEU E 233 -13.14 32.16 25.60
C LEU E 233 -14.45 31.44 25.37
N GLU E 234 -15.52 32.18 25.12
CA GLU E 234 -16.81 31.56 24.82
C GLU E 234 -16.64 30.51 23.73
N ILE E 235 -16.20 30.91 22.55
CA ILE E 235 -15.95 29.94 21.48
C ILE E 235 -15.21 28.71 21.98
N CYS E 236 -14.03 28.93 22.58
CA CYS E 236 -13.25 27.76 23.00
C CYS E 236 -14.02 26.82 23.93
N MET E 237 -14.61 27.37 24.97
CA MET E 237 -15.36 26.57 25.95
C MET E 237 -16.52 25.82 25.31
N GLU E 238 -17.21 26.45 24.39
CA GLU E 238 -18.35 25.80 23.77
C GLU E 238 -17.94 24.70 22.80
N CYS E 239 -16.77 24.82 22.16
CA CYS E 239 -16.29 23.69 21.33
C CYS E 239 -15.88 22.55 22.27
N CYS E 240 -15.34 22.95 23.42
CA CYS E 240 -15.01 21.91 24.38
C CYS E 240 -16.30 21.21 24.83
N GLY E 241 -17.41 21.94 24.90
CA GLY E 241 -18.69 21.37 25.31
C GLY E 241 -19.26 20.50 24.23
N ILE E 242 -18.99 20.87 22.98
CA ILE E 242 -19.39 20.01 21.88
C ILE E 242 -18.70 18.68 22.10
N CYS E 243 -17.39 18.67 22.42
CA CYS E 243 -16.82 17.31 22.66
C CYS E 243 -17.09 16.77 24.08
N PHE E 244 -16.44 17.35 25.08
CA PHE E 244 -16.60 17.05 26.50
C PHE E 244 -17.95 17.52 27.02
N PRO E 245 -18.33 17.09 28.27
CA PRO E 245 -19.60 17.64 28.77
C PRO E 245 -19.58 19.14 28.98
N SER E 246 -20.75 19.78 28.93
CA SER E 246 -20.86 21.23 29.15
C SER E 246 -19.61 22.06 28.91
N CYS F 226 5.49 -15.92 42.44
CA CYS F 226 4.83 -17.10 43.00
C CYS F 226 3.33 -17.06 42.74
N CYS F 227 2.93 -17.28 41.49
CA CYS F 227 1.52 -17.24 41.15
C CYS F 227 0.80 -18.52 41.53
N GLU F 228 -0.06 -18.44 42.53
CA GLU F 228 -0.83 -19.61 42.93
C GLU F 228 -1.97 -19.86 41.95
N SER F 229 -2.57 -21.04 42.01
CA SER F 229 -3.69 -21.35 41.13
C SER F 229 -4.88 -20.49 41.51
N SER F 230 -5.02 -20.21 42.81
CA SER F 230 -6.10 -19.35 43.26
C SER F 230 -5.89 -17.96 42.68
N ASP F 231 -4.64 -17.49 42.69
CA ASP F 231 -4.34 -16.20 42.12
C ASP F 231 -4.57 -16.24 40.63
N CYS F 232 -4.16 -17.34 40.00
CA CYS F 232 -4.32 -17.46 38.55
C CYS F 232 -5.77 -17.38 38.10
N LEU F 233 -6.68 -18.05 38.81
CA LEU F 233 -8.07 -17.90 38.42
C LEU F 233 -8.52 -16.48 38.69
N GLU F 234 -8.17 -15.92 39.84
CA GLU F 234 -8.50 -14.54 40.13
C GLU F 234 -8.08 -13.64 38.98
N ILE F 235 -6.78 -13.61 38.68
CA ILE F 235 -6.33 -12.81 37.52
C ILE F 235 -7.21 -13.00 36.29
N CYS F 236 -7.35 -14.26 35.86
CA CYS F 236 -8.13 -14.47 34.63
C CYS F 236 -9.54 -13.89 34.70
N MET F 237 -10.27 -14.22 35.75
CA MET F 237 -11.64 -13.74 35.92
C MET F 237 -11.73 -12.23 35.96
N GLU F 238 -10.79 -11.58 36.61
CA GLU F 238 -10.84 -10.13 36.71
C GLU F 238 -10.49 -9.44 35.39
N CYS F 239 -9.65 -10.07 34.55
CA CYS F 239 -9.41 -9.48 33.22
C CYS F 239 -10.69 -9.68 32.38
N CYS F 240 -11.34 -10.81 32.63
CA CYS F 240 -12.60 -11.02 31.93
C CYS F 240 -13.60 -9.94 32.38
N GLY F 241 -13.53 -9.51 33.63
CA GLY F 241 -14.43 -8.48 34.15
C GLY F 241 -14.07 -7.12 33.61
N ILE F 242 -12.79 -6.91 33.35
CA ILE F 242 -12.38 -5.69 32.70
C ILE F 242 -13.09 -5.67 31.36
N CYS F 243 -13.09 -6.77 30.61
CA CYS F 243 -13.85 -6.67 29.32
C CYS F 243 -15.37 -6.88 29.49
N PHE F 244 -15.78 -8.11 29.76
CA PHE F 244 -17.15 -8.51 30.03
C PHE F 244 -17.65 -7.99 31.37
N PRO F 245 -18.99 -8.09 31.63
CA PRO F 245 -19.40 -7.67 32.98
C PRO F 245 -18.82 -8.50 34.11
N SER F 246 -18.70 -7.92 35.30
CA SER F 246 -18.18 -8.63 36.47
C SER F 246 -17.30 -9.85 36.21
C1 D12 G . -3.16 23.17 18.93
C2 D12 G . -3.83 22.47 20.10
C3 D12 G . -5.21 23.04 20.41
C4 D12 G . -6.08 22.06 21.20
C5 D12 G . -5.24 21.04 21.96
C6 D12 G . -5.64 20.93 23.42
C7 D12 G . -5.26 22.16 24.25
C8 D12 G . -6.33 22.51 25.27
C9 D12 G . -7.20 21.30 25.59
C10 D12 G . -8.69 21.61 25.65
C11 D12 G . -9.48 20.61 24.82
C12 D12 G . -9.56 21.02 23.35
C1 D12 H . -9.29 20.53 10.51
C2 D12 H . -8.25 19.46 10.81
C3 D12 H . -8.66 18.54 11.96
C4 D12 H . -7.88 18.82 13.24
C5 D12 H . -8.81 19.04 14.43
C6 D12 H . -8.89 20.51 14.85
C7 D12 H . -10.30 20.92 15.23
C8 D12 H . -11.23 20.96 14.03
C9 D12 H . -12.15 22.18 14.04
C10 D12 H . -13.32 22.00 15.01
C11 D12 H . -14.19 20.81 14.64
C12 D12 H . -14.74 20.09 15.88
N L9Q I . -30.38 5.67 16.27
P L9Q I . -28.37 7.05 13.61
C1 L9Q I . -27.67 6.08 11.27
C2 L9Q I . -26.16 5.98 11.14
O2 L9Q I . -25.83 4.69 10.61
C3 L9Q I . -25.66 7.07 10.20
O3 L9Q I . -24.24 6.98 10.11
C4 L9Q I . -30.58 7.70 14.89
C5 L9Q I . -31.10 6.96 16.11
C11 L9Q I . -23.60 7.03 8.81
O11 L9Q I . -22.87 7.97 8.53
C12 L9Q I . -23.80 5.93 7.81
C13 L9Q I . -22.46 5.28 7.48
C14 L9Q I . -22.03 4.36 8.61
C15 L9Q I . -20.78 3.58 8.21
C16 L9Q I . -21.13 2.15 7.82
C17 L9Q I . -20.71 1.87 6.39
C18 L9Q I . -19.88 0.60 6.30
C19 L9Q I . -18.54 0.87 5.61
O1P L9Q I . -27.51 6.88 14.84
C20 L9Q I . -17.44 1.14 6.63
C21 L9Q I . -17.12 -0.11 7.45
C22 L9Q I . -16.56 0.26 8.82
C23 L9Q I . -17.69 0.63 9.78
C24 L9Q I . -17.25 1.72 10.75
C25 L9Q I . -15.87 1.42 11.31
C26 L9Q I . -15.71 2.02 12.70
C27 L9Q I . -16.65 3.21 12.90
C28 L9Q I . -16.53 3.77 14.29
O2P L9Q I . -28.32 8.34 12.84
C31 L9Q I . -24.91 3.97 11.47
O31 L9Q I . -24.30 4.58 12.33
C32 L9Q I . -24.72 2.49 11.29
C33 L9Q I . -25.75 1.97 10.29
C34 L9Q I . -25.08 1.45 9.04
C35 L9Q I . -25.52 2.25 7.81
C36 L9Q I . -24.87 1.71 6.55
C37 L9Q I . -25.27 2.54 5.34
C38 L9Q I . -24.05 2.96 4.52
C39 L9Q I . -24.25 4.34 3.92
O3P L9Q I . -28.06 5.83 12.61
C40 L9Q I . -22.92 4.91 3.45
C41 L9Q I . -23.14 5.99 2.39
C42 L9Q I . -24.29 5.62 1.46
C43 L9Q I . -24.75 6.84 0.66
C44 L9Q I . -26.20 7.17 0.99
C45 L9Q I . -27.02 5.91 1.22
C46 L9Q I . -28.50 6.25 1.35
C47 L9Q I . -29.07 6.76 0.04
C48 L9Q I . -30.28 7.64 0.27
O4P L9Q I . -29.89 6.78 14.03
N L9Q J . -17.21 11.97 27.93
P L9Q J . -13.87 11.08 26.92
C1 L9Q J . -12.24 12.15 25.15
C2 L9Q J . -11.87 11.15 24.07
O2 L9Q J . -11.99 11.77 22.79
C3 L9Q J . -10.42 10.69 24.28
O3 L9Q J . -10.09 9.73 23.28
C4 L9Q J . -15.08 11.79 29.15
C5 L9Q J . -16.58 11.96 29.28
C11 L9Q J . -8.84 9.85 22.55
O11 L9Q J . -7.98 8.99 22.69
C12 L9Q J . -8.60 11.02 21.62
C13 L9Q J . -8.37 10.49 20.21
C14 L9Q J . -9.69 10.07 19.57
C15 L9Q J . -9.49 9.71 18.10
C16 L9Q J . -9.94 10.85 17.20
C17 L9Q J . -8.79 11.34 16.34
C18 L9Q J . -9.18 11.39 14.87
C19 L9Q J . -8.19 10.60 14.02
O1P L9Q J . -14.81 9.95 26.57
C20 L9Q J . -8.67 9.17 13.79
C21 L9Q J . -9.91 9.15 12.90
C22 L9Q J . -10.76 7.91 13.18
C23 L9Q J . -11.63 8.10 14.42
C24 L9Q J . -11.79 6.80 15.19
C25 L9Q J . -12.13 5.65 14.24
C26 L9Q J . -12.96 4.60 14.94
C27 L9Q J . -12.72 4.62 16.46
C28 L9Q J . -13.58 3.60 17.16
O2P L9Q J . -12.56 10.79 27.61
C31 L9Q J . -12.88 11.02 21.92
O31 L9Q J . -13.18 9.88 22.19
C32 L9Q J . -13.44 11.68 20.68
C33 L9Q J . -13.08 13.16 20.70
C34 L9Q J . -12.15 13.52 19.56
C35 L9Q J . -10.82 14.04 20.08
C36 L9Q J . -9.89 14.42 18.93
C37 L9Q J . -8.54 14.89 19.47
C38 L9Q J . -7.39 14.18 18.76
C39 L9Q J . -6.23 13.94 19.72
O3P L9Q J . -13.57 11.92 25.58
C40 L9Q J . -5.27 12.92 19.15
C41 L9Q J . -3.89 13.05 19.78
C42 L9Q J . -3.54 14.53 20.01
C43 L9Q J . -2.35 14.66 20.96
C44 L9Q J . -2.76 15.41 22.22
C45 L9Q J . -3.76 16.52 21.91
C46 L9Q J . -4.02 17.38 23.13
C47 L9Q J . -2.78 18.18 23.51
C48 L9Q J . -2.80 18.54 24.97
O4P L9Q J . -14.68 12.13 27.82
C1 D12 K . -4.90 -17.78 23.77
C2 D12 K . -6.37 -17.50 24.01
C3 D12 K . -6.63 -16.91 25.40
C4 D12 K . -7.97 -16.18 25.46
C5 D12 K . -8.94 -16.66 24.39
C6 D12 K . -10.31 -17.00 24.96
C7 D12 K . -10.30 -18.27 25.83
C8 D12 K . -11.21 -18.13 27.04
C9 D12 K . -12.27 -17.06 26.81
C10 D12 K . -12.47 -16.14 28.01
C11 D12 K . -12.45 -14.68 27.57
C12 D12 K . -11.03 -14.13 27.52
C1 D12 L . -0.46 -7.99 23.54
C2 D12 L . -1.03 -8.39 22.18
C3 D12 L . -2.54 -8.18 22.09
C4 D12 L . -3.30 -9.52 22.15
C5 D12 L . -4.39 -9.50 23.22
C6 D12 L . -4.02 -10.35 24.43
C7 D12 L . -4.43 -9.68 25.73
C8 D12 L . -3.59 -8.44 26.05
C9 D12 L . -3.19 -8.36 27.51
C10 D12 L . -4.35 -7.87 28.39
C11 D12 L . -4.82 -6.47 27.99
C12 D12 L . -6.33 -6.31 28.17
N L9Q M . -21.04 -6.31 27.15
P L9Q M . -19.93 -7.86 24.10
C1 L9Q M . -17.57 -8.74 23.34
C2 L9Q M . -17.08 -8.02 22.10
O2 L9Q M . -15.73 -7.61 22.28
C3 L9Q M . -17.17 -8.96 20.90
O3 L9Q M . -16.76 -8.27 19.73
C4 L9Q M . -21.70 -8.37 25.99
C5 L9Q M . -22.05 -7.40 27.10
C11 L9Q M . -15.83 -8.90 18.81
O11 L9Q M . -16.19 -9.20 17.69
C12 L9Q M . -14.41 -9.21 19.25
C13 L9Q M . -13.44 -8.45 18.34
C14 L9Q M . -13.39 -6.98 18.72
C15 L9Q M . -12.30 -6.25 17.93
C16 L9Q M . -11.07 -6.03 18.80
C17 L9Q M . -9.85 -6.71 18.19
C18 L9Q M . -8.68 -5.75 18.07
C19 L9Q M . -8.16 -5.70 16.64
O1P L9Q M . -20.41 -6.47 23.79
C20 L9Q M . -8.78 -4.55 15.86
C21 L9Q M . -8.31 -3.20 16.40
C22 L9Q M . -9.35 -2.12 16.13
C23 L9Q M . -10.47 -2.16 17.16
C24 L9Q M . -11.81 -1.77 16.53
C25 L9Q M . -11.66 -0.53 15.67
C26 L9Q M . -12.96 0.27 15.63
C27 L9Q M . -14.16 -0.63 15.91
C28 L9Q M . -15.44 0.15 15.91
O2P L9Q M . -20.37 -9.02 23.24
C31 L9Q M . -15.55 -6.19 22.08
O31 L9Q M . -16.43 -5.55 21.52
C32 L9Q M . -14.30 -5.51 22.58
C33 L9Q M . -13.50 -6.50 23.42
C34 L9Q M . -12.16 -6.80 22.77
C35 L9Q M . -12.06 -8.29 22.43
C36 L9Q M . -10.72 -8.61 21.79
C37 L9Q M . -10.65 -10.09 21.41
C38 L9Q M . -10.16 -10.26 19.98
C39 L9Q M . -10.84 -11.45 19.33
O3P L9Q M . -18.32 -7.85 24.15
C40 L9Q M . -10.68 -11.41 17.81
C41 L9Q M . -10.84 -12.79 17.20
C42 L9Q M . -10.22 -13.86 18.09
C43 L9Q M . -10.70 -15.25 17.69
C44 L9Q M . -11.47 -15.92 18.83
C45 L9Q M . -10.86 -15.54 20.18
C46 L9Q M . -11.50 -16.35 21.30
C47 L9Q M . -11.15 -17.83 21.18
C48 L9Q M . -12.21 -18.69 21.84
O4P L9Q M . -20.32 -8.20 25.62
C1 D12 N . -29.90 0.88 -3.24
C2 D12 N . -30.27 1.72 -2.03
C3 D12 N . -31.18 0.97 -1.06
C4 D12 N . -31.16 1.57 0.33
C5 D12 N . -30.71 3.04 0.32
C6 D12 N . -31.65 3.94 1.11
C7 D12 N . -33.01 4.12 0.43
C8 D12 N . -34.14 4.16 1.44
C9 D12 N . -33.64 4.53 2.83
C10 D12 N . -34.22 3.67 3.94
C11 D12 N . -33.12 3.17 4.86
C12 D12 N . -32.50 1.88 4.33
C1 D12 O . -23.84 -6.98 0.88
C2 D12 O . -23.03 -5.73 0.60
C3 D12 O . -23.17 -4.66 1.69
C4 D12 O . -24.04 -3.50 1.24
C5 D12 O . -25.17 -3.20 2.24
C6 D12 O . -26.53 -3.65 1.72
C7 D12 O . -27.37 -4.29 2.81
C8 D12 O . -26.83 -5.64 3.26
C9 D12 O . -27.94 -6.67 3.45
C10 D12 O . -28.67 -6.48 4.77
C11 D12 O . -27.73 -6.61 5.98
C12 D12 O . -28.12 -5.65 7.10
C1 D12 P . -27.33 -5.53 -4.24
C2 D12 P . -27.18 -5.98 -2.79
C3 D12 P . -27.27 -4.82 -1.81
C4 D12 P . -26.68 -3.52 -2.37
C5 D12 P . -27.22 -2.27 -1.68
C6 D12 P . -28.69 -2.43 -1.26
C7 D12 P . -28.98 -1.94 0.16
C8 D12 P . -29.93 -2.78 0.99
C9 D12 P . -31.02 -2.06 1.77
C10 D12 P . -31.68 -2.96 2.82
C11 D12 P . -33.12 -2.52 3.07
C12 D12 P . -33.47 -1.30 2.22
C1 D12 Q . -24.39 2.87 -2.62
C2 D12 Q . -25.89 2.88 -2.30
C3 D12 Q . -26.29 1.69 -1.44
C4 D12 Q . -26.73 2.12 -0.05
C5 D12 Q . -25.68 1.79 1.01
C6 D12 Q . -26.23 0.83 2.06
C7 D12 Q . -27.68 1.13 2.41
C8 D12 Q . -28.32 -0.02 3.16
C9 D12 Q . -27.36 -0.60 4.18
C10 D12 Q . -27.94 -0.69 5.59
C11 D12 Q . -29.41 -0.29 5.65
C12 D12 Q . -29.62 0.86 6.64
C1 D12 R . -34.24 -4.62 -5.74
C2 D12 R . -32.87 -4.54 -5.07
C3 D12 R . -32.31 -5.92 -4.73
C4 D12 R . -31.35 -5.89 -3.55
C5 D12 R . -31.51 -4.62 -2.72
C6 D12 R . -31.26 -4.86 -1.23
C7 D12 R . -32.29 -5.82 -0.63
C8 D12 R . -33.62 -5.14 -0.34
C9 D12 R . -34.81 -6.09 -0.47
C10 D12 R . -35.36 -6.16 -1.88
C11 D12 R . -35.96 -4.83 -2.33
C12 D12 R . -37.44 -4.71 -1.96
C1 D12 S . -5.01 24.83 12.41
C2 D12 S . -6.42 24.24 12.37
C3 D12 S . -6.67 23.29 13.54
C4 D12 S . -5.42 22.50 13.94
C5 D12 S . -5.49 21.97 15.37
C6 D12 S . -6.23 22.92 16.31
C7 D12 S . -7.23 22.23 17.23
C8 D12 S . -8.56 22.95 17.46
C9 D12 S . -9.08 23.03 18.89
C10 D12 S . -10.55 23.45 18.94
C11 D12 S . -10.85 24.19 20.24
C12 D12 S . -9.60 24.27 21.12
C1 D12 T . -1.52 17.85 17.00
C2 D12 T . -2.10 18.80 18.05
C3 D12 T . -3.50 19.27 17.69
C4 D12 T . -4.54 18.72 18.66
C5 D12 T . -5.38 17.61 18.03
C6 D12 T . -6.85 17.98 17.98
C7 D12 T . -7.30 18.74 19.21
C8 D12 T . -8.65 19.41 19.00
C9 D12 T . -9.59 18.49 18.24
C10 D12 T . -10.94 18.30 18.92
C11 D12 T . -11.10 19.16 20.17
C12 D12 T . -11.39 18.29 21.39
C1 D12 U . -4.75 30.20 17.09
C2 D12 U . -4.98 28.84 16.45
C3 D12 U . -5.84 28.92 15.19
C4 D12 U . -6.61 27.63 14.91
C5 D12 U . -6.71 26.74 16.15
C6 D12 U . -8.03 25.98 16.21
C7 D12 U . -9.23 26.92 16.35
C8 D12 U . -9.40 27.44 17.78
C9 D12 U . -10.03 28.82 17.82
C10 D12 U . -9.00 29.94 17.74
C11 D12 U . -8.08 29.95 18.96
C12 D12 U . -8.64 30.82 20.10
C1 D12 V . 1.02 -14.12 24.39
C2 D12 V . 0.46 -12.79 24.87
C3 D12 V . -1.05 -12.69 24.66
C4 D12 V . -1.53 -13.42 23.40
C5 D12 V . -3.01 -13.80 23.44
C6 D12 V . -3.47 -14.15 24.86
C7 D12 V . -4.80 -13.52 25.25
C8 D12 V . -4.91 -12.99 26.68
C9 D12 V . -6.18 -13.33 27.46
C10 D12 V . -6.32 -12.47 28.72
C11 D12 V . -7.11 -13.23 29.78
C12 D12 V . -7.54 -14.59 29.28
C1 D12 W . -5.60 -15.52 18.37
C2 D12 W . -6.12 -16.04 19.71
C3 D12 W . -5.88 -15.06 20.85
C4 D12 W . -7.19 -14.49 21.39
C5 D12 W . -7.40 -13.05 20.95
C6 D12 W . -7.49 -12.11 22.15
C7 D12 W . -8.23 -12.74 23.32
C8 D12 W . -8.00 -11.96 24.60
C9 D12 W . -8.03 -10.46 24.34
C10 D12 W . -8.98 -9.70 25.26
C11 D12 W . -9.63 -10.58 26.31
C12 D12 W . -11.15 -10.53 26.21
C1 D12 X . -0.15 -19.12 29.35
C2 D12 X . -0.35 -17.98 28.34
C3 D12 X . 0.57 -16.79 28.62
C4 D12 X . -0.01 -15.47 28.11
C5 D12 X . -1.52 -15.56 27.86
C6 D12 X . -2.23 -14.25 28.18
C7 D12 X . -2.13 -13.88 29.66
C8 D12 X . -3.11 -14.68 30.53
C9 D12 X . -2.57 -14.89 31.94
C10 D12 X . -1.73 -16.17 32.06
C11 D12 X . -2.55 -17.43 31.81
C12 D12 X . -3.18 -17.96 33.10
#